data_2M2B
#
_entry.id   2M2B
#
_cell.length_a   1.000
_cell.length_b   1.000
_cell.length_c   1.000
_cell.angle_alpha   90.00
_cell.angle_beta   90.00
_cell.angle_gamma   90.00
#
_symmetry.space_group_name_H-M   'P 1'
#
_entity_poly.entity_id   1
_entity_poly.type   'polypeptide(L)'
_entity_poly.pdbx_seq_one_letter_code
;QAQGVLASQALSQGSEPSSENANDTIILRNLNPHSTMDSILGALAPYAVLSSSNVRVIKDKQTQLNRGFAFIQLSTIEAA
QLLQILQALHPPLTIDGKTINVEFAKGSKRDMASNEGSRISAASVASTAIA
;
_entity_poly.pdbx_strand_id   A
#
# COMPACT_ATOMS: atom_id res chain seq x y z
N GLN A 1 39.91 -2.62 3.24
CA GLN A 1 39.80 -1.64 2.15
C GLN A 1 39.29 -2.39 0.92
N ALA A 2 38.51 -1.73 0.06
CA ALA A 2 38.02 -2.33 -1.19
C ALA A 2 37.99 -1.25 -2.27
N GLN A 3 36.97 -0.37 -2.24
CA GLN A 3 36.85 0.78 -3.15
C GLN A 3 36.88 0.36 -4.63
N GLY A 4 36.36 -0.82 -4.95
CA GLY A 4 36.41 -1.44 -6.27
C GLY A 4 35.35 -2.52 -6.40
N VAL A 5 34.21 -2.33 -5.72
CA VAL A 5 33.09 -3.27 -5.67
C VAL A 5 31.85 -2.41 -5.87
N LEU A 6 31.09 -2.66 -6.95
CA LEU A 6 29.92 -1.89 -7.35
C LEU A 6 28.89 -2.88 -7.89
N ALA A 7 27.61 -2.53 -7.87
CA ALA A 7 26.52 -3.35 -8.40
C ALA A 7 25.51 -2.48 -9.13
N SER A 8 24.62 -3.11 -9.89
CA SER A 8 23.56 -2.46 -10.62
C SER A 8 22.23 -2.57 -9.88
N GLN A 9 21.21 -1.84 -10.34
CA GLN A 9 19.83 -1.97 -9.86
C GLN A 9 19.05 -2.78 -10.90
N ALA A 10 17.91 -3.37 -10.53
CA ALA A 10 16.93 -3.89 -11.48
C ALA A 10 15.51 -3.73 -10.92
N LEU A 11 14.51 -4.04 -11.74
CA LEU A 11 13.10 -3.95 -11.43
C LEU A 11 12.38 -5.23 -11.84
N SER A 12 11.16 -5.38 -11.34
CA SER A 12 10.14 -6.23 -11.90
C SER A 12 8.79 -5.53 -11.76
N GLN A 13 7.79 -6.06 -12.45
CA GLN A 13 6.39 -5.68 -12.38
C GLN A 13 5.57 -6.95 -12.68
N GLY A 14 4.26 -6.79 -12.88
CA GLY A 14 3.41 -7.81 -13.47
C GLY A 14 2.35 -8.22 -12.47
N SER A 15 1.11 -7.84 -12.76
CA SER A 15 -0.06 -8.23 -12.01
C SER A 15 -1.26 -8.27 -12.96
N GLU A 16 -2.19 -9.13 -12.61
CA GLU A 16 -3.48 -9.39 -13.22
C GLU A 16 -4.59 -8.99 -12.23
N PRO A 17 -5.82 -8.70 -12.67
CA PRO A 17 -6.84 -8.17 -11.78
C PRO A 17 -7.51 -9.26 -10.95
N SER A 18 -7.95 -8.93 -9.74
CA SER A 18 -8.65 -9.84 -8.85
C SER A 18 -9.39 -9.03 -7.80
N SER A 19 -10.35 -9.68 -7.13
CA SER A 19 -11.12 -9.12 -6.04
C SER A 19 -11.93 -7.89 -6.48
N GLU A 20 -12.57 -7.26 -5.51
CA GLU A 20 -13.29 -6.00 -5.61
C GLU A 20 -12.62 -5.05 -4.64
N ASN A 21 -12.53 -5.50 -3.39
CA ASN A 21 -11.92 -4.82 -2.28
C ASN A 21 -10.41 -4.76 -2.49
N ALA A 22 -9.89 -3.56 -2.73
CA ALA A 22 -8.48 -3.25 -2.62
C ALA A 22 -8.38 -1.79 -2.21
N ASN A 23 -7.22 -1.40 -1.68
CA ASN A 23 -6.92 0.00 -1.41
C ASN A 23 -5.42 0.16 -1.49
N ASP A 24 -4.93 1.18 -2.18
CA ASP A 24 -3.50 1.38 -2.44
C ASP A 24 -2.79 1.64 -1.11
N THR A 25 -2.17 0.60 -0.57
CA THR A 25 -1.63 0.54 0.78
C THR A 25 -0.17 0.11 0.62
N ILE A 26 0.77 0.89 1.15
CA ILE A 26 2.17 0.52 1.20
C ILE A 26 2.30 -0.57 2.27
N ILE A 27 3.34 -1.39 2.14
CA ILE A 27 3.67 -2.48 3.05
C ILE A 27 5.16 -2.37 3.35
N LEU A 28 5.52 -2.66 4.59
CA LEU A 28 6.90 -2.66 5.04
C LEU A 28 7.38 -4.11 5.10
N ARG A 29 8.68 -4.34 4.92
CA ARG A 29 9.40 -5.61 5.03
C ARG A 29 10.73 -5.35 5.76
N ASN A 30 11.51 -6.40 5.98
CA ASN A 30 12.83 -6.41 6.64
C ASN A 30 12.75 -6.22 8.16
N LEU A 31 11.56 -5.97 8.71
CA LEU A 31 11.39 -5.53 10.08
C LEU A 31 11.68 -6.68 11.05
N ASN A 32 11.84 -6.39 12.35
CA ASN A 32 12.13 -7.46 13.33
C ASN A 32 10.99 -7.70 14.33
N PRO A 33 10.96 -8.80 15.09
CA PRO A 33 9.90 -9.04 16.06
C PRO A 33 9.73 -7.90 17.08
N HIS A 34 10.81 -7.17 17.38
CA HIS A 34 10.81 -6.11 18.38
C HIS A 34 10.53 -4.72 17.80
N SER A 35 10.43 -4.50 16.48
CA SER A 35 10.33 -3.16 15.91
C SER A 35 9.08 -2.45 16.44
N THR A 36 9.13 -1.14 16.44
CA THR A 36 8.04 -0.29 16.93
C THR A 36 7.31 0.37 15.76
N MET A 37 6.15 0.97 16.04
CA MET A 37 5.46 1.83 15.09
C MET A 37 6.34 3.03 14.72
N ASP A 38 7.17 3.46 15.66
CA ASP A 38 7.93 4.70 15.61
C ASP A 38 8.77 4.82 14.35
N SER A 39 9.43 3.73 13.97
CA SER A 39 10.31 3.66 12.81
C SER A 39 9.56 4.15 11.55
N ILE A 40 8.32 3.69 11.36
CA ILE A 40 7.52 4.03 10.20
C ILE A 40 7.09 5.49 10.32
N LEU A 41 6.52 5.90 11.46
CA LEU A 41 6.04 7.27 11.65
C LEU A 41 7.16 8.28 11.45
N GLY A 42 8.36 7.99 11.96
CA GLY A 42 9.51 8.85 11.84
C GLY A 42 9.99 8.94 10.39
N ALA A 43 9.96 7.84 9.64
CA ALA A 43 10.43 7.84 8.26
C ALA A 43 9.55 8.76 7.41
N LEU A 44 8.23 8.64 7.56
CA LEU A 44 7.26 9.33 6.70
C LEU A 44 6.90 10.72 7.21
N ALA A 45 7.41 11.13 8.37
CA ALA A 45 7.05 12.37 9.04
C ALA A 45 6.96 13.58 8.10
N PRO A 46 8.05 14.02 7.43
CA PRO A 46 8.00 15.17 6.54
C PRO A 46 7.46 14.90 5.14
N TYR A 47 7.00 13.69 4.84
CA TYR A 47 6.64 13.28 3.47
C TYR A 47 5.18 12.84 3.38
N ALA A 48 4.43 13.02 4.46
CA ALA A 48 3.06 12.56 4.54
C ALA A 48 2.27 13.45 5.48
N VAL A 49 0.96 13.27 5.52
CA VAL A 49 0.04 13.89 6.46
C VAL A 49 -0.88 12.77 6.96
N LEU A 50 -0.36 11.99 7.91
CA LEU A 50 -1.00 10.77 8.42
C LEU A 50 -0.69 10.62 9.90
N SER A 51 -1.13 9.51 10.52
CA SER A 51 -0.81 9.20 11.90
C SER A 51 -0.87 7.67 12.05
N SER A 52 -0.89 7.26 13.31
CA SER A 52 -1.03 5.90 13.81
C SER A 52 -2.39 5.25 13.50
N SER A 53 -3.33 5.95 12.83
CA SER A 53 -4.40 5.27 12.10
C SER A 53 -3.80 4.48 10.92
N ASN A 54 -3.00 5.16 10.10
CA ASN A 54 -2.50 4.66 8.83
C ASN A 54 -1.46 3.58 9.09
N VAL A 55 -0.50 3.89 9.96
CA VAL A 55 0.57 3.01 10.34
C VAL A 55 -0.04 1.92 11.23
N ARG A 56 0.01 0.66 10.80
CA ARG A 56 -0.53 -0.49 11.52
C ARG A 56 0.51 -1.60 11.47
N VAL A 57 0.54 -2.51 12.45
CA VAL A 57 1.54 -3.57 12.54
C VAL A 57 0.92 -4.83 13.18
N ILE A 58 0.50 -5.76 12.34
CA ILE A 58 0.07 -7.11 12.70
C ILE A 58 1.22 -7.85 13.42
N LYS A 59 0.89 -8.53 14.53
CA LYS A 59 1.78 -9.33 15.36
C LYS A 59 1.80 -10.79 14.87
N ASP A 60 2.55 -11.68 15.53
CA ASP A 60 2.46 -13.12 15.28
C ASP A 60 1.45 -13.79 16.23
N LYS A 61 1.09 -15.04 15.94
CA LYS A 61 0.15 -15.87 16.67
C LYS A 61 0.86 -16.71 17.74
N GLN A 62 2.05 -17.24 17.44
CA GLN A 62 2.83 -18.10 18.33
C GLN A 62 3.47 -17.27 19.45
N THR A 63 3.66 -15.97 19.21
CA THR A 63 4.25 -15.01 20.12
C THR A 63 3.27 -13.86 20.32
N GLN A 64 3.74 -12.75 20.90
CA GLN A 64 3.07 -11.47 20.95
C GLN A 64 4.05 -10.39 20.50
N LEU A 65 4.76 -10.66 19.40
CA LEU A 65 5.78 -9.83 18.76
C LEU A 65 5.39 -9.66 17.29
N ASN A 66 6.19 -8.96 16.48
CA ASN A 66 5.82 -8.66 15.10
C ASN A 66 6.08 -9.84 14.14
N ARG A 67 5.55 -9.72 12.91
CA ARG A 67 5.74 -10.65 11.78
C ARG A 67 6.68 -10.11 10.70
N GLY A 68 7.55 -9.14 10.99
CA GLY A 68 8.57 -8.70 10.04
C GLY A 68 8.02 -7.85 8.90
N PHE A 69 6.74 -7.51 8.93
CA PHE A 69 6.08 -6.61 7.99
C PHE A 69 5.27 -5.60 8.78
N ALA A 70 4.75 -4.56 8.12
CA ALA A 70 3.76 -3.63 8.66
C ALA A 70 3.00 -2.98 7.49
N PHE A 71 2.00 -2.11 7.76
CA PHE A 71 1.06 -1.54 6.78
C PHE A 71 1.07 0.00 6.83
N ILE A 72 0.76 0.68 5.71
CA ILE A 72 0.47 2.12 5.64
C ILE A 72 -0.61 2.35 4.59
N GLN A 73 -1.79 2.88 4.95
CA GLN A 73 -2.82 3.22 3.97
C GLN A 73 -2.57 4.63 3.38
N LEU A 74 -2.78 4.83 2.07
CA LEU A 74 -2.48 6.05 1.32
C LEU A 74 -3.63 6.34 0.32
N SER A 75 -3.68 7.56 -0.24
CA SER A 75 -4.49 7.84 -1.43
C SER A 75 -3.85 7.11 -2.63
N THR A 76 -4.59 6.91 -3.72
CA THR A 76 -4.17 6.10 -4.87
C THR A 76 -2.86 6.63 -5.48
N ILE A 77 -2.94 7.87 -5.97
CA ILE A 77 -1.84 8.56 -6.62
C ILE A 77 -0.66 8.69 -5.65
N GLU A 78 -0.98 9.01 -4.39
CA GLU A 78 0.02 9.26 -3.35
C GLU A 78 0.76 7.98 -2.99
N ALA A 79 0.08 6.84 -3.03
CA ALA A 79 0.69 5.54 -2.77
C ALA A 79 1.71 5.32 -3.88
N ALA A 80 1.23 5.43 -5.12
CA ALA A 80 1.98 5.29 -6.35
C ALA A 80 2.95 6.46 -6.63
N GLN A 81 3.21 7.38 -5.71
CA GLN A 81 4.29 8.37 -5.81
C GLN A 81 5.22 8.27 -4.59
N LEU A 82 4.67 7.90 -3.42
CA LEU A 82 5.42 7.74 -2.18
C LEU A 82 6.40 6.59 -2.33
N LEU A 83 5.99 5.49 -2.97
CA LEU A 83 6.80 4.30 -3.14
C LEU A 83 8.19 4.63 -3.68
N GLN A 84 8.26 5.49 -4.70
CA GLN A 84 9.52 5.84 -5.35
C GLN A 84 10.41 6.64 -4.40
N ILE A 85 9.82 7.52 -3.59
CA ILE A 85 10.53 8.28 -2.58
C ILE A 85 11.19 7.30 -1.59
N LEU A 86 10.42 6.32 -1.09
CA LEU A 86 10.87 5.45 0.00
C LEU A 86 12.03 4.55 -0.37
N GLN A 87 12.27 4.32 -1.66
CA GLN A 87 13.39 3.53 -2.14
C GLN A 87 14.74 4.16 -1.76
N ALA A 88 14.76 5.39 -1.24
CA ALA A 88 15.99 6.14 -0.97
C ALA A 88 16.19 6.46 0.52
N LEU A 89 15.30 6.07 1.44
CA LEU A 89 15.37 6.57 2.83
C LEU A 89 15.20 5.46 3.86
N HIS A 90 15.65 5.74 5.08
CA HIS A 90 15.44 4.90 6.25
C HIS A 90 15.45 5.78 7.51
N PRO A 91 14.63 5.44 8.52
CA PRO A 91 14.52 6.23 9.74
C PRO A 91 15.71 6.00 10.68
N PRO A 92 15.91 6.87 11.68
CA PRO A 92 16.94 6.70 12.72
C PRO A 92 16.61 5.59 13.73
N LEU A 93 15.39 5.03 13.72
CA LEU A 93 14.91 4.05 14.70
C LEU A 93 15.39 2.62 14.35
N THR A 94 16.67 2.47 14.01
CA THR A 94 17.29 1.23 13.56
C THR A 94 17.57 0.31 14.76
N ILE A 95 16.52 -0.26 15.31
CA ILE A 95 16.55 -1.34 16.30
C ILE A 95 17.28 -2.51 15.65
N ASP A 96 18.15 -3.24 16.35
CA ASP A 96 18.74 -4.51 15.86
C ASP A 96 19.32 -4.44 14.43
N GLY A 97 19.88 -3.29 14.05
CA GLY A 97 20.39 -3.06 12.70
C GLY A 97 19.32 -3.08 11.60
N LYS A 98 18.04 -2.83 11.95
CA LYS A 98 16.90 -2.98 11.05
C LYS A 98 16.60 -1.68 10.34
N THR A 99 17.07 -1.64 9.10
CA THR A 99 16.54 -0.70 8.13
C THR A 99 15.25 -1.27 7.56
N ILE A 100 14.62 -0.55 6.63
CA ILE A 100 13.22 -0.69 6.30
C ILE A 100 13.18 -0.74 4.76
N ASN A 101 12.61 -1.80 4.21
CA ASN A 101 12.34 -1.94 2.77
C ASN A 101 11.21 -1.01 2.34
N VAL A 102 10.74 -1.14 1.11
CA VAL A 102 9.50 -0.60 0.58
C VAL A 102 8.93 -1.61 -0.42
N GLU A 103 7.61 -1.81 -0.39
CA GLU A 103 6.85 -2.59 -1.34
C GLU A 103 5.40 -2.08 -1.31
N PHE A 104 4.53 -2.52 -2.23
CA PHE A 104 3.22 -1.94 -2.47
C PHE A 104 2.18 -3.05 -2.44
N ALA A 105 1.35 -3.06 -1.39
CA ALA A 105 0.28 -4.04 -1.18
C ALA A 105 -1.08 -3.47 -1.61
N LYS A 106 -1.17 -3.05 -2.87
CA LYS A 106 -2.41 -2.69 -3.53
C LYS A 106 -3.14 -3.96 -3.99
N GLY A 107 -4.12 -3.79 -4.89
CA GLY A 107 -4.72 -4.86 -5.66
C GLY A 107 -5.44 -4.20 -6.83
N SER A 108 -6.75 -4.10 -6.78
CA SER A 108 -7.57 -3.25 -7.64
C SER A 108 -7.30 -1.75 -7.42
N LYS A 109 -7.83 -0.91 -8.31
CA LYS A 109 -7.88 0.55 -8.23
C LYS A 109 -9.00 1.00 -7.29
N ARG A 110 -9.40 2.28 -7.34
CA ARG A 110 -10.76 2.67 -6.97
C ARG A 110 -11.42 3.52 -8.05
N ASP A 111 -12.70 3.83 -7.82
CA ASP A 111 -13.42 4.89 -8.48
C ASP A 111 -14.28 5.60 -7.41
N MET A 112 -14.85 6.75 -7.75
CA MET A 112 -15.81 7.46 -6.90
C MET A 112 -17.10 6.67 -6.85
N ALA A 113 -17.76 6.64 -5.69
CA ALA A 113 -19.06 6.02 -5.49
C ALA A 113 -19.66 6.53 -4.18
N SER A 114 -20.78 5.97 -3.78
CA SER A 114 -21.39 6.09 -2.48
C SER A 114 -22.04 4.74 -2.15
N ASN A 115 -22.60 4.62 -0.94
CA ASN A 115 -23.38 3.45 -0.52
C ASN A 115 -24.53 3.91 0.35
N GLU A 116 -25.42 2.98 0.66
CA GLU A 116 -26.46 3.12 1.66
C GLU A 116 -26.90 1.70 2.02
N GLY A 117 -27.36 1.50 3.25
CA GLY A 117 -27.84 0.22 3.75
C GLY A 117 -27.93 0.29 5.27
N SER A 118 -28.64 -0.64 5.90
CA SER A 118 -28.72 -0.69 7.35
C SER A 118 -27.50 -1.43 7.91
N ARG A 119 -27.19 -1.18 9.17
CA ARG A 119 -26.14 -1.84 9.94
C ARG A 119 -26.75 -2.14 11.31
N ILE A 120 -27.34 -3.32 11.47
CA ILE A 120 -27.88 -3.82 12.73
C ILE A 120 -27.46 -5.29 12.86
N SER A 121 -27.17 -5.74 14.09
CA SER A 121 -26.98 -7.14 14.43
C SER A 121 -27.53 -7.31 15.85
N ALA A 122 -28.62 -8.05 16.02
CA ALA A 122 -29.20 -8.37 17.31
C ALA A 122 -29.93 -9.72 17.18
N ALA A 123 -30.45 -10.24 18.31
CA ALA A 123 -31.30 -11.41 18.33
C ALA A 123 -32.33 -11.24 19.45
N SER A 124 -31.90 -11.37 20.71
CA SER A 124 -32.69 -11.09 21.90
C SER A 124 -31.71 -10.72 23.02
N VAL A 125 -32.23 -10.30 24.17
CA VAL A 125 -31.46 -9.86 25.33
C VAL A 125 -32.16 -10.44 26.56
N ALA A 126 -31.56 -11.46 27.17
CA ALA A 126 -31.98 -12.00 28.46
C ALA A 126 -30.71 -12.39 29.20
N SER A 127 -30.60 -12.03 30.48
CA SER A 127 -29.35 -12.10 31.23
C SER A 127 -29.57 -12.35 32.73
N THR A 128 -30.75 -12.85 33.12
CA THR A 128 -31.04 -13.20 34.50
C THR A 128 -31.91 -14.45 34.52
N ALA A 129 -32.07 -15.03 35.71
CA ALA A 129 -33.01 -16.08 36.05
C ALA A 129 -33.65 -15.68 37.39
N ILE A 130 -34.34 -16.62 38.03
CA ILE A 130 -34.76 -16.58 39.43
C ILE A 130 -34.51 -17.98 39.99
N ALA A 131 -34.47 -18.11 41.31
CA ALA A 131 -34.47 -19.34 42.08
C ALA A 131 -35.25 -19.05 43.35
N GLN A 1 -14.05 -3.45 5.96
CA GLN A 1 -15.10 -3.90 5.02
C GLN A 1 -14.86 -3.20 3.70
N ALA A 2 -15.32 -3.82 2.61
CA ALA A 2 -15.36 -3.24 1.28
C ALA A 2 -16.66 -3.71 0.63
N GLN A 3 -17.74 -3.00 0.95
CA GLN A 3 -19.09 -3.22 0.45
C GLN A 3 -19.64 -1.87 -0.05
N GLY A 4 -20.76 -1.93 -0.76
CA GLY A 4 -21.35 -0.85 -1.51
C GLY A 4 -21.30 -1.23 -2.98
N VAL A 5 -20.24 -0.84 -3.69
CA VAL A 5 -20.09 -1.13 -5.11
C VAL A 5 -19.40 -2.49 -5.33
N LEU A 6 -20.20 -3.47 -5.71
CA LEU A 6 -19.85 -4.72 -6.36
C LEU A 6 -21.13 -5.23 -7.03
N ALA A 7 -20.99 -6.10 -8.03
CA ALA A 7 -22.08 -6.84 -8.65
C ALA A 7 -21.77 -8.34 -8.58
N SER A 8 -22.66 -9.16 -9.14
CA SER A 8 -22.43 -10.57 -9.36
C SER A 8 -23.09 -10.92 -10.70
N GLN A 9 -22.64 -11.99 -11.36
CA GLN A 9 -23.32 -12.57 -12.51
C GLN A 9 -23.07 -14.07 -12.45
N ALA A 10 -24.07 -14.88 -12.83
CA ALA A 10 -23.94 -16.33 -12.93
C ALA A 10 -22.84 -16.64 -13.94
N LEU A 11 -21.90 -17.50 -13.56
CA LEU A 11 -20.75 -17.86 -14.37
C LEU A 11 -20.76 -19.38 -14.59
N SER A 12 -21.02 -19.79 -15.84
CA SER A 12 -21.16 -21.19 -16.22
C SER A 12 -19.82 -21.84 -16.61
N GLN A 13 -18.77 -21.05 -16.80
CA GLN A 13 -17.64 -21.40 -17.65
C GLN A 13 -16.31 -21.08 -16.93
N GLY A 14 -15.18 -21.11 -17.63
CA GLY A 14 -13.88 -20.70 -17.11
C GLY A 14 -13.75 -19.18 -17.17
N SER A 15 -14.56 -18.46 -16.40
CA SER A 15 -14.46 -17.06 -16.07
C SER A 15 -14.23 -17.00 -14.57
N GLU A 16 -13.64 -15.91 -14.11
CA GLU A 16 -13.30 -15.64 -12.72
C GLU A 16 -13.77 -14.22 -12.30
N PRO A 17 -14.05 -13.99 -11.00
CA PRO A 17 -14.37 -12.67 -10.48
C PRO A 17 -13.11 -11.79 -10.39
N SER A 18 -13.30 -10.47 -10.30
CA SER A 18 -12.22 -9.50 -10.19
C SER A 18 -12.74 -8.22 -9.53
N SER A 19 -11.87 -7.22 -9.36
CA SER A 19 -12.23 -5.85 -9.05
C SER A 19 -11.20 -4.91 -9.67
N GLU A 20 -11.54 -3.63 -9.83
CA GLU A 20 -10.62 -2.53 -10.10
C GLU A 20 -11.16 -1.29 -9.35
N ASN A 21 -10.65 -0.08 -9.68
CA ASN A 21 -11.07 1.22 -9.14
C ASN A 21 -10.79 1.40 -7.65
N ALA A 22 -10.23 0.42 -6.94
CA ALA A 22 -10.01 0.49 -5.50
C ALA A 22 -8.73 -0.25 -5.13
N ASN A 23 -7.60 0.45 -5.16
CA ASN A 23 -6.32 -0.08 -4.78
C ASN A 23 -5.32 1.01 -4.40
N ASP A 24 -4.99 1.04 -3.12
CA ASP A 24 -3.92 1.83 -2.53
C ASP A 24 -3.73 1.36 -1.10
N THR A 25 -2.56 0.79 -0.79
CA THR A 25 -2.15 0.39 0.56
C THR A 25 -0.63 0.19 0.53
N ILE A 26 0.11 0.76 1.49
CA ILE A 26 1.52 0.42 1.66
C ILE A 26 1.58 -0.75 2.64
N ILE A 27 2.65 -1.51 2.55
CA ILE A 27 3.04 -2.61 3.43
C ILE A 27 4.49 -2.33 3.77
N LEU A 28 4.95 -2.72 4.95
CA LEU A 28 6.36 -2.63 5.31
C LEU A 28 6.94 -4.03 5.28
N ARG A 29 8.25 -4.15 5.09
CA ARG A 29 9.00 -5.40 5.19
C ARG A 29 10.26 -5.15 5.98
N ASN A 30 10.96 -6.25 6.32
CA ASN A 30 12.29 -6.28 6.91
C ASN A 30 12.28 -5.60 8.30
N LEU A 31 11.57 -6.23 9.24
CA LEU A 31 11.36 -5.71 10.58
C LEU A 31 11.73 -6.80 11.57
N ASN A 32 12.55 -6.50 12.59
CA ASN A 32 12.84 -7.47 13.64
C ASN A 32 11.60 -7.72 14.51
N PRO A 33 11.49 -8.84 15.24
CA PRO A 33 10.27 -9.17 15.97
C PRO A 33 9.84 -8.11 17.00
N HIS A 34 10.76 -7.31 17.52
CA HIS A 34 10.48 -6.24 18.50
C HIS A 34 10.31 -4.86 17.86
N SER A 35 10.25 -4.76 16.54
CA SER A 35 10.19 -3.48 15.85
C SER A 35 8.97 -2.68 16.31
N THR A 36 8.99 -1.39 15.98
CA THR A 36 7.92 -0.44 16.26
C THR A 36 7.51 0.32 15.02
N MET A 37 6.32 0.92 15.11
CA MET A 37 5.69 1.73 14.08
C MET A 37 6.43 3.07 13.90
N ASP A 38 7.18 3.46 14.93
CA ASP A 38 7.86 4.74 15.03
C ASP A 38 8.82 4.93 13.85
N SER A 39 9.47 3.83 13.44
CA SER A 39 10.31 3.64 12.29
C SER A 39 9.74 4.24 11.01
N ILE A 40 8.42 4.17 10.84
CA ILE A 40 7.76 4.67 9.64
C ILE A 40 7.57 6.18 9.81
N LEU A 41 7.04 6.58 10.96
CA LEU A 41 6.68 7.95 11.28
C LEU A 41 7.87 8.88 11.15
N GLY A 42 9.04 8.45 11.64
CA GLY A 42 10.26 9.24 11.56
C GLY A 42 10.79 9.40 10.14
N ALA A 43 10.57 8.43 9.24
CA ALA A 43 10.95 8.59 7.84
C ALA A 43 9.99 9.56 7.14
N LEU A 44 8.68 9.42 7.38
CA LEU A 44 7.69 9.81 6.37
C LEU A 44 6.84 11.01 6.76
N ALA A 45 7.05 11.59 7.95
CA ALA A 45 6.29 12.72 8.47
C ALA A 45 6.01 13.85 7.45
N PRO A 46 6.99 14.43 6.72
CA PRO A 46 6.68 15.52 5.81
C PRO A 46 5.91 15.04 4.57
N TYR A 47 6.26 13.87 4.05
CA TYR A 47 5.77 13.39 2.76
C TYR A 47 4.36 12.78 2.86
N ALA A 48 3.79 12.74 4.08
CA ALA A 48 2.54 12.07 4.35
C ALA A 48 1.92 12.64 5.61
N VAL A 49 0.76 13.25 5.46
CA VAL A 49 0.00 13.84 6.55
C VAL A 49 -0.98 12.76 7.01
N LEU A 50 -0.55 12.01 8.04
CA LEU A 50 -1.16 10.80 8.59
C LEU A 50 -0.90 10.73 10.11
N SER A 51 -1.20 9.61 10.77
CA SER A 51 -0.70 9.32 12.13
C SER A 51 -0.41 7.83 12.30
N SER A 52 -0.09 7.44 13.53
CA SER A 52 -0.02 6.06 13.98
C SER A 52 -1.36 5.30 13.85
N SER A 53 -2.48 5.96 13.54
CA SER A 53 -3.70 5.23 13.17
C SER A 53 -3.45 4.44 11.88
N ASN A 54 -2.81 5.09 10.91
CA ASN A 54 -2.61 4.57 9.56
C ASN A 54 -1.68 3.37 9.56
N VAL A 55 -0.56 3.46 10.28
CA VAL A 55 0.46 2.43 10.31
C VAL A 55 0.14 1.40 11.40
N ARG A 56 0.26 0.10 11.08
CA ARG A 56 -0.26 -0.96 11.94
C ARG A 56 0.68 -2.16 11.99
N VAL A 57 1.32 -2.39 13.15
CA VAL A 57 2.14 -3.56 13.41
C VAL A 57 1.20 -4.78 13.56
N ILE A 58 1.05 -5.55 12.50
CA ILE A 58 0.37 -6.84 12.56
C ILE A 58 1.24 -7.85 13.33
N LYS A 59 0.61 -8.72 14.14
CA LYS A 59 1.32 -9.71 14.97
C LYS A 59 1.04 -11.13 14.54
N ASP A 60 1.85 -12.06 15.06
CA ASP A 60 1.70 -13.49 14.86
C ASP A 60 0.69 -14.05 15.87
N LYS A 61 0.15 -15.25 15.60
CA LYS A 61 -0.67 -16.04 16.51
C LYS A 61 0.19 -16.85 17.47
N GLN A 62 1.33 -17.39 17.03
CA GLN A 62 2.13 -18.29 17.87
C GLN A 62 2.78 -17.49 19.00
N THR A 63 3.16 -16.25 18.72
CA THR A 63 3.81 -15.33 19.65
C THR A 63 2.88 -14.16 19.92
N GLN A 64 3.41 -13.07 20.47
CA GLN A 64 2.75 -11.78 20.61
C GLN A 64 3.67 -10.71 20.00
N LEU A 65 4.38 -11.07 18.92
CA LEU A 65 5.43 -10.27 18.28
C LEU A 65 4.94 -9.88 16.90
N ASN A 66 5.64 -8.93 16.27
CA ASN A 66 5.39 -8.48 14.92
C ASN A 66 5.82 -9.60 13.98
N ARG A 67 5.13 -9.69 12.85
CA ARG A 67 5.39 -10.75 11.87
C ARG A 67 6.54 -10.47 10.92
N GLY A 68 7.21 -9.33 11.03
CA GLY A 68 8.27 -8.92 10.12
C GLY A 68 7.76 -7.95 9.06
N PHE A 69 6.48 -7.61 9.09
CA PHE A 69 5.80 -6.75 8.12
C PHE A 69 4.80 -5.87 8.87
N ALA A 70 4.38 -4.75 8.30
CA ALA A 70 3.28 -3.92 8.80
C ALA A 70 2.45 -3.41 7.63
N PHE A 71 1.36 -2.70 7.92
CA PHE A 71 0.43 -2.12 6.95
C PHE A 71 0.41 -0.60 7.12
N ILE A 72 0.05 0.15 6.08
CA ILE A 72 -0.28 1.57 6.16
C ILE A 72 -1.46 1.86 5.22
N GLN A 73 -2.57 2.33 5.78
CA GLN A 73 -3.67 2.97 5.03
C GLN A 73 -3.14 4.27 4.43
N LEU A 74 -3.21 4.37 3.10
CA LEU A 74 -2.58 5.42 2.29
C LEU A 74 -3.60 5.99 1.28
N SER A 75 -3.22 6.56 0.13
CA SER A 75 -4.17 7.05 -0.86
C SER A 75 -3.62 6.81 -2.26
N THR A 76 -4.45 7.10 -3.27
CA THR A 76 -4.36 6.58 -4.63
C THR A 76 -2.99 6.84 -5.27
N ILE A 77 -2.69 8.09 -5.65
CA ILE A 77 -1.37 8.47 -6.16
C ILE A 77 -0.32 8.41 -5.07
N GLU A 78 -0.69 8.77 -3.84
CA GLU A 78 0.23 8.90 -2.72
C GLU A 78 1.03 7.63 -2.53
N ALA A 79 0.38 6.47 -2.61
CA ALA A 79 1.01 5.19 -2.34
C ALA A 79 2.02 4.88 -3.44
N ALA A 80 1.75 5.30 -4.68
CA ALA A 80 2.67 5.08 -5.77
C ALA A 80 3.88 6.00 -5.64
N GLN A 81 3.63 7.30 -5.49
CA GLN A 81 4.70 8.28 -5.47
C GLN A 81 5.59 8.10 -4.24
N LEU A 82 5.01 7.76 -3.09
CA LEU A 82 5.79 7.48 -1.89
C LEU A 82 6.74 6.33 -2.15
N LEU A 83 6.28 5.22 -2.74
CA LEU A 83 7.13 4.06 -2.99
C LEU A 83 8.40 4.45 -3.73
N GLN A 84 8.30 5.35 -4.71
CA GLN A 84 9.43 5.82 -5.48
C GLN A 84 10.37 6.63 -4.59
N ILE A 85 9.83 7.55 -3.77
CA ILE A 85 10.58 8.41 -2.85
C ILE A 85 11.33 7.56 -1.82
N LEU A 86 10.70 6.49 -1.31
CA LEU A 86 11.24 5.63 -0.27
C LEU A 86 12.52 4.92 -0.70
N GLN A 87 12.75 4.77 -2.00
CA GLN A 87 13.93 4.10 -2.53
C GLN A 87 15.23 4.84 -2.18
N ALA A 88 15.13 6.13 -1.81
CA ALA A 88 16.26 7.05 -1.72
C ALA A 88 16.31 7.80 -0.37
N LEU A 89 15.63 7.28 0.67
CA LEU A 89 15.75 7.77 2.03
C LEU A 89 15.70 6.60 2.99
N HIS A 90 16.16 6.78 4.22
CA HIS A 90 16.06 5.82 5.33
C HIS A 90 15.71 6.58 6.61
N PRO A 91 14.91 6.01 7.53
CA PRO A 91 14.60 6.60 8.83
C PRO A 91 15.80 6.60 9.81
N PRO A 92 15.70 7.38 10.91
CA PRO A 92 16.79 7.56 11.88
C PRO A 92 16.91 6.43 12.91
N LEU A 93 15.90 5.56 13.00
CA LEU A 93 15.84 4.43 13.92
C LEU A 93 16.78 3.32 13.41
N THR A 94 17.27 2.44 14.28
CA THR A 94 17.85 1.16 13.85
C THR A 94 17.67 0.16 15.00
N ILE A 95 16.49 -0.43 15.06
CA ILE A 95 16.14 -1.43 16.06
C ILE A 95 16.95 -2.67 15.70
N ASP A 96 17.65 -3.22 16.69
CA ASP A 96 18.46 -4.44 16.62
C ASP A 96 19.36 -4.51 15.36
N GLY A 97 19.83 -3.36 14.88
CA GLY A 97 20.71 -3.22 13.74
C GLY A 97 20.01 -3.29 12.38
N LYS A 98 18.68 -3.36 12.34
CA LYS A 98 17.90 -3.55 11.12
C LYS A 98 17.53 -2.23 10.48
N THR A 99 17.19 -2.32 9.22
CA THR A 99 16.70 -1.20 8.43
C THR A 99 15.52 -1.66 7.57
N ILE A 100 14.51 -0.79 7.47
CA ILE A 100 13.23 -1.07 6.82
C ILE A 100 13.50 -1.28 5.33
N ASN A 101 12.72 -2.15 4.67
CA ASN A 101 12.79 -2.37 3.22
C ASN A 101 11.92 -1.34 2.50
N VAL A 102 11.76 -1.46 1.18
CA VAL A 102 10.85 -0.65 0.38
C VAL A 102 9.98 -1.61 -0.44
N GLU A 103 8.66 -1.48 -0.34
CA GLU A 103 7.65 -2.32 -0.96
C GLU A 103 6.29 -1.59 -0.85
N PHE A 104 5.25 -1.98 -1.61
CA PHE A 104 3.86 -1.60 -1.35
C PHE A 104 2.91 -2.76 -1.63
N ALA A 105 1.63 -2.62 -1.28
CA ALA A 105 0.58 -3.63 -1.44
C ALA A 105 -0.64 -3.04 -2.13
N LYS A 106 -0.43 -2.43 -3.31
CA LYS A 106 -1.50 -1.94 -4.14
C LYS A 106 -2.36 -3.11 -4.65
N GLY A 107 -3.55 -3.27 -4.07
CA GLY A 107 -4.56 -4.23 -4.50
C GLY A 107 -4.76 -5.29 -3.43
N SER A 108 -6.02 -5.60 -3.14
CA SER A 108 -6.44 -6.61 -2.19
C SER A 108 -7.82 -7.13 -2.58
N LYS A 109 -8.13 -8.37 -2.18
CA LYS A 109 -9.43 -8.99 -2.46
C LYS A 109 -10.58 -8.22 -1.81
N ARG A 110 -11.78 -8.49 -2.33
CA ARG A 110 -13.08 -8.19 -1.77
C ARG A 110 -13.90 -9.47 -1.91
N ASP A 111 -14.90 -9.71 -1.05
CA ASP A 111 -15.81 -10.85 -1.15
C ASP A 111 -16.99 -10.66 -0.20
N MET A 112 -18.14 -10.21 -0.70
CA MET A 112 -19.38 -10.02 0.07
C MET A 112 -20.48 -9.56 -0.89
N ALA A 113 -21.68 -9.29 -0.37
CA ALA A 113 -22.82 -8.75 -1.12
C ALA A 113 -23.38 -7.51 -0.41
N SER A 114 -24.39 -6.89 -1.03
CA SER A 114 -25.16 -5.78 -0.47
C SER A 114 -26.54 -5.77 -1.10
N ASN A 115 -27.57 -5.41 -0.32
CA ASN A 115 -28.99 -5.54 -0.63
C ASN A 115 -29.72 -4.32 -0.04
N GLU A 116 -29.24 -3.10 -0.29
CA GLU A 116 -29.76 -1.88 0.34
C GLU A 116 -29.71 -0.70 -0.62
N GLY A 117 -30.29 0.43 -0.25
CA GLY A 117 -29.99 1.71 -0.88
C GLY A 117 -30.87 2.08 -2.08
N SER A 118 -32.08 1.52 -2.18
CA SER A 118 -33.06 1.84 -3.21
C SER A 118 -33.50 3.32 -3.14
N ARG A 119 -32.88 4.19 -3.95
CA ARG A 119 -33.20 5.60 -4.02
C ARG A 119 -32.45 6.10 -5.27
N ILE A 120 -33.25 6.55 -6.21
CA ILE A 120 -32.86 7.45 -7.29
C ILE A 120 -32.65 8.86 -6.70
N SER A 121 -31.75 9.66 -7.25
CA SER A 121 -31.53 11.06 -6.90
C SER A 121 -31.06 11.86 -8.12
N ALA A 122 -31.22 13.19 -8.05
CA ALA A 122 -30.44 14.12 -8.86
C ALA A 122 -29.04 14.25 -8.24
N ALA A 123 -28.15 14.98 -8.93
CA ALA A 123 -26.77 15.16 -8.49
C ALA A 123 -26.40 16.63 -8.56
N SER A 124 -25.96 17.13 -9.72
CA SER A 124 -25.75 18.54 -9.98
C SER A 124 -26.98 19.08 -10.68
N VAL A 125 -27.23 20.37 -10.51
CA VAL A 125 -28.25 21.15 -11.19
C VAL A 125 -27.61 22.52 -11.39
N ALA A 126 -27.43 22.93 -12.64
CA ALA A 126 -27.03 24.28 -13.03
C ALA A 126 -28.07 24.77 -14.03
N SER A 127 -28.31 26.08 -14.09
CA SER A 127 -29.26 26.67 -15.03
C SER A 127 -28.83 28.07 -15.48
N THR A 128 -27.53 28.37 -15.45
CA THR A 128 -27.01 29.65 -15.92
C THR A 128 -25.71 29.40 -16.69
N ALA A 129 -25.19 30.45 -17.34
CA ALA A 129 -23.95 30.42 -18.09
C ALA A 129 -22.73 30.48 -17.17
N ILE A 130 -21.55 30.50 -17.77
CA ILE A 130 -20.30 30.87 -17.12
C ILE A 130 -19.85 32.23 -17.64
N ALA A 131 -18.90 32.82 -16.93
CA ALA A 131 -17.90 33.77 -17.39
C ALA A 131 -16.59 33.35 -16.73
N GLN A 1 21.72 18.57 -36.87
CA GLN A 1 22.44 19.64 -37.60
C GLN A 1 23.78 19.82 -36.91
N ALA A 2 23.83 20.51 -35.77
CA ALA A 2 24.84 20.21 -34.78
C ALA A 2 24.57 18.80 -34.23
N GLN A 3 25.58 18.21 -33.59
CA GLN A 3 25.58 16.96 -32.86
C GLN A 3 26.76 17.08 -31.85
N GLY A 4 26.87 16.19 -30.88
CA GLY A 4 27.92 16.20 -29.87
C GLY A 4 28.26 14.78 -29.44
N VAL A 5 28.80 14.63 -28.22
CA VAL A 5 29.07 13.35 -27.60
C VAL A 5 28.18 13.30 -26.36
N LEU A 6 27.55 12.16 -26.12
CA LEU A 6 26.67 11.89 -24.98
C LEU A 6 26.98 10.47 -24.55
N ALA A 7 26.80 10.15 -23.28
CA ALA A 7 26.87 8.79 -22.76
C ALA A 7 26.07 8.73 -21.46
N SER A 8 25.45 7.57 -21.22
CA SER A 8 24.79 7.20 -19.99
C SER A 8 24.88 5.68 -19.85
N GLN A 9 24.87 5.20 -18.61
CA GLN A 9 24.53 3.83 -18.30
C GLN A 9 22.99 3.63 -18.40
N ALA A 10 22.54 2.42 -18.12
CA ALA A 10 21.19 2.13 -17.66
C ALA A 10 21.31 1.31 -16.37
N LEU A 11 20.19 1.12 -15.68
CA LEU A 11 20.10 0.38 -14.43
C LEU A 11 19.17 -0.82 -14.62
N SER A 12 18.69 -1.40 -13.52
CA SER A 12 17.65 -2.42 -13.53
C SER A 12 16.78 -2.26 -12.27
N GLN A 13 15.47 -2.43 -12.39
CA GLN A 13 14.55 -2.60 -11.25
C GLN A 13 14.41 -4.10 -10.94
N GLY A 14 13.38 -4.50 -10.19
CA GLY A 14 13.04 -5.89 -9.94
C GLY A 14 11.90 -5.96 -8.94
N SER A 15 10.65 -5.90 -9.38
CA SER A 15 9.48 -5.97 -8.54
C SER A 15 8.37 -6.69 -9.32
N GLU A 16 7.50 -7.34 -8.57
CA GLU A 16 6.25 -7.96 -8.97
C GLU A 16 5.19 -7.71 -7.88
N PRO A 17 3.88 -7.87 -8.16
CA PRO A 17 2.81 -7.69 -7.19
C PRO A 17 2.76 -8.76 -6.08
N SER A 18 2.82 -10.04 -6.49
CA SER A 18 2.71 -11.24 -5.66
C SER A 18 1.33 -11.39 -4.97
N SER A 19 0.98 -10.56 -3.98
CA SER A 19 -0.23 -10.74 -3.16
C SER A 19 -0.96 -9.42 -2.95
N GLU A 20 -2.10 -9.25 -3.62
CA GLU A 20 -2.96 -8.07 -3.56
C GLU A 20 -4.36 -8.45 -4.14
N ASN A 21 -5.36 -7.54 -4.18
CA ASN A 21 -6.73 -7.80 -4.67
C ASN A 21 -7.20 -6.73 -5.66
N ALA A 22 -7.66 -5.56 -5.19
CA ALA A 22 -8.05 -4.44 -6.04
C ALA A 22 -8.03 -3.09 -5.33
N ASN A 23 -6.89 -2.70 -4.74
CA ASN A 23 -6.76 -1.44 -4.01
C ASN A 23 -5.29 -1.05 -3.87
N ASP A 24 -4.99 0.25 -3.88
CA ASP A 24 -3.75 0.89 -3.40
C ASP A 24 -3.59 0.64 -1.91
N THR A 25 -2.43 0.10 -1.53
CA THR A 25 -1.91 0.15 -0.16
C THR A 25 -0.38 0.18 -0.24
N ILE A 26 0.27 0.63 0.82
CA ILE A 26 1.71 0.47 1.04
C ILE A 26 1.90 -0.69 2.03
N ILE A 27 3.03 -1.39 1.91
CA ILE A 27 3.44 -2.50 2.79
C ILE A 27 4.87 -2.21 3.24
N LEU A 28 5.34 -2.90 4.29
CA LEU A 28 6.71 -2.88 4.76
C LEU A 28 7.18 -4.33 4.72
N ARG A 29 8.45 -4.59 4.41
CA ARG A 29 9.09 -5.90 4.64
C ARG A 29 10.37 -5.68 5.43
N ASN A 30 11.11 -6.77 5.67
CA ASN A 30 12.33 -6.83 6.47
C ASN A 30 12.10 -6.11 7.79
N LEU A 31 11.28 -6.70 8.66
CA LEU A 31 11.07 -6.19 10.01
C LEU A 31 11.45 -7.28 11.01
N ASN A 32 12.01 -6.87 12.15
CA ASN A 32 12.41 -7.76 13.23
C ASN A 32 11.22 -7.84 14.19
N PRO A 33 11.13 -8.88 15.03
CA PRO A 33 10.04 -8.99 15.99
C PRO A 33 10.07 -7.83 17.00
N HIS A 34 11.22 -7.18 17.17
CA HIS A 34 11.46 -6.04 18.05
C HIS A 34 11.30 -4.68 17.37
N SER A 35 11.06 -4.59 16.04
CA SER A 35 10.85 -3.33 15.38
C SER A 35 9.57 -2.65 15.92
N THR A 36 9.39 -1.39 15.57
CA THR A 36 8.35 -0.52 16.12
C THR A 36 7.70 0.31 15.02
N MET A 37 6.47 0.78 15.27
CA MET A 37 5.72 1.60 14.32
C MET A 37 6.50 2.85 13.93
N ASP A 38 7.13 3.49 14.91
CA ASP A 38 7.68 4.83 14.73
C ASP A 38 8.90 4.83 13.81
N SER A 39 9.47 3.65 13.47
CA SER A 39 10.46 3.53 12.40
C SER A 39 9.92 3.98 11.04
N ILE A 40 8.60 3.90 10.85
CA ILE A 40 7.88 4.43 9.70
C ILE A 40 7.61 5.91 9.98
N LEU A 41 6.78 6.19 11.01
CA LEU A 41 6.21 7.52 11.22
C LEU A 41 7.31 8.59 11.31
N GLY A 42 8.38 8.32 12.06
CA GLY A 42 9.44 9.29 12.28
C GLY A 42 10.19 9.67 11.01
N ALA A 43 10.14 8.86 9.94
CA ALA A 43 10.71 9.24 8.66
C ALA A 43 9.71 10.13 7.90
N LEU A 44 8.46 9.65 7.74
CA LEU A 44 7.56 10.17 6.71
C LEU A 44 6.56 11.19 7.26
N ALA A 45 6.70 11.59 8.52
CA ALA A 45 5.85 12.59 9.16
C ALA A 45 5.60 13.84 8.31
N PRO A 46 6.58 14.47 7.62
CA PRO A 46 6.30 15.60 6.73
C PRO A 46 5.86 15.20 5.32
N TYR A 47 5.99 13.93 4.93
CA TYR A 47 5.75 13.45 3.57
C TYR A 47 4.43 12.68 3.46
N ALA A 48 3.66 12.67 4.54
CA ALA A 48 2.31 12.11 4.62
C ALA A 48 1.48 12.97 5.57
N VAL A 49 0.17 12.75 5.61
CA VAL A 49 -0.79 13.47 6.44
C VAL A 49 -1.69 12.42 7.10
N LEU A 50 -1.16 11.77 8.13
CA LEU A 50 -1.70 10.53 8.68
C LEU A 50 -1.43 10.41 10.18
N SER A 51 -1.84 9.30 10.79
CA SER A 51 -1.52 8.94 12.16
C SER A 51 -1.26 7.44 12.31
N SER A 52 -1.06 6.98 13.55
CA SER A 52 -0.86 5.57 13.89
C SER A 52 -2.05 4.71 13.46
N SER A 53 -3.20 5.32 13.26
CA SER A 53 -4.43 4.72 12.76
C SER A 53 -4.23 4.15 11.36
N ASN A 54 -3.51 4.86 10.50
CA ASN A 54 -3.23 4.46 9.11
C ASN A 54 -2.27 3.27 9.06
N VAL A 55 -1.14 3.37 9.77
CA VAL A 55 -0.10 2.35 9.82
C VAL A 55 -0.63 1.18 10.64
N ARG A 56 -1.05 0.09 9.98
CA ARG A 56 -1.44 -1.12 10.69
C ARG A 56 -0.20 -1.97 10.89
N VAL A 57 -0.17 -2.66 12.03
CA VAL A 57 0.87 -3.59 12.36
C VAL A 57 0.17 -4.86 12.83
N ILE A 58 0.07 -5.84 11.94
CA ILE A 58 -0.35 -7.19 12.28
C ILE A 58 0.79 -7.79 13.08
N LYS A 59 0.48 -8.13 14.33
CA LYS A 59 1.42 -8.64 15.31
C LYS A 59 0.99 -10.04 15.69
N ASP A 60 1.88 -10.80 16.30
CA ASP A 60 1.59 -12.15 16.76
C ASP A 60 0.55 -12.11 17.89
N LYS A 61 -0.21 -13.19 18.08
CA LYS A 61 -1.17 -13.32 19.18
C LYS A 61 -0.47 -13.80 20.43
N GLN A 62 0.36 -14.85 20.31
CA GLN A 62 0.98 -15.50 21.47
C GLN A 62 1.81 -14.49 22.25
N THR A 63 2.46 -13.56 21.57
CA THR A 63 3.43 -12.61 22.07
C THR A 63 3.00 -11.19 21.70
N GLN A 64 3.86 -10.22 21.94
CA GLN A 64 3.71 -8.83 21.50
C GLN A 64 4.91 -8.54 20.62
N LEU A 65 4.98 -9.27 19.51
CA LEU A 65 6.06 -9.21 18.55
C LEU A 65 5.45 -9.09 17.16
N ASN A 66 6.24 -8.56 16.26
CA ASN A 66 5.80 -8.25 14.91
C ASN A 66 5.95 -9.47 14.00
N ARG A 67 5.29 -9.47 12.84
CA ARG A 67 5.20 -10.63 11.95
C ARG A 67 6.13 -10.53 10.73
N GLY A 68 7.07 -9.59 10.70
CA GLY A 68 8.07 -9.46 9.64
C GLY A 68 7.72 -8.44 8.56
N PHE A 69 6.50 -7.90 8.62
CA PHE A 69 5.92 -6.99 7.65
C PHE A 69 4.99 -6.01 8.39
N ALA A 70 4.51 -4.96 7.72
CA ALA A 70 3.44 -4.07 8.20
C ALA A 70 2.67 -3.49 6.99
N PHE A 71 1.61 -2.72 7.23
CA PHE A 71 0.70 -2.15 6.21
C PHE A 71 0.55 -0.65 6.50
N ILE A 72 0.23 0.16 5.48
CA ILE A 72 -0.14 1.57 5.66
C ILE A 72 -1.31 1.86 4.72
N GLN A 73 -2.48 2.16 5.28
CA GLN A 73 -3.61 2.67 4.52
C GLN A 73 -3.29 4.12 4.10
N LEU A 74 -3.42 4.43 2.81
CA LEU A 74 -3.03 5.72 2.23
C LEU A 74 -4.08 6.16 1.20
N SER A 75 -3.71 6.98 0.22
CA SER A 75 -4.53 7.31 -0.94
C SER A 75 -3.75 6.96 -2.22
N THR A 76 -4.44 6.83 -3.36
CA THR A 76 -3.98 6.17 -4.57
C THR A 76 -2.61 6.65 -5.04
N ILE A 77 -2.56 7.89 -5.52
CA ILE A 77 -1.36 8.47 -6.12
C ILE A 77 -0.29 8.64 -5.05
N GLU A 78 -0.70 8.92 -3.81
CA GLU A 78 0.15 9.12 -2.65
C GLU A 78 0.93 7.84 -2.34
N ALA A 79 0.28 6.68 -2.48
CA ALA A 79 0.92 5.38 -2.35
C ALA A 79 1.93 5.28 -3.49
N ALA A 80 1.48 5.55 -4.71
CA ALA A 80 2.29 5.43 -5.91
C ALA A 80 3.43 6.46 -6.03
N GLN A 81 3.64 7.35 -5.06
CA GLN A 81 4.71 8.36 -5.08
C GLN A 81 5.60 8.20 -3.86
N LEU A 82 5.01 7.94 -2.68
CA LEU A 82 5.76 7.82 -1.44
C LEU A 82 6.79 6.71 -1.55
N LEU A 83 6.49 5.64 -2.28
CA LEU A 83 7.43 4.54 -2.53
C LEU A 83 8.75 5.04 -3.14
N GLN A 84 8.71 6.04 -4.02
CA GLN A 84 9.91 6.58 -4.65
C GLN A 84 10.72 7.35 -3.63
N ILE A 85 10.07 8.18 -2.80
CA ILE A 85 10.72 8.87 -1.69
C ILE A 85 11.44 7.84 -0.83
N LEU A 86 10.80 6.71 -0.49
CA LEU A 86 11.37 5.77 0.47
C LEU A 86 12.67 5.14 0.00
N GLN A 87 12.89 4.99 -1.30
CA GLN A 87 14.12 4.43 -1.82
C GLN A 87 15.31 5.40 -1.67
N ALA A 88 15.08 6.63 -1.18
CA ALA A 88 16.10 7.65 -1.07
C ALA A 88 16.94 7.54 0.21
N LEU A 89 16.49 6.79 1.22
CA LEU A 89 17.00 6.93 2.58
C LEU A 89 17.11 5.59 3.32
N HIS A 90 17.97 5.55 4.34
CA HIS A 90 17.90 4.56 5.40
C HIS A 90 16.88 5.08 6.42
N PRO A 91 16.08 4.23 7.09
CA PRO A 91 15.10 4.66 8.07
C PRO A 91 15.78 5.08 9.39
N PRO A 92 15.11 5.91 10.22
CA PRO A 92 15.71 6.52 11.40
C PRO A 92 15.86 5.57 12.59
N LEU A 93 15.51 4.28 12.45
CA LEU A 93 15.47 3.26 13.49
C LEU A 93 16.28 2.08 12.98
N THR A 94 17.13 1.47 13.81
CA THR A 94 18.00 0.37 13.40
C THR A 94 18.23 -0.58 14.57
N ILE A 95 17.18 -1.29 14.93
CA ILE A 95 17.22 -2.38 15.92
C ILE A 95 18.08 -3.50 15.31
N ASP A 96 18.85 -4.25 16.10
CA ASP A 96 19.50 -5.49 15.66
C ASP A 96 20.40 -5.33 14.41
N GLY A 97 20.80 -4.10 14.06
CA GLY A 97 21.51 -3.79 12.82
C GLY A 97 20.65 -3.96 11.56
N LYS A 98 19.34 -3.73 11.60
CA LYS A 98 18.43 -3.89 10.45
C LYS A 98 17.87 -2.56 9.98
N THR A 99 17.51 -2.47 8.71
CA THR A 99 16.70 -1.39 8.17
C THR A 99 15.39 -1.97 7.58
N ILE A 100 14.48 -1.12 7.11
CA ILE A 100 13.11 -1.52 6.75
C ILE A 100 13.05 -1.54 5.23
N ASN A 101 12.63 -2.65 4.63
CA ASN A 101 12.56 -2.77 3.17
C ASN A 101 11.42 -1.93 2.63
N VAL A 102 11.46 -1.66 1.32
CA VAL A 102 10.56 -0.75 0.62
C VAL A 102 9.73 -1.59 -0.35
N GLU A 103 8.40 -1.46 -0.34
CA GLU A 103 7.48 -2.22 -1.18
C GLU A 103 6.09 -1.57 -1.11
N PHE A 104 5.16 -1.97 -1.98
CA PHE A 104 3.76 -1.60 -1.99
C PHE A 104 2.90 -2.81 -2.34
N ALA A 105 1.61 -2.75 -2.04
CA ALA A 105 0.64 -3.81 -2.28
C ALA A 105 -0.58 -3.15 -2.94
N LYS A 106 -0.36 -2.68 -4.16
CA LYS A 106 -1.21 -1.81 -4.97
C LYS A 106 -2.29 -2.64 -5.67
N GLY A 107 -2.96 -2.09 -6.69
CA GLY A 107 -3.81 -2.86 -7.59
C GLY A 107 -4.67 -1.97 -8.49
N SER A 108 -5.69 -1.35 -7.91
CA SER A 108 -6.66 -0.47 -8.58
C SER A 108 -6.67 0.91 -7.91
N LYS A 109 -7.52 1.81 -8.41
CA LYS A 109 -7.70 3.18 -7.95
C LYS A 109 -9.20 3.51 -7.96
N ARG A 110 -9.97 2.82 -7.12
CA ARG A 110 -11.43 2.80 -7.16
C ARG A 110 -12.09 3.18 -5.82
N ASP A 111 -11.33 3.46 -4.76
CA ASP A 111 -11.92 3.94 -3.51
C ASP A 111 -12.30 5.41 -3.68
N MET A 112 -13.30 5.88 -2.94
CA MET A 112 -13.60 7.28 -2.74
C MET A 112 -14.24 7.41 -1.35
N ALA A 113 -13.42 7.76 -0.36
CA ALA A 113 -13.80 7.84 1.05
C ALA A 113 -12.96 8.92 1.74
N SER A 114 -13.05 9.01 3.06
CA SER A 114 -12.21 9.77 3.97
C SER A 114 -11.95 8.86 5.20
N ASN A 115 -11.12 9.30 6.13
CA ASN A 115 -11.13 8.87 7.54
C ASN A 115 -10.43 9.97 8.35
N GLU A 116 -10.42 9.87 9.68
CA GLU A 116 -9.72 10.76 10.63
C GLU A 116 -10.45 12.11 10.76
N GLY A 117 -10.32 12.76 11.93
CA GLY A 117 -10.94 14.03 12.26
C GLY A 117 -11.58 14.00 13.65
N SER A 118 -10.79 14.24 14.69
CA SER A 118 -11.30 14.48 16.04
C SER A 118 -11.30 15.99 16.32
N ARG A 119 -12.20 16.49 17.18
CA ARG A 119 -12.21 17.89 17.58
C ARG A 119 -12.89 18.02 18.94
N ILE A 120 -12.12 17.96 20.01
CA ILE A 120 -12.60 17.92 21.39
C ILE A 120 -11.61 18.62 22.33
N SER A 121 -11.94 18.67 23.62
CA SER A 121 -11.20 19.36 24.67
C SER A 121 -10.95 18.37 25.81
N ALA A 122 -9.85 17.62 25.73
CA ALA A 122 -9.37 16.74 26.79
C ALA A 122 -7.94 17.16 27.14
N ALA A 123 -7.80 18.43 27.52
CA ALA A 123 -6.54 19.06 27.90
C ALA A 123 -6.03 18.42 29.19
N SER A 124 -6.60 18.81 30.34
CA SER A 124 -6.35 18.19 31.64
C SER A 124 -7.56 18.40 32.55
N VAL A 125 -7.66 17.56 33.58
CA VAL A 125 -8.61 17.66 34.68
C VAL A 125 -7.83 17.20 35.92
N ALA A 126 -7.47 18.12 36.81
CA ALA A 126 -6.83 17.82 38.09
C ALA A 126 -7.26 18.92 39.07
N SER A 127 -7.77 18.54 40.24
CA SER A 127 -8.32 19.50 41.20
C SER A 127 -8.38 18.93 42.63
N THR A 128 -7.67 17.83 42.92
CA THR A 128 -7.71 17.17 44.22
C THR A 128 -6.91 17.98 45.23
N ALA A 129 -7.43 18.11 46.45
CA ALA A 129 -6.71 18.52 47.65
C ALA A 129 -7.21 17.62 48.79
N ILE A 130 -6.54 17.64 49.94
CA ILE A 130 -6.94 16.97 51.17
C ILE A 130 -6.52 17.97 52.26
N ALA A 131 -7.50 18.56 52.94
CA ALA A 131 -7.44 19.95 53.39
C ALA A 131 -7.15 20.85 52.19
N GLN A 1 13.37 -32.33 25.25
CA GLN A 1 14.79 -32.72 25.31
C GLN A 1 15.14 -33.44 24.03
N ALA A 2 15.71 -32.68 23.08
CA ALA A 2 16.01 -33.02 21.70
C ALA A 2 16.57 -31.76 21.05
N GLN A 3 17.14 -31.93 19.86
CA GLN A 3 17.71 -30.90 19.01
C GLN A 3 17.26 -31.21 17.57
N GLY A 4 17.46 -30.29 16.63
CA GLY A 4 17.24 -30.56 15.23
C GLY A 4 17.82 -29.48 14.33
N VAL A 5 17.45 -28.22 14.55
CA VAL A 5 17.84 -27.09 13.71
C VAL A 5 18.31 -25.97 14.64
N LEU A 6 19.49 -25.42 14.34
CA LEU A 6 20.22 -24.46 15.17
C LEU A 6 21.14 -23.56 14.33
N ALA A 7 20.83 -23.38 13.04
CA ALA A 7 21.61 -22.58 12.09
C ALA A 7 20.89 -21.25 11.80
N SER A 8 21.43 -20.44 10.89
CA SER A 8 20.87 -19.16 10.47
C SER A 8 21.12 -19.04 8.97
N GLN A 9 20.07 -19.17 8.16
CA GLN A 9 20.14 -19.18 6.71
C GLN A 9 19.06 -18.23 6.17
N ALA A 10 19.46 -17.21 5.42
CA ALA A 10 18.56 -16.17 4.91
C ALA A 10 18.13 -16.44 3.47
N LEU A 11 17.07 -15.76 3.04
CA LEU A 11 16.52 -15.83 1.67
C LEU A 11 16.27 -14.43 1.11
N SER A 12 16.03 -14.35 -0.20
CA SER A 12 15.73 -13.14 -0.95
C SER A 12 14.70 -13.45 -2.03
N GLN A 13 13.60 -14.12 -1.68
CA GLN A 13 12.48 -14.34 -2.57
C GLN A 13 11.23 -14.38 -1.70
N GLY A 14 10.11 -13.85 -2.21
CA GLY A 14 8.81 -13.89 -1.56
C GLY A 14 7.93 -14.86 -2.32
N SER A 15 6.70 -14.46 -2.59
CA SER A 15 5.73 -15.15 -3.41
C SER A 15 4.82 -14.05 -3.98
N GLU A 16 4.18 -14.33 -5.10
CA GLU A 16 3.36 -13.39 -5.86
C GLU A 16 1.91 -13.45 -5.39
N PRO A 17 1.09 -12.40 -5.64
CA PRO A 17 -0.30 -12.37 -5.17
C PRO A 17 -1.24 -13.11 -6.12
N SER A 18 -2.38 -13.58 -5.60
CA SER A 18 -3.39 -14.36 -6.30
C SER A 18 -4.48 -13.47 -6.91
N SER A 19 -4.13 -12.28 -7.39
CA SER A 19 -5.06 -11.21 -7.79
C SER A 19 -5.96 -10.68 -6.65
N GLU A 20 -5.96 -11.28 -5.46
CA GLU A 20 -6.85 -10.87 -4.38
C GLU A 20 -6.45 -9.47 -3.87
N ASN A 21 -7.37 -8.83 -3.14
CA ASN A 21 -7.21 -7.59 -2.39
C ASN A 21 -6.62 -6.47 -3.25
N ALA A 22 -7.30 -6.16 -4.35
CA ALA A 22 -7.01 -4.99 -5.18
C ALA A 22 -7.35 -3.74 -4.39
N ASN A 23 -6.32 -3.07 -3.90
CA ASN A 23 -6.39 -1.78 -3.25
C ASN A 23 -4.99 -1.15 -3.34
N ASP A 24 -4.78 -0.06 -2.61
CA ASP A 24 -3.67 0.87 -2.67
C ASP A 24 -3.25 1.03 -1.22
N THR A 25 -2.20 0.31 -0.86
CA THR A 25 -1.67 0.17 0.49
C THR A 25 -0.19 -0.20 0.32
N ILE A 26 0.68 0.30 1.20
CA ILE A 26 2.11 0.07 1.13
C ILE A 26 2.49 -1.02 2.15
N ILE A 27 3.58 -1.75 1.92
CA ILE A 27 4.11 -2.74 2.86
C ILE A 27 5.50 -2.27 3.30
N LEU A 28 6.01 -2.77 4.43
CA LEU A 28 7.40 -2.61 4.86
C LEU A 28 7.98 -4.00 5.01
N ARG A 29 9.27 -4.17 4.75
CA ARG A 29 9.95 -5.47 4.83
C ARG A 29 11.20 -5.33 5.68
N ASN A 30 11.74 -6.45 6.16
CA ASN A 30 12.93 -6.56 7.02
C ASN A 30 12.74 -5.85 8.36
N LEU A 31 11.74 -6.30 9.12
CA LEU A 31 11.54 -5.89 10.49
C LEU A 31 11.88 -7.05 11.38
N ASN A 32 11.82 -6.78 12.67
CA ASN A 32 11.97 -7.77 13.74
C ASN A 32 10.73 -7.85 14.62
N PRO A 33 10.56 -8.94 15.40
CA PRO A 33 9.46 -9.07 16.35
C PRO A 33 9.41 -7.92 17.35
N HIS A 34 10.56 -7.32 17.65
CA HIS A 34 10.70 -6.24 18.62
C HIS A 34 10.54 -4.83 18.04
N SER A 35 10.42 -4.65 16.72
CA SER A 35 10.27 -3.33 16.11
C SER A 35 9.16 -2.50 16.77
N THR A 36 9.33 -1.18 16.69
CA THR A 36 8.35 -0.15 17.01
C THR A 36 7.79 0.43 15.72
N MET A 37 6.56 0.96 15.78
CA MET A 37 5.91 1.57 14.62
C MET A 37 6.58 2.89 14.23
N ASP A 38 7.31 3.49 15.17
CA ASP A 38 7.84 4.83 15.05
C ASP A 38 8.84 4.96 13.91
N SER A 39 9.56 3.86 13.64
CA SER A 39 10.40 3.70 12.46
C SER A 39 9.64 4.10 11.19
N ILE A 40 8.44 3.57 11.00
CA ILE A 40 7.67 3.80 9.79
C ILE A 40 7.22 5.27 9.75
N LEU A 41 6.84 5.85 10.89
CA LEU A 41 6.45 7.26 11.00
C LEU A 41 7.62 8.16 10.65
N GLY A 42 8.74 8.06 11.37
CA GLY A 42 9.82 9.02 11.32
C GLY A 42 10.52 9.09 9.97
N ALA A 43 10.42 8.07 9.13
CA ALA A 43 10.88 8.14 7.75
C ALA A 43 10.04 9.11 6.92
N LEU A 44 8.73 9.20 7.16
CA LEU A 44 7.76 9.68 6.18
C LEU A 44 6.99 10.90 6.66
N ALA A 45 7.06 11.20 7.96
CA ALA A 45 6.22 12.20 8.62
C ALA A 45 6.10 13.51 7.82
N PRO A 46 7.19 14.21 7.43
CA PRO A 46 7.07 15.47 6.71
C PRO A 46 6.51 15.34 5.29
N TYR A 47 6.49 14.14 4.70
CA TYR A 47 6.08 13.89 3.32
C TYR A 47 4.63 13.38 3.26
N ALA A 48 3.94 13.31 4.39
CA ALA A 48 2.58 12.84 4.55
C ALA A 48 1.86 13.73 5.55
N VAL A 49 0.62 13.39 5.91
CA VAL A 49 -0.07 13.97 7.05
C VAL A 49 -0.92 12.87 7.67
N LEU A 50 -0.26 12.03 8.47
CA LEU A 50 -0.84 10.84 9.08
C LEU A 50 -0.23 10.61 10.46
N SER A 51 -0.64 9.54 11.12
CA SER A 51 -0.14 9.11 12.42
C SER A 51 -0.27 7.58 12.51
N SER A 52 -0.03 7.06 13.71
CA SER A 52 0.04 5.64 14.04
C SER A 52 -1.16 4.82 13.55
N SER A 53 -2.34 5.40 13.34
CA SER A 53 -3.48 4.64 12.85
C SER A 53 -3.21 4.11 11.44
N ASN A 54 -2.50 4.87 10.60
CA ASN A 54 -2.16 4.47 9.23
C ASN A 54 -1.11 3.38 9.24
N VAL A 55 -0.11 3.53 10.11
CA VAL A 55 1.02 2.63 10.31
C VAL A 55 0.53 1.36 10.99
N ARG A 56 0.07 0.40 10.18
CA ARG A 56 -0.54 -0.80 10.71
C ARG A 56 0.53 -1.86 10.96
N VAL A 57 0.90 -2.01 12.23
CA VAL A 57 1.86 -2.98 12.68
C VAL A 57 1.10 -4.28 12.87
N ILE A 58 1.30 -5.24 11.96
CA ILE A 58 0.72 -6.57 12.10
C ILE A 58 1.57 -7.35 13.09
N LYS A 59 0.93 -8.22 13.87
CA LYS A 59 1.57 -9.07 14.85
C LYS A 59 1.08 -10.50 14.64
N ASP A 60 1.62 -11.42 15.44
CA ASP A 60 1.31 -12.84 15.39
C ASP A 60 0.02 -13.18 16.16
N LYS A 61 -0.36 -14.47 16.12
CA LYS A 61 -1.44 -15.12 16.86
C LYS A 61 -0.87 -16.10 17.91
N GLN A 62 0.37 -16.58 17.78
CA GLN A 62 1.01 -17.42 18.79
C GLN A 62 1.76 -16.60 19.84
N THR A 63 1.95 -15.32 19.55
CA THR A 63 2.70 -14.34 20.33
C THR A 63 2.04 -12.99 20.13
N GLN A 64 2.56 -11.95 20.78
CA GLN A 64 2.05 -10.60 20.66
C GLN A 64 3.15 -9.66 20.13
N LEU A 65 3.99 -10.21 19.25
CA LEU A 65 5.15 -9.56 18.66
C LEU A 65 4.93 -9.45 17.16
N ASN A 66 5.75 -8.62 16.51
CA ASN A 66 5.69 -8.40 15.07
C ASN A 66 6.14 -9.68 14.34
N ARG A 67 5.92 -9.75 13.04
CA ARG A 67 6.26 -10.88 12.15
C ARG A 67 7.11 -10.41 10.97
N GLY A 68 7.97 -9.41 11.19
CA GLY A 68 8.97 -9.02 10.21
C GLY A 68 8.42 -8.22 9.03
N PHE A 69 7.24 -7.62 9.13
CA PHE A 69 6.69 -6.71 8.11
C PHE A 69 5.74 -5.71 8.79
N ALA A 70 5.22 -4.74 8.04
CA ALA A 70 4.04 -3.99 8.46
C ALA A 70 3.30 -3.46 7.22
N PHE A 71 2.11 -2.88 7.42
CA PHE A 71 1.24 -2.31 6.38
C PHE A 71 1.11 -0.80 6.59
N ILE A 72 0.75 -0.03 5.55
CA ILE A 72 0.44 1.39 5.65
C ILE A 72 -0.82 1.65 4.81
N GLN A 73 -1.91 2.05 5.48
CA GLN A 73 -3.06 2.66 4.81
C GLN A 73 -2.65 4.00 4.20
N LEU A 74 -2.94 4.23 2.92
CA LEU A 74 -2.64 5.44 2.17
C LEU A 74 -3.70 5.62 1.07
N SER A 75 -3.73 6.77 0.38
CA SER A 75 -4.61 7.00 -0.78
C SER A 75 -3.96 6.51 -2.08
N THR A 76 -4.72 6.47 -3.17
CA THR A 76 -4.37 5.77 -4.40
C THR A 76 -3.16 6.37 -5.13
N ILE A 77 -3.19 7.65 -5.50
CA ILE A 77 -2.03 8.31 -6.11
C ILE A 77 -1.00 8.57 -5.01
N GLU A 78 -1.44 8.89 -3.80
CA GLU A 78 -0.59 9.25 -2.68
C GLU A 78 0.34 8.08 -2.31
N ALA A 79 -0.14 6.84 -2.42
CA ALA A 79 0.64 5.63 -2.20
C ALA A 79 1.68 5.53 -3.31
N ALA A 80 1.21 5.69 -4.54
CA ALA A 80 2.00 5.50 -5.74
C ALA A 80 3.17 6.48 -5.80
N GLN A 81 2.93 7.78 -5.60
CA GLN A 81 3.98 8.80 -5.58
C GLN A 81 4.97 8.55 -4.45
N LEU A 82 4.47 8.16 -3.25
CA LEU A 82 5.32 7.96 -2.10
C LEU A 82 6.34 6.85 -2.37
N LEU A 83 5.98 5.77 -3.08
CA LEU A 83 6.91 4.70 -3.42
C LEU A 83 8.20 5.25 -4.03
N GLN A 84 8.11 6.19 -4.97
CA GLN A 84 9.28 6.71 -5.68
C GLN A 84 10.16 7.60 -4.79
N ILE A 85 9.67 7.96 -3.60
CA ILE A 85 10.38 8.70 -2.58
C ILE A 85 10.96 7.70 -1.58
N LEU A 86 10.21 6.66 -1.21
CA LEU A 86 10.64 5.62 -0.26
C LEU A 86 11.83 4.84 -0.80
N GLN A 87 11.95 4.70 -2.12
CA GLN A 87 13.10 4.07 -2.76
C GLN A 87 14.42 4.76 -2.42
N ALA A 88 14.38 6.02 -1.96
CA ALA A 88 15.54 6.87 -1.77
C ALA A 88 15.79 7.22 -0.29
N LEU A 89 15.10 6.61 0.68
CA LEU A 89 15.30 6.94 2.11
C LEU A 89 14.96 5.78 3.02
N HIS A 90 15.40 5.89 4.29
CA HIS A 90 15.19 4.92 5.35
C HIS A 90 15.13 5.67 6.68
N PRO A 91 14.43 5.16 7.72
CA PRO A 91 14.28 5.88 8.98
C PRO A 91 15.53 5.82 9.86
N PRO A 92 15.66 6.76 10.82
CA PRO A 92 16.70 6.72 11.85
C PRO A 92 16.53 5.54 12.81
N LEU A 93 15.30 5.07 13.02
CA LEU A 93 14.99 4.02 13.96
C LEU A 93 15.42 2.67 13.38
N THR A 94 16.51 2.09 13.87
CA THR A 94 17.10 0.83 13.46
C THR A 94 17.29 -0.03 14.72
N ILE A 95 16.17 -0.48 15.25
CA ILE A 95 16.11 -1.33 16.43
C ILE A 95 16.76 -2.66 16.07
N ASP A 96 17.62 -3.17 16.95
CA ASP A 96 18.32 -4.45 16.81
C ASP A 96 18.90 -4.62 15.38
N GLY A 97 19.50 -3.54 14.86
CA GLY A 97 20.10 -3.51 13.53
C GLY A 97 19.12 -3.70 12.36
N LYS A 98 17.79 -3.66 12.55
CA LYS A 98 16.86 -3.94 11.46
C LYS A 98 16.53 -2.68 10.71
N THR A 99 17.19 -2.54 9.57
CA THR A 99 16.95 -1.56 8.53
C THR A 99 15.68 -1.96 7.76
N ILE A 100 14.76 -1.03 7.54
CA ILE A 100 13.52 -1.32 6.80
C ILE A 100 13.85 -1.58 5.31
N ASN A 101 12.87 -2.06 4.54
CA ASN A 101 12.84 -2.05 3.08
C ASN A 101 11.48 -1.52 2.63
N VAL A 102 11.47 -0.95 1.43
CA VAL A 102 10.30 -0.44 0.73
C VAL A 102 9.68 -1.54 -0.13
N GLU A 103 8.37 -1.48 -0.41
CA GLU A 103 7.61 -2.20 -1.44
C GLU A 103 6.15 -1.72 -1.39
N PHE A 104 5.41 -1.82 -2.49
CA PHE A 104 4.06 -1.28 -2.64
C PHE A 104 3.09 -2.41 -2.93
N ALA A 105 2.29 -2.80 -1.94
CA ALA A 105 1.28 -3.86 -2.04
C ALA A 105 0.02 -3.42 -2.82
N LYS A 106 0.15 -2.54 -3.81
CA LYS A 106 -0.93 -2.27 -4.75
C LYS A 106 -1.11 -3.48 -5.64
N GLY A 107 -2.37 -3.91 -5.75
CA GLY A 107 -2.76 -5.06 -6.55
C GLY A 107 -2.42 -4.86 -8.02
N SER A 108 -3.14 -3.95 -8.69
CA SER A 108 -3.05 -3.74 -10.12
C SER A 108 -3.66 -2.38 -10.49
N LYS A 109 -3.60 -2.02 -11.77
CA LYS A 109 -4.30 -0.88 -12.36
C LYS A 109 -5.80 -1.19 -12.39
N ARG A 110 -6.63 -0.29 -11.87
CA ARG A 110 -8.07 -0.21 -12.17
C ARG A 110 -8.48 1.27 -12.12
N ASP A 111 -9.68 1.57 -12.59
CA ASP A 111 -10.23 2.88 -12.91
C ASP A 111 -11.56 3.07 -12.17
N MET A 112 -11.49 3.44 -10.90
CA MET A 112 -12.65 3.79 -10.07
C MET A 112 -12.26 4.85 -9.04
N ALA A 113 -13.23 5.63 -8.57
CA ALA A 113 -13.21 6.51 -7.42
C ALA A 113 -14.67 6.76 -7.01
N SER A 114 -14.92 7.54 -5.97
CA SER A 114 -16.14 8.19 -5.57
C SER A 114 -15.77 9.21 -4.47
N ASN A 115 -16.73 9.94 -3.88
CA ASN A 115 -16.45 10.70 -2.66
C ASN A 115 -17.63 10.71 -1.71
N GLU A 116 -18.83 11.02 -2.23
CA GLU A 116 -20.06 11.32 -1.48
C GLU A 116 -19.79 12.29 -0.32
N GLY A 117 -20.74 12.46 0.61
CA GLY A 117 -20.63 13.44 1.67
C GLY A 117 -21.95 13.49 2.40
N SER A 118 -22.07 12.69 3.45
CA SER A 118 -23.33 12.43 4.12
C SER A 118 -23.03 11.94 5.54
N ARG A 119 -23.50 12.66 6.56
CA ARG A 119 -23.20 12.38 7.96
C ARG A 119 -24.45 12.60 8.77
N ILE A 120 -25.28 11.56 8.88
CA ILE A 120 -26.42 11.53 9.79
C ILE A 120 -26.30 10.23 10.59
N SER A 121 -26.71 10.31 11.85
CA SER A 121 -27.01 9.26 12.78
C SER A 121 -28.06 9.82 13.74
N ALA A 122 -28.84 8.96 14.41
CA ALA A 122 -29.87 9.36 15.37
C ALA A 122 -29.89 8.38 16.55
N ALA A 123 -30.48 8.80 17.68
CA ALA A 123 -30.59 7.99 18.88
C ALA A 123 -31.96 8.20 19.50
N SER A 124 -32.15 9.27 20.27
CA SER A 124 -33.36 9.54 21.01
C SER A 124 -33.53 11.05 21.16
N VAL A 125 -34.77 11.53 21.29
CA VAL A 125 -35.10 12.92 21.49
C VAL A 125 -36.18 12.92 22.58
N ALA A 126 -35.89 13.54 23.73
CA ALA A 126 -36.82 13.74 24.82
C ALA A 126 -36.46 15.08 25.46
N SER A 127 -37.47 15.83 25.87
CA SER A 127 -37.33 17.15 26.47
C SER A 127 -38.43 17.32 27.52
N THR A 128 -38.73 16.27 28.28
CA THR A 128 -39.75 16.28 29.32
C THR A 128 -39.22 15.46 30.52
N ALA A 129 -39.90 15.58 31.66
CA ALA A 129 -39.59 14.91 32.92
C ALA A 129 -40.91 14.80 33.70
N ILE A 130 -40.86 14.13 34.86
CA ILE A 130 -41.89 14.25 35.88
C ILE A 130 -41.60 15.53 36.69
N ALA A 131 -42.62 16.05 37.38
CA ALA A 131 -42.56 17.03 38.44
C ALA A 131 -43.63 16.63 39.45
N GLN A 1 -56.41 0.42 -48.23
CA GLN A 1 -56.29 1.61 -49.07
C GLN A 1 -55.53 2.73 -48.33
N ALA A 2 -54.21 2.58 -48.09
CA ALA A 2 -53.32 3.68 -47.71
C ALA A 2 -51.90 3.37 -48.19
N GLN A 3 -51.07 4.41 -48.28
CA GLN A 3 -49.62 4.38 -48.48
C GLN A 3 -49.11 5.76 -48.03
N GLY A 4 -47.79 5.95 -47.93
CA GLY A 4 -47.18 7.20 -47.51
C GLY A 4 -45.66 7.06 -47.53
N VAL A 5 -44.96 8.08 -47.04
CA VAL A 5 -43.58 7.96 -46.62
C VAL A 5 -43.57 7.03 -45.40
N LEU A 6 -42.45 6.38 -45.19
CA LEU A 6 -42.21 5.39 -44.15
C LEU A 6 -40.83 5.62 -43.54
N ALA A 7 -40.59 5.04 -42.37
CA ALA A 7 -39.27 4.84 -41.81
C ALA A 7 -39.33 3.58 -40.92
N SER A 8 -38.17 3.05 -40.56
CA SER A 8 -37.93 2.00 -39.58
C SER A 8 -36.42 1.99 -39.30
N GLN A 9 -35.98 1.38 -38.20
CA GLN A 9 -34.59 1.34 -37.77
C GLN A 9 -34.31 0.07 -36.97
N ALA A 10 -33.09 -0.09 -36.48
CA ALA A 10 -32.64 -1.17 -35.61
C ALA A 10 -31.75 -0.57 -34.52
N LEU A 11 -31.17 -1.41 -33.66
CA LEU A 11 -30.28 -1.01 -32.57
C LEU A 11 -29.10 -1.99 -32.48
N SER A 12 -28.15 -1.72 -31.60
CA SER A 12 -27.00 -2.57 -31.31
C SER A 12 -26.72 -2.57 -29.80
N GLN A 13 -26.01 -3.59 -29.32
CA GLN A 13 -25.35 -3.67 -28.02
C GLN A 13 -24.27 -4.77 -28.14
N GLY A 14 -23.52 -5.02 -27.08
CA GLY A 14 -22.64 -6.18 -26.96
C GLY A 14 -21.26 -5.72 -26.55
N SER A 15 -21.05 -5.45 -25.25
CA SER A 15 -19.78 -4.98 -24.74
C SER A 15 -19.77 -5.05 -23.21
N GLU A 16 -18.71 -5.62 -22.62
CA GLU A 16 -18.62 -5.88 -21.18
C GLU A 16 -17.17 -5.62 -20.71
N PRO A 17 -16.78 -4.38 -20.38
CA PRO A 17 -15.45 -4.06 -19.85
C PRO A 17 -15.27 -4.55 -18.41
N SER A 18 -14.03 -4.68 -17.94
CA SER A 18 -13.67 -4.95 -16.56
C SER A 18 -12.20 -4.56 -16.37
N SER A 19 -11.95 -3.31 -15.99
CA SER A 19 -10.61 -2.75 -15.89
C SER A 19 -10.60 -1.62 -14.84
N GLU A 20 -11.07 -1.92 -13.63
CA GLU A 20 -11.30 -0.91 -12.59
C GLU A 20 -11.31 -1.60 -11.22
N ASN A 21 -11.54 -0.85 -10.14
CA ASN A 21 -11.86 -1.31 -8.79
C ASN A 21 -10.65 -1.92 -8.07
N ALA A 22 -9.87 -1.13 -7.34
CA ALA A 22 -8.79 -1.62 -6.50
C ALA A 22 -8.56 -0.70 -5.31
N ASN A 23 -7.59 -1.08 -4.49
CA ASN A 23 -7.13 -0.38 -3.31
C ASN A 23 -5.61 -0.47 -3.35
N ASP A 24 -4.96 0.68 -3.28
CA ASP A 24 -3.52 0.87 -3.29
C ASP A 24 -3.11 0.98 -1.83
N THR A 25 -2.48 -0.07 -1.29
CA THR A 25 -1.99 -0.12 0.08
C THR A 25 -0.49 -0.30 0.01
N ILE A 26 0.28 0.35 0.89
CA ILE A 26 1.72 0.15 1.02
C ILE A 26 1.95 -0.94 2.06
N ILE A 27 3.07 -1.64 1.96
CA ILE A 27 3.49 -2.68 2.90
C ILE A 27 4.97 -2.46 3.20
N LEU A 28 5.42 -2.92 4.37
CA LEU A 28 6.82 -2.90 4.77
C LEU A 28 7.30 -4.34 4.86
N ARG A 29 8.62 -4.53 4.77
CA ARG A 29 9.30 -5.82 4.90
C ARG A 29 10.54 -5.62 5.78
N ASN A 30 11.31 -6.69 6.00
CA ASN A 30 12.61 -6.72 6.68
C ASN A 30 12.54 -6.44 8.19
N LEU A 31 11.36 -6.34 8.79
CA LEU A 31 11.24 -5.89 10.17
C LEU A 31 11.78 -6.97 11.11
N ASN A 32 12.33 -6.54 12.26
CA ASN A 32 12.62 -7.48 13.35
C ASN A 32 11.37 -7.65 14.22
N PRO A 33 11.27 -8.73 15.02
CA PRO A 33 10.16 -8.94 15.96
C PRO A 33 9.96 -7.74 16.90
N HIS A 34 11.08 -7.20 17.39
CA HIS A 34 11.15 -6.08 18.32
C HIS A 34 11.19 -4.73 17.62
N SER A 35 10.96 -4.67 16.30
CA SER A 35 10.85 -3.38 15.64
C SER A 35 9.55 -2.71 16.11
N THR A 36 9.44 -1.42 15.90
CA THR A 36 8.35 -0.60 16.42
C THR A 36 7.79 0.34 15.37
N MET A 37 6.62 0.91 15.68
CA MET A 37 5.88 1.91 14.92
C MET A 37 6.75 3.13 14.59
N ASP A 38 7.61 3.55 15.52
CA ASP A 38 8.31 4.83 15.39
C ASP A 38 9.28 4.85 14.20
N SER A 39 9.91 3.73 13.83
CA SER A 39 10.65 3.49 12.60
C SER A 39 9.91 3.97 11.35
N ILE A 40 8.59 4.07 11.45
CA ILE A 40 7.73 4.41 10.33
C ILE A 40 7.16 5.81 10.55
N LEU A 41 6.51 6.06 11.69
CA LEU A 41 5.92 7.37 11.96
C LEU A 41 6.98 8.46 11.84
N GLY A 42 8.12 8.27 12.48
CA GLY A 42 9.20 9.23 12.49
C GLY A 42 10.13 9.11 11.28
N ALA A 43 9.90 8.19 10.33
CA ALA A 43 10.62 8.21 9.05
C ALA A 43 9.92 9.17 8.11
N LEU A 44 8.61 8.99 7.92
CA LEU A 44 7.86 9.71 6.90
C LEU A 44 7.13 10.91 7.49
N ALA A 45 7.29 11.19 8.79
CA ALA A 45 6.69 12.31 9.52
C ALA A 45 6.53 13.58 8.66
N PRO A 46 7.60 14.22 8.18
CA PRO A 46 7.45 15.42 7.37
C PRO A 46 6.92 15.16 5.96
N TYR A 47 7.12 13.97 5.42
CA TYR A 47 6.85 13.67 4.02
C TYR A 47 5.44 13.12 3.79
N ALA A 48 4.65 12.97 4.86
CA ALA A 48 3.41 12.20 4.85
C ALA A 48 2.53 12.72 5.97
N VAL A 49 1.50 13.45 5.59
CA VAL A 49 0.55 14.10 6.48
C VAL A 49 -0.46 13.03 6.88
N LEU A 50 -0.19 12.32 7.98
CA LEU A 50 -1.03 11.25 8.52
C LEU A 50 -0.80 11.12 10.03
N SER A 51 -1.20 10.00 10.63
CA SER A 51 -0.84 9.60 11.99
C SER A 51 -0.95 8.07 12.07
N SER A 52 -0.85 7.54 13.28
CA SER A 52 -0.86 6.13 13.62
C SER A 52 -2.15 5.39 13.28
N SER A 53 -3.21 6.07 12.84
CA SER A 53 -4.37 5.41 12.25
C SER A 53 -4.02 4.81 10.88
N ASN A 54 -3.28 5.55 10.05
CA ASN A 54 -2.97 5.18 8.68
C ASN A 54 -1.92 4.08 8.62
N VAL A 55 -0.91 4.16 9.50
CA VAL A 55 0.16 3.20 9.63
C VAL A 55 -0.34 2.10 10.56
N ARG A 56 -0.14 0.82 10.23
CA ARG A 56 -0.57 -0.29 11.07
C ARG A 56 0.52 -1.33 11.10
N VAL A 57 0.69 -2.02 12.22
CA VAL A 57 1.65 -3.11 12.36
C VAL A 57 0.88 -4.32 12.88
N ILE A 58 0.82 -5.37 12.07
CA ILE A 58 0.30 -6.67 12.49
C ILE A 58 1.37 -7.34 13.33
N LYS A 59 0.93 -8.13 14.31
CA LYS A 59 1.77 -8.85 15.25
C LYS A 59 1.48 -10.34 15.14
N ASP A 60 2.28 -11.12 15.84
CA ASP A 60 2.17 -12.56 15.93
C ASP A 60 0.93 -12.97 16.74
N LYS A 61 0.69 -14.28 16.84
CA LYS A 61 -0.33 -14.91 17.65
C LYS A 61 0.32 -15.76 18.75
N GLN A 62 1.50 -16.35 18.51
CA GLN A 62 2.21 -17.12 19.52
C GLN A 62 2.77 -16.16 20.58
N THR A 63 3.38 -15.07 20.10
CA THR A 63 4.06 -14.05 20.86
C THR A 63 3.36 -12.71 20.62
N GLN A 64 3.91 -11.62 21.17
CA GLN A 64 3.41 -10.26 21.00
C GLN A 64 4.43 -9.40 20.27
N LEU A 65 4.96 -9.96 19.19
CA LEU A 65 6.07 -9.44 18.38
C LEU A 65 5.54 -9.21 16.97
N ASN A 66 6.33 -8.58 16.09
CA ASN A 66 5.95 -8.40 14.69
C ASN A 66 6.00 -9.73 13.95
N ARG A 67 5.57 -9.74 12.68
CA ARG A 67 5.79 -10.86 11.74
C ARG A 67 6.52 -10.35 10.50
N GLY A 68 7.53 -9.49 10.70
CA GLY A 68 8.46 -9.09 9.65
C GLY A 68 7.88 -8.15 8.60
N PHE A 69 6.60 -7.79 8.69
CA PHE A 69 5.89 -6.98 7.72
C PHE A 69 4.88 -6.10 8.45
N ALA A 70 4.38 -5.05 7.81
CA ALA A 70 3.38 -4.15 8.35
C ALA A 70 2.73 -3.37 7.19
N PHE A 71 1.67 -2.60 7.46
CA PHE A 71 0.76 -2.02 6.47
C PHE A 71 0.74 -0.48 6.59
N ILE A 72 0.42 0.23 5.51
CA ILE A 72 0.09 1.66 5.55
C ILE A 72 -1.00 1.95 4.51
N GLN A 73 -1.96 2.81 4.83
CA GLN A 73 -3.08 3.21 4.00
C GLN A 73 -3.01 4.69 3.59
N LEU A 74 -2.75 4.94 2.31
CA LEU A 74 -2.93 6.19 1.58
C LEU A 74 -3.85 5.91 0.38
N SER A 75 -4.16 6.93 -0.43
CA SER A 75 -4.90 6.80 -1.69
C SER A 75 -4.00 6.30 -2.83
N THR A 76 -4.52 6.31 -4.05
CA THR A 76 -3.92 5.63 -5.19
C THR A 76 -2.63 6.30 -5.66
N ILE A 77 -2.67 7.57 -6.09
CA ILE A 77 -1.48 8.32 -6.51
C ILE A 77 -0.50 8.37 -5.34
N GLU A 78 -1.05 8.61 -4.14
CA GLU A 78 -0.31 8.74 -2.90
C GLU A 78 0.45 7.47 -2.56
N ALA A 79 0.04 6.31 -3.08
CA ALA A 79 0.79 5.06 -2.98
C ALA A 79 1.82 4.99 -4.12
N ALA A 80 1.34 5.14 -5.35
CA ALA A 80 2.09 5.08 -6.62
C ALA A 80 3.05 6.26 -6.88
N GLN A 81 3.37 7.06 -5.86
CA GLN A 81 4.50 7.97 -5.88
C GLN A 81 5.35 7.86 -4.61
N LEU A 82 4.70 7.60 -3.47
CA LEU A 82 5.40 7.64 -2.19
C LEU A 82 6.47 6.57 -2.18
N LEU A 83 6.24 5.40 -2.78
CA LEU A 83 7.21 4.33 -2.85
C LEU A 83 8.54 4.84 -3.38
N GLN A 84 8.51 5.76 -4.35
CA GLN A 84 9.68 6.28 -5.04
C GLN A 84 10.42 7.29 -4.17
N ILE A 85 9.75 7.96 -3.24
CA ILE A 85 10.40 8.76 -2.21
C ILE A 85 11.01 7.79 -1.19
N LEU A 86 10.24 6.77 -0.78
CA LEU A 86 10.54 5.91 0.34
C LEU A 86 11.82 5.13 0.14
N GLN A 87 12.13 4.72 -1.09
CA GLN A 87 13.37 3.98 -1.39
C GLN A 87 14.64 4.83 -1.19
N ALA A 88 14.51 6.12 -0.88
CA ALA A 88 15.61 7.06 -0.78
C ALA A 88 15.94 7.46 0.66
N LEU A 89 15.23 6.96 1.67
CA LEU A 89 15.40 7.37 3.07
C LEU A 89 15.48 6.16 4.00
N HIS A 90 15.91 6.39 5.24
CA HIS A 90 16.11 5.40 6.28
C HIS A 90 15.27 5.79 7.51
N PRO A 91 15.03 4.88 8.48
CA PRO A 91 14.17 5.17 9.62
C PRO A 91 14.87 6.06 10.66
N PRO A 92 14.13 6.58 11.66
CA PRO A 92 14.69 7.12 12.90
C PRO A 92 15.44 6.02 13.64
N LEU A 93 14.79 4.87 13.81
CA LEU A 93 15.20 3.81 14.68
C LEU A 93 15.47 2.57 13.88
N THR A 94 16.57 1.90 14.22
CA THR A 94 17.00 0.71 13.49
C THR A 94 17.44 -0.31 14.54
N ILE A 95 16.49 -1.13 14.97
CA ILE A 95 16.78 -2.21 15.91
C ILE A 95 17.53 -3.28 15.13
N ASP A 96 18.58 -3.87 15.71
CA ASP A 96 19.30 -5.01 15.14
C ASP A 96 19.77 -4.79 13.69
N GLY A 97 19.99 -3.52 13.32
CA GLY A 97 20.36 -3.13 11.96
C GLY A 97 19.25 -3.38 10.92
N LYS A 98 18.01 -3.64 11.33
CA LYS A 98 16.89 -3.99 10.45
C LYS A 98 16.29 -2.72 9.92
N THR A 99 16.82 -2.28 8.80
CA THR A 99 16.28 -1.14 8.06
C THR A 99 14.90 -1.54 7.53
N ILE A 100 13.96 -0.59 7.54
CA ILE A 100 12.60 -0.83 7.06
C ILE A 100 12.68 -0.92 5.55
N ASN A 101 12.34 -2.08 5.00
CA ASN A 101 12.10 -2.22 3.57
C ASN A 101 10.69 -1.73 3.29
N VAL A 102 10.49 -1.24 2.08
CA VAL A 102 9.22 -0.73 1.57
C VAL A 102 8.85 -1.58 0.35
N GLU A 103 7.56 -1.86 0.15
CA GLU A 103 7.03 -2.55 -1.02
C GLU A 103 5.56 -2.13 -1.23
N PHE A 104 4.94 -2.51 -2.36
CA PHE A 104 3.60 -2.07 -2.73
C PHE A 104 2.66 -3.28 -2.64
N ALA A 105 1.63 -3.19 -1.80
CA ALA A 105 0.60 -4.21 -1.62
C ALA A 105 -0.74 -3.70 -2.15
N LYS A 106 -0.78 -3.35 -3.43
CA LYS A 106 -2.02 -3.10 -4.15
C LYS A 106 -2.93 -4.34 -4.12
N GLY A 107 -4.21 -4.17 -4.46
CA GLY A 107 -5.12 -5.25 -4.75
C GLY A 107 -6.54 -4.90 -4.35
N SER A 108 -7.50 -5.20 -5.23
CA SER A 108 -8.94 -5.40 -5.01
C SER A 108 -9.72 -5.60 -6.33
N LYS A 109 -9.07 -5.95 -7.45
CA LYS A 109 -9.82 -6.30 -8.66
C LYS A 109 -10.41 -7.70 -8.51
N ARG A 110 -11.33 -8.09 -9.39
CA ARG A 110 -11.92 -9.42 -9.45
C ARG A 110 -11.95 -9.87 -10.91
N ASP A 111 -12.23 -11.16 -11.13
CA ASP A 111 -12.19 -11.82 -12.43
C ASP A 111 -13.46 -11.49 -13.22
N MET A 112 -13.32 -11.15 -14.50
CA MET A 112 -14.39 -11.05 -15.51
C MET A 112 -13.74 -10.81 -16.88
N ALA A 113 -14.26 -11.37 -17.97
CA ALA A 113 -14.02 -10.86 -19.32
C ALA A 113 -15.09 -11.34 -20.30
N SER A 114 -15.41 -10.49 -21.28
CA SER A 114 -16.00 -10.73 -22.59
C SER A 114 -15.68 -9.48 -23.43
N ASN A 115 -15.90 -9.49 -24.75
CA ASN A 115 -16.13 -8.32 -25.60
C ASN A 115 -16.19 -8.76 -27.06
N GLU A 116 -17.36 -8.76 -27.69
CA GLU A 116 -17.55 -9.11 -29.09
C GLU A 116 -18.91 -8.63 -29.60
N GLY A 117 -19.15 -8.78 -30.91
CA GLY A 117 -20.44 -8.51 -31.54
C GLY A 117 -20.60 -7.04 -31.91
N SER A 118 -19.75 -6.53 -32.81
CA SER A 118 -19.81 -5.15 -33.25
C SER A 118 -19.38 -5.02 -34.72
N ARG A 119 -20.03 -5.77 -35.63
CA ARG A 119 -19.95 -5.47 -37.05
C ARG A 119 -21.25 -5.88 -37.75
N ILE A 120 -22.24 -4.98 -37.71
CA ILE A 120 -23.51 -5.12 -38.41
C ILE A 120 -23.48 -4.30 -39.71
N SER A 121 -24.63 -4.06 -40.32
CA SER A 121 -24.82 -3.25 -41.52
C SER A 121 -26.21 -2.60 -41.40
N ALA A 122 -26.47 -1.52 -42.14
CA ALA A 122 -27.76 -0.87 -42.27
C ALA A 122 -27.79 -0.10 -43.60
N ALA A 123 -28.96 0.42 -43.98
CA ALA A 123 -29.11 1.37 -45.09
C ALA A 123 -30.40 2.17 -44.85
N SER A 124 -31.56 1.58 -45.14
CA SER A 124 -32.89 2.10 -44.82
C SER A 124 -33.86 0.93 -44.83
N VAL A 125 -35.03 1.11 -44.22
CA VAL A 125 -36.04 0.08 -44.05
C VAL A 125 -37.39 0.77 -44.28
N ALA A 126 -38.08 0.42 -45.35
CA ALA A 126 -39.40 0.92 -45.71
C ALA A 126 -40.14 -0.24 -46.36
N SER A 127 -40.94 -0.98 -45.58
CA SER A 127 -41.48 -2.28 -46.01
C SER A 127 -42.86 -2.56 -45.40
N THR A 128 -43.58 -1.54 -44.91
CA THR A 128 -44.86 -1.73 -44.25
C THR A 128 -45.75 -0.56 -44.64
N ALA A 129 -46.70 -0.77 -45.56
CA ALA A 129 -47.69 0.20 -45.98
C ALA A 129 -48.95 -0.58 -46.31
N ILE A 130 -49.94 -0.57 -45.40
CA ILE A 130 -51.24 -1.17 -45.62
C ILE A 130 -52.25 -0.37 -44.81
N ALA A 131 -53.49 -0.37 -45.29
CA ALA A 131 -54.75 -0.12 -44.61
C ALA A 131 -55.79 -0.61 -45.60
N GLN A 1 -14.07 22.77 -20.91
CA GLN A 1 -15.08 21.91 -20.26
C GLN A 1 -14.54 20.48 -20.21
N ALA A 2 -15.31 19.50 -19.75
CA ALA A 2 -14.75 18.28 -19.13
C ALA A 2 -13.86 18.69 -17.95
N GLN A 3 -13.03 17.77 -17.46
CA GLN A 3 -12.30 17.82 -16.20
C GLN A 3 -13.28 17.56 -15.05
N GLY A 4 -12.98 16.59 -14.20
CA GLY A 4 -13.89 16.14 -13.16
C GLY A 4 -13.21 15.28 -12.10
N VAL A 5 -13.98 14.89 -11.10
CA VAL A 5 -13.56 14.13 -9.95
C VAL A 5 -13.61 12.64 -10.29
N LEU A 6 -12.78 11.90 -9.59
CA LEU A 6 -12.61 10.45 -9.59
C LEU A 6 -12.36 10.04 -8.15
N ALA A 7 -12.78 8.83 -7.75
CA ALA A 7 -12.48 8.27 -6.44
C ALA A 7 -12.67 6.75 -6.49
N SER A 8 -12.32 6.07 -5.39
CA SER A 8 -12.59 4.67 -5.18
C SER A 8 -12.49 4.36 -3.68
N GLN A 9 -13.52 3.71 -3.11
CA GLN A 9 -13.55 3.18 -1.75
C GLN A 9 -12.41 2.15 -1.58
N ALA A 10 -11.99 1.85 -0.35
CA ALA A 10 -10.92 0.88 -0.06
C ALA A 10 -11.41 -0.22 0.88
N LEU A 11 -10.54 -1.21 1.10
CA LEU A 11 -10.76 -2.38 1.91
C LEU A 11 -9.48 -2.72 2.69
N SER A 12 -9.61 -3.61 3.67
CA SER A 12 -8.52 -4.13 4.49
C SER A 12 -8.44 -5.64 4.22
N GLN A 13 -7.24 -6.20 4.06
CA GLN A 13 -7.05 -7.65 3.93
C GLN A 13 -6.08 -8.14 5.02
N GLY A 14 -5.98 -9.46 5.17
CA GLY A 14 -5.06 -10.14 6.05
C GLY A 14 -3.77 -10.45 5.29
N SER A 15 -3.79 -11.55 4.54
CA SER A 15 -2.83 -12.04 3.59
C SER A 15 -3.35 -13.39 3.07
N GLU A 16 -3.14 -13.66 1.78
CA GLU A 16 -3.53 -14.87 1.07
C GLU A 16 -2.63 -15.10 -0.16
N PRO A 17 -2.59 -16.34 -0.70
CA PRO A 17 -1.87 -16.70 -1.93
C PRO A 17 -2.55 -16.23 -3.22
N SER A 18 -3.74 -15.63 -3.16
CA SER A 18 -4.29 -14.89 -4.28
C SER A 18 -3.60 -13.52 -4.35
N SER A 19 -3.49 -12.95 -5.55
CA SER A 19 -3.04 -11.59 -5.77
C SER A 19 -4.16 -10.61 -5.39
N GLU A 20 -4.47 -10.55 -4.10
CA GLU A 20 -5.24 -9.55 -3.35
C GLU A 20 -6.57 -9.09 -4.02
N ASN A 21 -7.14 -7.98 -3.55
CA ASN A 21 -8.28 -7.30 -4.19
C ASN A 21 -7.77 -6.01 -4.83
N ALA A 22 -8.53 -5.40 -5.74
CA ALA A 22 -8.08 -4.22 -6.48
C ALA A 22 -8.12 -2.99 -5.59
N ASN A 23 -7.01 -2.68 -4.94
CA ASN A 23 -6.91 -1.56 -4.04
C ASN A 23 -5.49 -1.02 -4.13
N ASP A 24 -5.05 -0.28 -3.13
CA ASP A 24 -3.91 0.62 -3.14
C ASP A 24 -3.56 0.75 -1.68
N THR A 25 -2.53 0.01 -1.29
CA THR A 25 -2.08 -0.12 0.08
C THR A 25 -0.57 -0.32 -0.01
N ILE A 26 0.18 0.13 0.99
CA ILE A 26 1.61 -0.12 1.11
C ILE A 26 1.80 -1.25 2.13
N ILE A 27 2.91 -1.98 2.03
CA ILE A 27 3.29 -3.05 2.93
C ILE A 27 4.74 -2.78 3.37
N LEU A 28 5.21 -3.46 4.41
CA LEU A 28 6.60 -3.35 4.87
C LEU A 28 7.13 -4.76 4.98
N ARG A 29 8.46 -4.92 4.92
CA ARG A 29 9.17 -6.18 5.06
C ARG A 29 10.47 -5.89 5.82
N ASN A 30 11.17 -6.95 6.25
CA ASN A 30 12.49 -6.93 6.87
C ASN A 30 12.49 -6.26 8.24
N LEU A 31 11.38 -6.33 8.97
CA LEU A 31 11.28 -5.79 10.32
C LEU A 31 11.74 -6.85 11.32
N ASN A 32 12.10 -6.45 12.54
CA ASN A 32 12.33 -7.39 13.64
C ASN A 32 11.06 -7.65 14.43
N PRO A 33 10.97 -8.73 15.24
CA PRO A 33 9.86 -8.95 16.16
C PRO A 33 9.71 -7.80 17.16
N HIS A 34 10.83 -7.11 17.47
CA HIS A 34 10.95 -6.04 18.44
C HIS A 34 10.88 -4.62 17.84
N SER A 35 10.72 -4.44 16.51
CA SER A 35 10.61 -3.12 15.93
C SER A 35 9.32 -2.44 16.38
N THR A 36 9.23 -1.14 16.12
CA THR A 36 8.07 -0.31 16.39
C THR A 36 7.53 0.39 15.15
N MET A 37 6.45 1.14 15.34
CA MET A 37 5.82 1.96 14.33
C MET A 37 6.57 3.29 14.13
N ASP A 38 7.40 3.72 15.09
CA ASP A 38 7.88 5.10 15.11
C ASP A 38 9.04 5.35 14.14
N SER A 39 9.71 4.31 13.66
CA SER A 39 10.57 4.40 12.47
C SER A 39 9.82 4.93 11.24
N ILE A 40 8.50 4.75 11.17
CA ILE A 40 7.70 5.26 10.06
C ILE A 40 7.26 6.67 10.45
N LEU A 41 6.64 6.83 11.62
CA LEU A 41 6.14 8.12 12.10
C LEU A 41 7.25 9.13 12.41
N GLY A 42 8.52 8.76 12.25
CA GLY A 42 9.69 9.62 12.40
C GLY A 42 10.72 9.39 11.30
N ALA A 43 10.31 8.99 10.10
CA ALA A 43 11.12 9.18 8.90
C ALA A 43 10.38 9.89 7.77
N LEU A 44 9.04 9.89 7.78
CA LEU A 44 8.26 10.42 6.65
C LEU A 44 7.40 11.61 7.06
N ALA A 45 7.48 12.05 8.32
CA ALA A 45 6.58 13.08 8.85
C ALA A 45 6.53 14.34 7.98
N PRO A 46 7.65 14.98 7.59
CA PRO A 46 7.59 16.17 6.76
C PRO A 46 7.17 15.90 5.30
N TYR A 47 7.04 14.64 4.89
CA TYR A 47 6.74 14.23 3.52
C TYR A 47 5.34 13.63 3.41
N ALA A 48 4.58 13.64 4.51
CA ALA A 48 3.27 13.00 4.60
C ALA A 48 2.30 13.86 5.41
N VAL A 49 1.02 13.44 5.52
CA VAL A 49 0.04 14.04 6.42
C VAL A 49 -0.89 12.93 6.95
N LEU A 50 -0.36 12.09 7.84
CA LEU A 50 -1.01 10.87 8.31
C LEU A 50 -0.62 10.62 9.76
N SER A 51 -1.02 9.50 10.38
CA SER A 51 -0.59 9.18 11.75
C SER A 51 -0.67 7.67 12.01
N SER A 52 -0.62 7.29 13.29
CA SER A 52 -0.67 5.94 13.84
C SER A 52 -1.91 5.15 13.42
N SER A 53 -2.94 5.77 12.83
CA SER A 53 -3.98 5.01 12.13
C SER A 53 -3.36 4.18 11.01
N ASN A 54 -2.70 4.85 10.07
CA ASN A 54 -2.29 4.32 8.77
C ASN A 54 -1.27 3.21 8.97
N VAL A 55 -0.27 3.50 9.81
CA VAL A 55 0.91 2.68 10.06
C VAL A 55 0.49 1.51 10.94
N ARG A 56 0.10 0.39 10.34
CA ARG A 56 -0.60 -0.69 11.02
C ARG A 56 0.23 -1.96 11.01
N VAL A 57 0.74 -2.36 12.15
CA VAL A 57 1.59 -3.53 12.30
C VAL A 57 0.83 -4.61 13.07
N ILE A 58 0.37 -5.62 12.33
CA ILE A 58 -0.18 -6.85 12.88
C ILE A 58 0.96 -7.58 13.61
N LYS A 59 0.61 -8.30 14.67
CA LYS A 59 1.52 -9.08 15.52
C LYS A 59 1.20 -10.56 15.36
N ASP A 60 2.08 -11.43 15.84
CA ASP A 60 1.88 -12.88 15.72
C ASP A 60 0.77 -13.38 16.64
N LYS A 61 0.39 -14.63 16.43
CA LYS A 61 -0.52 -15.41 17.21
C LYS A 61 0.23 -16.25 18.24
N GLN A 62 1.38 -16.85 17.88
CA GLN A 62 2.11 -17.71 18.80
C GLN A 62 2.66 -16.79 19.88
N THR A 63 3.33 -15.74 19.44
CA THR A 63 4.04 -14.79 20.26
C THR A 63 3.36 -13.44 20.19
N GLN A 64 3.72 -12.55 21.12
CA GLN A 64 3.22 -11.19 21.17
C GLN A 64 4.34 -10.30 20.65
N LEU A 65 4.71 -10.55 19.39
CA LEU A 65 5.80 -9.89 18.68
C LEU A 65 5.35 -9.56 17.26
N ASN A 66 6.12 -8.75 16.52
CA ASN A 66 5.81 -8.50 15.11
C ASN A 66 6.05 -9.80 14.31
N ARG A 67 5.36 -9.95 13.19
CA ARG A 67 5.56 -10.98 12.16
C ARG A 67 6.51 -10.50 11.04
N GLY A 68 7.28 -9.44 11.28
CA GLY A 68 8.33 -8.95 10.37
C GLY A 68 7.81 -8.10 9.19
N PHE A 69 6.51 -7.82 9.15
CA PHE A 69 5.86 -7.04 8.10
C PHE A 69 4.98 -5.96 8.75
N ALA A 70 4.40 -5.06 7.96
CA ALA A 70 3.34 -4.18 8.40
C ALA A 70 2.51 -3.77 7.18
N PHE A 71 1.42 -3.03 7.40
CA PHE A 71 0.55 -2.42 6.39
C PHE A 71 0.61 -0.92 6.58
N ILE A 72 0.36 -0.16 5.51
CA ILE A 72 0.16 1.28 5.48
C ILE A 72 -1.04 1.55 4.59
N GLN A 73 -2.15 1.98 5.20
CA GLN A 73 -3.33 2.42 4.48
C GLN A 73 -3.11 3.83 3.91
N LEU A 74 -3.47 4.05 2.65
CA LEU A 74 -3.24 5.31 1.93
C LEU A 74 -4.20 5.44 0.73
N SER A 75 -3.87 6.25 -0.28
CA SER A 75 -4.73 6.60 -1.42
C SER A 75 -4.01 6.35 -2.76
N THR A 76 -4.73 6.37 -3.87
CA THR A 76 -4.33 5.76 -5.14
C THR A 76 -2.97 6.24 -5.65
N ILE A 77 -2.84 7.55 -5.94
CA ILE A 77 -1.58 8.09 -6.45
C ILE A 77 -0.57 8.15 -5.30
N GLU A 78 -1.02 8.50 -4.10
CA GLU A 78 -0.15 8.79 -2.97
C GLU A 78 0.62 7.55 -2.55
N ALA A 79 -0.03 6.38 -2.58
CA ALA A 79 0.56 5.10 -2.21
C ALA A 79 1.70 4.76 -3.16
N ALA A 80 1.66 5.27 -4.38
CA ALA A 80 2.63 4.97 -5.40
C ALA A 80 3.74 6.02 -5.45
N GLN A 81 3.38 7.31 -5.35
CA GLN A 81 4.35 8.40 -5.45
C GLN A 81 5.28 8.38 -4.24
N LEU A 82 4.74 8.15 -3.03
CA LEU A 82 5.48 8.21 -1.78
C LEU A 82 6.50 7.09 -1.75
N LEU A 83 6.12 5.89 -2.17
CA LEU A 83 6.98 4.75 -1.99
C LEU A 83 8.26 4.87 -2.82
N GLN A 84 8.22 5.61 -3.93
CA GLN A 84 9.41 5.90 -4.71
C GLN A 84 10.32 6.87 -3.96
N ILE A 85 9.76 7.92 -3.34
CA ILE A 85 10.51 8.85 -2.48
C ILE A 85 11.24 8.03 -1.41
N LEU A 86 10.56 7.06 -0.80
CA LEU A 86 11.04 6.25 0.30
C LEU A 86 12.25 5.40 -0.03
N GLN A 87 12.52 5.12 -1.31
CA GLN A 87 13.67 4.30 -1.68
C GLN A 87 14.99 5.04 -1.47
N ALA A 88 14.94 6.32 -1.09
CA ALA A 88 16.08 7.22 -1.05
C ALA A 88 16.23 7.85 0.34
N LEU A 89 15.71 7.19 1.39
CA LEU A 89 15.91 7.59 2.77
C LEU A 89 15.92 6.36 3.67
N HIS A 90 16.35 6.51 4.91
CA HIS A 90 16.28 5.50 5.96
C HIS A 90 15.75 6.14 7.23
N PRO A 91 15.05 5.40 8.11
CA PRO A 91 14.67 5.91 9.42
C PRO A 91 15.85 5.96 10.41
N PRO A 92 15.70 6.71 11.50
CA PRO A 92 16.62 6.66 12.63
C PRO A 92 16.45 5.35 13.43
N LEU A 93 15.21 5.06 13.86
CA LEU A 93 14.83 3.89 14.65
C LEU A 93 15.16 2.64 13.86
N THR A 94 16.25 1.93 14.20
CA THR A 94 16.60 0.66 13.57
C THR A 94 17.18 -0.27 14.64
N ILE A 95 16.33 -1.19 15.08
CA ILE A 95 16.63 -2.26 16.01
C ILE A 95 17.18 -3.43 15.20
N ASP A 96 18.17 -4.16 15.73
CA ASP A 96 18.89 -5.28 15.11
C ASP A 96 19.43 -4.93 13.70
N GLY A 97 19.62 -3.65 13.39
CA GLY A 97 19.99 -3.21 12.04
C GLY A 97 18.94 -3.63 11.01
N LYS A 98 17.67 -3.81 11.39
CA LYS A 98 16.60 -4.27 10.50
C LYS A 98 16.04 -3.08 9.75
N THR A 99 16.73 -2.76 8.67
CA THR A 99 16.46 -1.70 7.71
C THR A 99 15.16 -1.98 6.96
N ILE A 100 14.32 -0.97 6.76
CA ILE A 100 12.98 -1.15 6.24
C ILE A 100 13.05 -1.35 4.73
N ASN A 101 12.45 -2.44 4.24
CA ASN A 101 12.28 -2.68 2.82
C ASN A 101 11.13 -1.83 2.27
N VAL A 102 11.01 -1.76 0.94
CA VAL A 102 10.14 -0.79 0.27
C VAL A 102 9.34 -1.50 -0.81
N GLU A 103 8.04 -1.67 -0.60
CA GLU A 103 7.13 -2.29 -1.56
C GLU A 103 5.70 -1.82 -1.26
N PHE A 104 4.82 -1.82 -2.27
CA PHE A 104 3.39 -1.64 -2.06
C PHE A 104 2.62 -2.85 -2.60
N ALA A 105 1.38 -3.01 -2.15
CA ALA A 105 0.52 -4.15 -2.42
C ALA A 105 -0.72 -3.74 -3.24
N LYS A 106 -0.64 -2.61 -3.95
CA LYS A 106 -1.70 -2.16 -4.84
C LYS A 106 -1.95 -3.20 -5.94
N GLY A 107 -3.07 -3.07 -6.63
CA GLY A 107 -3.41 -3.88 -7.77
C GLY A 107 -3.49 -3.04 -9.04
N SER A 108 -4.69 -2.61 -9.42
CA SER A 108 -4.87 -1.63 -10.49
C SER A 108 -6.27 -1.03 -10.35
N LYS A 109 -6.38 0.27 -10.59
CA LYS A 109 -7.61 1.01 -10.86
C LYS A 109 -7.22 2.37 -11.39
N ARG A 110 -7.79 2.75 -12.53
CA ARG A 110 -7.69 4.09 -13.09
C ARG A 110 -8.98 4.41 -13.83
N ASP A 111 -9.26 5.70 -14.03
CA ASP A 111 -10.42 6.22 -14.76
C ASP A 111 -10.01 7.55 -15.40
N MET A 112 -10.73 7.99 -16.44
CA MET A 112 -10.55 9.30 -17.08
C MET A 112 -11.85 9.64 -17.83
N ALA A 113 -12.19 10.93 -17.97
CA ALA A 113 -13.41 11.40 -18.63
C ALA A 113 -13.08 12.46 -19.68
N SER A 114 -13.98 12.70 -20.64
CA SER A 114 -13.79 13.66 -21.73
C SER A 114 -15.14 14.26 -22.14
N ASN A 115 -15.15 15.35 -22.92
CA ASN A 115 -16.30 15.89 -23.63
C ASN A 115 -15.78 16.83 -24.73
N GLU A 116 -16.58 17.81 -25.17
CA GLU A 116 -16.26 18.81 -26.18
C GLU A 116 -15.01 19.61 -25.82
N GLY A 117 -14.39 20.21 -26.84
CA GLY A 117 -13.31 21.19 -26.69
C GLY A 117 -13.80 22.64 -26.68
N SER A 118 -15.08 22.92 -26.91
CA SER A 118 -15.64 24.27 -26.95
C SER A 118 -16.77 24.39 -25.92
N ARG A 119 -17.34 25.58 -25.83
CA ARG A 119 -18.65 25.90 -25.25
C ARG A 119 -19.23 27.17 -25.89
N ILE A 120 -18.74 27.59 -27.07
CA ILE A 120 -19.14 28.82 -27.76
C ILE A 120 -19.20 28.55 -29.27
N SER A 121 -19.83 29.49 -29.98
CA SER A 121 -19.78 29.62 -31.43
C SER A 121 -18.55 30.46 -31.81
N ALA A 122 -18.42 30.77 -33.11
CA ALA A 122 -17.42 31.66 -33.70
C ALA A 122 -18.11 32.59 -34.69
N ALA A 123 -17.36 33.51 -35.31
CA ALA A 123 -17.84 34.34 -36.41
C ALA A 123 -16.70 34.53 -37.42
N SER A 124 -15.82 35.52 -37.22
CA SER A 124 -14.71 35.81 -38.11
C SER A 124 -13.64 36.59 -37.33
N VAL A 125 -12.47 36.80 -37.94
CA VAL A 125 -11.36 37.62 -37.45
C VAL A 125 -10.81 38.35 -38.69
N ALA A 126 -10.36 39.59 -38.53
CA ALA A 126 -9.75 40.40 -39.56
C ALA A 126 -8.66 41.25 -38.93
N SER A 127 -7.56 40.61 -38.52
CA SER A 127 -6.47 41.28 -37.83
C SER A 127 -5.14 40.65 -38.24
N THR A 128 -4.83 40.68 -39.53
CA THR A 128 -3.52 40.34 -40.07
C THR A 128 -3.35 41.12 -41.38
N ALA A 129 -2.20 40.96 -42.05
CA ALA A 129 -1.87 41.49 -43.36
C ALA A 129 -1.11 40.41 -44.14
N ILE A 130 -0.66 40.74 -45.35
CA ILE A 130 0.44 40.05 -46.00
C ILE A 130 1.70 40.73 -45.48
N ALA A 131 2.74 39.95 -45.20
CA ALA A 131 4.11 40.37 -44.93
C ALA A 131 5.00 39.26 -45.48
N GLN A 1 27.28 16.52 9.23
CA GLN A 1 27.45 15.07 9.21
C GLN A 1 26.72 14.51 7.99
N ALA A 2 27.34 13.59 7.26
CA ALA A 2 26.69 12.99 6.11
C ALA A 2 25.42 12.26 6.54
N GLN A 3 24.30 12.53 5.88
CA GLN A 3 23.16 11.62 5.80
C GLN A 3 22.71 11.62 4.35
N GLY A 4 22.43 10.44 3.78
CA GLY A 4 22.21 10.27 2.36
C GLY A 4 22.67 8.86 2.01
N VAL A 5 23.77 8.74 1.29
CA VAL A 5 24.43 7.48 0.94
C VAL A 5 24.63 6.66 2.21
N LEU A 6 23.84 5.60 2.37
CA LEU A 6 23.84 4.71 3.53
C LEU A 6 23.57 3.32 2.97
N ALA A 7 24.63 2.59 2.61
CA ALA A 7 24.53 1.23 2.08
C ALA A 7 23.88 0.28 3.10
N SER A 8 23.26 -0.78 2.61
CA SER A 8 22.70 -1.87 3.40
C SER A 8 22.57 -3.10 2.50
N GLN A 9 22.27 -4.25 3.10
CA GLN A 9 22.11 -5.55 2.44
C GLN A 9 20.80 -6.17 2.92
N ALA A 10 20.33 -7.19 2.20
CA ALA A 10 19.13 -7.95 2.51
C ALA A 10 19.46 -9.45 2.52
N LEU A 11 18.63 -10.23 3.19
CA LEU A 11 18.72 -11.69 3.25
C LEU A 11 17.49 -12.23 2.53
N SER A 12 17.72 -13.14 1.58
CA SER A 12 16.62 -13.87 0.96
C SER A 12 15.86 -14.70 2.00
N GLN A 13 14.62 -15.03 1.65
CA GLN A 13 13.74 -16.03 2.24
C GLN A 13 12.96 -16.66 1.08
N GLY A 14 12.30 -17.78 1.30
CA GLY A 14 11.51 -18.49 0.31
C GLY A 14 10.36 -17.63 -0.20
N SER A 15 9.32 -17.48 0.62
CA SER A 15 8.05 -16.90 0.27
C SER A 15 7.27 -16.65 1.56
N GLU A 16 6.33 -15.73 1.46
CA GLU A 16 5.28 -15.47 2.42
C GLU A 16 3.99 -15.31 1.62
N PRO A 17 2.80 -15.48 2.22
CA PRO A 17 1.55 -15.37 1.49
C PRO A 17 1.31 -13.94 1.03
N SER A 18 0.93 -13.75 -0.23
CA SER A 18 0.41 -12.46 -0.68
C SER A 18 -1.00 -12.25 -0.11
N SER A 19 -1.93 -13.17 -0.42
CA SER A 19 -3.35 -12.90 -0.63
C SER A 19 -3.49 -12.00 -1.85
N GLU A 20 -4.20 -12.49 -2.88
CA GLU A 20 -4.56 -11.65 -4.01
C GLU A 20 -5.49 -10.57 -3.48
N ASN A 21 -5.04 -9.32 -3.48
CA ASN A 21 -5.85 -8.14 -3.20
C ASN A 21 -5.79 -7.24 -4.45
N ALA A 22 -6.62 -6.19 -4.49
CA ALA A 22 -6.69 -5.27 -5.61
C ALA A 22 -7.02 -3.88 -5.10
N ASN A 23 -6.04 -3.24 -4.49
CA ASN A 23 -6.18 -1.84 -4.11
C ASN A 23 -4.79 -1.20 -4.00
N ASP A 24 -4.63 -0.14 -3.21
CA ASP A 24 -3.38 0.56 -2.96
C ASP A 24 -3.06 0.41 -1.48
N THR A 25 -2.11 -0.44 -1.12
CA THR A 25 -1.55 -0.47 0.23
C THR A 25 -0.03 -0.67 0.15
N ILE A 26 0.72 0.07 0.96
CA ILE A 26 2.16 -0.11 1.07
C ILE A 26 2.41 -1.13 2.17
N ILE A 27 3.55 -1.79 2.12
CA ILE A 27 3.95 -2.84 3.03
C ILE A 27 5.39 -2.52 3.45
N LEU A 28 5.67 -2.60 4.75
CA LEU A 28 7.03 -2.49 5.28
C LEU A 28 7.60 -3.90 5.22
N ARG A 29 8.86 -4.05 4.79
CA ARG A 29 9.51 -5.35 4.73
C ARG A 29 10.75 -5.37 5.62
N ASN A 30 11.18 -6.58 5.97
CA ASN A 30 12.39 -6.87 6.73
C ASN A 30 12.35 -6.28 8.15
N LEU A 31 11.29 -6.58 8.88
CA LEU A 31 11.07 -6.04 10.22
C LEU A 31 11.57 -7.02 11.23
N ASN A 32 11.76 -6.47 12.42
CA ASN A 32 12.18 -7.23 13.59
C ASN A 32 11.05 -7.32 14.60
N PRO A 33 11.08 -8.32 15.49
CA PRO A 33 10.06 -8.48 16.50
C PRO A 33 10.05 -7.31 17.50
N HIS A 34 11.18 -6.61 17.60
CA HIS A 34 11.41 -5.42 18.40
C HIS A 34 11.31 -4.11 17.60
N SER A 35 10.87 -4.14 16.34
CA SER A 35 10.56 -2.93 15.62
C SER A 35 9.33 -2.25 16.25
N THR A 36 9.16 -0.98 15.94
CA THR A 36 8.16 -0.08 16.53
C THR A 36 7.25 0.50 15.43
N MET A 37 6.04 0.93 15.77
CA MET A 37 5.22 1.77 14.93
C MET A 37 5.98 3.03 14.50
N ASP A 38 6.66 3.68 15.45
CA ASP A 38 7.33 4.97 15.19
C ASP A 38 8.46 4.85 14.16
N SER A 39 8.95 3.63 13.87
CA SER A 39 9.89 3.46 12.78
C SER A 39 9.32 3.95 11.45
N ILE A 40 8.01 3.79 11.23
CA ILE A 40 7.34 4.28 10.04
C ILE A 40 7.16 5.79 10.20
N LEU A 41 6.42 6.22 11.24
CA LEU A 41 6.00 7.60 11.38
C LEU A 41 7.22 8.53 11.34
N GLY A 42 8.26 8.22 12.14
CA GLY A 42 9.44 9.03 12.34
C GLY A 42 10.44 9.09 11.16
N ALA A 43 10.08 8.63 9.96
CA ALA A 43 10.78 9.04 8.74
C ALA A 43 9.82 9.74 7.78
N LEU A 44 8.58 9.25 7.66
CA LEU A 44 7.72 9.67 6.57
C LEU A 44 6.77 10.80 6.96
N ALA A 45 6.62 11.10 8.25
CA ALA A 45 5.69 12.09 8.79
C ALA A 45 5.68 13.42 8.00
N PRO A 46 6.83 14.09 7.77
CA PRO A 46 6.82 15.37 7.07
C PRO A 46 6.49 15.30 5.59
N TYR A 47 6.36 14.10 5.02
CA TYR A 47 6.08 13.86 3.62
C TYR A 47 4.79 13.06 3.45
N ALA A 48 4.07 12.77 4.55
CA ALA A 48 2.91 11.90 4.55
C ALA A 48 1.92 12.36 5.62
N VAL A 49 0.78 12.88 5.17
CA VAL A 49 -0.27 13.40 6.01
C VAL A 49 -1.10 12.24 6.59
N LEU A 50 -0.57 11.61 7.65
CA LEU A 50 -1.15 10.43 8.29
C LEU A 50 -0.97 10.50 9.81
N SER A 51 -1.33 9.42 10.50
CA SER A 51 -1.11 9.16 11.91
C SER A 51 -1.12 7.64 12.15
N SER A 52 -1.10 7.22 13.41
CA SER A 52 -0.91 5.84 13.85
C SER A 52 -2.04 4.88 13.41
N SER A 53 -3.20 5.38 12.98
CA SER A 53 -4.27 4.55 12.42
C SER A 53 -3.86 3.96 11.06
N ASN A 54 -3.22 4.80 10.24
CA ASN A 54 -2.81 4.43 8.87
C ASN A 54 -1.82 3.27 8.91
N VAL A 55 -0.90 3.30 9.88
CA VAL A 55 0.24 2.41 9.99
C VAL A 55 -0.19 1.13 10.71
N ARG A 56 -0.68 0.15 9.96
CA ARG A 56 -1.21 -1.08 10.53
C ARG A 56 -0.11 -2.08 10.80
N VAL A 57 0.45 -2.01 12.00
CA VAL A 57 1.46 -2.93 12.46
C VAL A 57 0.80 -4.27 12.80
N ILE A 58 0.99 -5.26 11.92
CA ILE A 58 0.63 -6.66 12.17
C ILE A 58 1.63 -7.26 13.17
N LYS A 59 1.11 -7.55 14.36
CA LYS A 59 1.77 -8.38 15.36
C LYS A 59 1.45 -9.83 15.07
N ASP A 60 2.16 -10.76 15.68
CA ASP A 60 1.76 -12.16 15.73
C ASP A 60 0.63 -12.32 16.76
N LYS A 61 0.09 -13.53 16.85
CA LYS A 61 -0.90 -13.97 17.81
C LYS A 61 -0.24 -14.89 18.85
N GLN A 62 0.85 -15.58 18.50
CA GLN A 62 1.56 -16.45 19.44
C GLN A 62 2.29 -15.59 20.45
N THR A 63 3.08 -14.67 19.93
CA THR A 63 3.86 -13.71 20.67
C THR A 63 3.08 -12.39 20.61
N GLN A 64 3.68 -11.29 21.09
CA GLN A 64 3.11 -9.96 21.00
C GLN A 64 4.15 -9.07 20.33
N LEU A 65 4.71 -9.57 19.22
CA LEU A 65 5.83 -9.02 18.48
C LEU A 65 5.40 -8.86 17.03
N ASN A 66 6.19 -8.15 16.22
CA ASN A 66 5.83 -7.92 14.82
C ASN A 66 6.05 -9.19 14.00
N ARG A 67 5.27 -9.38 12.93
CA ARG A 67 5.38 -10.56 12.07
C ARG A 67 6.48 -10.49 11.00
N GLY A 68 7.40 -9.54 11.09
CA GLY A 68 8.45 -9.38 10.08
C GLY A 68 8.02 -8.43 8.95
N PHE A 69 6.77 -7.97 8.95
CA PHE A 69 6.23 -6.98 8.03
C PHE A 69 5.25 -6.07 8.77
N ALA A 70 4.70 -5.07 8.08
CA ALA A 70 3.54 -4.27 8.50
C ALA A 70 2.87 -3.66 7.26
N PHE A 71 1.70 -3.04 7.42
CA PHE A 71 0.86 -2.46 6.36
C PHE A 71 0.74 -0.94 6.55
N ILE A 72 0.39 -0.19 5.50
CA ILE A 72 0.08 1.24 5.59
C ILE A 72 -1.05 1.60 4.60
N GLN A 73 -2.22 2.02 5.10
CA GLN A 73 -3.25 2.69 4.29
C GLN A 73 -2.77 4.08 3.88
N LEU A 74 -3.07 4.51 2.66
CA LEU A 74 -2.61 5.75 2.04
C LEU A 74 -3.81 6.52 1.48
N SER A 75 -3.56 7.59 0.72
CA SER A 75 -4.54 8.21 -0.15
C SER A 75 -4.11 7.95 -1.60
N THR A 76 -5.03 8.06 -2.55
CA THR A 76 -4.93 7.46 -3.88
C THR A 76 -3.75 7.96 -4.72
N ILE A 77 -3.51 9.28 -4.79
CA ILE A 77 -2.36 9.84 -5.52
C ILE A 77 -1.08 9.43 -4.80
N GLU A 78 -1.11 9.57 -3.47
CA GLU A 78 0.05 9.38 -2.61
C GLU A 78 0.59 7.95 -2.72
N ALA A 79 -0.29 7.01 -3.05
CA ALA A 79 -0.08 5.59 -3.16
C ALA A 79 0.52 5.27 -4.53
N ALA A 80 1.42 6.14 -4.98
CA ALA A 80 2.27 5.88 -6.10
C ALA A 80 3.59 6.58 -5.86
N GLN A 81 3.52 7.90 -5.72
CA GLN A 81 4.63 8.83 -5.61
C GLN A 81 5.53 8.50 -4.42
N LEU A 82 4.94 8.09 -3.28
CA LEU A 82 5.70 7.93 -2.05
C LEU A 82 6.73 6.82 -2.18
N LEU A 83 6.41 5.72 -2.88
CA LEU A 83 7.34 4.61 -3.01
C LEU A 83 8.67 5.08 -3.60
N GLN A 84 8.63 5.99 -4.56
CA GLN A 84 9.84 6.42 -5.26
C GLN A 84 10.74 7.27 -4.36
N ILE A 85 10.16 7.98 -3.38
CA ILE A 85 10.89 8.68 -2.33
C ILE A 85 11.50 7.63 -1.40
N LEU A 86 10.70 6.65 -0.97
CA LEU A 86 11.10 5.68 0.05
C LEU A 86 12.26 4.80 -0.40
N GLN A 87 12.39 4.55 -1.70
CA GLN A 87 13.49 3.81 -2.31
C GLN A 87 14.86 4.47 -2.10
N ALA A 88 14.92 5.62 -1.43
CA ALA A 88 16.13 6.40 -1.21
C ALA A 88 16.44 6.62 0.27
N LEU A 89 15.66 6.07 1.21
CA LEU A 89 15.88 6.30 2.64
C LEU A 89 15.58 5.03 3.44
N HIS A 90 16.12 4.97 4.66
CA HIS A 90 15.69 4.07 5.72
C HIS A 90 15.33 4.92 6.94
N PRO A 91 14.43 4.45 7.82
CA PRO A 91 14.09 5.18 9.04
C PRO A 91 15.16 5.00 10.12
N PRO A 92 15.29 5.94 11.07
CA PRO A 92 16.35 5.92 12.09
C PRO A 92 16.20 4.81 13.12
N LEU A 93 15.08 4.07 13.13
CA LEU A 93 14.80 2.99 14.08
C LEU A 93 15.50 1.70 13.64
N THR A 94 16.83 1.72 13.66
CA THR A 94 17.65 0.56 13.38
C THR A 94 17.80 -0.23 14.69
N ILE A 95 16.93 -1.22 14.86
CA ILE A 95 16.97 -2.15 15.97
C ILE A 95 17.81 -3.35 15.51
N ASP A 96 18.65 -3.86 16.40
CA ASP A 96 19.50 -5.07 16.34
C ASP A 96 20.50 -5.15 15.17
N GLY A 97 20.35 -4.35 14.12
CA GLY A 97 21.22 -4.28 12.96
C GLY A 97 20.49 -4.56 11.65
N LYS A 98 19.21 -4.20 11.52
CA LYS A 98 18.45 -4.38 10.28
C LYS A 98 17.81 -3.09 9.80
N THR A 99 17.37 -3.06 8.56
CA THR A 99 16.82 -1.90 7.90
C THR A 99 15.50 -2.27 7.24
N ILE A 100 14.60 -1.29 7.09
CA ILE A 100 13.24 -1.46 6.59
C ILE A 100 13.30 -1.37 5.07
N ASN A 101 12.69 -2.33 4.38
CA ASN A 101 12.69 -2.41 2.92
C ASN A 101 11.34 -1.99 2.33
N VAL A 102 11.37 -1.73 1.02
CA VAL A 102 10.35 -0.99 0.30
C VAL A 102 9.71 -1.91 -0.75
N GLU A 103 8.39 -2.04 -0.68
CA GLU A 103 7.56 -2.84 -1.58
C GLU A 103 6.16 -2.20 -1.59
N PHE A 104 5.38 -2.43 -2.65
CA PHE A 104 4.02 -1.92 -2.79
C PHE A 104 3.10 -3.11 -3.06
N ALA A 105 2.31 -3.48 -2.06
CA ALA A 105 1.38 -4.62 -2.04
C ALA A 105 0.13 -4.41 -2.93
N LYS A 106 0.18 -3.44 -3.85
CA LYS A 106 -0.96 -2.92 -4.58
C LYS A 106 -1.34 -3.79 -5.79
N GLY A 107 -2.50 -3.50 -6.37
CA GLY A 107 -3.02 -4.06 -7.60
C GLY A 107 -3.72 -2.97 -8.39
N SER A 108 -4.08 -3.26 -9.63
CA SER A 108 -4.94 -2.39 -10.44
C SER A 108 -6.35 -2.43 -9.84
N LYS A 109 -6.87 -1.28 -9.38
CA LYS A 109 -8.32 -1.12 -9.21
C LYS A 109 -8.70 0.34 -9.46
N ARG A 110 -9.14 0.67 -10.67
CA ARG A 110 -9.34 2.05 -11.11
C ARG A 110 -10.79 2.32 -11.54
N ASP A 111 -11.72 1.38 -11.31
CA ASP A 111 -13.09 1.43 -11.81
C ASP A 111 -14.13 1.58 -10.69
N MET A 112 -13.73 2.19 -9.57
CA MET A 112 -14.66 2.78 -8.61
C MET A 112 -15.38 3.98 -9.24
N ALA A 113 -16.35 4.56 -8.53
CA ALA A 113 -17.02 5.80 -8.92
C ALA A 113 -17.23 6.68 -7.68
N SER A 114 -17.63 7.93 -7.93
CA SER A 114 -17.67 9.07 -7.03
C SER A 114 -18.77 9.00 -5.96
N ASN A 115 -19.01 7.84 -5.34
CA ASN A 115 -20.17 7.59 -4.48
C ASN A 115 -19.77 6.99 -3.14
N GLU A 116 -18.48 7.02 -2.79
CA GLU A 116 -17.95 6.70 -1.47
C GLU A 116 -17.19 7.97 -1.05
N GLY A 117 -17.06 8.22 0.26
CA GLY A 117 -16.40 9.41 0.76
C GLY A 117 -14.88 9.26 0.76
N SER A 118 -14.39 8.02 0.84
CA SER A 118 -12.98 7.60 0.82
C SER A 118 -12.07 8.25 1.88
N ARG A 119 -12.57 8.99 2.87
CA ARG A 119 -11.81 10.01 3.57
C ARG A 119 -12.37 10.19 4.99
N ILE A 120 -11.85 9.42 5.94
CA ILE A 120 -12.23 9.49 7.37
C ILE A 120 -10.95 9.52 8.21
N SER A 121 -10.90 10.39 9.23
CA SER A 121 -9.84 10.51 10.23
C SER A 121 -10.43 10.92 11.59
N ALA A 122 -9.62 11.02 12.65
CA ALA A 122 -9.98 11.67 13.91
C ALA A 122 -8.70 12.13 14.62
N ALA A 123 -8.83 12.89 15.71
CA ALA A 123 -7.71 13.29 16.56
C ALA A 123 -7.47 12.22 17.63
N SER A 124 -8.18 12.29 18.75
CA SER A 124 -8.08 11.42 19.92
C SER A 124 -9.48 11.10 20.45
N VAL A 125 -9.60 10.23 21.45
CA VAL A 125 -10.82 9.99 22.20
C VAL A 125 -10.40 9.72 23.66
N ALA A 126 -11.24 10.09 24.62
CA ALA A 126 -11.00 9.94 26.04
C ALA A 126 -12.32 9.89 26.78
N SER A 127 -12.80 8.69 27.14
CA SER A 127 -13.92 8.52 28.08
C SER A 127 -13.77 7.18 28.82
N THR A 128 -12.53 6.80 29.17
CA THR A 128 -12.20 5.46 29.64
C THR A 128 -11.19 5.60 30.78
N ALA A 129 -11.15 4.62 31.68
CA ALA A 129 -10.12 4.44 32.69
C ALA A 129 -9.72 2.97 32.68
N ILE A 130 -8.57 2.65 33.27
CA ILE A 130 -7.98 1.32 33.25
C ILE A 130 -7.17 1.12 34.53
N ALA A 131 -6.71 -0.11 34.78
CA ALA A 131 -5.66 -0.45 35.73
C ALA A 131 -4.74 -1.38 34.98
N GLN A 1 -32.49 13.20 10.57
CA GLN A 1 -31.64 12.50 11.55
C GLN A 1 -30.61 11.68 10.80
N ALA A 2 -29.39 12.22 10.66
CA ALA A 2 -28.26 11.53 10.07
C ALA A 2 -26.98 11.97 10.79
N GLN A 3 -26.91 11.71 12.11
CA GLN A 3 -25.71 11.89 12.92
C GLN A 3 -25.32 10.55 13.53
N GLY A 4 -24.19 10.01 13.09
CA GLY A 4 -23.49 8.86 13.68
C GLY A 4 -23.17 7.80 12.63
N VAL A 5 -23.95 7.68 11.57
CA VAL A 5 -23.91 6.58 10.60
C VAL A 5 -24.20 7.09 9.19
N LEU A 6 -23.15 7.18 8.38
CA LEU A 6 -23.19 7.68 7.00
C LEU A 6 -22.39 6.70 6.16
N ALA A 7 -22.81 6.46 4.93
CA ALA A 7 -22.11 5.62 3.98
C ALA A 7 -22.66 5.89 2.59
N SER A 8 -21.82 5.69 1.59
CA SER A 8 -22.24 5.57 0.21
C SER A 8 -23.04 4.27 0.05
N GLN A 9 -23.74 4.15 -1.06
CA GLN A 9 -24.27 2.88 -1.54
C GLN A 9 -23.28 2.36 -2.58
N ALA A 10 -22.49 1.35 -2.21
CA ALA A 10 -21.71 0.52 -3.11
C ALA A 10 -21.66 -0.88 -2.50
N LEU A 11 -21.62 -1.94 -3.32
CA LEU A 11 -21.88 -3.30 -2.86
C LEU A 11 -20.70 -4.20 -3.20
N SER A 12 -20.00 -4.67 -2.17
CA SER A 12 -18.79 -5.48 -2.25
C SER A 12 -18.93 -6.70 -1.32
N GLN A 13 -20.07 -7.39 -1.33
CA GLN A 13 -20.32 -8.55 -0.49
C GLN A 13 -21.12 -9.61 -1.25
N GLY A 14 -21.09 -10.83 -0.72
CA GLY A 14 -21.83 -11.98 -1.21
C GLY A 14 -21.45 -12.33 -2.65
N SER A 15 -20.14 -12.41 -2.94
CA SER A 15 -19.65 -12.70 -4.27
C SER A 15 -18.23 -13.28 -4.21
N GLU A 16 -17.96 -14.21 -5.11
CA GLU A 16 -16.65 -14.75 -5.46
C GLU A 16 -16.31 -14.28 -6.89
N PRO A 17 -15.86 -13.03 -7.08
CA PRO A 17 -15.31 -12.61 -8.37
C PRO A 17 -13.94 -13.26 -8.60
N SER A 18 -13.51 -13.26 -9.86
CA SER A 18 -12.17 -13.66 -10.29
C SER A 18 -11.09 -12.84 -9.56
N SER A 19 -11.37 -11.56 -9.31
CA SER A 19 -10.44 -10.60 -8.75
C SER A 19 -10.37 -10.74 -7.23
N GLU A 20 -9.16 -10.73 -6.65
CA GLU A 20 -8.97 -10.65 -5.20
C GLU A 20 -9.69 -9.42 -4.65
N ASN A 21 -9.30 -8.24 -5.14
CA ASN A 21 -9.58 -6.93 -4.56
C ASN A 21 -9.51 -5.89 -5.69
N ALA A 22 -9.74 -4.61 -5.37
CA ALA A 22 -9.21 -3.49 -6.13
C ALA A 22 -9.11 -2.27 -5.20
N ASN A 23 -8.06 -2.18 -4.39
CA ASN A 23 -7.79 -1.04 -3.53
C ASN A 23 -6.30 -0.76 -3.53
N ASP A 24 -5.89 0.48 -3.25
CA ASP A 24 -4.51 0.84 -2.88
C ASP A 24 -4.26 0.59 -1.39
N THR A 25 -2.98 0.43 -1.02
CA THR A 25 -2.39 0.27 0.32
C THR A 25 -0.86 0.25 0.15
N ILE A 26 -0.12 0.63 1.19
CA ILE A 26 1.33 0.52 1.27
C ILE A 26 1.64 -0.57 2.32
N ILE A 27 2.74 -1.30 2.13
CA ILE A 27 3.22 -2.33 3.06
C ILE A 27 4.72 -2.05 3.30
N LEU A 28 5.23 -2.37 4.49
CA LEU A 28 6.64 -2.27 4.84
C LEU A 28 7.08 -3.68 5.22
N ARG A 29 8.33 -4.04 4.97
CA ARG A 29 8.88 -5.37 5.27
C ARG A 29 10.23 -5.18 5.96
N ASN A 30 10.97 -6.27 6.16
CA ASN A 30 12.23 -6.31 6.90
C ASN A 30 12.12 -5.52 8.20
N LEU A 31 11.20 -5.94 9.07
CA LEU A 31 11.03 -5.39 10.40
C LEU A 31 11.34 -6.49 11.42
N ASN A 32 11.48 -6.17 12.70
CA ASN A 32 11.99 -7.12 13.71
C ASN A 32 10.95 -7.36 14.80
N PRO A 33 11.02 -8.42 15.60
CA PRO A 33 9.89 -8.78 16.45
C PRO A 33 9.50 -7.70 17.46
N HIS A 34 10.47 -7.00 18.02
CA HIS A 34 10.26 -5.95 19.00
C HIS A 34 10.28 -4.56 18.35
N SER A 35 10.31 -4.46 17.02
CA SER A 35 10.39 -3.16 16.39
C SER A 35 9.19 -2.29 16.75
N THR A 36 9.34 -1.00 16.58
CA THR A 36 8.31 0.00 16.84
C THR A 36 7.84 0.60 15.52
N MET A 37 6.56 0.98 15.49
CA MET A 37 5.95 1.63 14.33
C MET A 37 6.61 2.97 14.03
N ASP A 38 7.25 3.55 15.05
CA ASP A 38 7.82 4.88 15.08
C ASP A 38 8.89 5.05 14.00
N SER A 39 9.60 3.98 13.67
CA SER A 39 10.51 3.86 12.55
C SER A 39 9.86 4.36 11.25
N ILE A 40 8.60 3.99 11.04
CA ILE A 40 7.85 4.27 9.83
C ILE A 40 7.22 5.66 9.93
N LEU A 41 7.01 6.18 11.14
CA LEU A 41 6.47 7.52 11.33
C LEU A 41 7.56 8.55 11.07
N GLY A 42 8.57 8.65 11.95
CA GLY A 42 9.56 9.70 11.87
C GLY A 42 10.36 9.69 10.56
N ALA A 43 10.55 8.52 9.94
CA ALA A 43 11.27 8.44 8.66
C ALA A 43 10.48 9.09 7.51
N LEU A 44 9.16 9.23 7.66
CA LEU A 44 8.24 9.54 6.57
C LEU A 44 7.31 10.69 6.93
N ALA A 45 7.46 11.29 8.11
CA ALA A 45 6.55 12.28 8.66
C ALA A 45 6.33 13.45 7.67
N PRO A 46 7.36 14.16 7.19
CA PRO A 46 7.17 15.26 6.27
C PRO A 46 6.78 14.83 4.86
N TYR A 47 6.67 13.54 4.56
CA TYR A 47 6.30 13.02 3.24
C TYR A 47 4.96 12.30 3.28
N ALA A 48 4.33 12.22 4.45
CA ALA A 48 3.09 11.50 4.65
C ALA A 48 2.46 12.09 5.91
N VAL A 49 1.58 13.06 5.67
CA VAL A 49 0.77 13.74 6.66
C VAL A 49 -0.27 12.72 7.17
N LEU A 50 0.14 11.92 8.15
CA LEU A 50 -0.61 10.89 8.85
C LEU A 50 0.03 10.68 10.22
N SER A 51 -0.47 9.71 10.99
CA SER A 51 0.14 9.23 12.22
C SER A 51 -0.25 7.74 12.39
N SER A 52 -0.08 7.22 13.60
CA SER A 52 -0.36 5.84 13.99
C SER A 52 -1.84 5.44 13.90
N SER A 53 -2.73 6.36 13.49
CA SER A 53 -4.05 6.00 12.98
C SER A 53 -3.95 5.17 11.68
N ASN A 54 -2.92 5.39 10.87
CA ASN A 54 -2.79 4.83 9.53
C ASN A 54 -1.77 3.71 9.50
N VAL A 55 -0.61 3.92 10.11
CA VAL A 55 0.39 2.87 10.27
C VAL A 55 -0.17 1.84 11.25
N ARG A 56 -0.24 0.57 10.85
CA ARG A 56 -0.60 -0.55 11.70
C ARG A 56 0.48 -1.60 11.60
N VAL A 57 0.60 -2.46 12.60
CA VAL A 57 1.57 -3.52 12.66
C VAL A 57 0.92 -4.72 13.35
N ILE A 58 0.81 -5.81 12.61
CA ILE A 58 0.19 -7.05 13.06
C ILE A 58 1.22 -7.93 13.79
N LYS A 59 0.75 -8.71 14.78
CA LYS A 59 1.55 -9.72 15.49
C LYS A 59 1.18 -11.12 15.02
N ASP A 60 1.98 -12.13 15.34
CA ASP A 60 1.69 -13.50 14.92
C ASP A 60 0.77 -14.23 15.91
N LYS A 61 0.40 -15.46 15.56
CA LYS A 61 -0.20 -16.48 16.40
C LYS A 61 0.89 -17.34 17.06
N GLN A 62 1.95 -17.72 16.33
CA GLN A 62 3.03 -18.51 16.91
C GLN A 62 3.88 -17.69 17.88
N THR A 63 3.80 -16.38 17.78
CA THR A 63 4.53 -15.43 18.60
C THR A 63 3.51 -14.49 19.21
N GLN A 64 4.01 -13.52 19.95
CA GLN A 64 3.31 -12.37 20.48
C GLN A 64 4.02 -11.10 20.02
N LEU A 65 4.82 -11.21 18.96
CA LEU A 65 5.65 -10.19 18.39
C LEU A 65 5.17 -9.89 16.99
N ASN A 66 5.79 -8.88 16.43
CA ASN A 66 5.45 -8.34 15.12
C ASN A 66 5.78 -9.37 14.04
N ARG A 67 4.99 -9.43 12.96
CA ARG A 67 5.17 -10.40 11.85
C ARG A 67 6.24 -10.02 10.82
N GLY A 68 7.10 -9.03 11.07
CA GLY A 68 8.14 -8.67 10.12
C GLY A 68 7.63 -7.73 9.01
N PHE A 69 6.40 -7.21 9.15
CA PHE A 69 5.80 -6.29 8.19
C PHE A 69 4.91 -5.28 8.93
N ALA A 70 4.44 -4.28 8.20
CA ALA A 70 3.45 -3.31 8.67
C ALA A 70 2.59 -2.83 7.49
N PHE A 71 1.48 -2.15 7.78
CA PHE A 71 0.41 -1.80 6.86
C PHE A 71 0.13 -0.30 6.96
N ILE A 72 -0.28 0.36 5.85
CA ILE A 72 -0.66 1.78 5.80
C ILE A 72 -1.82 1.95 4.81
N GLN A 73 -2.94 2.52 5.29
CA GLN A 73 -4.04 3.03 4.47
C GLN A 73 -3.64 4.38 3.85
N LEU A 74 -3.91 4.60 2.55
CA LEU A 74 -3.43 5.72 1.72
C LEU A 74 -4.48 6.10 0.64
N SER A 75 -4.08 6.70 -0.50
CA SER A 75 -4.91 6.79 -1.70
C SER A 75 -4.06 6.60 -2.97
N THR A 76 -4.69 6.32 -4.11
CA THR A 76 -4.10 5.57 -5.22
C THR A 76 -2.74 6.12 -5.69
N ILE A 77 -2.70 7.32 -6.26
CA ILE A 77 -1.50 7.87 -6.85
C ILE A 77 -0.42 8.01 -5.78
N GLU A 78 -0.82 8.37 -4.56
CA GLU A 78 0.11 8.59 -3.46
C GLU A 78 0.77 7.25 -3.14
N ALA A 79 0.02 6.14 -3.22
CA ALA A 79 0.44 4.80 -2.88
C ALA A 79 1.30 4.18 -3.99
N ALA A 80 1.50 4.90 -5.09
CA ALA A 80 2.43 4.52 -6.15
C ALA A 80 3.68 5.40 -6.13
N GLN A 81 3.49 6.72 -6.02
CA GLN A 81 4.56 7.70 -6.14
C GLN A 81 5.43 7.74 -4.88
N LEU A 82 4.84 7.62 -3.68
CA LEU A 82 5.60 7.78 -2.45
C LEU A 82 6.72 6.77 -2.37
N LEU A 83 6.48 5.54 -2.83
CA LEU A 83 7.49 4.48 -2.82
C LEU A 83 8.82 4.95 -3.41
N GLN A 84 8.79 5.73 -4.49
CA GLN A 84 9.97 6.17 -5.21
C GLN A 84 10.68 7.34 -4.50
N ILE A 85 9.99 7.99 -3.56
CA ILE A 85 10.56 8.95 -2.63
C ILE A 85 11.22 8.15 -1.49
N LEU A 86 10.57 7.09 -1.00
CA LEU A 86 11.00 6.35 0.18
C LEU A 86 12.25 5.53 -0.08
N GLN A 87 12.49 5.10 -1.32
CA GLN A 87 13.68 4.36 -1.73
C GLN A 87 14.96 5.21 -1.56
N ALA A 88 14.84 6.51 -1.23
CA ALA A 88 15.95 7.45 -1.13
C ALA A 88 16.26 7.87 0.32
N LEU A 89 15.58 7.31 1.32
CA LEU A 89 15.82 7.62 2.74
C LEU A 89 15.98 6.33 3.52
N HIS A 90 16.59 6.42 4.71
CA HIS A 90 16.72 5.33 5.67
C HIS A 90 16.15 5.79 7.01
N PRO A 91 15.59 4.89 7.84
CA PRO A 91 14.89 5.29 9.05
C PRO A 91 15.82 5.72 10.19
N PRO A 92 15.31 6.47 11.19
CA PRO A 92 16.08 6.87 12.36
C PRO A 92 16.24 5.69 13.34
N LEU A 93 15.23 4.82 13.42
CA LEU A 93 15.30 3.58 14.17
C LEU A 93 16.03 2.54 13.34
N THR A 94 17.04 1.94 13.95
CA THR A 94 17.80 0.83 13.40
C THR A 94 17.94 -0.22 14.51
N ILE A 95 16.81 -0.78 14.88
CA ILE A 95 16.72 -1.82 15.90
C ILE A 95 17.50 -3.03 15.39
N ASP A 96 18.33 -3.65 16.22
CA ASP A 96 19.13 -4.84 15.88
C ASP A 96 20.00 -4.64 14.61
N GLY A 97 20.29 -3.39 14.23
CA GLY A 97 21.03 -3.09 13.02
C GLY A 97 20.18 -3.09 11.74
N LYS A 98 18.85 -3.17 11.81
CA LYS A 98 17.99 -3.41 10.65
C LYS A 98 17.22 -2.19 10.19
N THR A 99 17.22 -1.96 8.88
CA THR A 99 16.63 -0.80 8.24
C THR A 99 15.41 -1.25 7.45
N ILE A 100 14.32 -0.55 7.66
CA ILE A 100 12.99 -0.93 7.20
C ILE A 100 13.00 -0.93 5.68
N ASN A 101 12.32 -1.91 5.09
CA ASN A 101 12.19 -2.02 3.64
C ASN A 101 10.89 -1.38 3.22
N VAL A 102 10.85 -0.92 1.97
CA VAL A 102 9.73 -0.20 1.41
C VAL A 102 9.11 -1.09 0.33
N GLU A 103 7.78 -1.10 0.24
CA GLU A 103 6.99 -1.90 -0.70
C GLU A 103 5.58 -1.32 -0.77
N PHE A 104 4.67 -1.96 -1.50
CA PHE A 104 3.30 -1.55 -1.71
C PHE A 104 2.41 -2.78 -1.93
N ALA A 105 1.08 -2.64 -1.83
CA ALA A 105 0.16 -3.78 -1.81
C ALA A 105 -1.16 -3.56 -2.57
N LYS A 106 -1.19 -2.61 -3.51
CA LYS A 106 -2.41 -2.24 -4.25
C LYS A 106 -2.92 -3.29 -5.24
N GLY A 107 -4.15 -3.13 -5.72
CA GLY A 107 -4.73 -3.81 -6.88
C GLY A 107 -5.74 -2.89 -7.60
N SER A 108 -5.98 -3.13 -8.88
CA SER A 108 -6.86 -2.35 -9.77
C SER A 108 -7.02 -3.09 -11.11
N LYS A 109 -8.12 -2.88 -11.85
CA LYS A 109 -8.43 -3.64 -13.07
C LYS A 109 -9.34 -2.85 -14.02
N ARG A 110 -8.90 -1.66 -14.44
CA ARG A 110 -9.64 -0.87 -15.43
C ARG A 110 -9.71 -1.66 -16.74
N ASP A 111 -10.91 -1.84 -17.27
CA ASP A 111 -11.26 -2.62 -18.46
C ASP A 111 -12.59 -2.04 -18.95
N MET A 112 -12.86 -2.05 -20.26
CA MET A 112 -14.08 -1.50 -20.88
C MET A 112 -14.50 -2.40 -22.06
N ALA A 113 -15.77 -2.34 -22.46
CA ALA A 113 -16.29 -2.96 -23.68
C ALA A 113 -17.53 -2.19 -24.16
N SER A 114 -17.76 -2.15 -25.47
CA SER A 114 -18.98 -1.71 -26.13
C SER A 114 -19.02 -2.31 -27.54
N ASN A 115 -20.08 -2.00 -28.31
CA ASN A 115 -20.26 -2.40 -29.71
C ASN A 115 -21.13 -1.33 -30.37
N GLU A 116 -20.67 -0.72 -31.45
CA GLU A 116 -21.39 0.37 -32.12
C GLU A 116 -22.55 -0.15 -33.00
N GLY A 117 -22.43 -1.34 -33.58
CA GLY A 117 -23.29 -1.83 -34.66
C GLY A 117 -24.60 -2.41 -34.12
N SER A 118 -25.62 -1.56 -33.94
CA SER A 118 -26.85 -1.93 -33.23
C SER A 118 -27.98 -2.41 -34.17
N ARG A 119 -28.78 -1.51 -34.75
CA ARG A 119 -29.87 -1.88 -35.65
C ARG A 119 -30.28 -0.72 -36.55
N ILE A 120 -29.77 -0.79 -37.77
CA ILE A 120 -30.23 -0.06 -38.94
C ILE A 120 -30.60 -1.09 -40.01
N SER A 121 -31.01 -0.63 -41.19
CA SER A 121 -31.44 -1.44 -42.31
C SER A 121 -30.83 -0.82 -43.55
N ALA A 122 -29.88 -1.51 -44.18
CA ALA A 122 -28.92 -0.96 -45.14
C ALA A 122 -28.20 0.27 -44.54
N ALA A 123 -27.50 1.03 -45.37
CA ALA A 123 -26.80 2.26 -44.98
C ALA A 123 -27.64 3.51 -45.29
N SER A 124 -28.72 3.38 -46.05
CA SER A 124 -29.69 4.43 -46.32
C SER A 124 -30.99 3.72 -46.72
N VAL A 125 -32.13 4.38 -46.53
CA VAL A 125 -33.45 3.86 -46.83
C VAL A 125 -34.38 5.05 -47.03
N ALA A 126 -35.26 4.99 -48.03
CA ALA A 126 -36.31 5.97 -48.28
C ALA A 126 -37.48 5.21 -48.86
N SER A 127 -38.51 4.94 -48.05
CA SER A 127 -39.54 3.96 -48.38
C SER A 127 -40.92 4.29 -47.79
N THR A 128 -41.12 5.49 -47.24
CA THR A 128 -42.39 5.89 -46.65
C THR A 128 -42.62 7.37 -46.92
N ALA A 129 -43.88 7.79 -46.84
CA ALA A 129 -44.36 9.17 -46.93
C ALA A 129 -45.73 9.17 -46.25
N ILE A 130 -45.77 9.40 -44.95
CA ILE A 130 -46.99 9.45 -44.14
C ILE A 130 -46.71 10.40 -42.96
N ALA A 131 -47.76 10.81 -42.25
CA ALA A 131 -47.74 11.48 -40.97
C ALA A 131 -48.97 10.96 -40.22
N GLN A 1 26.34 -45.30 -19.26
CA GLN A 1 26.59 -44.89 -17.87
C GLN A 1 25.24 -44.57 -17.22
N ALA A 2 25.14 -44.64 -15.89
CA ALA A 2 23.93 -44.29 -15.13
C ALA A 2 22.64 -44.92 -15.67
N GLN A 3 22.73 -46.19 -16.10
CA GLN A 3 21.54 -47.02 -16.29
C GLN A 3 20.89 -47.23 -14.93
N GLY A 4 19.57 -47.31 -14.88
CA GLY A 4 18.78 -47.30 -13.65
C GLY A 4 17.39 -46.80 -14.02
N VAL A 5 16.85 -45.87 -13.24
CA VAL A 5 15.58 -45.20 -13.51
C VAL A 5 15.89 -43.71 -13.69
N LEU A 6 15.19 -43.06 -14.63
CA LEU A 6 15.55 -41.75 -15.18
C LEU A 6 14.28 -40.89 -15.39
N ALA A 7 13.18 -41.22 -14.70
CA ALA A 7 11.87 -40.62 -14.93
C ALA A 7 11.41 -39.80 -13.74
N SER A 8 10.97 -38.58 -14.01
CA SER A 8 10.48 -37.60 -13.06
C SER A 8 9.76 -36.42 -13.75
N GLN A 9 9.51 -36.51 -15.06
CA GLN A 9 9.11 -35.40 -15.90
C GLN A 9 7.62 -35.12 -15.69
N ALA A 10 7.30 -34.06 -14.95
CA ALA A 10 5.94 -33.52 -14.82
C ALA A 10 6.03 -32.00 -14.94
N LEU A 11 4.97 -31.39 -15.47
CA LEU A 11 4.76 -29.96 -15.67
C LEU A 11 3.32 -29.64 -15.27
N SER A 12 3.09 -28.51 -14.62
CA SER A 12 1.76 -28.12 -14.19
C SER A 12 1.66 -26.59 -14.22
N GLN A 13 0.69 -26.06 -14.93
CA GLN A 13 0.31 -24.65 -14.86
C GLN A 13 -1.14 -24.55 -15.36
N GLY A 14 -1.86 -23.50 -14.94
CA GLY A 14 -3.16 -23.15 -15.44
C GLY A 14 -3.12 -21.71 -15.95
N SER A 15 -4.12 -20.91 -15.62
CA SER A 15 -4.18 -19.48 -15.88
C SER A 15 -5.19 -18.92 -14.87
N GLU A 16 -5.06 -17.64 -14.54
CA GLU A 16 -5.87 -16.98 -13.52
C GLU A 16 -6.31 -15.63 -14.10
N PRO A 17 -7.33 -15.63 -14.98
CA PRO A 17 -7.90 -14.43 -15.60
C PRO A 17 -8.80 -13.67 -14.61
N SER A 18 -9.56 -12.70 -15.13
CA SER A 18 -10.53 -11.88 -14.41
C SER A 18 -9.85 -11.07 -13.31
N SER A 19 -9.36 -9.89 -13.70
CA SER A 19 -8.71 -8.97 -12.80
C SER A 19 -9.22 -7.56 -13.07
N GLU A 20 -10.32 -7.20 -12.41
CA GLU A 20 -10.90 -5.86 -12.41
C GLU A 20 -10.78 -5.25 -11.01
N ASN A 21 -11.08 -6.02 -9.96
CA ASN A 21 -11.11 -5.49 -8.59
C ASN A 21 -9.68 -5.26 -8.13
N ALA A 22 -9.38 -4.09 -7.54
CA ALA A 22 -8.09 -3.80 -6.96
C ALA A 22 -8.22 -2.82 -5.80
N ASN A 23 -7.16 -2.72 -5.01
CA ASN A 23 -6.92 -1.70 -4.01
C ASN A 23 -5.45 -1.30 -4.06
N ASP A 24 -5.03 -0.38 -3.21
CA ASP A 24 -3.77 0.35 -3.23
C ASP A 24 -3.42 0.55 -1.77
N THR A 25 -2.23 0.09 -1.41
CA THR A 25 -1.76 -0.08 -0.05
C THR A 25 -0.23 -0.25 -0.09
N ILE A 26 0.49 0.10 0.97
CA ILE A 26 1.92 -0.16 1.09
C ILE A 26 2.15 -1.29 2.10
N ILE A 27 3.26 -2.01 1.95
CA ILE A 27 3.66 -3.11 2.80
C ILE A 27 5.09 -2.82 3.25
N LEU A 28 5.36 -2.92 4.55
CA LEU A 28 6.70 -2.81 5.10
C LEU A 28 7.30 -4.21 5.09
N ARG A 29 8.59 -4.33 4.78
CA ARG A 29 9.29 -5.63 4.68
C ARG A 29 10.62 -5.51 5.42
N ASN A 30 11.33 -6.63 5.61
CA ASN A 30 12.56 -6.76 6.39
C ASN A 30 12.42 -6.15 7.80
N LEU A 31 11.42 -6.59 8.57
CA LEU A 31 11.15 -6.02 9.88
C LEU A 31 11.44 -7.03 10.98
N ASN A 32 11.44 -6.62 12.24
CA ASN A 32 11.87 -7.48 13.34
C ASN A 32 10.82 -7.59 14.43
N PRO A 33 10.89 -8.63 15.30
CA PRO A 33 9.86 -8.88 16.30
C PRO A 33 9.75 -7.73 17.30
N HIS A 34 10.88 -7.23 17.79
CA HIS A 34 10.98 -6.06 18.68
C HIS A 34 10.93 -4.72 17.91
N SER A 35 10.62 -4.70 16.62
CA SER A 35 10.50 -3.48 15.84
C SER A 35 9.22 -2.71 16.26
N THR A 36 9.00 -1.56 15.64
CA THR A 36 8.05 -0.55 16.06
C THR A 36 7.45 0.17 14.84
N MET A 37 6.17 0.53 14.91
CA MET A 37 5.51 1.50 14.03
C MET A 37 6.31 2.80 13.92
N ASP A 38 6.98 3.21 14.99
CA ASP A 38 7.53 4.55 15.10
C ASP A 38 8.59 4.85 14.03
N SER A 39 9.28 3.85 13.47
CA SER A 39 10.11 3.99 12.28
C SER A 39 9.38 4.63 11.09
N ILE A 40 8.09 4.32 10.93
CA ILE A 40 7.23 4.80 9.86
C ILE A 40 6.63 6.17 10.24
N LEU A 41 6.79 6.65 11.47
CA LEU A 41 6.37 7.98 11.93
C LEU A 41 7.58 8.91 12.20
N GLY A 42 8.80 8.43 11.95
CA GLY A 42 10.06 9.15 12.15
C GLY A 42 10.92 9.31 10.89
N ALA A 43 10.41 9.02 9.68
CA ALA A 43 11.16 9.25 8.43
C ALA A 43 10.38 9.99 7.35
N LEU A 44 9.06 9.99 7.41
CA LEU A 44 8.15 10.45 6.37
C LEU A 44 7.30 11.61 6.88
N ALA A 45 7.42 12.01 8.15
CA ALA A 45 6.48 12.91 8.79
C ALA A 45 6.34 14.25 8.05
N PRO A 46 7.40 14.99 7.71
CA PRO A 46 7.26 16.20 6.90
C PRO A 46 6.85 15.91 5.44
N TYR A 47 6.81 14.65 5.01
CA TYR A 47 6.51 14.20 3.64
C TYR A 47 5.16 13.47 3.59
N ALA A 48 4.35 13.57 4.64
CA ALA A 48 3.05 12.90 4.73
C ALA A 48 2.07 13.71 5.58
N VAL A 49 0.77 13.40 5.48
CA VAL A 49 -0.30 14.08 6.21
C VAL A 49 -1.31 13.04 6.73
N LEU A 50 -0.93 12.38 7.83
CA LEU A 50 -1.51 11.14 8.33
C LEU A 50 -1.28 11.02 9.86
N SER A 51 -1.37 9.81 10.43
CA SER A 51 -1.24 9.54 11.86
C SER A 51 -0.97 8.03 12.08
N SER A 52 -1.06 7.58 13.33
CA SER A 52 -0.86 6.18 13.75
C SER A 52 -1.99 5.23 13.32
N SER A 53 -2.97 5.67 12.51
CA SER A 53 -4.03 4.83 12.03
C SER A 53 -3.65 4.16 10.71
N ASN A 54 -3.05 4.92 9.79
CA ASN A 54 -2.64 4.48 8.45
C ASN A 54 -1.79 3.22 8.56
N VAL A 55 -0.67 3.28 9.29
CA VAL A 55 0.19 2.13 9.55
C VAL A 55 -0.57 1.11 10.39
N ARG A 56 -0.41 -0.18 10.09
CA ARG A 56 -1.01 -1.27 10.83
C ARG A 56 0.04 -2.37 10.94
N VAL A 57 0.48 -2.70 12.15
CA VAL A 57 1.58 -3.62 12.40
C VAL A 57 0.99 -4.82 13.13
N ILE A 58 0.54 -5.78 12.33
CA ILE A 58 -0.11 -6.98 12.82
C ILE A 58 0.95 -7.87 13.48
N LYS A 59 0.75 -8.16 14.76
CA LYS A 59 1.67 -8.94 15.58
C LYS A 59 1.35 -10.44 15.51
N ASP A 60 2.12 -11.29 16.19
CA ASP A 60 1.74 -12.68 16.41
C ASP A 60 0.66 -12.72 17.49
N LYS A 61 -0.03 -13.85 17.60
CA LYS A 61 -0.84 -14.25 18.74
C LYS A 61 0.02 -14.98 19.77
N GLN A 62 1.01 -15.78 19.34
CA GLN A 62 1.81 -16.65 20.21
C GLN A 62 2.75 -15.87 21.12
N THR A 63 2.96 -14.61 20.78
CA THR A 63 3.88 -13.68 21.43
C THR A 63 3.22 -12.30 21.41
N GLN A 64 3.98 -11.28 21.81
CA GLN A 64 3.61 -9.88 21.71
C GLN A 64 4.64 -9.19 20.83
N LEU A 65 4.96 -9.81 19.70
CA LEU A 65 6.03 -9.42 18.81
C LEU A 65 5.48 -9.35 17.40
N ASN A 66 6.21 -8.65 16.54
CA ASN A 66 5.76 -8.41 15.18
C ASN A 66 6.10 -9.59 14.28
N ARG A 67 5.23 -9.87 13.31
CA ARG A 67 5.40 -10.96 12.36
C ARG A 67 6.37 -10.67 11.21
N GLY A 68 7.11 -9.55 11.22
CA GLY A 68 8.21 -9.30 10.28
C GLY A 68 7.79 -8.49 9.05
N PHE A 69 6.53 -8.07 8.99
CA PHE A 69 5.95 -7.21 7.97
C PHE A 69 4.94 -6.29 8.66
N ALA A 70 4.42 -5.29 7.97
CA ALA A 70 3.33 -4.41 8.41
C ALA A 70 2.65 -3.85 7.15
N PHE A 71 1.51 -3.19 7.32
CA PHE A 71 0.66 -2.59 6.29
C PHE A 71 0.60 -1.07 6.48
N ILE A 72 0.19 -0.33 5.45
CA ILE A 72 -0.14 1.10 5.51
C ILE A 72 -1.33 1.33 4.57
N GLN A 73 -2.49 1.78 5.09
CA GLN A 73 -3.59 2.29 4.26
C GLN A 73 -3.25 3.70 3.80
N LEU A 74 -3.71 4.07 2.59
CA LEU A 74 -3.60 5.35 1.90
C LEU A 74 -4.22 5.18 0.50
N SER A 75 -4.34 6.24 -0.30
CA SER A 75 -4.99 6.20 -1.61
C SER A 75 -3.95 6.30 -2.73
N THR A 76 -4.31 5.93 -3.96
CA THR A 76 -3.41 5.70 -5.11
C THR A 76 -2.32 6.77 -5.31
N ILE A 77 -2.61 8.05 -5.05
CA ILE A 77 -1.64 9.14 -5.12
C ILE A 77 -0.52 8.81 -4.14
N GLU A 78 -0.86 8.79 -2.85
CA GLU A 78 0.10 8.61 -1.78
C GLU A 78 0.69 7.20 -1.86
N ALA A 79 -0.14 6.20 -2.17
CA ALA A 79 0.19 4.80 -2.08
C ALA A 79 1.21 4.45 -3.16
N ALA A 80 1.40 5.34 -4.16
CA ALA A 80 2.30 5.13 -5.26
C ALA A 80 3.39 6.20 -5.39
N GLN A 81 3.24 7.41 -4.81
CA GLN A 81 4.30 8.42 -4.86
C GLN A 81 5.29 8.23 -3.71
N LEU A 82 4.80 7.86 -2.52
CA LEU A 82 5.61 7.72 -1.30
C LEU A 82 6.82 6.82 -1.60
N LEU A 83 6.61 5.62 -2.14
CA LEU A 83 7.64 4.64 -2.37
C LEU A 83 8.79 5.18 -3.21
N GLN A 84 8.50 6.05 -4.18
CA GLN A 84 9.49 6.63 -5.09
C GLN A 84 10.30 7.75 -4.42
N ILE A 85 9.91 8.22 -3.24
CA ILE A 85 10.70 9.09 -2.39
C ILE A 85 11.56 8.21 -1.47
N LEU A 86 10.97 7.17 -0.87
CA LEU A 86 11.67 6.36 0.14
C LEU A 86 12.85 5.55 -0.41
N GLN A 87 12.95 5.41 -1.73
CA GLN A 87 14.11 4.80 -2.37
C GLN A 87 15.37 5.69 -2.26
N ALA A 88 15.30 6.83 -1.54
CA ALA A 88 16.42 7.69 -1.23
C ALA A 88 16.64 7.91 0.29
N LEU A 89 15.74 7.47 1.19
CA LEU A 89 15.86 7.77 2.62
C LEU A 89 15.44 6.59 3.51
N HIS A 90 15.71 6.68 4.81
CA HIS A 90 15.41 5.67 5.83
C HIS A 90 15.29 6.35 7.20
N PRO A 91 14.58 5.76 8.18
CA PRO A 91 14.55 6.25 9.55
C PRO A 91 15.86 5.91 10.29
N PRO A 92 16.21 6.67 11.34
CA PRO A 92 17.40 6.41 12.14
C PRO A 92 17.19 5.32 13.18
N LEU A 93 15.95 4.89 13.37
CA LEU A 93 15.65 3.63 14.02
C LEU A 93 16.39 2.51 13.28
N THR A 94 17.07 1.63 14.00
CA THR A 94 17.44 0.30 13.53
C THR A 94 17.51 -0.62 14.77
N ILE A 95 16.77 -1.72 14.75
CA ILE A 95 16.80 -2.79 15.74
C ILE A 95 17.43 -4.00 15.08
N ASP A 96 18.35 -4.69 15.77
CA ASP A 96 19.10 -5.89 15.37
C ASP A 96 19.73 -5.78 13.96
N GLY A 97 19.98 -4.56 13.47
CA GLY A 97 20.54 -4.33 12.14
C GLY A 97 19.52 -4.53 11.03
N LYS A 98 18.24 -4.21 11.28
CA LYS A 98 17.18 -4.37 10.30
C LYS A 98 16.81 -3.04 9.72
N THR A 99 16.53 -3.08 8.44
CA THR A 99 16.56 -1.93 7.57
C THR A 99 15.29 -2.01 6.73
N ILE A 100 14.38 -1.08 7.01
CA ILE A 100 12.96 -1.14 6.66
C ILE A 100 12.86 -1.03 5.14
N ASN A 101 12.51 -2.14 4.52
CA ASN A 101 12.37 -2.20 3.08
C ASN A 101 11.08 -1.50 2.68
N VAL A 102 11.00 -1.18 1.39
CA VAL A 102 9.87 -0.60 0.75
C VAL A 102 9.30 -1.61 -0.25
N GLU A 103 7.98 -1.56 -0.45
CA GLU A 103 7.22 -2.24 -1.49
C GLU A 103 5.76 -1.75 -1.36
N PHE A 104 4.92 -1.94 -2.38
CA PHE A 104 3.48 -1.76 -2.23
C PHE A 104 2.73 -2.99 -2.74
N ALA A 105 1.64 -3.38 -2.08
CA ALA A 105 0.78 -4.48 -2.52
C ALA A 105 -0.42 -3.85 -3.23
N LYS A 106 -0.22 -3.40 -4.47
CA LYS A 106 -1.28 -2.95 -5.34
C LYS A 106 -1.97 -4.18 -5.94
N GLY A 107 -3.29 -4.18 -5.92
CA GLY A 107 -4.12 -5.23 -6.50
C GLY A 107 -4.17 -6.47 -5.62
N SER A 108 -5.08 -7.36 -5.97
CA SER A 108 -5.08 -8.77 -5.59
C SER A 108 -5.56 -9.59 -6.80
N LYS A 109 -5.75 -10.90 -6.64
CA LYS A 109 -6.55 -11.69 -7.57
C LYS A 109 -7.89 -11.91 -6.89
N ARG A 110 -9.01 -11.74 -7.59
CA ARG A 110 -10.35 -11.84 -7.02
C ARG A 110 -11.29 -12.36 -8.11
N ASP A 111 -11.84 -13.55 -7.92
CA ASP A 111 -12.77 -14.16 -8.88
C ASP A 111 -14.09 -13.38 -8.86
N MET A 112 -14.51 -12.89 -10.02
CA MET A 112 -15.74 -12.14 -10.23
C MET A 112 -16.07 -12.15 -11.72
N ALA A 113 -17.34 -11.94 -12.09
CA ALA A 113 -17.83 -11.89 -13.47
C ALA A 113 -19.21 -11.22 -13.50
N SER A 114 -19.72 -10.90 -14.69
CA SER A 114 -21.09 -10.48 -14.97
C SER A 114 -21.48 -10.90 -16.40
N ASN A 115 -22.68 -10.52 -16.85
CA ASN A 115 -23.20 -10.73 -18.20
C ASN A 115 -24.14 -9.57 -18.56
N GLU A 116 -24.61 -9.55 -19.80
CA GLU A 116 -25.71 -8.71 -20.29
C GLU A 116 -26.27 -9.42 -21.55
N GLY A 117 -27.31 -8.87 -22.21
CA GLY A 117 -27.64 -9.22 -23.59
C GLY A 117 -29.13 -9.22 -23.97
N SER A 118 -30.03 -8.79 -23.08
CA SER A 118 -31.48 -8.82 -23.25
C SER A 118 -31.96 -7.91 -24.40
N ARG A 119 -31.96 -8.41 -25.64
CA ARG A 119 -32.30 -7.66 -26.85
C ARG A 119 -33.10 -8.47 -27.89
N ILE A 120 -33.87 -9.47 -27.46
CA ILE A 120 -34.66 -10.34 -28.34
C ILE A 120 -36.13 -10.18 -27.92
N SER A 121 -37.05 -10.35 -28.87
CA SER A 121 -38.47 -10.49 -28.61
C SER A 121 -38.99 -11.48 -29.65
N ALA A 122 -39.42 -12.66 -29.21
CA ALA A 122 -40.06 -13.72 -29.99
C ALA A 122 -40.73 -14.67 -28.98
N ALA A 123 -41.50 -15.65 -29.48
CA ALA A 123 -41.92 -16.79 -28.68
C ALA A 123 -42.01 -18.02 -29.58
N SER A 124 -43.14 -18.23 -30.26
CA SER A 124 -43.43 -19.28 -31.23
C SER A 124 -44.76 -18.93 -31.90
N VAL A 125 -45.16 -19.68 -32.92
CA VAL A 125 -46.48 -19.61 -33.53
C VAL A 125 -46.79 -21.02 -34.04
N ALA A 126 -48.07 -21.32 -34.28
CA ALA A 126 -48.56 -22.53 -34.92
C ALA A 126 -49.85 -22.17 -35.66
N SER A 127 -50.36 -23.11 -36.47
CA SER A 127 -51.64 -22.96 -37.16
C SER A 127 -52.34 -24.32 -37.30
N THR A 128 -51.96 -25.28 -36.45
CA THR A 128 -52.19 -26.70 -36.63
C THR A 128 -52.77 -27.25 -35.33
N ALA A 129 -54.06 -27.56 -35.31
CA ALA A 129 -54.75 -28.20 -34.20
C ALA A 129 -55.59 -29.33 -34.81
N ILE A 130 -55.18 -30.56 -34.58
CA ILE A 130 -55.83 -31.79 -35.04
C ILE A 130 -55.40 -32.89 -34.06
N ALA A 131 -56.08 -34.03 -34.09
CA ALA A 131 -55.71 -35.29 -33.46
C ALA A 131 -56.19 -36.38 -34.42
N GLN A 1 -24.17 -23.27 -60.99
CA GLN A 1 -25.54 -22.77 -60.75
C GLN A 1 -26.54 -23.91 -60.45
N ALA A 2 -26.25 -25.18 -60.79
CA ALA A 2 -27.08 -26.30 -60.35
C ALA A 2 -26.66 -26.63 -58.91
N GLN A 3 -27.11 -25.82 -57.94
CA GLN A 3 -26.52 -25.77 -56.60
C GLN A 3 -24.99 -25.66 -56.69
N GLY A 4 -24.29 -26.12 -55.65
CA GLY A 4 -22.84 -26.27 -55.53
C GLY A 4 -22.57 -26.99 -54.20
N VAL A 5 -21.31 -27.21 -53.84
CA VAL A 5 -20.93 -27.48 -52.47
C VAL A 5 -20.79 -26.11 -51.79
N LEU A 6 -21.32 -25.98 -50.58
CA LEU A 6 -21.23 -24.79 -49.76
C LEU A 6 -20.92 -25.27 -48.34
N ALA A 7 -19.64 -25.28 -47.97
CA ALA A 7 -19.17 -25.58 -46.62
C ALA A 7 -17.87 -24.82 -46.38
N SER A 8 -17.48 -24.71 -45.10
CA SER A 8 -16.28 -24.04 -44.62
C SER A 8 -16.15 -24.39 -43.13
N GLN A 9 -15.12 -23.88 -42.46
CA GLN A 9 -14.93 -23.95 -41.02
C GLN A 9 -14.49 -22.56 -40.57
N ALA A 10 -14.82 -22.17 -39.34
CA ALA A 10 -14.40 -20.92 -38.72
C ALA A 10 -14.07 -21.16 -37.25
N LEU A 11 -13.58 -20.13 -36.57
CA LEU A 11 -13.29 -20.08 -35.14
C LEU A 11 -13.55 -18.66 -34.65
N SER A 12 -13.55 -18.45 -33.34
CA SER A 12 -13.46 -17.12 -32.72
C SER A 12 -12.76 -17.29 -31.37
N GLN A 13 -12.06 -16.25 -30.91
CA GLN A 13 -11.32 -16.28 -29.65
C GLN A 13 -11.16 -14.84 -29.14
N GLY A 14 -11.86 -14.47 -28.07
CA GLY A 14 -11.84 -13.10 -27.59
C GLY A 14 -12.54 -12.98 -26.25
N SER A 15 -11.82 -13.21 -25.15
CA SER A 15 -12.29 -12.91 -23.82
C SER A 15 -11.09 -12.66 -22.90
N GLU A 16 -11.12 -11.55 -22.16
CA GLU A 16 -10.14 -11.17 -21.14
C GLU A 16 -10.84 -10.25 -20.11
N PRO A 17 -10.29 -10.13 -18.88
CA PRO A 17 -10.85 -9.29 -17.81
C PRO A 17 -10.64 -7.79 -18.04
N SER A 18 -11.23 -6.93 -17.20
CA SER A 18 -10.84 -5.53 -17.11
C SER A 18 -11.18 -4.80 -15.79
N SER A 19 -11.93 -5.40 -14.85
CA SER A 19 -12.32 -4.72 -13.61
C SER A 19 -12.21 -5.70 -12.44
N GLU A 20 -11.58 -5.23 -11.36
CA GLU A 20 -11.17 -5.97 -10.17
C GLU A 20 -11.27 -5.01 -8.99
N ASN A 21 -11.80 -5.46 -7.83
CA ASN A 21 -11.73 -4.63 -6.62
C ASN A 21 -10.31 -4.70 -6.10
N ALA A 22 -9.63 -3.57 -5.95
CA ALA A 22 -8.30 -3.50 -5.37
C ALA A 22 -8.18 -2.20 -4.58
N ASN A 23 -7.06 -2.05 -3.87
CA ASN A 23 -6.66 -0.82 -3.21
C ASN A 23 -5.16 -0.64 -3.46
N ASP A 24 -4.63 0.57 -3.30
CA ASP A 24 -3.24 0.90 -3.58
C ASP A 24 -2.61 1.02 -2.20
N THR A 25 -1.79 0.03 -1.83
CA THR A 25 -1.37 -0.19 -0.46
C THR A 25 0.14 -0.39 -0.44
N ILE A 26 0.79 -0.03 0.68
CA ILE A 26 2.24 -0.17 0.85
C ILE A 26 2.47 -1.14 2.01
N ILE A 27 3.57 -1.89 1.93
CA ILE A 27 3.99 -2.93 2.86
C ILE A 27 5.45 -2.66 3.19
N LEU A 28 5.87 -3.08 4.37
CA LEU A 28 7.23 -2.89 4.88
C LEU A 28 7.81 -4.28 5.07
N ARG A 29 9.07 -4.50 4.70
CA ARG A 29 9.74 -5.80 4.85
C ARG A 29 11.05 -5.65 5.62
N ASN A 30 11.55 -6.77 6.13
CA ASN A 30 12.81 -6.96 6.88
C ASN A 30 12.76 -6.35 8.28
N LEU A 31 11.56 -6.12 8.80
CA LEU A 31 11.37 -5.63 10.16
C LEU A 31 11.68 -6.77 11.11
N ASN A 32 11.56 -6.47 12.39
CA ASN A 32 11.80 -7.47 13.43
C ASN A 32 10.72 -7.47 14.50
N PRO A 33 10.60 -8.54 15.32
CA PRO A 33 9.45 -8.69 16.19
C PRO A 33 9.41 -7.67 17.31
N HIS A 34 10.57 -7.15 17.71
CA HIS A 34 10.67 -6.10 18.71
C HIS A 34 10.67 -4.70 18.06
N SER A 35 10.46 -4.60 16.74
CA SER A 35 10.44 -3.32 16.07
C SER A 35 9.22 -2.53 16.55
N THR A 36 9.20 -1.24 16.28
CA THR A 36 8.17 -0.29 16.68
C THR A 36 7.78 0.58 15.49
N MET A 37 6.53 1.04 15.44
CA MET A 37 5.95 1.74 14.29
C MET A 37 6.63 3.08 14.00
N ASP A 38 7.29 3.64 15.01
CA ASP A 38 7.83 4.98 14.98
C ASP A 38 9.05 5.06 14.05
N SER A 39 9.63 3.92 13.65
CA SER A 39 10.59 3.84 12.56
C SER A 39 9.99 4.48 11.31
N ILE A 40 8.84 3.96 10.88
CA ILE A 40 8.12 4.38 9.69
C ILE A 40 7.70 5.84 9.86
N LEU A 41 6.99 6.16 10.95
CA LEU A 41 6.41 7.50 11.13
C LEU A 41 7.51 8.55 11.05
N GLY A 42 8.53 8.45 11.89
CA GLY A 42 9.58 9.46 11.92
C GLY A 42 10.42 9.49 10.64
N ALA A 43 10.45 8.42 9.84
CA ALA A 43 11.13 8.42 8.56
C ALA A 43 10.38 9.27 7.54
N LEU A 44 9.06 9.08 7.45
CA LEU A 44 8.24 9.58 6.35
C LEU A 44 7.47 10.84 6.71
N ALA A 45 7.42 11.21 8.00
CA ALA A 45 6.66 12.31 8.58
C ALA A 45 6.50 13.53 7.65
N PRO A 46 7.58 14.21 7.22
CA PRO A 46 7.46 15.45 6.45
C PRO A 46 6.95 15.26 5.03
N TYR A 47 6.95 14.03 4.53
CA TYR A 47 6.66 13.69 3.15
C TYR A 47 5.31 13.00 3.03
N ALA A 48 4.55 12.93 4.13
CA ALA A 48 3.26 12.27 4.19
C ALA A 48 2.28 13.22 4.89
N VAL A 49 1.01 12.80 5.01
CA VAL A 49 0.02 13.44 5.86
C VAL A 49 -0.86 12.34 6.44
N LEU A 50 -0.28 11.62 7.40
CA LEU A 50 -0.86 10.41 7.97
C LEU A 50 -0.58 10.31 9.44
N SER A 51 -1.13 9.27 10.07
CA SER A 51 -1.07 9.05 11.50
C SER A 51 -0.86 7.57 11.79
N SER A 52 -0.74 7.21 13.07
CA SER A 52 -0.47 5.86 13.55
C SER A 52 -1.54 4.86 13.11
N SER A 53 -2.76 5.30 12.79
CA SER A 53 -3.81 4.46 12.21
C SER A 53 -3.39 3.80 10.89
N ASN A 54 -2.69 4.55 10.04
CA ASN A 54 -2.32 4.14 8.70
C ASN A 54 -1.31 2.99 8.76
N VAL A 55 -0.31 3.17 9.63
CA VAL A 55 0.87 2.32 9.77
C VAL A 55 0.58 1.16 10.72
N ARG A 56 -0.17 0.17 10.23
CA ARG A 56 -0.56 -0.96 11.04
C ARG A 56 0.62 -1.92 11.19
N VAL A 57 1.23 -1.94 12.37
CA VAL A 57 2.07 -3.04 12.78
C VAL A 57 1.15 -4.25 12.92
N ILE A 58 1.39 -5.28 12.11
CA ILE A 58 0.78 -6.59 12.31
C ILE A 58 1.63 -7.33 13.36
N LYS A 59 1.00 -8.16 14.18
CA LYS A 59 1.63 -8.91 15.26
C LYS A 59 1.11 -10.35 15.19
N ASP A 60 1.76 -11.26 15.91
CA ASP A 60 1.27 -12.64 16.04
C ASP A 60 -0.04 -12.68 16.84
N LYS A 61 -0.53 -13.87 17.16
CA LYS A 61 -1.61 -14.15 18.08
C LYS A 61 -1.04 -14.65 19.41
N GLN A 62 -0.05 -15.57 19.38
CA GLN A 62 0.48 -16.18 20.59
C GLN A 62 1.26 -15.17 21.43
N THR A 63 1.80 -14.16 20.76
CA THR A 63 2.67 -13.15 21.32
C THR A 63 2.14 -11.80 20.85
N GLN A 64 2.83 -10.74 21.23
CA GLN A 64 2.54 -9.37 20.81
C GLN A 64 3.70 -8.88 19.93
N LEU A 65 4.40 -9.83 19.30
CA LEU A 65 5.63 -9.69 18.53
C LEU A 65 5.28 -9.63 17.07
N ASN A 66 6.11 -8.91 16.34
CA ASN A 66 5.82 -8.57 14.95
C ASN A 66 6.32 -9.68 14.04
N ARG A 67 5.57 -9.98 13.00
CA ARG A 67 5.83 -11.05 12.04
C ARG A 67 6.90 -10.65 11.00
N GLY A 68 7.61 -9.53 11.17
CA GLY A 68 8.67 -9.13 10.26
C GLY A 68 8.16 -8.30 9.08
N PHE A 69 6.93 -7.81 9.15
CA PHE A 69 6.36 -6.88 8.17
C PHE A 69 5.44 -5.88 8.87
N ALA A 70 4.92 -4.90 8.14
CA ALA A 70 3.85 -4.02 8.58
C ALA A 70 3.16 -3.46 7.32
N PHE A 71 2.04 -2.77 7.51
CA PHE A 71 1.11 -2.35 6.46
C PHE A 71 0.90 -0.84 6.54
N ILE A 72 0.63 -0.19 5.40
CA ILE A 72 0.38 1.24 5.29
C ILE A 72 -0.85 1.41 4.39
N GLN A 73 -1.91 2.06 4.88
CA GLN A 73 -3.03 2.56 4.08
C GLN A 73 -2.71 4.01 3.70
N LEU A 74 -2.92 4.37 2.43
CA LEU A 74 -2.75 5.70 1.81
C LEU A 74 -3.96 5.88 0.86
N SER A 75 -4.24 7.10 0.39
CA SER A 75 -5.19 7.34 -0.70
C SER A 75 -4.54 6.98 -2.05
N THR A 76 -5.31 6.85 -3.15
CA THR A 76 -4.85 6.08 -4.31
C THR A 76 -3.60 6.68 -4.97
N ILE A 77 -3.67 7.95 -5.40
CA ILE A 77 -2.55 8.62 -6.05
C ILE A 77 -1.40 8.71 -5.05
N GLU A 78 -1.72 8.99 -3.80
CA GLU A 78 -0.75 9.24 -2.76
C GLU A 78 0.03 7.94 -2.45
N ALA A 79 -0.62 6.78 -2.51
CA ALA A 79 0.00 5.48 -2.33
C ALA A 79 1.01 5.30 -3.45
N ALA A 80 0.56 5.57 -4.67
CA ALA A 80 1.35 5.37 -5.85
C ALA A 80 2.60 6.27 -5.88
N GLN A 81 2.53 7.49 -5.35
CA GLN A 81 3.67 8.41 -5.33
C GLN A 81 4.59 8.16 -4.13
N LEU A 82 4.03 7.87 -2.95
CA LEU A 82 4.79 7.78 -1.69
C LEU A 82 5.89 6.75 -1.80
N LEU A 83 5.62 5.62 -2.47
CA LEU A 83 6.58 4.56 -2.73
C LEU A 83 7.93 5.11 -3.23
N GLN A 84 7.89 6.14 -4.06
CA GLN A 84 9.05 6.69 -4.73
C GLN A 84 9.89 7.59 -3.80
N ILE A 85 9.32 7.97 -2.65
CA ILE A 85 9.97 8.79 -1.64
C ILE A 85 10.63 7.86 -0.61
N LEU A 86 9.97 6.75 -0.24
CA LEU A 86 10.43 5.75 0.76
C LEU A 86 11.79 5.13 0.41
N GLN A 87 12.31 5.39 -0.80
CA GLN A 87 13.59 4.96 -1.32
C GLN A 87 14.76 5.87 -0.89
N ALA A 88 14.51 6.97 -0.16
CA ALA A 88 15.44 8.09 -0.01
C ALA A 88 15.70 8.50 1.45
N LEU A 89 15.36 7.68 2.45
CA LEU A 89 15.53 7.96 3.88
C LEU A 89 16.23 6.81 4.59
N HIS A 90 16.58 7.03 5.87
CA HIS A 90 17.02 5.96 6.77
C HIS A 90 17.02 6.40 8.25
N PRO A 91 15.91 6.29 9.02
CA PRO A 91 15.88 6.71 10.43
C PRO A 91 16.84 5.88 11.32
N PRO A 92 17.16 6.33 12.54
CA PRO A 92 18.04 5.63 13.46
C PRO A 92 17.35 4.46 14.19
N LEU A 93 16.06 4.22 13.93
CA LEU A 93 15.18 3.28 14.65
C LEU A 93 15.46 1.80 14.30
N THR A 94 16.68 1.49 13.88
CA THR A 94 17.17 0.15 13.64
C THR A 94 17.30 -0.60 14.97
N ILE A 95 16.57 -1.71 15.08
CA ILE A 95 16.80 -2.79 16.03
C ILE A 95 17.59 -3.87 15.27
N ASP A 96 18.42 -4.69 15.93
CA ASP A 96 19.12 -5.87 15.35
C ASP A 96 20.06 -5.54 14.17
N GLY A 97 20.25 -4.27 13.81
CA GLY A 97 20.90 -3.88 12.57
C GLY A 97 19.96 -4.02 11.35
N LYS A 98 18.66 -4.21 11.58
CA LYS A 98 17.67 -4.44 10.55
C LYS A 98 17.33 -3.14 9.87
N THR A 99 16.96 -3.26 8.60
CA THR A 99 16.77 -2.10 7.75
C THR A 99 15.50 -2.32 6.96
N ILE A 100 14.54 -1.42 7.16
CA ILE A 100 13.19 -1.50 6.60
C ILE A 100 13.28 -1.47 5.07
N ASN A 101 12.25 -2.00 4.39
CA ASN A 101 12.15 -1.96 2.93
C ASN A 101 10.87 -1.30 2.45
N VAL A 102 10.80 -1.13 1.13
CA VAL A 102 9.88 -0.31 0.37
C VAL A 102 9.46 -1.12 -0.85
N GLU A 103 8.17 -1.41 -0.97
CA GLU A 103 7.56 -2.22 -2.02
C GLU A 103 6.07 -1.86 -2.06
N PHE A 104 5.30 -2.28 -3.07
CA PHE A 104 3.89 -1.89 -3.27
C PHE A 104 3.01 -3.16 -3.39
N ALA A 105 1.88 -3.21 -2.68
CA ALA A 105 1.09 -4.41 -2.38
C ALA A 105 -0.37 -4.17 -2.77
N LYS A 106 -0.57 -3.70 -4.00
CA LYS A 106 -1.90 -3.49 -4.58
C LYS A 106 -2.66 -4.81 -4.79
N GLY A 107 -3.85 -4.73 -5.40
CA GLY A 107 -4.68 -5.87 -5.76
C GLY A 107 -5.60 -6.28 -4.62
N SER A 108 -6.63 -7.08 -4.92
CA SER A 108 -7.40 -7.85 -3.94
C SER A 108 -8.07 -9.05 -4.66
N LYS A 109 -8.87 -9.85 -3.94
CA LYS A 109 -9.56 -11.02 -4.49
C LYS A 109 -11.02 -10.64 -4.72
N ARG A 110 -11.39 -10.24 -5.94
CA ARG A 110 -12.76 -9.88 -6.30
C ARG A 110 -12.89 -9.79 -7.83
N ASP A 111 -13.11 -10.94 -8.49
CA ASP A 111 -13.26 -11.06 -9.93
C ASP A 111 -14.31 -12.13 -10.25
N MET A 112 -15.10 -11.92 -11.31
CA MET A 112 -16.13 -12.83 -11.82
C MET A 112 -16.17 -12.67 -13.35
N ALA A 113 -16.99 -13.45 -14.08
CA ALA A 113 -17.13 -13.34 -15.53
C ALA A 113 -18.54 -13.73 -15.98
N SER A 114 -18.93 -13.35 -17.20
CA SER A 114 -20.10 -13.83 -17.91
C SER A 114 -19.94 -13.59 -19.43
N ASN A 115 -20.77 -14.26 -20.25
CA ASN A 115 -20.91 -14.09 -21.69
C ASN A 115 -22.12 -14.92 -22.12
N GLU A 116 -23.14 -14.30 -22.71
CA GLU A 116 -24.35 -14.97 -23.18
C GLU A 116 -24.95 -14.13 -24.32
N GLY A 117 -26.21 -14.33 -24.71
CA GLY A 117 -26.90 -13.51 -25.69
C GLY A 117 -26.41 -13.78 -27.12
N SER A 118 -26.69 -14.97 -27.64
CA SER A 118 -26.19 -15.45 -28.92
C SER A 118 -27.33 -15.76 -29.90
N ARG A 119 -28.47 -15.06 -29.80
CA ARG A 119 -29.72 -15.35 -30.49
C ARG A 119 -30.13 -14.10 -31.26
N ILE A 120 -29.60 -13.96 -32.46
CA ILE A 120 -30.05 -12.98 -33.46
C ILE A 120 -30.78 -13.76 -34.58
N SER A 121 -31.59 -13.09 -35.41
CA SER A 121 -32.22 -13.64 -36.58
C SER A 121 -32.40 -12.53 -37.61
N ALA A 122 -32.01 -12.77 -38.88
CA ALA A 122 -31.86 -11.76 -39.93
C ALA A 122 -30.88 -10.66 -39.51
N ALA A 123 -30.77 -9.60 -40.32
CA ALA A 123 -29.84 -8.48 -40.09
C ALA A 123 -30.43 -7.13 -40.50
N SER A 124 -31.42 -7.10 -41.40
CA SER A 124 -32.16 -5.91 -41.80
C SER A 124 -33.50 -6.38 -42.39
N VAL A 125 -34.39 -5.45 -42.69
CA VAL A 125 -35.66 -5.68 -43.35
C VAL A 125 -35.99 -4.40 -44.13
N ALA A 126 -36.91 -4.48 -45.09
CA ALA A 126 -37.56 -3.34 -45.72
C ALA A 126 -39.03 -3.71 -45.88
N SER A 127 -39.91 -2.71 -45.85
CA SER A 127 -41.35 -2.92 -45.78
C SER A 127 -42.14 -1.77 -46.44
N THR A 128 -41.48 -0.90 -47.18
CA THR A 128 -42.09 0.23 -47.86
C THR A 128 -41.24 0.58 -49.09
N ALA A 129 -41.74 1.47 -49.94
CA ALA A 129 -41.02 2.12 -51.02
C ALA A 129 -41.53 3.55 -51.07
N ILE A 130 -40.66 4.49 -51.42
CA ILE A 130 -40.93 5.91 -51.63
C ILE A 130 -39.95 6.40 -52.71
N ALA A 131 -40.18 7.62 -53.21
CA ALA A 131 -39.78 8.06 -54.54
C ALA A 131 -40.46 7.17 -55.58
N GLN A 1 -15.27 -57.57 -9.36
CA GLN A 1 -14.76 -56.90 -8.14
C GLN A 1 -14.60 -55.43 -8.47
N ALA A 2 -14.86 -54.52 -7.53
CA ALA A 2 -14.63 -53.08 -7.72
C ALA A 2 -14.37 -52.46 -6.36
N GLN A 3 -15.44 -52.10 -5.63
CA GLN A 3 -15.41 -51.80 -4.20
C GLN A 3 -14.48 -50.62 -3.85
N GLY A 4 -14.30 -49.68 -4.76
CA GLY A 4 -13.76 -48.36 -4.46
C GLY A 4 -14.90 -47.41 -4.06
N VAL A 5 -14.55 -46.22 -3.57
CA VAL A 5 -15.48 -45.14 -3.31
C VAL A 5 -15.55 -44.33 -4.60
N LEU A 6 -16.73 -43.77 -4.87
CA LEU A 6 -17.04 -42.95 -6.04
C LEU A 6 -17.75 -41.69 -5.54
N ALA A 7 -17.05 -40.56 -5.48
CA ALA A 7 -17.65 -39.25 -5.22
C ALA A 7 -16.79 -38.18 -5.90
N SER A 8 -17.41 -37.07 -6.29
CA SER A 8 -16.85 -35.85 -6.87
C SER A 8 -18.03 -34.86 -7.00
N GLN A 9 -17.76 -33.55 -7.06
CA GLN A 9 -18.74 -32.51 -7.38
C GLN A 9 -17.98 -31.22 -7.72
N ALA A 10 -18.55 -30.37 -8.57
CA ALA A 10 -17.97 -29.10 -9.00
C ALA A 10 -19.10 -28.15 -9.40
N LEU A 11 -19.31 -27.10 -8.60
CA LEU A 11 -20.25 -26.02 -8.85
C LEU A 11 -19.43 -24.73 -8.95
N SER A 12 -19.70 -23.89 -9.93
CA SER A 12 -18.93 -22.70 -10.23
C SER A 12 -19.84 -21.66 -10.92
N GLN A 13 -20.61 -20.88 -10.17
CA GLN A 13 -21.50 -19.84 -10.72
C GLN A 13 -21.77 -18.76 -9.66
N GLY A 14 -22.47 -17.69 -10.01
CA GLY A 14 -22.94 -16.65 -9.11
C GLY A 14 -21.85 -15.64 -8.80
N SER A 15 -21.77 -14.53 -9.51
CA SER A 15 -20.82 -13.45 -9.29
C SER A 15 -21.46 -12.13 -9.72
N GLU A 16 -21.18 -11.09 -8.96
CA GLU A 16 -21.71 -9.73 -9.05
C GLU A 16 -20.58 -8.71 -8.76
N PRO A 17 -20.77 -7.42 -9.07
CA PRO A 17 -19.79 -6.36 -8.87
C PRO A 17 -19.67 -5.98 -7.39
N SER A 18 -18.80 -5.01 -7.11
CA SER A 18 -18.57 -4.43 -5.79
C SER A 18 -18.13 -2.97 -5.97
N SER A 19 -18.10 -2.21 -4.89
CA SER A 19 -17.57 -0.85 -4.80
C SER A 19 -16.81 -0.72 -3.48
N GLU A 20 -15.93 -1.69 -3.19
CA GLU A 20 -15.09 -1.73 -1.99
C GLU A 20 -14.13 -0.53 -1.98
N ASN A 21 -13.47 -0.27 -0.85
CA ASN A 21 -12.74 0.98 -0.59
C ASN A 21 -11.35 0.71 0.00
N ALA A 22 -10.53 -0.13 -0.67
CA ALA A 22 -9.18 -0.46 -0.23
C ALA A 22 -8.29 -0.75 -1.44
N ASN A 23 -7.73 0.28 -2.07
CA ASN A 23 -7.08 0.16 -3.39
C ASN A 23 -5.64 0.65 -3.45
N ASP A 24 -5.08 0.91 -2.29
CA ASP A 24 -3.90 1.70 -2.03
C ASP A 24 -3.41 1.28 -0.65
N THR A 25 -2.21 0.70 -0.56
CA THR A 25 -1.61 0.19 0.67
C THR A 25 -0.10 0.06 0.44
N ILE A 26 0.75 0.77 1.21
CA ILE A 26 2.15 0.42 1.37
C ILE A 26 2.24 -0.72 2.38
N ILE A 27 3.30 -1.52 2.27
CA ILE A 27 3.64 -2.64 3.15
C ILE A 27 5.12 -2.48 3.52
N LEU A 28 5.50 -2.91 4.72
CA LEU A 28 6.88 -2.88 5.18
C LEU A 28 7.37 -4.34 5.26
N ARG A 29 8.67 -4.58 5.09
CA ARG A 29 9.39 -5.86 5.09
C ARG A 29 10.73 -5.68 5.81
N ASN A 30 11.31 -6.75 6.37
CA ASN A 30 12.58 -6.81 7.11
C ASN A 30 12.46 -6.22 8.53
N LEU A 31 11.32 -6.43 9.21
CA LEU A 31 11.07 -5.77 10.49
C LEU A 31 11.57 -6.65 11.62
N ASN A 32 11.95 -6.01 12.71
CA ASN A 32 12.26 -6.75 13.93
C ASN A 32 10.99 -7.22 14.63
N PRO A 33 11.05 -8.36 15.34
CA PRO A 33 9.90 -8.86 16.07
C PRO A 33 9.52 -7.93 17.24
N HIS A 34 10.44 -7.05 17.62
CA HIS A 34 10.31 -6.05 18.67
C HIS A 34 10.32 -4.62 18.15
N SER A 35 10.24 -4.39 16.83
CA SER A 35 10.32 -3.06 16.30
C SER A 35 9.10 -2.21 16.75
N THR A 36 9.17 -0.92 16.49
CA THR A 36 8.23 0.13 16.87
C THR A 36 7.57 0.77 15.66
N MET A 37 6.34 1.27 15.81
CA MET A 37 5.61 1.89 14.71
C MET A 37 6.27 3.23 14.31
N ASP A 38 6.98 3.85 15.26
CA ASP A 38 7.50 5.21 15.12
C ASP A 38 8.62 5.30 14.09
N SER A 39 9.22 4.16 13.77
CA SER A 39 10.13 4.03 12.65
C SER A 39 9.50 4.57 11.36
N ILE A 40 8.26 4.20 11.10
CA ILE A 40 7.50 4.63 9.94
C ILE A 40 7.24 6.14 10.06
N LEU A 41 6.58 6.56 11.14
CA LEU A 41 6.12 7.94 11.32
C LEU A 41 7.30 8.91 11.20
N GLY A 42 8.34 8.68 12.00
CA GLY A 42 9.54 9.50 12.05
C GLY A 42 10.46 9.36 10.83
N ALA A 43 10.04 8.70 9.75
CA ALA A 43 10.72 8.76 8.46
C ALA A 43 9.87 9.50 7.42
N LEU A 44 8.56 9.28 7.38
CA LEU A 44 7.73 9.75 6.27
C LEU A 44 6.92 11.00 6.60
N ALA A 45 6.89 11.48 7.85
CA ALA A 45 6.04 12.59 8.25
C ALA A 45 6.10 13.80 7.30
N PRO A 46 7.27 14.41 7.00
CA PRO A 46 7.35 15.57 6.10
C PRO A 46 7.08 15.26 4.62
N TYR A 47 6.83 13.99 4.27
CA TYR A 47 6.61 13.53 2.89
C TYR A 47 5.20 12.97 2.74
N ALA A 48 4.36 13.09 3.77
CA ALA A 48 3.02 12.54 3.83
C ALA A 48 2.13 13.40 4.73
N VAL A 49 0.89 12.96 4.90
CA VAL A 49 -0.08 13.52 5.82
C VAL A 49 -0.85 12.37 6.47
N LEU A 50 -0.21 11.73 7.45
CA LEU A 50 -0.74 10.56 8.15
C LEU A 50 -0.42 10.56 9.65
N SER A 51 -0.96 9.59 10.39
CA SER A 51 -0.77 9.43 11.83
C SER A 51 -0.79 7.96 12.23
N SER A 52 -0.72 7.67 13.52
CA SER A 52 -0.80 6.36 14.17
C SER A 52 -2.12 5.59 13.95
N SER A 53 -3.10 6.15 13.23
CA SER A 53 -4.23 5.39 12.69
C SER A 53 -3.86 4.70 11.37
N ASN A 54 -3.05 5.35 10.54
CA ASN A 54 -2.67 4.87 9.22
C ASN A 54 -1.71 3.70 9.33
N VAL A 55 -0.69 3.84 10.17
CA VAL A 55 0.34 2.82 10.38
C VAL A 55 -0.22 1.72 11.28
N ARG A 56 0.08 0.45 10.98
CA ARG A 56 -0.33 -0.70 11.77
C ARG A 56 0.77 -1.74 11.69
N VAL A 57 1.11 -2.41 12.78
CA VAL A 57 2.09 -3.48 12.79
C VAL A 57 1.38 -4.73 13.32
N ILE A 58 1.17 -5.68 12.41
CA ILE A 58 0.46 -6.92 12.66
C ILE A 58 1.41 -7.86 13.41
N LYS A 59 0.90 -8.49 14.46
CA LYS A 59 1.65 -9.45 15.25
C LYS A 59 1.41 -10.85 14.71
N ASP A 60 2.23 -11.78 15.17
CA ASP A 60 2.10 -13.19 14.88
C ASP A 60 0.95 -13.78 15.71
N LYS A 61 0.57 -15.02 15.43
CA LYS A 61 -0.42 -15.78 16.16
C LYS A 61 0.22 -16.98 16.84
N GLN A 62 1.36 -17.48 16.35
CA GLN A 62 2.12 -18.50 17.08
C GLN A 62 2.70 -17.84 18.32
N THR A 63 3.27 -16.66 18.12
CA THR A 63 3.88 -15.82 19.13
C THR A 63 3.09 -14.52 19.20
N GLN A 64 3.53 -13.55 19.99
CA GLN A 64 2.85 -12.27 20.20
C GLN A 64 3.83 -11.14 19.86
N LEU A 65 4.63 -11.35 18.82
CA LEU A 65 5.71 -10.51 18.33
C LEU A 65 5.28 -9.95 16.98
N ASN A 66 6.01 -8.96 16.43
CA ASN A 66 5.76 -8.53 15.05
C ASN A 66 6.14 -9.67 14.12
N ARG A 67 5.47 -9.77 12.98
CA ARG A 67 5.75 -10.87 12.04
C ARG A 67 6.95 -10.64 11.13
N GLY A 68 7.51 -9.43 11.11
CA GLY A 68 8.55 -9.04 10.16
C GLY A 68 8.02 -8.18 9.03
N PHE A 69 6.77 -7.70 9.14
CA PHE A 69 6.16 -6.77 8.20
C PHE A 69 5.24 -5.81 8.96
N ALA A 70 4.74 -4.80 8.27
CA ALA A 70 3.73 -3.86 8.78
C ALA A 70 2.93 -3.29 7.60
N PHE A 71 1.89 -2.51 7.88
CA PHE A 71 0.91 -1.97 6.93
C PHE A 71 0.81 -0.45 7.09
N ILE A 72 0.47 0.26 6.02
CA ILE A 72 0.15 1.70 6.02
C ILE A 72 -1.20 1.89 5.29
N GLN A 73 -1.75 3.10 5.30
CA GLN A 73 -2.93 3.58 4.59
C GLN A 73 -2.63 5.01 4.11
N LEU A 74 -3.11 5.40 2.93
CA LEU A 74 -2.88 6.64 2.18
C LEU A 74 -3.78 6.61 0.93
N SER A 75 -3.95 7.75 0.27
CA SER A 75 -4.72 7.90 -0.97
C SER A 75 -4.01 7.31 -2.20
N THR A 76 -4.72 7.31 -3.34
CA THR A 76 -4.37 6.57 -4.56
C THR A 76 -3.02 6.96 -5.11
N ILE A 77 -2.85 8.25 -5.47
CA ILE A 77 -1.60 8.77 -6.00
C ILE A 77 -0.54 8.59 -4.93
N GLU A 78 -0.83 9.02 -3.70
CA GLU A 78 0.17 9.19 -2.67
C GLU A 78 0.84 7.85 -2.35
N ALA A 79 0.07 6.76 -2.23
CA ALA A 79 0.66 5.46 -2.00
C ALA A 79 1.45 5.03 -3.25
N ALA A 80 0.88 5.26 -4.43
CA ALA A 80 1.43 4.82 -5.70
C ALA A 80 2.64 5.64 -6.19
N GLN A 81 3.04 6.69 -5.46
CA GLN A 81 4.19 7.54 -5.77
C GLN A 81 5.22 7.52 -4.65
N LEU A 82 4.78 7.38 -3.39
CA LEU A 82 5.65 7.35 -2.24
C LEU A 82 6.68 6.23 -2.39
N LEU A 83 6.26 5.10 -2.94
CA LEU A 83 7.13 3.94 -3.16
C LEU A 83 8.42 4.32 -3.89
N GLN A 84 8.38 5.30 -4.81
CA GLN A 84 9.57 5.78 -5.49
C GLN A 84 10.45 6.56 -4.52
N ILE A 85 9.88 7.51 -3.79
CA ILE A 85 10.61 8.40 -2.88
C ILE A 85 11.34 7.55 -1.82
N LEU A 86 10.66 6.53 -1.31
CA LEU A 86 11.16 5.69 -0.22
C LEU A 86 12.48 5.00 -0.60
N GLN A 87 12.77 4.79 -1.89
CA GLN A 87 13.99 4.18 -2.40
C GLN A 87 15.25 5.01 -2.11
N ALA A 88 15.13 6.14 -1.40
CA ALA A 88 16.22 7.07 -1.10
C ALA A 88 16.22 7.57 0.35
N LEU A 89 15.51 6.93 1.30
CA LEU A 89 15.53 7.40 2.69
C LEU A 89 15.53 6.23 3.67
N HIS A 90 15.94 6.51 4.91
CA HIS A 90 15.84 5.56 6.00
C HIS A 90 15.39 6.27 7.29
N PRO A 91 14.85 5.54 8.27
CA PRO A 91 14.51 6.10 9.56
C PRO A 91 15.75 6.34 10.43
N PRO A 92 15.67 7.22 11.44
CA PRO A 92 16.62 7.25 12.54
C PRO A 92 16.52 5.96 13.36
N LEU A 93 15.31 5.44 13.53
CA LEU A 93 15.01 4.19 14.22
C LEU A 93 15.69 3.01 13.51
N THR A 94 16.81 2.52 14.03
CA THR A 94 17.23 1.13 13.81
C THR A 94 16.88 0.34 15.09
N ILE A 95 16.80 -0.97 15.00
CA ILE A 95 16.75 -1.88 16.12
C ILE A 95 17.50 -3.13 15.63
N ASP A 96 18.28 -3.79 16.49
CA ASP A 96 19.08 -5.01 16.29
C ASP A 96 20.21 -4.86 15.26
N GLY A 97 19.90 -4.29 14.10
CA GLY A 97 20.74 -4.13 12.93
C GLY A 97 19.94 -4.39 11.66
N LYS A 98 18.67 -3.99 11.61
CA LYS A 98 17.87 -4.01 10.41
C LYS A 98 17.16 -2.69 10.14
N THR A 99 16.77 -2.55 8.89
CA THR A 99 16.21 -1.36 8.30
C THR A 99 14.99 -1.76 7.45
N ILE A 100 14.35 -0.77 6.82
CA ILE A 100 12.96 -0.85 6.38
C ILE A 100 13.02 -0.71 4.86
N ASN A 101 12.81 -1.87 4.22
CA ASN A 101 12.74 -2.10 2.78
C ASN A 101 11.61 -1.28 2.14
N VAL A 102 11.47 -1.33 0.82
CA VAL A 102 10.55 -0.50 0.06
C VAL A 102 9.72 -1.43 -0.82
N GLU A 103 8.41 -1.46 -0.58
CA GLU A 103 7.46 -2.32 -1.27
C GLU A 103 6.06 -1.74 -1.06
N PHE A 104 5.07 -2.15 -1.87
CA PHE A 104 3.66 -1.87 -1.65
C PHE A 104 2.80 -3.12 -1.90
N ALA A 105 1.55 -3.06 -1.46
CA ALA A 105 0.57 -4.15 -1.48
C ALA A 105 -0.80 -3.63 -1.95
N LYS A 106 -0.81 -2.53 -2.71
CA LYS A 106 -1.98 -1.80 -3.15
C LYS A 106 -2.95 -2.66 -3.97
N GLY A 107 -4.08 -2.08 -4.34
CA GLY A 107 -5.21 -2.82 -4.88
C GLY A 107 -5.83 -2.10 -6.07
N SER A 108 -7.12 -2.33 -6.28
CA SER A 108 -7.94 -1.74 -7.33
C SER A 108 -9.32 -1.44 -6.75
N LYS A 109 -10.17 -0.78 -7.56
CA LYS A 109 -11.52 -0.39 -7.17
C LYS A 109 -12.57 -1.45 -7.52
N ARG A 110 -12.13 -2.66 -7.87
CA ARG A 110 -12.99 -3.76 -8.23
C ARG A 110 -12.71 -4.91 -7.27
N ASP A 111 -13.75 -5.65 -6.94
CA ASP A 111 -13.74 -6.86 -6.14
C ASP A 111 -14.94 -7.70 -6.58
N MET A 112 -15.23 -8.80 -5.89
CA MET A 112 -16.40 -9.62 -6.13
C MET A 112 -17.13 -9.87 -4.81
N ALA A 113 -18.45 -9.72 -4.86
CA ALA A 113 -19.45 -9.93 -3.83
C ALA A 113 -20.79 -10.10 -4.57
N SER A 114 -21.90 -9.98 -3.85
CA SER A 114 -23.16 -9.54 -4.43
C SER A 114 -23.57 -8.17 -3.88
N ASN A 115 -24.62 -7.59 -4.46
CA ASN A 115 -25.39 -6.44 -3.98
C ASN A 115 -26.83 -6.89 -3.77
N GLU A 116 -27.63 -6.14 -3.02
CA GLU A 116 -29.04 -6.44 -2.74
C GLU A 116 -29.89 -5.22 -3.08
N GLY A 117 -31.02 -5.43 -3.76
CA GLY A 117 -31.76 -4.36 -4.42
C GLY A 117 -32.99 -3.94 -3.63
N SER A 118 -33.66 -4.91 -3.00
CA SER A 118 -34.93 -4.74 -2.32
C SER A 118 -34.75 -3.75 -1.16
N ARG A 119 -35.50 -2.64 -1.17
CA ARG A 119 -35.27 -1.50 -0.30
C ARG A 119 -36.57 -0.73 -0.18
N ILE A 120 -37.34 -1.00 0.87
CA ILE A 120 -38.56 -0.27 1.21
C ILE A 120 -38.66 -0.19 2.73
N SER A 121 -38.88 1.01 3.25
CA SER A 121 -39.31 1.29 4.62
C SER A 121 -40.45 2.30 4.57
N ALA A 122 -41.09 2.56 5.71
CA ALA A 122 -42.17 3.53 5.90
C ALA A 122 -43.21 3.45 4.78
N ALA A 123 -43.78 2.26 4.60
CA ALA A 123 -44.85 1.98 3.66
C ALA A 123 -45.86 1.09 4.38
N SER A 124 -45.56 -0.19 4.55
CA SER A 124 -46.29 -1.10 5.42
C SER A 124 -45.34 -2.23 5.83
N VAL A 125 -45.79 -3.15 6.66
CA VAL A 125 -45.08 -4.35 7.07
C VAL A 125 -46.13 -5.42 7.42
N ALA A 126 -45.89 -6.67 7.05
CA ALA A 126 -46.69 -7.82 7.41
C ALA A 126 -45.71 -8.99 7.49
N SER A 127 -45.01 -9.12 8.61
CA SER A 127 -43.83 -9.99 8.71
C SER A 127 -43.62 -10.54 10.12
N THR A 128 -44.60 -10.36 11.03
CA THR A 128 -44.61 -10.97 12.35
C THR A 128 -44.77 -12.49 12.22
N ALA A 129 -44.23 -13.24 13.17
CA ALA A 129 -44.48 -14.66 13.38
C ALA A 129 -44.61 -14.88 14.89
N ILE A 130 -45.01 -16.09 15.29
CA ILE A 130 -45.13 -16.54 16.68
C ILE A 130 -44.63 -17.99 16.74
N ALA A 131 -44.67 -18.58 17.93
CA ALA A 131 -44.72 -20.01 18.18
C ALA A 131 -45.88 -20.21 19.16
N GLN A 1 36.62 -3.93 34.93
CA GLN A 1 36.16 -5.31 34.68
C GLN A 1 34.75 -5.22 34.12
N ALA A 2 34.64 -5.29 32.79
CA ALA A 2 33.39 -5.33 32.04
C ALA A 2 33.72 -6.11 30.77
N GLN A 3 32.75 -6.82 30.20
CA GLN A 3 32.89 -7.65 29.01
C GLN A 3 31.47 -8.02 28.55
N GLY A 4 31.31 -9.03 27.70
CA GLY A 4 30.08 -9.81 27.63
C GLY A 4 28.91 -9.14 26.91
N VAL A 5 29.10 -7.96 26.31
CA VAL A 5 28.09 -7.28 25.49
C VAL A 5 28.68 -7.02 24.10
N LEU A 6 28.97 -8.11 23.39
CA LEU A 6 29.16 -8.13 21.96
C LEU A 6 27.78 -8.23 21.30
N ALA A 7 27.72 -8.28 19.97
CA ALA A 7 26.49 -8.44 19.21
C ALA A 7 26.78 -9.33 18.00
N SER A 8 25.75 -10.07 17.61
CA SER A 8 25.68 -10.96 16.46
C SER A 8 24.19 -11.19 16.19
N GLN A 9 23.82 -11.49 14.95
CA GLN A 9 22.46 -11.81 14.55
C GLN A 9 22.44 -13.22 13.95
N ALA A 10 21.39 -14.00 14.25
CA ALA A 10 21.26 -15.38 13.80
C ALA A 10 19.78 -15.69 13.64
N LEU A 11 19.22 -15.43 12.45
CA LEU A 11 17.78 -15.40 12.22
C LEU A 11 17.46 -16.03 10.87
N SER A 12 16.74 -17.15 10.86
CA SER A 12 16.17 -17.71 9.65
C SER A 12 15.03 -16.82 9.12
N GLN A 13 14.72 -16.95 7.83
CA GLN A 13 13.53 -16.39 7.20
C GLN A 13 12.75 -17.52 6.50
N GLY A 14 11.53 -17.22 6.08
CA GLY A 14 10.64 -18.11 5.35
C GLY A 14 9.20 -17.83 5.77
N SER A 15 8.38 -17.21 4.92
CA SER A 15 6.95 -17.04 5.10
C SER A 15 6.33 -16.54 3.79
N GLU A 16 5.06 -16.88 3.54
CA GLU A 16 4.32 -16.53 2.32
C GLU A 16 2.84 -16.25 2.60
N PRO A 17 2.49 -15.07 3.15
CA PRO A 17 1.10 -14.62 3.23
C PRO A 17 0.59 -14.19 1.86
N SER A 18 -0.19 -15.04 1.17
CA SER A 18 -1.01 -14.59 0.04
C SER A 18 -2.01 -13.56 0.56
N SER A 19 -2.35 -12.53 -0.22
CA SER A 19 -3.26 -11.49 0.21
C SER A 19 -3.94 -10.87 -1.02
N GLU A 20 -5.17 -11.29 -1.30
CA GLU A 20 -5.95 -10.88 -2.46
C GLU A 20 -6.77 -9.67 -1.99
N ASN A 21 -6.18 -8.48 -2.06
CA ASN A 21 -6.80 -7.23 -1.61
C ASN A 21 -6.58 -6.19 -2.70
N ALA A 22 -7.66 -5.48 -3.07
CA ALA A 22 -7.78 -4.68 -4.28
C ALA A 22 -7.63 -3.17 -4.01
N ASN A 23 -6.92 -2.81 -2.95
CA ASN A 23 -7.06 -1.53 -2.29
C ASN A 23 -5.69 -0.89 -2.18
N ASP A 24 -5.58 0.31 -1.61
CA ASP A 24 -4.31 1.01 -1.45
C ASP A 24 -3.65 0.56 -0.15
N THR A 25 -2.38 0.17 -0.24
CA THR A 25 -1.55 -0.27 0.88
C THR A 25 -0.07 -0.10 0.51
N ILE A 26 0.73 0.44 1.43
CA ILE A 26 2.19 0.26 1.43
C ILE A 26 2.51 -0.78 2.51
N ILE A 27 3.57 -1.55 2.30
CA ILE A 27 4.05 -2.58 3.19
C ILE A 27 5.56 -2.35 3.37
N LEU A 28 6.06 -2.53 4.59
CA LEU A 28 7.48 -2.36 4.94
C LEU A 28 8.01 -3.75 5.21
N ARG A 29 9.27 -4.05 4.85
CA ARG A 29 9.81 -5.42 4.97
C ARG A 29 11.19 -5.37 5.61
N ASN A 30 11.71 -6.53 6.05
CA ASN A 30 12.92 -6.68 6.87
C ASN A 30 12.80 -5.94 8.20
N LEU A 31 11.87 -6.40 9.03
CA LEU A 31 11.67 -5.91 10.40
C LEU A 31 11.96 -7.03 11.37
N ASN A 32 11.97 -6.65 12.63
CA ASN A 32 12.20 -7.53 13.77
C ASN A 32 10.94 -7.59 14.65
N PRO A 33 10.80 -8.60 15.52
CA PRO A 33 9.65 -8.72 16.40
C PRO A 33 9.52 -7.51 17.34
N HIS A 34 10.62 -6.88 17.72
CA HIS A 34 10.66 -5.66 18.54
C HIS A 34 10.83 -4.36 17.75
N SER A 35 10.63 -4.33 16.42
CA SER A 35 10.56 -3.06 15.75
C SER A 35 9.32 -2.32 16.26
N THR A 36 9.31 -1.01 16.15
CA THR A 36 8.24 -0.11 16.61
C THR A 36 7.66 0.69 15.44
N MET A 37 6.47 1.25 15.59
CA MET A 37 5.76 1.92 14.50
C MET A 37 6.43 3.25 14.14
N ASP A 38 7.20 3.82 15.06
CA ASP A 38 7.69 5.19 14.94
C ASP A 38 8.75 5.32 13.84
N SER A 39 9.38 4.22 13.40
CA SER A 39 10.20 4.23 12.19
C SER A 39 9.40 4.77 11.01
N ILE A 40 8.17 4.31 10.81
CA ILE A 40 7.36 4.71 9.67
C ILE A 40 6.95 6.18 9.87
N LEU A 41 6.48 6.52 11.07
CA LEU A 41 6.00 7.87 11.36
C LEU A 41 7.11 8.91 11.26
N GLY A 42 8.35 8.55 11.59
CA GLY A 42 9.48 9.47 11.65
C GLY A 42 10.31 9.49 10.38
N ALA A 43 10.19 8.49 9.51
CA ALA A 43 10.84 8.49 8.20
C ALA A 43 10.06 9.35 7.23
N LEU A 44 8.73 9.22 7.24
CA LEU A 44 7.85 9.91 6.29
C LEU A 44 7.10 11.05 6.97
N ALA A 45 7.56 11.54 8.13
CA ALA A 45 6.84 12.52 8.94
C ALA A 45 6.41 13.75 8.11
N PRO A 46 7.31 14.48 7.43
CA PRO A 46 6.94 15.60 6.57
C PRO A 46 6.45 15.17 5.19
N TYR A 47 6.29 13.87 4.89
CA TYR A 47 5.92 13.36 3.57
C TYR A 47 4.59 12.62 3.60
N ALA A 48 3.93 12.60 4.75
CA ALA A 48 2.74 11.80 4.99
C ALA A 48 1.89 12.51 6.04
N VAL A 49 0.85 13.19 5.57
CA VAL A 49 -0.08 13.96 6.38
C VAL A 49 -1.07 12.97 6.99
N LEU A 50 -0.66 12.32 8.07
CA LEU A 50 -1.36 11.22 8.73
C LEU A 50 -0.87 11.08 10.17
N SER A 51 -1.49 10.15 10.88
CA SER A 51 -1.24 9.83 12.28
C SER A 51 -1.33 8.31 12.44
N SER A 52 -1.30 7.84 13.69
CA SER A 52 -1.23 6.43 14.06
C SER A 52 -2.50 5.62 13.75
N SER A 53 -3.52 6.21 13.13
CA SER A 53 -4.61 5.44 12.49
C SER A 53 -4.10 4.68 11.25
N ASN A 54 -3.29 5.37 10.44
CA ASN A 54 -2.87 4.96 9.10
C ASN A 54 -1.79 3.89 9.16
N VAL A 55 -0.70 4.17 9.86
CA VAL A 55 0.37 3.21 10.10
C VAL A 55 -0.19 2.09 10.96
N ARG A 56 0.09 0.82 10.61
CA ARG A 56 -0.45 -0.30 11.36
C ARG A 56 0.60 -1.38 11.50
N VAL A 57 0.62 -1.98 12.68
CA VAL A 57 1.55 -3.02 13.06
C VAL A 57 0.71 -4.27 13.27
N ILE A 58 0.83 -5.22 12.34
CA ILE A 58 0.26 -6.56 12.51
C ILE A 58 1.17 -7.27 13.52
N LYS A 59 0.65 -8.29 14.18
CA LYS A 59 1.42 -9.15 15.07
C LYS A 59 1.01 -10.59 14.78
N ASP A 60 1.84 -11.57 15.15
CA ASP A 60 1.58 -12.96 14.84
C ASP A 60 0.36 -13.48 15.62
N LYS A 61 -0.12 -14.66 15.23
CA LYS A 61 -1.19 -15.36 15.88
C LYS A 61 -0.64 -16.14 17.07
N GLN A 62 0.47 -16.87 16.88
CA GLN A 62 1.10 -17.78 17.83
C GLN A 62 1.88 -17.05 18.92
N THR A 63 2.33 -15.84 18.61
CA THR A 63 3.02 -14.93 19.50
C THR A 63 2.22 -13.63 19.55
N GLN A 64 2.75 -12.61 20.22
CA GLN A 64 2.20 -11.27 20.22
C GLN A 64 3.25 -10.30 19.69
N LEU A 65 4.05 -10.72 18.70
CA LEU A 65 5.18 -9.96 18.18
C LEU A 65 5.04 -9.82 16.67
N ASN A 66 5.87 -8.98 16.05
CA ASN A 66 5.70 -8.65 14.65
C ASN A 66 6.15 -9.81 13.76
N ARG A 67 5.35 -10.14 12.74
CA ARG A 67 5.66 -11.03 11.62
C ARG A 67 6.73 -10.45 10.69
N GLY A 68 7.53 -9.47 11.11
CA GLY A 68 8.66 -8.98 10.34
C GLY A 68 8.26 -8.12 9.16
N PHE A 69 7.12 -7.41 9.24
CA PHE A 69 6.70 -6.41 8.28
C PHE A 69 5.91 -5.33 9.00
N ALA A 70 5.52 -4.24 8.34
CA ALA A 70 4.51 -3.28 8.80
C ALA A 70 3.64 -2.89 7.60
N PHE A 71 2.54 -2.19 7.86
CA PHE A 71 1.39 -1.99 7.00
C PHE A 71 1.04 -0.51 7.06
N ILE A 72 0.52 0.09 5.99
CA ILE A 72 0.16 1.50 5.95
C ILE A 72 -1.11 1.66 5.10
N GLN A 73 -2.18 2.19 5.69
CA GLN A 73 -3.29 2.74 4.93
C GLN A 73 -2.90 4.13 4.44
N LEU A 74 -3.02 4.37 3.15
CA LEU A 74 -2.66 5.64 2.52
C LEU A 74 -3.40 5.76 1.19
N SER A 75 -3.63 6.98 0.72
CA SER A 75 -4.35 7.28 -0.50
C SER A 75 -3.70 6.64 -1.74
N THR A 76 -4.50 6.46 -2.78
CA THR A 76 -4.16 5.57 -3.89
C THR A 76 -2.95 6.06 -4.69
N ILE A 77 -2.95 7.31 -5.14
CA ILE A 77 -1.85 7.86 -5.93
C ILE A 77 -0.63 8.02 -5.02
N GLU A 78 -0.88 8.44 -3.79
CA GLU A 78 0.15 8.81 -2.85
C GLU A 78 0.94 7.57 -2.44
N ALA A 79 0.28 6.43 -2.33
CA ALA A 79 0.90 5.13 -2.17
C ALA A 79 1.77 4.89 -3.40
N ALA A 80 1.14 5.03 -4.58
CA ALA A 80 1.77 4.78 -5.86
C ALA A 80 2.86 5.80 -6.27
N GLN A 81 3.21 6.76 -5.40
CA GLN A 81 4.32 7.69 -5.63
C GLN A 81 5.31 7.68 -4.47
N LEU A 82 4.85 7.45 -3.23
CA LEU A 82 5.71 7.35 -2.06
C LEU A 82 6.72 6.23 -2.26
N LEU A 83 6.35 5.14 -2.94
CA LEU A 83 7.29 4.05 -3.21
C LEU A 83 8.56 4.53 -3.90
N GLN A 84 8.50 5.55 -4.76
CA GLN A 84 9.68 6.16 -5.37
C GLN A 84 10.45 6.99 -4.33
N ILE A 85 9.75 7.84 -3.58
CA ILE A 85 10.33 8.70 -2.55
C ILE A 85 11.12 7.87 -1.54
N LEU A 86 10.59 6.71 -1.16
CA LEU A 86 11.18 5.83 -0.17
C LEU A 86 12.52 5.22 -0.62
N GLN A 87 12.80 5.12 -1.93
CA GLN A 87 14.03 4.51 -2.46
C GLN A 87 15.30 5.29 -2.09
N ALA A 88 15.15 6.44 -1.43
CA ALA A 88 16.21 7.39 -1.12
C ALA A 88 16.34 7.65 0.40
N LEU A 89 15.61 6.94 1.28
CA LEU A 89 15.66 7.19 2.73
C LEU A 89 15.44 5.91 3.54
N HIS A 90 15.80 5.96 4.83
CA HIS A 90 15.55 4.92 5.83
C HIS A 90 15.26 5.59 7.18
N PRO A 91 14.60 4.91 8.14
CA PRO A 91 14.11 5.53 9.37
C PRO A 91 15.20 5.75 10.44
N PRO A 92 14.89 6.56 11.48
CA PRO A 92 15.72 6.72 12.67
C PRO A 92 15.66 5.53 13.65
N LEU A 93 14.93 4.45 13.32
CA LEU A 93 14.57 3.39 14.26
C LEU A 93 14.87 2.04 13.61
N THR A 94 15.99 1.43 14.00
CA THR A 94 16.55 0.26 13.34
C THR A 94 17.10 -0.70 14.40
N ILE A 95 16.20 -1.43 15.02
CA ILE A 95 16.50 -2.39 16.08
C ILE A 95 17.26 -3.53 15.43
N ASP A 96 18.34 -3.97 16.07
CA ASP A 96 19.26 -5.01 15.60
C ASP A 96 19.60 -4.85 14.12
N GLY A 97 19.74 -3.60 13.64
CA GLY A 97 20.09 -3.32 12.26
C GLY A 97 19.02 -3.76 11.26
N LYS A 98 17.74 -3.85 11.65
CA LYS A 98 16.68 -4.24 10.73
C LYS A 98 16.31 -3.09 9.82
N THR A 99 17.01 -3.04 8.70
CA THR A 99 16.96 -1.96 7.73
C THR A 99 15.78 -2.18 6.79
N ILE A 100 14.89 -1.21 6.74
CA ILE A 100 13.57 -1.37 6.14
C ILE A 100 13.70 -1.42 4.61
N ASN A 101 13.17 -2.47 4.01
CA ASN A 101 13.05 -2.57 2.56
C ASN A 101 11.89 -1.72 2.08
N VAL A 102 11.96 -1.30 0.82
CA VAL A 102 10.97 -0.51 0.14
C VAL A 102 10.18 -1.46 -0.79
N GLU A 103 8.87 -1.57 -0.58
CA GLU A 103 7.96 -2.40 -1.36
C GLU A 103 6.51 -1.85 -1.19
N PHE A 104 5.50 -2.41 -1.88
CA PHE A 104 4.09 -2.07 -1.71
C PHE A 104 3.21 -3.33 -1.81
N ALA A 105 1.92 -3.17 -1.48
CA ALA A 105 0.93 -4.25 -1.43
C ALA A 105 -0.45 -3.77 -1.92
N LYS A 106 -0.50 -2.77 -2.80
CA LYS A 106 -1.75 -2.25 -3.32
C LYS A 106 -2.34 -3.19 -4.37
N GLY A 107 -3.61 -2.99 -4.69
CA GLY A 107 -4.32 -3.64 -5.78
C GLY A 107 -5.28 -2.67 -6.47
N SER A 108 -5.21 -1.38 -6.16
CA SER A 108 -6.16 -0.37 -6.60
C SER A 108 -5.63 0.46 -7.76
N LYS A 109 -6.55 1.16 -8.44
CA LYS A 109 -6.34 2.30 -9.32
C LYS A 109 -7.71 2.98 -9.51
N ARG A 110 -8.17 3.73 -8.50
CA ARG A 110 -9.28 4.67 -8.62
C ARG A 110 -8.86 5.93 -7.89
N ASP A 111 -9.44 7.06 -8.25
CA ASP A 111 -9.21 8.37 -7.65
C ASP A 111 -10.37 9.25 -8.10
N MET A 112 -11.42 9.34 -7.29
CA MET A 112 -12.62 10.14 -7.55
C MET A 112 -13.57 10.25 -6.35
N ALA A 113 -13.09 9.95 -5.15
CA ALA A 113 -13.81 10.04 -3.89
C ALA A 113 -12.89 10.63 -2.81
N SER A 114 -13.43 11.02 -1.66
CA SER A 114 -12.71 11.71 -0.59
C SER A 114 -13.20 11.28 0.80
N ASN A 115 -12.45 11.66 1.84
CA ASN A 115 -12.58 11.15 3.21
C ASN A 115 -13.79 11.69 3.95
N GLU A 116 -13.98 13.01 3.87
CA GLU A 116 -15.07 13.80 4.41
C GLU A 116 -15.43 13.37 5.85
N GLY A 117 -14.63 13.83 6.82
CA GLY A 117 -14.60 13.38 8.20
C GLY A 117 -15.46 14.21 9.15
N SER A 118 -14.84 14.95 10.09
CA SER A 118 -15.51 15.78 11.09
C SER A 118 -16.72 15.12 11.75
N ARG A 119 -16.51 14.07 12.55
CA ARG A 119 -17.57 13.29 13.15
C ARG A 119 -17.08 12.79 14.50
N ILE A 120 -17.70 13.35 15.50
CA ILE A 120 -17.59 13.08 16.92
C ILE A 120 -18.97 13.30 17.55
N SER A 121 -19.12 12.93 18.82
CA SER A 121 -20.27 13.27 19.65
C SER A 121 -19.68 13.72 20.98
N ALA A 122 -20.16 14.84 21.52
CA ALA A 122 -19.72 15.36 22.81
C ALA A 122 -20.81 16.24 23.43
N ALA A 123 -22.07 16.04 23.06
CA ALA A 123 -23.19 16.81 23.60
C ALA A 123 -23.63 16.24 24.94
N SER A 124 -23.75 14.91 25.02
CA SER A 124 -24.35 14.22 26.16
C SER A 124 -23.38 13.17 26.68
N VAL A 125 -23.52 12.84 27.97
CA VAL A 125 -22.75 11.86 28.71
C VAL A 125 -23.76 11.18 29.64
N ALA A 126 -23.57 9.89 29.94
CA ALA A 126 -24.32 9.20 30.98
C ALA A 126 -23.35 8.30 31.73
N SER A 127 -23.38 8.36 33.06
CA SER A 127 -22.48 7.62 33.95
C SER A 127 -23.29 7.13 35.18
N THR A 128 -24.51 6.66 34.95
CA THR A 128 -25.34 6.08 35.99
C THR A 128 -24.80 4.70 36.41
N ALA A 129 -25.40 4.14 37.47
CA ALA A 129 -25.21 2.78 37.94
C ALA A 129 -26.60 2.22 38.26
N ILE A 130 -26.65 1.01 38.81
CA ILE A 130 -27.85 0.32 39.25
C ILE A 130 -27.59 -0.05 40.72
N ALA A 131 -28.65 -0.15 41.51
CA ALA A 131 -28.71 -0.64 42.87
C ALA A 131 -30.07 -1.34 42.99
N GLN A 1 17.55 -17.77 -42.65
CA GLN A 1 16.11 -17.98 -42.49
C GLN A 1 15.40 -17.18 -43.58
N ALA A 2 15.07 -15.89 -43.39
CA ALA A 2 14.30 -15.12 -44.38
C ALA A 2 15.13 -14.69 -45.59
N GLN A 3 16.32 -14.12 -45.38
CA GLN A 3 17.28 -13.69 -46.40
C GLN A 3 16.79 -12.63 -47.40
N GLY A 4 15.54 -12.19 -47.31
CA GLY A 4 15.07 -10.92 -47.84
C GLY A 4 15.26 -9.83 -46.78
N VAL A 5 14.61 -8.69 -46.99
CA VAL A 5 14.48 -7.64 -46.01
C VAL A 5 13.64 -8.15 -44.83
N LEU A 6 13.79 -7.47 -43.71
CA LEU A 6 13.03 -7.62 -42.48
C LEU A 6 12.90 -6.23 -41.87
N ALA A 7 11.67 -5.75 -41.62
CA ALA A 7 11.41 -4.59 -40.78
C ALA A 7 9.97 -4.66 -40.28
N SER A 8 9.68 -4.03 -39.14
CA SER A 8 8.37 -3.98 -38.52
C SER A 8 8.36 -2.92 -37.41
N GLN A 9 7.17 -2.57 -36.90
CA GLN A 9 6.94 -1.83 -35.66
C GLN A 9 5.51 -2.16 -35.26
N ALA A 10 5.31 -3.19 -34.43
CA ALA A 10 4.01 -3.56 -33.88
C ALA A 10 4.26 -4.30 -32.56
N LEU A 11 4.49 -3.55 -31.47
CA LEU A 11 4.91 -4.13 -30.19
C LEU A 11 4.30 -3.45 -28.95
N SER A 12 3.47 -2.42 -29.12
CA SER A 12 2.79 -1.74 -28.03
C SER A 12 1.54 -2.55 -27.66
N GLN A 13 1.52 -3.23 -26.51
CA GLN A 13 0.51 -4.24 -26.19
C GLN A 13 0.10 -4.13 -24.72
N GLY A 14 -1.16 -3.80 -24.47
CA GLY A 14 -1.73 -3.60 -23.15
C GLY A 14 -3.06 -2.86 -23.19
N SER A 15 -4.16 -3.53 -22.88
CA SER A 15 -5.45 -2.94 -22.60
C SER A 15 -5.79 -3.28 -21.16
N GLU A 16 -6.26 -2.31 -20.39
CA GLU A 16 -6.82 -2.50 -19.05
C GLU A 16 -7.95 -1.47 -18.81
N PRO A 17 -9.14 -1.66 -19.42
CA PRO A 17 -10.32 -0.82 -19.21
C PRO A 17 -10.98 -1.05 -17.84
N SER A 18 -11.96 -0.20 -17.52
CA SER A 18 -12.71 -0.13 -16.28
C SER A 18 -11.84 -0.17 -15.02
N SER A 19 -11.53 1.02 -14.50
CA SER A 19 -10.53 1.24 -13.48
C SER A 19 -10.82 2.55 -12.71
N GLU A 20 -12.06 3.06 -12.73
CA GLU A 20 -12.41 4.38 -12.21
C GLU A 20 -12.16 4.51 -10.70
N ASN A 21 -12.18 3.41 -9.95
CA ASN A 21 -11.78 3.35 -8.54
C ASN A 21 -10.71 2.28 -8.39
N ALA A 22 -9.90 2.37 -7.33
CA ALA A 22 -8.88 1.40 -6.97
C ALA A 22 -8.66 1.46 -5.45
N ASN A 23 -7.65 0.75 -4.95
CA ASN A 23 -7.14 0.95 -3.61
C ASN A 23 -5.64 0.62 -3.64
N ASP A 24 -4.88 1.31 -2.80
CA ASP A 24 -3.42 1.23 -2.73
C ASP A 24 -3.05 1.17 -1.27
N THR A 25 -1.99 0.42 -0.97
CA THR A 25 -1.61 0.00 0.37
C THR A 25 -0.10 -0.23 0.33
N ILE A 26 0.65 0.49 1.16
CA ILE A 26 2.08 0.25 1.30
C ILE A 26 2.22 -0.81 2.40
N ILE A 27 3.11 -1.79 2.20
CA ILE A 27 3.44 -2.85 3.15
C ILE A 27 4.90 -2.63 3.55
N LEU A 28 5.24 -2.80 4.82
CA LEU A 28 6.63 -2.70 5.25
C LEU A 28 7.26 -4.09 5.19
N ARG A 29 8.59 -4.20 5.12
CA ARG A 29 9.32 -5.47 5.23
C ARG A 29 10.60 -5.27 6.06
N ASN A 30 11.28 -6.37 6.41
CA ASN A 30 12.53 -6.47 7.19
C ASN A 30 12.43 -5.80 8.56
N LEU A 31 11.50 -6.27 9.39
CA LEU A 31 11.21 -5.71 10.70
C LEU A 31 11.59 -6.71 11.76
N ASN A 32 12.24 -6.31 12.87
CA ASN A 32 12.53 -7.26 13.93
C ASN A 32 11.27 -7.56 14.75
N PRO A 33 11.23 -8.62 15.58
CA PRO A 33 10.02 -8.94 16.32
C PRO A 33 9.60 -7.84 17.29
N HIS A 34 10.54 -6.97 17.67
CA HIS A 34 10.37 -5.86 18.60
C HIS A 34 10.65 -4.49 17.97
N SER A 35 10.72 -4.37 16.63
CA SER A 35 10.74 -3.03 16.07
C SER A 35 9.35 -2.38 16.30
N THR A 36 9.22 -1.11 15.96
CA THR A 36 8.03 -0.31 16.26
C THR A 36 7.45 0.39 15.04
N MET A 37 6.20 0.82 15.17
CA MET A 37 5.53 1.63 14.18
C MET A 37 6.18 3.02 14.12
N ASP A 38 6.71 3.52 15.24
CA ASP A 38 7.21 4.89 15.42
C ASP A 38 8.23 5.31 14.36
N SER A 39 8.99 4.34 13.87
CA SER A 39 9.91 4.40 12.75
C SER A 39 9.29 5.08 11.54
N ILE A 40 8.10 4.67 11.11
CA ILE A 40 7.49 5.20 9.90
C ILE A 40 7.19 6.68 10.15
N LEU A 41 6.64 6.98 11.33
CA LEU A 41 6.30 8.32 11.79
C LEU A 41 7.54 9.19 12.03
N GLY A 42 8.74 8.62 11.99
CA GLY A 42 10.02 9.24 12.24
C GLY A 42 10.95 9.21 11.02
N ALA A 43 10.44 8.87 9.82
CA ALA A 43 11.10 9.16 8.55
C ALA A 43 10.19 9.97 7.63
N LEU A 44 8.87 9.79 7.67
CA LEU A 44 7.97 10.34 6.66
C LEU A 44 7.10 11.49 7.17
N ALA A 45 7.24 11.94 8.42
CA ALA A 45 6.44 13.04 8.96
C ALA A 45 6.40 14.27 8.02
N PRO A 46 7.52 14.76 7.45
CA PRO A 46 7.47 15.91 6.56
C PRO A 46 7.12 15.57 5.11
N TYR A 47 7.07 14.29 4.73
CA TYR A 47 6.83 13.85 3.35
C TYR A 47 5.45 13.24 3.19
N ALA A 48 4.65 13.27 4.25
CA ALA A 48 3.37 12.57 4.30
C ALA A 48 2.40 13.33 5.19
N VAL A 49 1.11 13.13 4.93
CA VAL A 49 0.01 13.74 5.65
C VAL A 49 -0.82 12.62 6.25
N LEU A 50 -0.37 12.14 7.42
CA LEU A 50 -0.95 11.02 8.14
C LEU A 50 -0.47 11.03 9.58
N SER A 51 -0.98 10.11 10.39
CA SER A 51 -0.54 9.86 11.75
C SER A 51 -0.70 8.36 12.04
N SER A 52 -0.58 7.97 13.30
CA SER A 52 -0.48 6.58 13.73
C SER A 52 -1.70 5.70 13.39
N SER A 53 -2.83 6.25 12.94
CA SER A 53 -4.00 5.45 12.58
C SER A 53 -3.98 4.99 11.11
N ASN A 54 -3.20 5.64 10.23
CA ASN A 54 -3.03 5.17 8.84
C ASN A 54 -2.26 3.86 8.85
N VAL A 55 -1.18 3.87 9.61
CA VAL A 55 -0.19 2.81 9.72
C VAL A 55 -0.64 1.78 10.75
N ARG A 56 -0.12 0.56 10.61
CA ARG A 56 -0.50 -0.57 11.43
C ARG A 56 0.68 -1.54 11.47
N VAL A 57 0.70 -2.46 12.44
CA VAL A 57 1.67 -3.54 12.50
C VAL A 57 0.95 -4.77 13.04
N ILE A 58 0.69 -5.73 12.15
CA ILE A 58 0.11 -7.02 12.51
C ILE A 58 1.24 -7.87 13.08
N LYS A 59 0.93 -8.54 14.19
CA LYS A 59 1.83 -9.41 14.92
C LYS A 59 1.44 -10.86 14.64
N ASP A 60 2.20 -11.79 15.20
CA ASP A 60 1.97 -13.22 15.03
C ASP A 60 0.79 -13.71 15.89
N LYS A 61 0.51 -15.02 15.80
CA LYS A 61 -0.43 -15.78 16.59
C LYS A 61 0.31 -16.74 17.50
N GLN A 62 1.33 -17.46 16.99
CA GLN A 62 2.13 -18.38 17.80
C GLN A 62 2.92 -17.60 18.84
N THR A 63 3.40 -16.43 18.45
CA THR A 63 4.14 -15.49 19.28
C THR A 63 3.31 -14.21 19.32
N GLN A 64 3.81 -13.16 19.97
CA GLN A 64 3.11 -11.89 20.10
C GLN A 64 4.00 -10.77 19.53
N LEU A 65 4.59 -11.05 18.36
CA LEU A 65 5.73 -10.34 17.82
C LEU A 65 5.49 -9.96 16.37
N ASN A 66 6.27 -9.02 15.84
CA ASN A 66 6.06 -8.52 14.47
C ASN A 66 6.40 -9.62 13.48
N ARG A 67 5.49 -9.90 12.54
CA ARG A 67 5.72 -10.87 11.46
C ARG A 67 6.53 -10.23 10.32
N GLY A 68 7.65 -9.58 10.63
CA GLY A 68 8.58 -9.05 9.64
C GLY A 68 8.04 -7.90 8.81
N PHE A 69 6.81 -7.41 9.09
CA PHE A 69 6.05 -6.56 8.20
C PHE A 69 5.11 -5.64 8.98
N ALA A 70 4.52 -4.67 8.28
CA ALA A 70 3.51 -3.73 8.77
C ALA A 70 2.70 -3.26 7.55
N PHE A 71 1.71 -2.38 7.74
CA PHE A 71 0.84 -1.87 6.68
C PHE A 71 0.63 -0.36 6.86
N ILE A 72 0.24 0.31 5.77
CA ILE A 72 -0.08 1.73 5.70
C ILE A 72 -1.31 1.85 4.79
N GLN A 73 -2.44 2.29 5.35
CA GLN A 73 -3.63 2.71 4.64
C GLN A 73 -3.39 4.12 4.08
N LEU A 74 -3.75 4.37 2.82
CA LEU A 74 -3.60 5.69 2.22
C LEU A 74 -4.53 5.88 1.01
N SER A 75 -4.54 7.08 0.44
CA SER A 75 -5.14 7.34 -0.87
C SER A 75 -4.37 6.60 -1.99
N THR A 76 -4.97 6.48 -3.17
CA THR A 76 -4.48 5.65 -4.26
C THR A 76 -3.10 6.11 -4.76
N ILE A 77 -3.06 7.23 -5.49
CA ILE A 77 -1.83 7.74 -6.08
C ILE A 77 -0.81 8.08 -5.00
N GLU A 78 -1.28 8.58 -3.86
CA GLU A 78 -0.42 9.03 -2.79
C GLU A 78 0.26 7.82 -2.10
N ALA A 79 -0.33 6.63 -2.13
CA ALA A 79 0.41 5.41 -1.79
C ALA A 79 1.46 5.20 -2.89
N ALA A 80 1.00 5.07 -4.14
CA ALA A 80 1.79 4.67 -5.29
C ALA A 80 3.09 5.48 -5.43
N GLN A 81 3.02 6.81 -5.34
CA GLN A 81 4.14 7.73 -5.53
C GLN A 81 5.15 7.68 -4.38
N LEU A 82 4.65 7.53 -3.14
CA LEU A 82 5.50 7.65 -1.96
C LEU A 82 6.53 6.53 -1.96
N LEU A 83 6.14 5.34 -2.43
CA LEU A 83 7.00 4.18 -2.57
C LEU A 83 8.33 4.55 -3.24
N GLN A 84 8.27 5.33 -4.32
CA GLN A 84 9.43 5.66 -5.12
C GLN A 84 10.41 6.57 -4.36
N ILE A 85 9.95 7.29 -3.34
CA ILE A 85 10.79 8.10 -2.46
C ILE A 85 11.44 7.18 -1.40
N LEU A 86 10.69 6.21 -0.88
CA LEU A 86 11.18 5.24 0.12
C LEU A 86 12.34 4.40 -0.43
N GLN A 87 12.53 4.37 -1.75
CA GLN A 87 13.69 3.74 -2.36
C GLN A 87 15.01 4.42 -1.98
N ALA A 88 14.98 5.68 -1.53
CA ALA A 88 16.20 6.47 -1.35
C ALA A 88 16.42 6.95 0.08
N LEU A 89 15.50 6.67 1.01
CA LEU A 89 15.66 7.09 2.42
C LEU A 89 15.50 5.89 3.33
N HIS A 90 16.03 6.01 4.55
CA HIS A 90 15.94 5.06 5.64
C HIS A 90 15.73 5.87 6.92
N PRO A 91 15.12 5.31 7.98
CA PRO A 91 14.86 6.03 9.22
C PRO A 91 16.11 6.06 10.13
N PRO A 92 16.06 6.81 11.23
CA PRO A 92 16.93 6.60 12.38
C PRO A 92 16.63 5.24 13.03
N LEU A 93 15.36 4.98 13.38
CA LEU A 93 14.88 3.82 14.14
C LEU A 93 15.37 2.50 13.52
N THR A 94 16.41 1.87 14.09
CA THR A 94 17.00 0.65 13.55
C THR A 94 17.47 -0.26 14.70
N ILE A 95 16.51 -0.94 15.31
CA ILE A 95 16.80 -1.94 16.34
C ILE A 95 17.52 -3.10 15.65
N ASP A 96 18.53 -3.67 16.31
CA ASP A 96 19.24 -4.90 15.94
C ASP A 96 20.00 -4.83 14.60
N GLY A 97 19.86 -3.73 13.86
CA GLY A 97 20.36 -3.53 12.51
C GLY A 97 19.26 -3.63 11.45
N LYS A 98 17.97 -3.66 11.83
CA LYS A 98 16.90 -4.03 10.91
C LYS A 98 16.39 -2.81 10.17
N THR A 99 17.06 -2.55 9.06
CA THR A 99 16.72 -1.52 8.10
C THR A 99 15.39 -1.85 7.45
N ILE A 100 14.42 -0.96 7.61
CA ILE A 100 13.10 -0.99 7.00
C ILE A 100 13.29 -1.03 5.48
N ASN A 101 12.66 -2.00 4.83
CA ASN A 101 12.78 -2.18 3.39
C ASN A 101 11.84 -1.20 2.67
N VAL A 102 11.44 -1.51 1.44
CA VAL A 102 10.39 -0.82 0.71
C VAL A 102 9.65 -1.80 -0.22
N GLU A 103 8.31 -1.90 -0.09
CA GLU A 103 7.39 -2.61 -0.99
C GLU A 103 5.97 -2.00 -0.89
N PHE A 104 5.04 -2.40 -1.76
CA PHE A 104 3.63 -2.06 -1.82
C PHE A 104 2.76 -3.28 -2.18
N ALA A 105 1.43 -3.16 -2.07
CA ALA A 105 0.47 -4.25 -2.13
C ALA A 105 -0.87 -3.91 -2.84
N LYS A 106 -0.89 -2.89 -3.71
CA LYS A 106 -2.12 -2.27 -4.27
C LYS A 106 -2.94 -3.17 -5.19
N GLY A 107 -4.20 -2.80 -5.43
CA GLY A 107 -5.10 -3.53 -6.31
C GLY A 107 -6.15 -2.64 -7.00
N SER A 108 -6.17 -2.74 -8.33
CA SER A 108 -7.13 -2.15 -9.26
C SER A 108 -8.51 -2.85 -9.13
N LYS A 109 -9.59 -2.31 -9.73
CA LYS A 109 -10.86 -3.05 -9.86
C LYS A 109 -11.76 -2.45 -10.95
N ARG A 110 -12.61 -3.30 -11.53
CA ARG A 110 -13.59 -2.94 -12.54
C ARG A 110 -14.71 -2.09 -11.96
N ASP A 111 -15.31 -1.28 -12.81
CA ASP A 111 -16.43 -0.39 -12.51
C ASP A 111 -17.68 -1.25 -12.52
N MET A 112 -18.71 -0.92 -11.73
CA MET A 112 -19.92 -1.74 -11.63
C MET A 112 -21.14 -1.03 -11.05
N ALA A 113 -21.06 0.28 -10.85
CA ALA A 113 -22.11 1.09 -10.26
C ALA A 113 -21.92 2.54 -10.70
N SER A 114 -22.85 3.08 -11.48
CA SER A 114 -22.81 4.47 -11.92
C SER A 114 -24.22 4.89 -12.32
N ASN A 115 -24.99 5.42 -11.38
CA ASN A 115 -26.35 5.92 -11.60
C ASN A 115 -26.57 7.14 -10.71
N GLU A 116 -26.11 8.30 -11.19
CA GLU A 116 -26.12 9.59 -10.51
C GLU A 116 -25.67 9.49 -9.04
N GLY A 117 -24.39 9.17 -8.85
CA GLY A 117 -23.70 9.01 -7.57
C GLY A 117 -23.43 10.34 -6.85
N SER A 118 -24.25 11.38 -7.09
CA SER A 118 -24.06 12.71 -6.55
C SER A 118 -25.36 13.14 -5.86
N ARG A 119 -25.23 13.93 -4.78
CA ARG A 119 -26.31 14.63 -4.10
C ARG A 119 -25.65 15.74 -3.27
N ILE A 120 -25.44 16.90 -3.85
CA ILE A 120 -24.80 18.04 -3.20
C ILE A 120 -25.75 19.24 -3.35
N SER A 121 -25.63 20.25 -2.49
CA SER A 121 -26.31 21.53 -2.61
C SER A 121 -25.42 22.59 -1.96
N ALA A 122 -25.66 23.86 -2.26
CA ALA A 122 -25.00 25.03 -1.70
C ALA A 122 -25.89 26.25 -1.96
N ALA A 123 -25.47 27.42 -1.49
CA ALA A 123 -26.09 28.71 -1.83
C ALA A 123 -24.97 29.68 -2.17
N SER A 124 -24.25 30.18 -1.17
CA SER A 124 -23.02 30.96 -1.31
C SER A 124 -22.24 30.83 0.00
N VAL A 125 -20.99 31.30 -0.01
CA VAL A 125 -20.11 31.36 1.15
C VAL A 125 -19.40 32.71 1.02
N ALA A 126 -19.18 33.41 2.14
CA ALA A 126 -18.65 34.78 2.15
C ALA A 126 -17.66 35.01 3.31
N SER A 127 -17.16 33.93 3.93
CA SER A 127 -16.41 33.90 5.19
C SER A 127 -15.00 34.54 5.14
N THR A 128 -14.76 35.48 4.25
CA THR A 128 -13.54 36.29 4.22
C THR A 128 -13.53 37.19 5.46
N ALA A 129 -12.34 37.44 6.01
CA ALA A 129 -12.07 38.50 6.99
C ALA A 129 -10.61 38.90 6.80
N ILE A 130 -10.17 39.96 7.47
CA ILE A 130 -8.77 40.38 7.57
C ILE A 130 -8.35 40.61 9.02
N ALA A 131 -9.22 40.33 10.00
CA ALA A 131 -9.75 41.31 10.94
C ALA A 131 -10.78 42.12 10.16
N GLN A 1 -48.58 -49.64 -20.70
CA GLN A 1 -48.06 -48.26 -20.69
C GLN A 1 -47.85 -47.85 -19.24
N ALA A 2 -46.62 -47.54 -18.84
CA ALA A 2 -46.27 -46.98 -17.55
C ALA A 2 -44.91 -46.32 -17.78
N GLN A 3 -44.78 -45.03 -17.48
CA GLN A 3 -43.53 -44.28 -17.57
C GLN A 3 -43.71 -42.97 -16.81
N GLY A 4 -42.66 -42.14 -16.80
CA GLY A 4 -42.71 -40.72 -16.49
C GLY A 4 -41.79 -40.00 -17.46
N VAL A 5 -41.32 -38.82 -17.08
CA VAL A 5 -40.14 -38.17 -17.65
C VAL A 5 -39.20 -37.91 -16.48
N LEU A 6 -37.89 -37.92 -16.71
CA LEU A 6 -36.88 -37.84 -15.66
C LEU A 6 -35.75 -36.96 -16.17
N ALA A 7 -35.82 -35.65 -15.91
CA ALA A 7 -34.73 -34.72 -16.15
C ALA A 7 -34.86 -33.58 -15.15
N SER A 8 -33.73 -32.94 -14.83
CA SER A 8 -33.62 -31.80 -13.94
C SER A 8 -32.19 -31.27 -14.14
N GLN A 9 -32.05 -30.03 -14.58
CA GLN A 9 -30.77 -29.36 -14.74
C GLN A 9 -31.03 -27.88 -14.43
N ALA A 10 -30.42 -27.33 -13.39
CA ALA A 10 -30.41 -25.91 -13.10
C ALA A 10 -29.16 -25.58 -12.29
N LEU A 11 -28.64 -24.37 -12.43
CA LEU A 11 -27.62 -23.77 -11.55
C LEU A 11 -27.94 -22.27 -11.48
N SER A 12 -27.41 -21.57 -10.49
CA SER A 12 -27.36 -20.11 -10.42
C SER A 12 -26.34 -19.76 -9.34
N GLN A 13 -25.11 -19.45 -9.74
CA GLN A 13 -24.07 -18.91 -8.86
C GLN A 13 -23.18 -18.03 -9.73
N GLY A 14 -22.62 -16.97 -9.16
CA GLY A 14 -21.67 -16.10 -9.83
C GLY A 14 -21.04 -15.19 -8.78
N SER A 15 -21.01 -13.90 -9.10
CA SER A 15 -20.49 -12.82 -8.31
C SER A 15 -21.25 -11.55 -8.68
N GLU A 16 -21.26 -10.63 -7.73
CA GLU A 16 -21.91 -9.33 -7.76
C GLU A 16 -20.83 -8.26 -7.54
N PRO A 17 -20.07 -7.83 -8.57
CA PRO A 17 -18.94 -6.91 -8.42
C PRO A 17 -19.38 -5.47 -8.20
N SER A 18 -20.03 -5.24 -7.07
CA SER A 18 -20.70 -4.00 -6.70
C SER A 18 -20.04 -3.39 -5.45
N SER A 19 -18.86 -3.89 -5.05
CA SER A 19 -18.17 -3.39 -3.88
C SER A 19 -16.66 -3.55 -4.09
N GLU A 20 -15.94 -2.44 -4.24
CA GLU A 20 -14.48 -2.44 -4.27
C GLU A 20 -14.09 -1.16 -3.56
N ASN A 21 -13.35 -1.28 -2.47
CA ASN A 21 -12.89 -0.16 -1.65
C ASN A 21 -11.40 -0.33 -1.37
N ALA A 22 -10.66 -0.85 -2.34
CA ALA A 22 -9.24 -1.08 -2.23
C ALA A 22 -8.66 -1.09 -3.63
N ASN A 23 -7.68 -0.24 -3.92
CA ASN A 23 -6.72 -0.46 -5.00
C ASN A 23 -5.37 0.18 -4.71
N ASP A 24 -5.10 0.59 -3.48
CA ASP A 24 -3.85 1.20 -3.01
C ASP A 24 -3.66 0.79 -1.55
N THR A 25 -2.54 0.13 -1.21
CA THR A 25 -2.08 -0.10 0.16
C THR A 25 -0.58 -0.40 0.08
N ILE A 26 0.23 0.09 1.02
CA ILE A 26 1.66 -0.22 1.11
C ILE A 26 1.88 -1.30 2.18
N ILE A 27 3.02 -1.97 2.11
CA ILE A 27 3.46 -3.02 3.03
C ILE A 27 4.96 -2.72 3.26
N LEU A 28 5.43 -2.81 4.50
CA LEU A 28 6.85 -2.73 4.84
C LEU A 28 7.34 -4.17 4.94
N ARG A 29 8.58 -4.42 4.52
CA ARG A 29 9.18 -5.75 4.54
C ARG A 29 10.46 -5.70 5.37
N ASN A 30 10.99 -6.86 5.74
CA ASN A 30 12.32 -7.09 6.32
C ASN A 30 12.45 -6.69 7.78
N LEU A 31 11.34 -6.59 8.51
CA LEU A 31 11.37 -6.11 9.90
C LEU A 31 11.90 -7.19 10.82
N ASN A 32 12.09 -6.81 12.08
CA ASN A 32 12.42 -7.75 13.15
C ASN A 32 11.24 -7.84 14.13
N PRO A 33 11.20 -8.86 15.00
CA PRO A 33 10.12 -9.00 15.99
C PRO A 33 9.99 -7.84 16.99
N HIS A 34 10.95 -6.90 17.00
CA HIS A 34 11.05 -5.77 17.92
C HIS A 34 11.13 -4.42 17.19
N SER A 35 10.90 -4.37 15.88
CA SER A 35 10.77 -3.09 15.19
C SER A 35 9.49 -2.38 15.70
N THR A 36 9.45 -1.06 15.60
CA THR A 36 8.38 -0.23 16.17
C THR A 36 7.70 0.71 15.17
N MET A 37 6.51 1.20 15.51
CA MET A 37 5.69 2.09 14.68
C MET A 37 6.45 3.36 14.31
N ASP A 38 7.22 3.93 15.24
CA ASP A 38 7.79 5.27 15.04
C ASP A 38 8.80 5.27 13.88
N SER A 39 9.38 4.11 13.56
CA SER A 39 10.20 3.85 12.38
C SER A 39 9.50 4.27 11.08
N ILE A 40 8.17 4.24 11.03
CA ILE A 40 7.41 4.66 9.87
C ILE A 40 7.10 6.14 10.06
N LEU A 41 6.40 6.51 11.15
CA LEU A 41 5.91 7.87 11.39
C LEU A 41 7.02 8.89 11.24
N GLY A 42 8.11 8.78 12.01
CA GLY A 42 9.17 9.78 11.99
C GLY A 42 9.87 9.85 10.64
N ALA A 43 9.99 8.72 9.93
CA ALA A 43 10.64 8.70 8.63
C ALA A 43 9.87 9.54 7.60
N LEU A 44 8.53 9.54 7.71
CA LEU A 44 7.65 9.97 6.63
C LEU A 44 6.85 11.21 7.02
N ALA A 45 6.91 11.66 8.28
CA ALA A 45 6.10 12.73 8.83
C ALA A 45 6.07 13.97 7.94
N PRO A 46 7.20 14.64 7.61
CA PRO A 46 7.16 15.83 6.75
C PRO A 46 6.83 15.55 5.28
N TYR A 47 6.63 14.29 4.88
CA TYR A 47 6.42 13.87 3.50
C TYR A 47 5.00 13.33 3.30
N ALA A 48 4.16 13.35 4.33
CA ALA A 48 2.83 12.74 4.30
C ALA A 48 1.85 13.53 5.15
N VAL A 49 0.55 13.26 4.96
CA VAL A 49 -0.51 13.73 5.84
C VAL A 49 -1.28 12.50 6.37
N LEU A 50 -0.78 11.97 7.48
CA LEU A 50 -1.22 10.72 8.08
C LEU A 50 -1.10 10.77 9.60
N SER A 51 -1.51 9.69 10.26
CA SER A 51 -1.26 9.45 11.68
C SER A 51 -1.12 7.94 11.93
N SER A 52 -1.00 7.55 13.20
CA SER A 52 -0.92 6.17 13.68
C SER A 52 -2.13 5.30 13.31
N SER A 53 -3.20 5.87 12.72
CA SER A 53 -4.26 5.07 12.13
C SER A 53 -3.86 4.44 10.79
N ASN A 54 -3.04 5.12 9.99
CA ASN A 54 -2.68 4.69 8.63
C ASN A 54 -1.85 3.43 8.70
N VAL A 55 -0.75 3.50 9.44
CA VAL A 55 0.21 2.43 9.63
C VAL A 55 -0.46 1.37 10.52
N ARG A 56 -0.30 0.10 10.18
CA ARG A 56 -0.67 -1.01 11.03
C ARG A 56 0.52 -1.95 11.09
N VAL A 57 0.68 -2.63 12.21
CA VAL A 57 1.77 -3.58 12.42
C VAL A 57 1.15 -4.86 12.93
N ILE A 58 1.26 -5.88 12.10
CA ILE A 58 0.77 -7.22 12.36
C ILE A 58 1.85 -7.95 13.13
N LYS A 59 1.46 -8.43 14.31
CA LYS A 59 2.30 -9.17 15.23
C LYS A 59 1.60 -10.49 15.50
N ASP A 60 2.26 -11.36 16.23
CA ASP A 60 1.65 -12.59 16.72
C ASP A 60 0.59 -12.25 17.77
N LYS A 61 -0.33 -13.19 18.02
CA LYS A 61 -1.31 -13.17 19.08
C LYS A 61 -0.77 -13.84 20.35
N GLN A 62 -0.03 -14.94 20.25
CA GLN A 62 0.40 -15.71 21.42
C GLN A 62 1.32 -14.83 22.26
N THR A 63 2.39 -14.42 21.60
CA THR A 63 3.37 -13.43 21.98
C THR A 63 2.83 -12.08 21.48
N GLN A 64 3.63 -11.03 21.48
CA GLN A 64 3.24 -9.72 20.96
C GLN A 64 4.28 -9.21 19.95
N LEU A 65 4.98 -10.12 19.27
CA LEU A 65 6.15 -9.79 18.46
C LEU A 65 5.77 -9.69 17.00
N ASN A 66 6.50 -8.87 16.24
CA ASN A 66 6.12 -8.58 14.85
C ASN A 66 6.25 -9.84 14.00
N ARG A 67 5.34 -10.03 13.05
CA ARG A 67 5.44 -11.13 12.09
C ARG A 67 6.44 -10.84 10.96
N GLY A 68 7.24 -9.78 11.06
CA GLY A 68 8.35 -9.50 10.15
C GLY A 68 7.99 -8.53 9.02
N PHE A 69 6.79 -7.97 9.03
CA PHE A 69 6.27 -7.02 8.05
C PHE A 69 5.35 -6.02 8.75
N ALA A 70 4.90 -4.99 8.04
CA ALA A 70 3.85 -4.08 8.50
C ALA A 70 3.05 -3.58 7.29
N PHE A 71 1.99 -2.80 7.49
CA PHE A 71 1.00 -2.36 6.51
C PHE A 71 0.84 -0.84 6.59
N ILE A 72 0.38 -0.18 5.53
CA ILE A 72 0.02 1.24 5.55
C ILE A 72 -1.16 1.51 4.61
N GLN A 73 -2.25 2.07 5.15
CA GLN A 73 -3.32 2.72 4.40
C GLN A 73 -2.79 4.04 3.86
N LEU A 74 -2.71 4.19 2.54
CA LEU A 74 -2.37 5.44 1.85
C LEU A 74 -3.17 5.53 0.55
N SER A 75 -3.56 6.74 0.16
CA SER A 75 -4.39 7.03 -1.00
C SER A 75 -3.74 6.64 -2.34
N THR A 76 -4.53 6.61 -3.40
CA THR A 76 -4.18 6.11 -4.73
C THR A 76 -2.84 6.63 -5.27
N ILE A 77 -2.69 7.95 -5.43
CA ILE A 77 -1.44 8.54 -5.91
C ILE A 77 -0.46 8.66 -4.75
N GLU A 78 -0.94 8.91 -3.55
CA GLU A 78 -0.07 9.20 -2.41
C GLU A 78 0.77 7.99 -2.00
N ALA A 79 0.21 6.81 -2.20
CA ALA A 79 0.90 5.55 -2.04
C ALA A 79 2.02 5.45 -3.07
N ALA A 80 1.72 5.86 -4.31
CA ALA A 80 2.63 5.78 -5.42
C ALA A 80 3.79 6.76 -5.25
N GLN A 81 3.50 8.04 -5.00
CA GLN A 81 4.49 9.10 -4.85
C GLN A 81 5.42 8.78 -3.68
N LEU A 82 4.87 8.35 -2.53
CA LEU A 82 5.66 8.08 -1.35
C LEU A 82 6.67 7.00 -1.66
N LEU A 83 6.31 5.99 -2.45
CA LEU A 83 7.19 4.86 -2.70
C LEU A 83 8.55 5.33 -3.25
N GLN A 84 8.55 6.31 -4.17
CA GLN A 84 9.75 6.79 -4.86
C GLN A 84 10.62 7.64 -3.93
N ILE A 85 10.04 8.15 -2.84
CA ILE A 85 10.77 8.84 -1.78
C ILE A 85 11.36 7.75 -0.87
N LEU A 86 10.56 6.74 -0.51
CA LEU A 86 10.94 5.69 0.44
C LEU A 86 12.13 4.88 -0.05
N GLN A 87 12.28 4.72 -1.38
CA GLN A 87 13.42 4.06 -2.01
C GLN A 87 14.77 4.68 -1.63
N ALA A 88 14.78 5.86 -1.02
CA ALA A 88 15.96 6.71 -0.88
C ALA A 88 16.14 7.24 0.56
N LEU A 89 15.48 6.65 1.56
CA LEU A 89 15.58 7.04 2.97
C LEU A 89 15.73 5.81 3.85
N HIS A 90 15.90 6.02 5.14
CA HIS A 90 15.93 5.00 6.18
C HIS A 90 15.00 5.44 7.33
N PRO A 91 14.56 4.52 8.19
CA PRO A 91 13.80 4.91 9.37
C PRO A 91 14.68 5.68 10.36
N PRO A 92 14.09 6.45 11.30
CA PRO A 92 14.81 6.99 12.45
C PRO A 92 15.18 5.90 13.48
N LEU A 93 14.66 4.68 13.30
CA LEU A 93 14.64 3.58 14.23
C LEU A 93 15.06 2.32 13.49
N THR A 94 16.00 1.58 14.04
CA THR A 94 16.39 0.24 13.59
C THR A 94 16.47 -0.62 14.86
N ILE A 95 16.48 -1.94 14.73
CA ILE A 95 16.84 -2.85 15.81
C ILE A 95 17.80 -3.86 15.22
N ASP A 96 18.71 -4.40 16.03
CA ASP A 96 19.63 -5.48 15.67
C ASP A 96 20.43 -5.18 14.39
N GLY A 97 20.61 -3.90 14.05
CA GLY A 97 21.24 -3.47 12.81
C GLY A 97 20.52 -3.99 11.56
N LYS A 98 19.19 -4.15 11.60
CA LYS A 98 18.34 -4.50 10.46
C LYS A 98 18.20 -3.26 9.56
N THR A 99 17.25 -3.28 8.64
CA THR A 99 16.68 -2.08 8.05
C THR A 99 15.24 -2.43 7.63
N ILE A 100 14.52 -1.52 6.97
CA ILE A 100 13.13 -1.70 6.58
C ILE A 100 13.13 -1.59 5.05
N ASN A 101 12.65 -2.62 4.38
CA ASN A 101 12.48 -2.65 2.94
C ASN A 101 11.14 -2.02 2.57
N VAL A 102 11.10 -1.46 1.36
CA VAL A 102 9.97 -0.81 0.73
C VAL A 102 9.22 -1.88 -0.08
N GLU A 103 7.94 -1.67 -0.38
CA GLU A 103 7.12 -2.47 -1.31
C GLU A 103 5.77 -1.76 -1.50
N PHE A 104 4.91 -2.22 -2.43
CA PHE A 104 3.57 -1.67 -2.61
C PHE A 104 2.61 -2.84 -2.86
N ALA A 105 1.90 -3.26 -1.81
CA ALA A 105 0.87 -4.30 -1.80
C ALA A 105 -0.44 -3.87 -2.51
N LYS A 106 -0.33 -3.31 -3.71
CA LYS A 106 -1.45 -2.90 -4.54
C LYS A 106 -2.24 -4.12 -5.01
N GLY A 107 -3.54 -3.93 -5.18
CA GLY A 107 -4.50 -4.97 -5.48
C GLY A 107 -4.48 -5.45 -6.93
N SER A 108 -5.53 -6.19 -7.28
CA SER A 108 -5.66 -7.00 -8.49
C SER A 108 -5.19 -6.25 -9.75
N LYS A 109 -4.09 -6.73 -10.34
CA LYS A 109 -3.52 -6.22 -11.58
C LYS A 109 -4.53 -6.43 -12.72
N ARG A 110 -4.82 -5.39 -13.51
CA ARG A 110 -5.77 -5.39 -14.62
C ARG A 110 -5.44 -4.23 -15.54
N ASP A 111 -5.32 -4.48 -16.84
CA ASP A 111 -5.07 -3.47 -17.87
C ASP A 111 -6.28 -3.36 -18.80
N MET A 112 -6.24 -2.47 -19.80
CA MET A 112 -7.39 -2.18 -20.65
C MET A 112 -6.94 -1.69 -22.03
N ALA A 113 -7.90 -1.51 -22.95
CA ALA A 113 -7.68 -1.09 -24.33
C ALA A 113 -8.71 -0.04 -24.75
N SER A 114 -8.36 1.25 -24.71
CA SER A 114 -9.06 2.40 -25.26
C SER A 114 -8.28 3.67 -24.84
N ASN A 115 -7.15 3.98 -25.46
CA ASN A 115 -6.30 5.09 -25.01
C ASN A 115 -5.64 5.77 -26.21
N GLU A 116 -6.10 6.96 -26.58
CA GLU A 116 -5.63 7.76 -27.72
C GLU A 116 -6.04 9.23 -27.47
N GLY A 117 -5.55 10.20 -28.27
CA GLY A 117 -5.95 11.59 -28.12
C GLY A 117 -5.17 12.63 -28.94
N SER A 118 -4.21 12.23 -29.77
CA SER A 118 -3.29 13.13 -30.47
C SER A 118 -3.99 13.91 -31.60
N ARG A 119 -4.53 15.11 -31.33
CA ARG A 119 -5.24 15.89 -32.34
C ARG A 119 -5.10 17.38 -32.06
N ILE A 120 -4.02 17.99 -32.51
CA ILE A 120 -3.80 19.44 -32.51
C ILE A 120 -3.34 19.81 -33.92
N SER A 121 -3.68 21.02 -34.39
CA SER A 121 -3.09 21.69 -35.53
C SER A 121 -3.47 23.19 -35.42
N ALA A 122 -3.11 23.99 -36.42
CA ALA A 122 -3.60 25.35 -36.65
C ALA A 122 -4.26 25.40 -38.03
N ALA A 123 -4.82 26.54 -38.41
CA ALA A 123 -5.47 26.73 -39.71
C ALA A 123 -5.24 28.12 -40.32
N SER A 124 -4.88 29.13 -39.54
CA SER A 124 -4.53 30.47 -39.99
C SER A 124 -3.73 31.15 -38.86
N VAL A 125 -3.19 32.33 -39.12
CA VAL A 125 -2.52 33.19 -38.15
C VAL A 125 -2.72 34.63 -38.64
N ALA A 126 -2.46 35.61 -37.78
CA ALA A 126 -2.37 37.02 -38.15
C ALA A 126 -1.17 37.61 -37.42
N SER A 127 -0.54 38.63 -37.99
CA SER A 127 0.68 39.24 -37.43
C SER A 127 0.82 40.71 -37.85
N THR A 128 -0.25 41.35 -38.34
CA THR A 128 -0.25 42.78 -38.61
C THR A 128 -0.44 43.55 -37.29
N ALA A 129 -0.35 44.87 -37.36
CA ALA A 129 -0.58 45.81 -36.28
C ALA A 129 -1.41 46.98 -36.83
N ILE A 130 -1.53 48.06 -36.05
CA ILE A 130 -2.10 49.34 -36.44
C ILE A 130 -1.09 50.44 -36.07
N ALA A 131 -1.44 51.69 -36.35
CA ALA A 131 -0.89 52.89 -35.75
C ALA A 131 -2.10 53.73 -35.32
N GLN A 1 -14.37 -36.73 -56.47
CA GLN A 1 -15.68 -36.16 -56.10
C GLN A 1 -16.47 -37.25 -55.39
N ALA A 2 -17.07 -36.94 -54.23
CA ALA A 2 -17.96 -37.77 -53.43
C ALA A 2 -18.22 -36.98 -52.16
N GLN A 3 -17.33 -37.10 -51.16
CA GLN A 3 -17.49 -36.62 -49.78
C GLN A 3 -18.58 -37.43 -49.08
N GLY A 4 -19.00 -37.01 -47.88
CA GLY A 4 -20.04 -37.66 -47.10
C GLY A 4 -20.42 -36.71 -45.97
N VAL A 5 -20.18 -37.12 -44.73
CA VAL A 5 -20.40 -36.29 -43.54
C VAL A 5 -19.16 -36.44 -42.65
N LEU A 6 -18.90 -35.44 -41.82
CA LEU A 6 -17.82 -35.43 -40.83
C LEU A 6 -18.40 -34.79 -39.56
N ALA A 7 -17.74 -34.97 -38.41
CA ALA A 7 -18.09 -34.33 -37.16
C ALA A 7 -16.82 -34.10 -36.34
N SER A 8 -16.93 -33.38 -35.22
CA SER A 8 -15.85 -33.09 -34.30
C SER A 8 -16.45 -32.75 -32.92
N GLN A 9 -15.62 -32.33 -31.96
CA GLN A 9 -16.00 -31.66 -30.72
C GLN A 9 -14.72 -31.14 -30.06
N ALA A 10 -14.86 -30.29 -29.04
CA ALA A 10 -13.78 -29.77 -28.22
C ALA A 10 -14.40 -29.38 -26.86
N LEU A 11 -13.56 -28.91 -25.92
CA LEU A 11 -13.97 -28.29 -24.66
C LEU A 11 -13.08 -27.08 -24.40
N SER A 12 -13.50 -26.21 -23.48
CA SER A 12 -12.79 -24.98 -23.17
C SER A 12 -12.95 -24.69 -21.67
N GLN A 13 -11.90 -24.87 -20.89
CA GLN A 13 -11.76 -24.40 -19.51
C GLN A 13 -10.36 -23.76 -19.39
N GLY A 14 -10.07 -23.14 -18.25
CA GLY A 14 -8.80 -22.50 -17.96
C GLY A 14 -8.81 -22.11 -16.49
N SER A 15 -8.63 -20.83 -16.18
CA SER A 15 -8.87 -20.23 -14.88
C SER A 15 -9.15 -18.74 -15.13
N GLU A 16 -9.93 -18.14 -14.25
CA GLU A 16 -10.56 -16.84 -14.43
C GLU A 16 -10.71 -16.16 -13.06
N PRO A 17 -9.66 -15.50 -12.54
CA PRO A 17 -9.68 -14.86 -11.22
C PRO A 17 -10.46 -13.54 -11.21
N SER A 18 -10.72 -12.97 -12.40
CA SER A 18 -11.06 -11.57 -12.62
C SER A 18 -10.09 -10.61 -11.91
N SER A 19 -10.23 -10.33 -10.62
CA SER A 19 -9.42 -9.36 -9.91
C SER A 19 -9.31 -9.80 -8.45
N GLU A 20 -8.19 -10.46 -8.09
CA GLU A 20 -7.84 -10.79 -6.71
C GLU A 20 -7.51 -9.49 -5.98
N ASN A 21 -8.53 -8.79 -5.46
CA ASN A 21 -8.44 -7.59 -4.62
C ASN A 21 -7.40 -6.56 -5.09
N ALA A 22 -7.75 -5.75 -6.10
CA ALA A 22 -6.98 -4.57 -6.47
C ALA A 22 -7.37 -3.42 -5.55
N ASN A 23 -6.39 -2.89 -4.81
CA ASN A 23 -6.48 -1.66 -4.05
C ASN A 23 -5.13 -0.94 -4.16
N ASP A 24 -4.84 0.04 -3.31
CA ASP A 24 -3.59 0.78 -3.21
C ASP A 24 -3.20 0.72 -1.74
N THR A 25 -2.21 -0.10 -1.36
CA THR A 25 -1.72 -0.13 0.02
C THR A 25 -0.24 -0.50 0.01
N ILE A 26 0.55 0.15 0.87
CA ILE A 26 1.96 -0.12 1.08
C ILE A 26 2.05 -1.26 2.09
N ILE A 27 3.19 -1.94 2.05
CA ILE A 27 3.53 -3.04 2.94
C ILE A 27 4.98 -2.82 3.36
N LEU A 28 5.25 -2.95 4.65
CA LEU A 28 6.61 -2.97 5.17
C LEU A 28 7.10 -4.41 5.06
N ARG A 29 8.40 -4.59 4.85
CA ARG A 29 9.07 -5.89 4.96
C ARG A 29 10.41 -5.65 5.65
N ASN A 30 11.16 -6.72 5.94
CA ASN A 30 12.37 -6.72 6.74
C ASN A 30 12.15 -5.98 8.07
N LEU A 31 11.29 -6.56 8.92
CA LEU A 31 10.96 -6.03 10.24
C LEU A 31 11.34 -7.05 11.30
N ASN A 32 11.78 -6.61 12.49
CA ASN A 32 12.18 -7.54 13.54
C ASN A 32 11.00 -7.76 14.46
N PRO A 33 10.95 -8.86 15.23
CA PRO A 33 9.84 -9.13 16.14
C PRO A 33 9.69 -8.02 17.18
N HIS A 34 10.78 -7.28 17.46
CA HIS A 34 10.83 -6.20 18.43
C HIS A 34 10.83 -4.80 17.80
N SER A 35 10.81 -4.64 16.48
CA SER A 35 10.97 -3.32 15.90
C SER A 35 9.71 -2.49 16.12
N THR A 36 9.84 -1.18 15.99
CA THR A 36 8.77 -0.25 16.30
C THR A 36 8.32 0.51 15.08
N MET A 37 7.07 0.97 15.13
CA MET A 37 6.41 1.71 14.07
C MET A 37 7.02 3.09 13.88
N ASP A 38 7.77 3.54 14.89
CA ASP A 38 8.40 4.83 14.90
C ASP A 38 9.29 5.00 13.67
N SER A 39 9.95 3.92 13.21
CA SER A 39 10.72 3.92 11.99
C SER A 39 9.90 4.49 10.83
N ILE A 40 8.73 3.92 10.59
CA ILE A 40 7.83 4.32 9.52
C ILE A 40 7.33 5.74 9.76
N LEU A 41 6.78 6.01 10.95
CA LEU A 41 6.20 7.32 11.27
C LEU A 41 7.22 8.41 11.04
N GLY A 42 8.37 8.33 11.73
CA GLY A 42 9.39 9.35 11.63
C GLY A 42 10.10 9.36 10.28
N ALA A 43 9.95 8.34 9.43
CA ALA A 43 10.41 8.38 8.05
C ALA A 43 9.50 9.28 7.23
N LEU A 44 8.18 9.00 7.21
CA LEU A 44 7.25 9.57 6.24
C LEU A 44 6.40 10.69 6.82
N ALA A 45 6.56 11.03 8.09
CA ALA A 45 5.85 12.13 8.76
C ALA A 45 5.79 13.44 7.96
N PRO A 46 6.86 13.92 7.30
CA PRO A 46 6.80 15.10 6.45
C PRO A 46 6.36 14.86 5.00
N TYR A 47 6.35 13.61 4.55
CA TYR A 47 6.16 13.21 3.16
C TYR A 47 4.78 12.59 2.95
N ALA A 48 3.93 12.65 3.96
CA ALA A 48 2.57 12.13 3.94
C ALA A 48 1.75 12.77 5.05
N VAL A 49 0.42 12.58 5.02
CA VAL A 49 -0.50 13.15 5.98
C VAL A 49 -1.22 12.00 6.69
N LEU A 50 -0.56 11.42 7.68
CA LEU A 50 -1.06 10.32 8.49
C LEU A 50 -0.44 10.28 9.88
N SER A 51 -0.92 9.35 10.71
CA SER A 51 -0.57 9.11 12.09
C SER A 51 -0.56 7.60 12.30
N SER A 52 -0.39 7.19 13.55
CA SER A 52 -0.28 5.82 14.03
C SER A 52 -1.49 4.93 13.71
N SER A 53 -2.59 5.49 13.19
CA SER A 53 -3.75 4.72 12.77
C SER A 53 -3.45 3.98 11.45
N ASN A 54 -2.87 4.68 10.48
CA ASN A 54 -2.63 4.20 9.11
C ASN A 54 -1.60 3.09 9.09
N VAL A 55 -0.53 3.26 9.87
CA VAL A 55 0.63 2.38 9.95
C VAL A 55 0.30 1.20 10.87
N ARG A 56 -0.43 0.24 10.33
CA ARG A 56 -1.05 -0.80 11.12
C ARG A 56 -0.08 -1.96 11.31
N VAL A 57 0.47 -2.04 12.53
CA VAL A 57 1.36 -3.09 12.97
C VAL A 57 0.53 -4.34 13.19
N ILE A 58 0.48 -5.21 12.19
CA ILE A 58 0.01 -6.59 12.38
C ILE A 58 1.03 -7.32 13.27
N LYS A 59 0.55 -8.07 14.27
CA LYS A 59 1.35 -8.82 15.23
C LYS A 59 1.00 -10.30 15.16
N ASP A 60 1.73 -11.11 15.93
CA ASP A 60 1.43 -12.51 16.17
C ASP A 60 0.39 -12.69 17.29
N LYS A 61 -0.10 -13.91 17.44
CA LYS A 61 -1.13 -14.32 18.37
C LYS A 61 -0.54 -15.18 19.50
N GLN A 62 0.46 -16.03 19.18
CA GLN A 62 1.12 -16.93 20.12
C GLN A 62 2.04 -16.15 21.05
N THR A 63 2.58 -15.06 20.52
CA THR A 63 3.50 -14.13 21.11
C THR A 63 2.88 -12.74 20.93
N GLN A 64 3.51 -11.71 21.47
CA GLN A 64 3.06 -10.33 21.32
C GLN A 64 4.13 -9.58 20.53
N LEU A 65 4.47 -10.10 19.35
CA LEU A 65 5.61 -9.68 18.54
C LEU A 65 5.14 -9.36 17.14
N ASN A 66 5.98 -8.68 16.35
CA ASN A 66 5.66 -8.38 14.96
C ASN A 66 5.74 -9.65 14.10
N ARG A 67 5.27 -9.58 12.86
CA ARG A 67 5.27 -10.71 11.91
C ARG A 67 6.11 -10.43 10.66
N GLY A 68 7.21 -9.67 10.78
CA GLY A 68 8.10 -9.42 9.65
C GLY A 68 7.49 -8.57 8.53
N PHE A 69 6.30 -8.00 8.75
CA PHE A 69 5.57 -7.16 7.81
C PHE A 69 4.58 -6.28 8.56
N ALA A 70 4.02 -5.25 7.93
CA ALA A 70 2.94 -4.39 8.43
C ALA A 70 2.34 -3.60 7.25
N PHE A 71 1.25 -2.85 7.47
CA PHE A 71 0.45 -2.17 6.45
C PHE A 71 0.51 -0.65 6.57
N ILE A 72 0.25 0.09 5.47
CA ILE A 72 0.05 1.55 5.47
C ILE A 72 -0.98 1.94 4.38
N GLN A 73 -2.14 2.50 4.77
CA GLN A 73 -3.24 2.93 3.88
C GLN A 73 -3.14 4.42 3.50
N LEU A 74 -3.26 4.78 2.21
CA LEU A 74 -3.12 6.16 1.72
C LEU A 74 -4.09 6.49 0.56
N SER A 75 -4.13 7.78 0.16
CA SER A 75 -4.87 8.32 -0.97
C SER A 75 -4.30 7.86 -2.33
N THR A 76 -5.06 8.00 -3.42
CA THR A 76 -4.77 7.30 -4.69
C THR A 76 -3.42 7.63 -5.34
N ILE A 77 -3.01 8.90 -5.33
CA ILE A 77 -1.75 9.37 -5.92
C ILE A 77 -0.62 9.12 -4.91
N GLU A 78 -0.88 9.45 -3.64
CA GLU A 78 0.05 9.32 -2.54
C GLU A 78 0.49 7.86 -2.35
N ALA A 79 -0.45 6.91 -2.52
CA ALA A 79 -0.28 5.48 -2.47
C ALA A 79 0.24 5.05 -3.84
N ALA A 80 1.31 5.71 -4.25
CA ALA A 80 2.26 5.17 -5.17
C ALA A 80 3.60 5.91 -5.00
N GLN A 81 3.55 7.24 -5.12
CA GLN A 81 4.70 8.14 -5.22
C GLN A 81 5.57 8.12 -3.98
N LEU A 82 4.98 7.78 -2.83
CA LEU A 82 5.73 7.52 -1.61
C LEU A 82 6.90 6.60 -1.89
N LEU A 83 6.65 5.52 -2.65
CA LEU A 83 7.65 4.48 -2.89
C LEU A 83 8.98 5.05 -3.38
N GLN A 84 8.93 6.07 -4.24
CA GLN A 84 10.12 6.73 -4.78
C GLN A 84 10.90 7.36 -3.62
N ILE A 85 10.20 8.13 -2.79
CA ILE A 85 10.74 8.84 -1.64
C ILE A 85 11.42 7.85 -0.68
N LEU A 86 10.77 6.70 -0.44
CA LEU A 86 11.25 5.70 0.52
C LEU A 86 12.59 5.10 0.10
N GLN A 87 12.81 4.90 -1.20
CA GLN A 87 14.07 4.34 -1.71
C GLN A 87 15.25 5.30 -1.52
N ALA A 88 14.99 6.50 -0.99
CA ALA A 88 15.92 7.60 -0.81
C ALA A 88 15.80 8.23 0.58
N LEU A 89 15.59 7.44 1.64
CA LEU A 89 15.67 7.94 3.03
C LEU A 89 16.14 6.86 4.00
N HIS A 90 16.63 7.29 5.16
CA HIS A 90 17.12 6.41 6.22
C HIS A 90 17.19 7.20 7.57
N PRO A 91 16.11 7.29 8.35
CA PRO A 91 16.17 7.87 9.70
C PRO A 91 16.90 6.91 10.67
N PRO A 92 17.30 7.38 11.88
CA PRO A 92 18.12 6.61 12.82
C PRO A 92 17.41 5.45 13.52
N LEU A 93 16.13 5.19 13.20
CA LEU A 93 15.28 4.28 13.95
C LEU A 93 15.51 2.82 13.55
N THR A 94 16.78 2.38 13.51
CA THR A 94 17.14 0.99 13.42
C THR A 94 17.23 0.42 14.84
N ILE A 95 16.99 -0.89 14.92
CA ILE A 95 17.05 -1.76 16.08
C ILE A 95 17.78 -3.01 15.60
N ASP A 96 18.58 -3.62 16.46
CA ASP A 96 19.36 -4.87 16.29
C ASP A 96 20.28 -4.93 15.05
N GLY A 97 20.26 -3.91 14.17
CA GLY A 97 21.02 -3.80 12.94
C GLY A 97 20.19 -3.61 11.66
N LYS A 98 18.84 -3.52 11.71
CA LYS A 98 18.01 -3.67 10.50
C LYS A 98 17.48 -2.38 9.90
N THR A 99 17.21 -2.43 8.60
CA THR A 99 16.56 -1.39 7.84
C THR A 99 15.20 -1.93 7.33
N ILE A 100 14.36 -1.13 6.66
CA ILE A 100 12.95 -1.40 6.39
C ILE A 100 12.81 -1.53 4.89
N ASN A 101 12.44 -2.70 4.38
CA ASN A 101 12.40 -2.89 2.94
C ASN A 101 11.24 -2.10 2.34
N VAL A 102 11.41 -1.70 1.09
CA VAL A 102 10.59 -0.71 0.42
C VAL A 102 9.81 -1.44 -0.67
N GLU A 103 8.52 -1.64 -0.49
CA GLU A 103 7.68 -2.41 -1.39
C GLU A 103 6.22 -1.96 -1.29
N PHE A 104 5.38 -2.43 -2.22
CA PHE A 104 3.98 -2.06 -2.33
C PHE A 104 3.16 -3.37 -2.43
N ALA A 105 1.88 -3.32 -2.06
CA ALA A 105 0.94 -4.43 -2.16
C ALA A 105 -0.31 -4.05 -2.98
N LYS A 106 -0.23 -2.95 -3.74
CA LYS A 106 -1.28 -2.55 -4.65
C LYS A 106 -1.37 -3.53 -5.80
N GLY A 107 -2.45 -3.44 -6.58
CA GLY A 107 -2.63 -4.29 -7.74
C GLY A 107 -1.94 -3.66 -8.95
N SER A 108 -2.72 -2.96 -9.77
CA SER A 108 -2.22 -2.08 -10.82
C SER A 108 -3.40 -1.21 -11.24
N LYS A 109 -3.10 -0.04 -11.84
CA LYS A 109 -4.06 0.84 -12.50
C LYS A 109 -3.38 1.55 -13.67
N ARG A 110 -4.15 2.29 -14.46
CA ARG A 110 -3.66 3.39 -15.28
C ARG A 110 -4.62 4.56 -15.07
N ASP A 111 -4.10 5.77 -15.20
CA ASP A 111 -4.74 7.08 -15.09
C ASP A 111 -3.60 8.10 -15.19
N MET A 112 -3.68 9.09 -16.09
CA MET A 112 -2.61 10.07 -16.23
C MET A 112 -3.16 11.34 -16.85
N ALA A 113 -3.41 12.37 -16.03
CA ALA A 113 -3.76 13.70 -16.50
C ALA A 113 -3.30 14.74 -15.49
N SER A 114 -2.10 15.26 -15.66
CA SER A 114 -1.63 16.43 -14.94
C SER A 114 -0.56 17.07 -15.82
N ASN A 115 -0.82 18.26 -16.39
CA ASN A 115 0.15 18.97 -17.21
C ASN A 115 -0.23 20.46 -17.32
N GLU A 116 0.75 21.35 -17.42
CA GLU A 116 0.57 22.78 -17.61
C GLU A 116 1.86 23.37 -18.21
N GLY A 117 1.84 24.67 -18.55
CA GLY A 117 2.96 25.37 -19.17
C GLY A 117 3.00 26.87 -18.87
N SER A 118 2.17 27.39 -17.97
CA SER A 118 2.07 28.83 -17.68
C SER A 118 2.07 29.05 -16.17
N ARG A 119 3.22 29.40 -15.60
CA ARG A 119 3.39 29.59 -14.17
C ARG A 119 4.52 30.57 -13.96
N ILE A 120 4.17 31.83 -13.69
CA ILE A 120 5.08 32.91 -13.33
C ILE A 120 4.50 33.72 -12.14
N SER A 121 5.27 34.70 -11.67
CA SER A 121 4.92 35.65 -10.63
C SER A 121 4.66 37.02 -11.29
N ALA A 122 4.23 38.00 -10.48
CA ALA A 122 4.13 39.43 -10.81
C ALA A 122 3.34 39.76 -12.08
N ALA A 123 2.28 39.00 -12.39
CA ALA A 123 1.51 39.15 -13.63
C ALA A 123 0.98 40.57 -13.87
N SER A 124 0.53 41.30 -12.84
CA SER A 124 0.05 42.66 -12.96
C SER A 124 -0.05 43.31 -11.57
N VAL A 125 -0.35 44.61 -11.53
CA VAL A 125 -0.66 45.40 -10.35
C VAL A 125 -1.65 46.48 -10.78
N ALA A 126 -2.53 46.93 -9.88
CA ALA A 126 -3.58 47.90 -10.17
C ALA A 126 -3.74 48.96 -9.06
N SER A 127 -2.80 49.00 -8.11
CA SER A 127 -2.95 49.69 -6.83
C SER A 127 -1.85 50.73 -6.59
N THR A 128 -1.07 51.06 -7.61
CA THR A 128 0.01 52.04 -7.53
C THR A 128 -0.58 53.42 -7.22
N ALA A 129 -0.18 54.03 -6.10
CA ALA A 129 -0.56 55.37 -5.68
C ALA A 129 0.65 56.02 -5.01
N ILE A 130 0.48 57.23 -4.49
CA ILE A 130 1.39 57.87 -3.55
C ILE A 130 0.74 57.85 -2.16
N ALA A 131 1.49 58.29 -1.15
CA ALA A 131 1.03 58.69 0.16
C ALA A 131 1.81 59.95 0.52
N GLN A 1 6.10 -56.08 -44.69
CA GLN A 1 5.36 -55.67 -43.49
C GLN A 1 3.99 -55.19 -43.96
N ALA A 2 2.94 -55.38 -43.17
CA ALA A 2 1.76 -54.53 -43.23
C ALA A 2 2.12 -53.14 -42.67
N GLN A 3 1.14 -52.24 -42.57
CA GLN A 3 1.25 -51.00 -41.82
C GLN A 3 -0.14 -50.69 -41.25
N GLY A 4 -0.27 -49.64 -40.44
CA GLY A 4 -1.54 -49.10 -39.97
C GLY A 4 -1.64 -47.64 -40.37
N VAL A 5 -2.80 -47.04 -40.10
CA VAL A 5 -3.01 -45.60 -40.15
C VAL A 5 -2.47 -45.07 -38.81
N LEU A 6 -2.21 -43.76 -38.76
CA LEU A 6 -1.74 -43.02 -37.59
C LEU A 6 -2.58 -41.74 -37.48
N ALA A 7 -2.52 -41.09 -36.32
CA ALA A 7 -3.17 -39.81 -36.04
C ALA A 7 -2.29 -39.02 -35.07
N SER A 8 -2.68 -37.78 -34.78
CA SER A 8 -2.00 -36.92 -33.83
C SER A 8 -3.02 -35.94 -33.22
N GLN A 9 -2.62 -35.20 -32.19
CA GLN A 9 -3.42 -34.14 -31.58
C GLN A 9 -2.47 -33.14 -30.93
N ALA A 10 -2.93 -31.91 -30.67
CA ALA A 10 -2.19 -30.89 -29.96
C ALA A 10 -3.21 -30.03 -29.21
N LEU A 11 -3.28 -30.14 -27.88
CA LEU A 11 -4.14 -29.33 -27.02
C LEU A 11 -3.32 -28.91 -25.82
N SER A 12 -3.54 -27.70 -25.31
CA SER A 12 -3.07 -27.24 -24.02
C SER A 12 -3.98 -26.07 -23.60
N GLN A 13 -4.90 -26.29 -22.65
CA GLN A 13 -5.73 -25.23 -22.09
C GLN A 13 -6.32 -25.67 -20.73
N GLY A 14 -7.12 -24.81 -20.11
CA GLY A 14 -7.77 -25.09 -18.85
C GLY A 14 -7.08 -24.32 -17.75
N SER A 15 -7.39 -23.04 -17.64
CA SER A 15 -7.09 -22.17 -16.52
C SER A 15 -8.43 -21.77 -15.92
N GLU A 16 -8.55 -21.79 -14.61
CA GLU A 16 -9.82 -21.55 -13.90
C GLU A 16 -9.54 -20.63 -12.70
N PRO A 17 -9.39 -19.31 -12.92
CA PRO A 17 -9.30 -18.31 -11.85
C PRO A 17 -10.66 -18.04 -11.20
N SER A 18 -10.68 -17.22 -10.15
CA SER A 18 -11.88 -16.75 -9.45
C SER A 18 -11.95 -15.22 -9.55
N SER A 19 -11.31 -14.48 -8.64
CA SER A 19 -11.19 -13.02 -8.69
C SER A 19 -9.91 -12.65 -7.97
N GLU A 20 -9.21 -11.64 -8.46
CA GLU A 20 -8.10 -10.97 -7.78
C GLU A 20 -8.69 -9.80 -6.97
N ASN A 21 -7.90 -9.12 -6.15
CA ASN A 21 -8.32 -8.02 -5.28
C ASN A 21 -7.74 -6.70 -5.78
N ALA A 22 -8.46 -5.59 -5.61
CA ALA A 22 -8.10 -4.28 -6.13
C ALA A 22 -8.29 -3.18 -5.10
N ASN A 23 -7.28 -3.02 -4.24
CA ASN A 23 -7.15 -1.81 -3.45
C ASN A 23 -5.68 -1.40 -3.37
N ASP A 24 -5.37 -0.43 -2.51
CA ASP A 24 -4.20 0.43 -2.63
C ASP A 24 -3.76 0.69 -1.21
N THR A 25 -2.51 0.33 -0.93
CA THR A 25 -1.92 0.16 0.40
C THR A 25 -0.40 0.04 0.18
N ILE A 26 0.37 0.27 1.23
CA ILE A 26 1.81 0.01 1.29
C ILE A 26 2.00 -1.19 2.23
N ILE A 27 3.06 -1.97 1.98
CA ILE A 27 3.54 -3.08 2.80
C ILE A 27 5.00 -2.75 3.08
N LEU A 28 5.57 -3.34 4.12
CA LEU A 28 6.97 -3.16 4.49
C LEU A 28 7.52 -4.51 4.90
N ARG A 29 8.83 -4.70 4.79
CA ARG A 29 9.47 -6.01 5.01
C ARG A 29 10.81 -5.82 5.73
N ASN A 30 11.53 -6.92 6.01
CA ASN A 30 12.86 -6.94 6.64
C ASN A 30 12.88 -6.38 8.08
N LEU A 31 11.77 -6.46 8.80
CA LEU A 31 11.61 -5.88 10.13
C LEU A 31 12.18 -6.86 11.16
N ASN A 32 12.00 -6.55 12.45
CA ASN A 32 12.42 -7.41 13.56
C ASN A 32 11.27 -7.59 14.56
N PRO A 33 11.30 -8.55 15.50
CA PRO A 33 10.11 -8.85 16.28
C PRO A 33 9.70 -7.68 17.20
N HIS A 34 10.67 -6.88 17.65
CA HIS A 34 10.46 -5.69 18.48
C HIS A 34 10.55 -4.38 17.68
N SER A 35 10.46 -4.39 16.35
CA SER A 35 10.40 -3.16 15.60
C SER A 35 9.11 -2.42 15.94
N THR A 36 9.08 -1.13 15.66
CA THR A 36 8.00 -0.23 16.04
C THR A 36 7.39 0.43 14.80
N MET A 37 6.15 0.90 14.96
CA MET A 37 5.46 1.70 13.94
C MET A 37 6.19 3.04 13.74
N ASP A 38 6.96 3.43 14.76
CA ASP A 38 7.68 4.68 14.88
C ASP A 38 8.75 4.83 13.80
N SER A 39 9.40 3.71 13.45
CA SER A 39 10.39 3.56 12.39
C SER A 39 9.86 4.08 11.05
N ILE A 40 8.55 3.97 10.82
CA ILE A 40 7.92 4.50 9.63
C ILE A 40 7.60 5.99 9.89
N LEU A 41 6.93 6.29 11.01
CA LEU A 41 6.43 7.64 11.28
C LEU A 41 7.53 8.69 11.18
N GLY A 42 8.62 8.49 11.94
CA GLY A 42 9.58 9.56 12.19
C GLY A 42 10.35 9.97 10.94
N ALA A 43 10.52 9.08 9.95
CA ALA A 43 11.16 9.46 8.70
C ALA A 43 10.18 10.29 7.86
N LEU A 44 8.98 9.74 7.61
CA LEU A 44 8.15 10.22 6.51
C LEU A 44 7.25 11.39 6.92
N ALA A 45 7.22 11.75 8.21
CA ALA A 45 6.32 12.73 8.79
C ALA A 45 6.09 13.99 7.93
N PRO A 46 7.12 14.80 7.58
CA PRO A 46 6.90 16.02 6.81
C PRO A 46 6.42 15.75 5.38
N TYR A 47 6.80 14.62 4.78
CA TYR A 47 6.48 14.28 3.39
C TYR A 47 5.06 13.75 3.25
N ALA A 48 4.31 13.63 4.35
CA ALA A 48 3.04 12.92 4.45
C ALA A 48 2.07 13.62 5.41
N VAL A 49 0.86 13.08 5.51
CA VAL A 49 -0.18 13.43 6.46
C VAL A 49 -0.76 12.13 7.00
N LEU A 50 -0.05 11.52 7.95
CA LEU A 50 -0.48 10.26 8.56
C LEU A 50 0.00 10.12 9.99
N SER A 51 -0.55 9.12 10.68
CA SER A 51 -0.29 8.83 12.08
C SER A 51 -0.44 7.31 12.26
N SER A 52 -0.43 6.84 13.51
CA SER A 52 -0.57 5.43 13.84
C SER A 52 -1.85 4.81 13.29
N SER A 53 -2.90 5.62 13.03
CA SER A 53 -4.11 5.20 12.31
C SER A 53 -3.83 4.54 10.96
N ASN A 54 -2.78 4.96 10.26
CA ASN A 54 -2.41 4.42 8.96
C ASN A 54 -1.63 3.13 9.14
N VAL A 55 -0.56 3.20 9.93
CA VAL A 55 0.50 2.19 10.04
C VAL A 55 0.07 1.06 10.99
N ARG A 56 -0.63 0.10 10.42
CA ARG A 56 -1.21 -1.01 11.14
C ARG A 56 -0.20 -2.14 11.33
N VAL A 57 0.43 -2.19 12.50
CA VAL A 57 1.44 -3.19 12.81
C VAL A 57 0.75 -4.54 12.93
N ILE A 58 0.94 -5.41 11.93
CA ILE A 58 0.41 -6.75 11.94
C ILE A 58 1.30 -7.63 12.84
N LYS A 59 0.76 -7.98 14.01
CA LYS A 59 1.45 -8.75 15.03
C LYS A 59 1.04 -10.21 14.95
N ASP A 60 1.91 -11.09 15.43
CA ASP A 60 1.57 -12.48 15.67
C ASP A 60 0.49 -12.53 16.74
N LYS A 61 -0.43 -13.48 16.63
CA LYS A 61 -1.49 -13.66 17.60
C LYS A 61 -0.94 -14.40 18.82
N GLN A 62 -0.09 -15.41 18.62
CA GLN A 62 0.37 -16.30 19.68
C GLN A 62 1.21 -15.52 20.68
N THR A 63 2.14 -14.74 20.16
CA THR A 63 3.09 -13.93 20.90
C THR A 63 2.62 -12.47 20.85
N GLN A 64 3.49 -11.52 21.20
CA GLN A 64 3.21 -10.09 21.11
C GLN A 64 4.32 -9.45 20.27
N LEU A 65 4.58 -10.00 19.08
CA LEU A 65 5.71 -9.65 18.23
C LEU A 65 5.19 -9.27 16.84
N ASN A 66 5.99 -8.55 16.07
CA ASN A 66 5.66 -8.22 14.67
C ASN A 66 5.69 -9.51 13.84
N ARG A 67 5.00 -9.56 12.70
CA ARG A 67 5.03 -10.72 11.78
C ARG A 67 6.14 -10.65 10.72
N GLY A 68 7.05 -9.67 10.78
CA GLY A 68 8.04 -9.47 9.72
C GLY A 68 7.41 -8.87 8.47
N PHE A 69 6.23 -8.24 8.61
CA PHE A 69 5.76 -7.22 7.70
C PHE A 69 4.96 -6.18 8.49
N ALA A 70 4.50 -5.15 7.79
CA ALA A 70 3.57 -4.15 8.30
C ALA A 70 2.62 -3.77 7.15
N PHE A 71 1.54 -3.07 7.48
CA PHE A 71 0.63 -2.47 6.51
C PHE A 71 0.55 -0.96 6.75
N ILE A 72 0.24 -0.19 5.71
CA ILE A 72 -0.08 1.24 5.79
C ILE A 72 -1.18 1.50 4.75
N GLN A 73 -2.28 2.13 5.16
CA GLN A 73 -3.38 2.56 4.30
C GLN A 73 -3.16 3.99 3.83
N LEU A 74 -3.40 4.25 2.54
CA LEU A 74 -3.29 5.57 1.91
C LEU A 74 -3.92 5.50 0.52
N SER A 75 -4.50 6.61 0.04
CA SER A 75 -5.12 6.68 -1.30
C SER A 75 -4.09 6.36 -2.39
N THR A 76 -4.56 5.96 -3.58
CA THR A 76 -3.71 5.54 -4.69
C THR A 76 -2.67 6.59 -5.09
N ILE A 77 -2.97 7.88 -4.95
CA ILE A 77 -2.03 8.97 -5.17
C ILE A 77 -0.78 8.72 -4.33
N GLU A 78 -0.98 8.64 -3.02
CA GLU A 78 0.10 8.59 -2.07
C GLU A 78 0.70 7.19 -2.01
N ALA A 79 -0.12 6.14 -2.13
CA ALA A 79 0.33 4.76 -2.05
C ALA A 79 1.33 4.51 -3.18
N ALA A 80 1.10 5.19 -4.31
CA ALA A 80 2.04 5.26 -5.40
C ALA A 80 3.24 6.14 -5.06
N GLN A 81 3.05 7.46 -4.95
CA GLN A 81 4.14 8.44 -5.07
C GLN A 81 5.19 8.28 -3.98
N LEU A 82 4.77 7.87 -2.77
CA LEU A 82 5.63 7.77 -1.59
C LEU A 82 6.75 6.79 -1.91
N LEU A 83 6.42 5.63 -2.50
CA LEU A 83 7.37 4.56 -2.78
C LEU A 83 8.59 5.11 -3.52
N GLN A 84 8.39 5.99 -4.50
CA GLN A 84 9.47 6.48 -5.35
C GLN A 84 10.39 7.47 -4.63
N ILE A 85 9.91 8.13 -3.57
CA ILE A 85 10.69 9.05 -2.74
C ILE A 85 11.46 8.22 -1.72
N LEU A 86 10.81 7.19 -1.18
CA LEU A 86 11.29 6.35 -0.09
C LEU A 86 12.51 5.53 -0.48
N GLN A 87 12.68 5.23 -1.77
CA GLN A 87 13.81 4.50 -2.33
C GLN A 87 15.17 5.16 -2.07
N ALA A 88 15.18 6.38 -1.53
CA ALA A 88 16.36 7.23 -1.42
C ALA A 88 16.66 7.63 0.02
N LEU A 89 15.93 7.10 1.03
CA LEU A 89 16.14 7.44 2.43
C LEU A 89 16.03 6.20 3.33
N HIS A 90 16.46 6.32 4.59
CA HIS A 90 16.39 5.29 5.62
C HIS A 90 15.83 5.84 6.94
N PRO A 91 15.28 4.98 7.81
CA PRO A 91 14.50 5.40 8.98
C PRO A 91 15.33 5.80 10.23
N PRO A 92 14.71 6.55 11.17
CA PRO A 92 15.32 6.97 12.43
C PRO A 92 15.36 5.87 13.52
N LEU A 93 14.96 4.64 13.20
CA LEU A 93 15.06 3.47 14.06
C LEU A 93 15.78 2.42 13.24
N THR A 94 16.65 1.64 13.87
CA THR A 94 17.32 0.51 13.24
C THR A 94 17.54 -0.54 14.33
N ILE A 95 16.44 -1.16 14.72
CA ILE A 95 16.36 -2.04 15.88
C ILE A 95 17.21 -3.28 15.62
N ASP A 96 18.08 -3.60 16.57
CA ASP A 96 19.08 -4.68 16.51
C ASP A 96 19.94 -4.66 15.22
N GLY A 97 19.95 -3.54 14.48
CA GLY A 97 20.69 -3.36 13.25
C GLY A 97 19.86 -3.66 12.00
N LYS A 98 18.54 -3.84 12.13
CA LYS A 98 17.66 -4.13 11.01
C LYS A 98 17.07 -2.85 10.48
N THR A 99 16.71 -2.86 9.22
CA THR A 99 16.36 -1.67 8.46
C THR A 99 15.21 -2.02 7.52
N ILE A 100 14.13 -1.23 7.56
CA ILE A 100 12.87 -1.60 6.92
C ILE A 100 13.02 -1.51 5.39
N ASN A 101 12.67 -2.57 4.67
CA ASN A 101 12.53 -2.50 3.22
C ASN A 101 11.24 -1.75 2.90
N VAL A 102 11.29 -0.97 1.83
CA VAL A 102 10.19 -0.25 1.28
C VAL A 102 9.68 -1.08 0.11
N GLU A 103 8.37 -1.13 -0.07
CA GLU A 103 7.66 -1.79 -1.17
C GLU A 103 6.18 -1.40 -1.01
N PHE A 104 5.26 -2.07 -1.69
CA PHE A 104 3.86 -1.69 -1.75
C PHE A 104 2.95 -2.90 -1.94
N ALA A 105 1.65 -2.71 -1.72
CA ALA A 105 0.61 -3.71 -1.87
C ALA A 105 -0.61 -3.05 -2.51
N LYS A 106 -0.58 -2.91 -3.82
CA LYS A 106 -1.62 -2.30 -4.64
C LYS A 106 -2.44 -3.36 -5.39
N GLY A 107 -3.28 -2.92 -6.33
CA GLY A 107 -4.14 -3.73 -7.16
C GLY A 107 -4.04 -3.22 -8.59
N SER A 108 -5.12 -2.68 -9.14
CA SER A 108 -5.18 -2.09 -10.48
C SER A 108 -5.68 -0.65 -10.35
N LYS A 109 -5.43 0.20 -11.35
CA LYS A 109 -5.92 1.57 -11.37
C LYS A 109 -6.34 1.94 -12.78
N ARG A 110 -7.56 2.46 -12.95
CA ARG A 110 -7.96 3.19 -14.14
C ARG A 110 -8.71 4.44 -13.70
N ASP A 111 -8.90 5.40 -14.61
CA ASP A 111 -9.85 6.52 -14.55
C ASP A 111 -9.56 7.41 -15.77
N MET A 112 -10.55 7.78 -16.58
CA MET A 112 -10.36 8.73 -17.67
C MET A 112 -11.69 9.40 -18.04
N ALA A 113 -11.65 10.52 -18.76
CA ALA A 113 -12.79 11.13 -19.40
C ALA A 113 -12.33 11.93 -20.62
N SER A 114 -12.51 11.37 -21.81
CA SER A 114 -12.34 12.03 -23.09
C SER A 114 -13.12 11.22 -24.14
N ASN A 115 -13.70 11.88 -25.14
CA ASN A 115 -14.41 11.24 -26.26
C ASN A 115 -14.09 12.00 -27.54
N GLU A 116 -13.09 11.55 -28.30
CA GLU A 116 -12.73 12.14 -29.59
C GLU A 116 -13.70 11.67 -30.70
N GLY A 117 -13.54 12.24 -31.89
CA GLY A 117 -14.51 12.26 -32.97
C GLY A 117 -15.08 13.67 -33.17
N SER A 118 -14.65 14.66 -32.37
CA SER A 118 -15.28 15.96 -32.22
C SER A 118 -14.42 17.01 -32.93
N ARG A 119 -14.04 16.72 -34.19
CA ARG A 119 -12.94 17.41 -34.87
C ARG A 119 -13.28 17.54 -36.37
N ILE A 120 -14.11 18.51 -36.72
CA ILE A 120 -14.48 18.86 -38.08
C ILE A 120 -14.46 20.40 -38.15
N SER A 121 -14.07 20.97 -39.30
CA SER A 121 -14.30 22.36 -39.67
C SER A 121 -14.18 22.46 -41.19
N ALA A 122 -14.40 23.65 -41.74
CA ALA A 122 -13.96 24.02 -43.08
C ALA A 122 -12.44 24.28 -43.07
N ALA A 123 -11.86 24.58 -44.23
CA ALA A 123 -10.50 25.07 -44.36
C ALA A 123 -10.54 26.59 -44.52
N SER A 124 -10.72 27.09 -45.74
CA SER A 124 -10.96 28.49 -46.09
C SER A 124 -11.54 28.52 -47.49
N VAL A 125 -12.11 29.65 -47.90
CA VAL A 125 -12.72 29.84 -49.22
C VAL A 125 -12.28 31.23 -49.67
N ALA A 126 -11.16 31.30 -50.40
CA ALA A 126 -10.63 32.53 -50.97
C ALA A 126 -9.95 32.16 -52.28
N SER A 127 -10.65 32.34 -53.40
CA SER A 127 -10.20 31.88 -54.71
C SER A 127 -10.52 32.87 -55.84
N THR A 128 -11.24 33.96 -55.55
CA THR A 128 -11.63 34.97 -56.52
C THR A 128 -10.45 35.91 -56.80
N ALA A 129 -9.48 35.43 -57.58
CA ALA A 129 -8.56 36.31 -58.28
C ALA A 129 -9.33 37.03 -59.40
N ILE A 130 -8.77 38.14 -59.88
CA ILE A 130 -9.19 38.87 -61.07
C ILE A 130 -7.92 39.34 -61.79
N ALA A 131 -8.08 39.92 -62.97
CA ALA A 131 -7.11 40.70 -63.70
C ALA A 131 -7.90 41.81 -64.40
N GLN A 1 11.66 -35.34 -60.48
CA GLN A 1 12.35 -35.16 -59.19
C GLN A 1 11.44 -34.46 -58.19
N ALA A 2 11.08 -33.17 -58.38
CA ALA A 2 10.33 -32.37 -57.42
C ALA A 2 11.01 -32.37 -56.04
N GLN A 3 12.16 -31.71 -55.97
CA GLN A 3 12.97 -31.53 -54.78
C GLN A 3 13.44 -30.07 -54.80
N GLY A 4 13.91 -29.56 -53.66
CA GLY A 4 14.41 -28.21 -53.53
C GLY A 4 14.72 -27.97 -52.07
N VAL A 5 13.70 -27.63 -51.28
CA VAL A 5 13.77 -27.52 -49.83
C VAL A 5 12.61 -28.33 -49.27
N LEU A 6 12.88 -29.16 -48.27
CA LEU A 6 11.90 -30.01 -47.60
C LEU A 6 12.11 -29.78 -46.10
N ALA A 7 11.55 -28.69 -45.56
CA ALA A 7 11.58 -28.39 -44.13
C ALA A 7 10.39 -27.50 -43.81
N SER A 8 10.03 -27.44 -42.53
CA SER A 8 8.98 -26.60 -42.00
C SER A 8 9.16 -26.56 -40.48
N GLN A 9 8.73 -25.47 -39.85
CA GLN A 9 8.40 -25.35 -38.45
C GLN A 9 7.47 -24.14 -38.33
N ALA A 10 6.74 -24.04 -37.23
CA ALA A 10 5.90 -22.93 -36.87
C ALA A 10 5.87 -22.88 -35.34
N LEU A 11 5.99 -21.67 -34.78
CA LEU A 11 5.99 -21.39 -33.36
C LEU A 11 4.98 -20.29 -33.09
N SER A 12 4.46 -20.22 -31.87
CA SER A 12 3.70 -19.08 -31.37
C SER A 12 3.83 -19.03 -29.86
N GLN A 13 3.56 -17.88 -29.26
CA GLN A 13 3.64 -17.64 -27.83
C GLN A 13 2.77 -16.43 -27.49
N GLY A 14 2.31 -16.31 -26.24
CA GLY A 14 1.54 -15.18 -25.76
C GLY A 14 1.80 -14.98 -24.27
N SER A 15 0.75 -14.76 -23.49
CA SER A 15 0.78 -14.33 -22.11
C SER A 15 -0.64 -14.37 -21.58
N GLU A 16 -0.79 -14.50 -20.26
CA GLU A 16 -2.03 -14.67 -19.53
C GLU A 16 -1.89 -14.05 -18.12
N PRO A 17 -1.69 -12.73 -18.00
CA PRO A 17 -1.58 -12.06 -16.71
C PRO A 17 -2.96 -11.94 -16.04
N SER A 18 -3.32 -12.90 -15.18
CA SER A 18 -4.43 -12.77 -14.24
C SER A 18 -4.16 -11.65 -13.23
N SER A 19 -5.19 -11.24 -12.46
CA SER A 19 -5.01 -10.36 -11.31
C SER A 19 -6.25 -10.34 -10.40
N GLU A 20 -7.43 -10.13 -10.99
CA GLU A 20 -8.75 -10.09 -10.36
C GLU A 20 -8.88 -9.15 -9.14
N ASN A 21 -8.01 -8.16 -8.97
CA ASN A 21 -8.02 -7.27 -7.81
C ASN A 21 -7.40 -5.93 -8.18
N ALA A 22 -7.81 -4.84 -7.51
CA ALA A 22 -7.20 -3.54 -7.65
C ALA A 22 -7.39 -2.79 -6.34
N ASN A 23 -6.29 -2.46 -5.68
CA ASN A 23 -6.24 -1.42 -4.66
C ASN A 23 -4.79 -0.96 -4.51
N ASP A 24 -4.46 -0.26 -3.44
CA ASP A 24 -3.28 0.57 -3.23
C ASP A 24 -3.10 0.53 -1.71
N THR A 25 -2.02 -0.10 -1.23
CA THR A 25 -1.62 -0.16 0.16
C THR A 25 -0.10 -0.36 0.14
N ILE A 26 0.68 0.40 0.90
CA ILE A 26 2.13 0.18 0.97
C ILE A 26 2.37 -0.89 2.03
N ILE A 27 3.36 -1.77 1.80
CA ILE A 27 3.73 -2.83 2.74
C ILE A 27 5.21 -2.67 3.10
N LEU A 28 5.50 -2.71 4.38
CA LEU A 28 6.85 -2.67 4.92
C LEU A 28 7.33 -4.10 5.04
N ARG A 29 8.63 -4.33 4.85
CA ARG A 29 9.24 -5.66 4.88
C ARG A 29 10.60 -5.57 5.58
N ASN A 30 11.33 -6.69 5.70
CA ASN A 30 12.70 -6.79 6.23
C ASN A 30 12.85 -6.40 7.71
N LEU A 31 11.78 -6.50 8.51
CA LEU A 31 11.75 -5.93 9.86
C LEU A 31 12.39 -6.92 10.84
N ASN A 32 12.26 -6.68 12.15
CA ASN A 32 12.66 -7.60 13.22
C ASN A 32 11.50 -7.74 14.19
N PRO A 33 11.42 -8.78 15.04
CA PRO A 33 10.25 -9.04 15.87
C PRO A 33 9.84 -7.87 16.75
N HIS A 34 10.81 -7.11 17.27
CA HIS A 34 10.58 -5.99 18.16
C HIS A 34 10.34 -4.67 17.43
N SER A 35 10.28 -4.64 16.09
CA SER A 35 10.15 -3.39 15.37
C SER A 35 8.82 -2.73 15.73
N THR A 36 8.79 -1.42 15.62
CA THR A 36 7.68 -0.57 16.03
C THR A 36 7.11 0.22 14.86
N MET A 37 5.89 0.74 15.03
CA MET A 37 5.22 1.60 14.07
C MET A 37 5.96 2.94 13.92
N ASP A 38 6.65 3.33 15.00
CA ASP A 38 7.31 4.60 15.21
C ASP A 38 8.37 4.83 14.14
N SER A 39 9.10 3.80 13.74
CA SER A 39 10.00 3.79 12.59
C SER A 39 9.34 4.37 11.35
N ILE A 40 8.15 3.89 10.99
CA ILE A 40 7.51 4.30 9.75
C ILE A 40 7.09 5.77 9.89
N LEU A 41 6.57 6.16 11.05
CA LEU A 41 6.22 7.55 11.33
C LEU A 41 7.47 8.43 11.17
N GLY A 42 8.55 8.07 11.85
CA GLY A 42 9.79 8.84 11.90
C GLY A 42 10.46 9.01 10.53
N ALA A 43 10.28 8.08 9.58
CA ALA A 43 10.79 8.27 8.23
C ALA A 43 9.96 9.32 7.50
N LEU A 44 8.63 9.17 7.49
CA LEU A 44 7.79 9.83 6.49
C LEU A 44 7.07 11.07 7.02
N ALA A 45 7.07 11.32 8.33
CA ALA A 45 6.32 12.40 8.98
C ALA A 45 6.33 13.74 8.21
N PRO A 46 7.47 14.35 7.83
CA PRO A 46 7.48 15.64 7.13
C PRO A 46 7.05 15.58 5.65
N TYR A 47 6.92 14.38 5.09
CA TYR A 47 6.60 14.13 3.69
C TYR A 47 5.19 13.55 3.54
N ALA A 48 4.43 13.49 4.63
CA ALA A 48 3.21 12.72 4.74
C ALA A 48 2.16 13.45 5.56
N VAL A 49 0.94 12.90 5.61
CA VAL A 49 -0.10 13.31 6.52
C VAL A 49 -0.87 12.05 6.97
N LEU A 50 -0.33 11.39 7.99
CA LEU A 50 -0.85 10.16 8.58
C LEU A 50 -0.44 10.09 10.06
N SER A 51 -0.87 9.04 10.76
CA SER A 51 -0.48 8.77 12.15
C SER A 51 -0.71 7.30 12.46
N SER A 52 -0.66 6.91 13.73
CA SER A 52 -0.74 5.53 14.19
C SER A 52 -2.03 4.77 13.77
N SER A 53 -3.04 5.44 13.21
CA SER A 53 -4.16 4.75 12.58
C SER A 53 -3.75 4.11 11.24
N ASN A 54 -2.96 4.80 10.40
CA ASN A 54 -2.39 4.31 9.15
C ASN A 54 -1.51 3.10 9.36
N VAL A 55 -0.52 3.24 10.24
CA VAL A 55 0.65 2.38 10.28
C VAL A 55 0.29 1.13 11.07
N ARG A 56 -0.33 0.20 10.36
CA ARG A 56 -0.89 -1.01 10.90
C ARG A 56 0.21 -2.07 11.03
N VAL A 57 0.86 -2.08 12.18
CA VAL A 57 1.80 -3.11 12.58
C VAL A 57 0.94 -4.20 13.20
N ILE A 58 0.68 -5.28 12.46
CA ILE A 58 0.09 -6.48 13.06
C ILE A 58 1.14 -7.11 13.99
N LYS A 59 0.68 -7.92 14.94
CA LYS A 59 1.52 -8.59 15.92
C LYS A 59 0.96 -10.00 16.11
N ASP A 60 1.86 -10.95 16.32
CA ASP A 60 1.54 -12.34 16.61
C ASP A 60 0.74 -12.43 17.91
N LYS A 61 -0.20 -13.37 17.98
CA LYS A 61 -1.00 -13.69 19.15
C LYS A 61 -0.23 -14.56 20.14
N GLN A 62 0.64 -15.45 19.68
CA GLN A 62 1.36 -16.32 20.60
C GLN A 62 2.29 -15.47 21.45
N THR A 63 3.11 -14.67 20.78
CA THR A 63 4.13 -13.83 21.40
C THR A 63 3.59 -12.41 21.51
N GLN A 64 4.48 -11.43 21.76
CA GLN A 64 4.15 -10.01 21.78
C GLN A 64 5.10 -9.32 20.81
N LEU A 65 5.15 -9.80 19.57
CA LEU A 65 6.11 -9.43 18.54
C LEU A 65 5.37 -9.19 17.23
N ASN A 66 6.03 -8.60 16.25
CA ASN A 66 5.47 -8.36 14.90
C ASN A 66 5.27 -9.64 14.12
N ARG A 67 4.94 -9.49 12.84
CA ARG A 67 4.99 -10.60 11.91
C ARG A 67 5.83 -10.38 10.65
N GLY A 68 6.98 -9.71 10.77
CA GLY A 68 7.92 -9.44 9.67
C GLY A 68 7.33 -8.64 8.53
N PHE A 69 6.21 -7.94 8.74
CA PHE A 69 5.71 -6.91 7.85
C PHE A 69 5.02 -5.81 8.65
N ALA A 70 4.57 -4.76 7.97
CA ALA A 70 3.52 -3.88 8.46
C ALA A 70 2.82 -3.22 7.25
N PHE A 71 1.74 -2.48 7.47
CA PHE A 71 0.82 -2.01 6.42
C PHE A 71 0.56 -0.50 6.53
N ILE A 72 0.18 0.17 5.44
CA ILE A 72 -0.06 1.62 5.36
C ILE A 72 -1.30 1.84 4.46
N GLN A 73 -2.41 2.36 5.01
CA GLN A 73 -3.56 2.84 4.22
C GLN A 73 -3.22 4.20 3.58
N LEU A 74 -3.04 4.26 2.25
CA LEU A 74 -2.79 5.50 1.53
C LEU A 74 -3.73 5.60 0.33
N SER A 75 -3.94 6.84 -0.11
CA SER A 75 -4.70 7.26 -1.27
C SER A 75 -3.98 6.83 -2.56
N THR A 76 -4.72 6.65 -3.67
CA THR A 76 -4.25 6.10 -4.95
C THR A 76 -2.89 6.67 -5.42
N ILE A 77 -2.85 7.94 -5.83
CA ILE A 77 -1.64 8.53 -6.41
C ILE A 77 -0.59 8.67 -5.31
N GLU A 78 -1.03 8.97 -4.09
CA GLU A 78 -0.17 9.27 -2.97
C GLU A 78 0.60 8.01 -2.57
N ALA A 79 -0.02 6.84 -2.70
CA ALA A 79 0.58 5.55 -2.43
C ALA A 79 1.77 5.36 -3.39
N ALA A 80 1.52 5.71 -4.66
CA ALA A 80 2.48 5.51 -5.73
C ALA A 80 3.65 6.52 -5.68
N GLN A 81 3.38 7.82 -5.51
CA GLN A 81 4.42 8.86 -5.55
C GLN A 81 5.33 8.76 -4.33
N LEU A 82 4.78 8.41 -3.16
CA LEU A 82 5.60 8.21 -1.96
C LEU A 82 6.61 7.11 -2.22
N LEU A 83 6.22 6.05 -2.96
CA LEU A 83 7.04 4.86 -3.16
C LEU A 83 8.43 5.19 -3.69
N GLN A 84 8.51 6.23 -4.52
CA GLN A 84 9.73 6.72 -5.13
C GLN A 84 10.67 7.29 -4.05
N ILE A 85 10.13 8.19 -3.24
CA ILE A 85 10.84 8.91 -2.20
C ILE A 85 11.37 7.90 -1.17
N LEU A 86 10.55 6.90 -0.84
CA LEU A 86 10.87 5.94 0.23
C LEU A 86 12.15 5.16 -0.09
N GLN A 87 12.44 4.93 -1.37
CA GLN A 87 13.60 4.11 -1.77
C GLN A 87 14.90 4.89 -1.55
N ALA A 88 14.85 6.22 -1.48
CA ALA A 88 16.02 7.06 -1.29
C ALA A 88 16.44 7.16 0.18
N LEU A 89 15.62 6.72 1.14
CA LEU A 89 15.79 7.01 2.56
C LEU A 89 15.69 5.74 3.42
N HIS A 90 15.80 5.92 4.74
CA HIS A 90 15.58 4.91 5.76
C HIS A 90 15.01 5.60 7.00
N PRO A 91 14.32 4.87 7.91
CA PRO A 91 13.77 5.46 9.12
C PRO A 91 14.81 5.63 10.24
N PRO A 92 14.59 6.58 11.17
CA PRO A 92 15.47 6.89 12.29
C PRO A 92 15.39 5.87 13.46
N LEU A 93 14.64 4.78 13.29
CA LEU A 93 14.49 3.69 14.25
C LEU A 93 15.03 2.43 13.59
N THR A 94 16.14 1.93 14.09
CA THR A 94 16.62 0.59 13.83
C THR A 94 16.80 -0.15 15.15
N ILE A 95 16.18 -1.33 15.23
CA ILE A 95 16.54 -2.38 16.16
C ILE A 95 17.54 -3.29 15.41
N ASP A 96 18.48 -3.92 16.13
CA ASP A 96 19.24 -5.09 15.64
C ASP A 96 20.13 -4.77 14.43
N GLY A 97 20.39 -3.49 14.14
CA GLY A 97 21.10 -3.08 12.92
C GLY A 97 20.28 -3.31 11.64
N LYS A 98 18.99 -3.61 11.76
CA LYS A 98 18.10 -3.91 10.62
C LYS A 98 17.66 -2.62 9.97
N THR A 99 17.06 -2.74 8.80
CA THR A 99 16.46 -1.57 8.16
C THR A 99 15.21 -2.04 7.42
N ILE A 100 14.16 -1.24 7.46
CA ILE A 100 12.88 -1.59 6.87
C ILE A 100 13.04 -1.56 5.32
N ASN A 101 12.19 -2.29 4.60
CA ASN A 101 12.11 -2.27 3.13
C ASN A 101 10.83 -1.57 2.68
N VAL A 102 10.69 -1.33 1.39
CA VAL A 102 9.65 -0.52 0.77
C VAL A 102 9.04 -1.31 -0.36
N GLU A 103 7.74 -1.62 -0.30
CA GLU A 103 7.03 -2.24 -1.41
C GLU A 103 5.58 -1.76 -1.44
N PHE A 104 4.86 -2.04 -2.53
CA PHE A 104 3.54 -1.49 -2.79
C PHE A 104 2.59 -2.62 -3.15
N ALA A 105 1.83 -3.07 -2.15
CA ALA A 105 0.75 -4.03 -2.32
C ALA A 105 -0.38 -3.36 -3.11
N LYS A 106 -0.22 -3.29 -4.43
CA LYS A 106 -1.19 -2.76 -5.37
C LYS A 106 -1.55 -3.86 -6.36
N GLY A 107 -2.84 -4.00 -6.66
CA GLY A 107 -3.38 -4.91 -7.64
C GLY A 107 -3.45 -4.25 -9.01
N SER A 108 -3.92 -5.02 -9.99
CA SER A 108 -3.94 -4.71 -11.41
C SER A 108 -5.35 -4.85 -11.99
N LYS A 109 -5.94 -3.76 -12.47
CA LYS A 109 -7.18 -3.76 -13.27
C LYS A 109 -6.89 -3.27 -14.68
N ARG A 110 -7.77 -3.54 -15.66
CA ARG A 110 -7.56 -3.12 -17.06
C ARG A 110 -8.85 -2.91 -17.85
N ASP A 111 -10.00 -3.20 -17.27
CA ASP A 111 -11.33 -3.10 -17.87
C ASP A 111 -11.74 -1.63 -18.11
N MET A 112 -11.40 -1.10 -19.29
CA MET A 112 -11.83 0.20 -19.82
C MET A 112 -12.37 0.00 -21.25
N ALA A 113 -13.16 0.94 -21.78
CA ALA A 113 -13.67 1.03 -23.15
C ALA A 113 -14.64 2.22 -23.27
N SER A 114 -14.87 2.71 -24.50
CA SER A 114 -16.02 3.49 -24.91
C SER A 114 -16.06 3.53 -26.44
N ASN A 115 -17.21 3.90 -27.02
CA ASN A 115 -17.43 4.10 -28.46
C ASN A 115 -18.74 4.86 -28.68
N GLU A 116 -18.85 5.57 -29.81
CA GLU A 116 -20.00 6.39 -30.25
C GLU A 116 -19.62 7.02 -31.61
N GLY A 117 -20.47 7.89 -32.16
CA GLY A 117 -20.13 8.82 -33.23
C GLY A 117 -21.16 8.94 -34.35
N SER A 118 -22.47 8.72 -34.09
CA SER A 118 -23.48 8.83 -35.14
C SER A 118 -23.61 10.28 -35.62
N ARG A 119 -23.47 10.54 -36.93
CA ARG A 119 -23.61 11.81 -37.63
C ARG A 119 -23.53 11.50 -39.12
N ILE A 120 -24.60 11.72 -39.85
CA ILE A 120 -24.65 11.62 -41.31
C ILE A 120 -25.54 12.75 -41.83
N SER A 121 -25.18 13.34 -42.97
CA SER A 121 -25.93 14.39 -43.64
C SER A 121 -25.78 14.20 -45.15
N ALA A 122 -26.86 13.92 -45.88
CA ALA A 122 -26.91 13.92 -47.33
C ALA A 122 -28.37 14.11 -47.76
N ALA A 123 -28.62 14.34 -49.05
CA ALA A 123 -29.95 14.23 -49.66
C ALA A 123 -29.76 13.88 -51.13
N SER A 124 -29.57 14.89 -52.00
CA SER A 124 -29.22 14.77 -53.42
C SER A 124 -28.76 16.15 -53.88
N VAL A 125 -28.15 16.24 -55.07
CA VAL A 125 -27.68 17.47 -55.67
C VAL A 125 -28.04 17.36 -57.14
N ALA A 126 -29.01 18.14 -57.61
CA ALA A 126 -29.47 18.13 -58.99
C ALA A 126 -29.89 19.55 -59.36
N SER A 127 -29.26 20.13 -60.37
CA SER A 127 -29.64 21.41 -60.93
C SER A 127 -29.42 21.40 -62.44
N THR A 128 -30.00 20.41 -63.12
CA THR A 128 -30.07 20.35 -64.57
C THR A 128 -31.52 20.13 -64.98
N ALA A 129 -31.86 20.48 -66.22
CA ALA A 129 -33.15 20.33 -66.86
C ALA A 129 -32.92 20.35 -68.37
N ILE A 130 -33.98 20.22 -69.16
CA ILE A 130 -34.01 20.47 -70.59
C ILE A 130 -35.38 21.09 -70.88
N ALA A 131 -35.51 21.77 -72.02
CA ALA A 131 -36.73 22.26 -72.63
C ALA A 131 -36.50 22.22 -74.13
N GLN A 1 -1.95 8.48 -54.20
CA GLN A 1 -2.03 8.73 -52.74
C GLN A 1 -2.55 10.13 -52.51
N ALA A 2 -3.03 10.39 -51.29
CA ALA A 2 -3.22 11.71 -50.71
C ALA A 2 -2.56 11.67 -49.32
N GLN A 3 -2.47 12.81 -48.65
CA GLN A 3 -2.13 12.84 -47.23
C GLN A 3 -3.30 12.31 -46.42
N GLY A 4 -3.05 11.91 -45.18
CA GLY A 4 -4.04 11.47 -44.21
C GLY A 4 -3.43 11.54 -42.82
N VAL A 5 -4.17 11.13 -41.79
CA VAL A 5 -3.60 10.84 -40.49
C VAL A 5 -2.92 9.48 -40.59
N LEU A 6 -1.88 9.31 -39.78
CA LEU A 6 -1.20 8.05 -39.50
C LEU A 6 -0.89 8.07 -38.00
N ALA A 7 -0.78 6.90 -37.38
CA ALA A 7 -0.30 6.73 -36.01
C ALA A 7 0.16 5.30 -35.80
N SER A 8 0.86 5.08 -34.69
CA SER A 8 1.34 3.80 -34.24
C SER A 8 0.50 3.38 -33.05
N GLN A 9 -0.07 2.17 -33.11
CA GLN A 9 -1.03 1.68 -32.13
C GLN A 9 -0.62 0.25 -31.78
N ALA A 10 0.23 0.10 -30.77
CA ALA A 10 0.89 -1.14 -30.41
C ALA A 10 0.78 -1.31 -28.89
N LEU A 11 -0.16 -2.12 -28.43
CA LEU A 11 -0.35 -2.50 -27.03
C LEU A 11 -0.43 -4.01 -26.95
N SER A 12 0.15 -4.60 -25.91
CA SER A 12 0.24 -6.04 -25.71
C SER A 12 0.75 -6.35 -24.29
N GLN A 13 -0.17 -6.70 -23.38
CA GLN A 13 0.13 -7.30 -22.09
C GLN A 13 -0.80 -8.50 -21.85
N GLY A 14 -0.47 -9.33 -20.85
CA GLY A 14 -1.33 -10.37 -20.33
C GLY A 14 -2.19 -9.80 -19.20
N SER A 15 -2.26 -10.51 -18.07
CA SER A 15 -2.92 -10.05 -16.86
C SER A 15 -2.34 -10.81 -15.68
N GLU A 16 -2.46 -10.19 -14.51
CA GLU A 16 -2.20 -10.77 -13.20
C GLU A 16 -3.55 -10.92 -12.48
N PRO A 17 -4.30 -12.02 -12.67
CA PRO A 17 -5.44 -12.37 -11.83
C PRO A 17 -4.96 -12.99 -10.51
N SER A 18 -4.86 -12.21 -9.42
CA SER A 18 -4.68 -12.81 -8.10
C SER A 18 -5.33 -11.98 -6.99
N SER A 19 -5.14 -10.65 -6.94
CA SER A 19 -5.66 -9.81 -5.86
C SER A 19 -7.18 -9.83 -5.79
N GLU A 20 -7.85 -10.04 -6.93
CA GLU A 20 -9.28 -10.12 -7.11
C GLU A 20 -9.93 -8.76 -6.91
N ASN A 21 -10.02 -8.28 -5.66
CA ASN A 21 -10.36 -6.89 -5.38
C ASN A 21 -9.21 -6.00 -5.82
N ALA A 22 -9.44 -4.69 -5.89
CA ALA A 22 -8.49 -3.76 -6.46
C ALA A 22 -8.43 -2.51 -5.60
N ASN A 23 -7.32 -2.31 -4.90
CA ASN A 23 -7.17 -1.20 -3.98
C ASN A 23 -5.71 -0.74 -3.91
N ASP A 24 -5.42 0.15 -2.97
CA ASP A 24 -4.31 1.08 -2.93
C ASP A 24 -3.85 1.08 -1.47
N THR A 25 -2.65 0.57 -1.22
CA THR A 25 -2.12 0.24 0.09
C THR A 25 -0.59 0.18 -0.02
N ILE A 26 0.14 0.73 0.96
CA ILE A 26 1.58 0.52 1.09
C ILE A 26 1.75 -0.61 2.13
N ILE A 27 2.87 -1.32 2.04
CA ILE A 27 3.25 -2.43 2.90
C ILE A 27 4.65 -2.12 3.43
N LEU A 28 5.11 -2.85 4.44
CA LEU A 28 6.51 -2.83 4.88
C LEU A 28 7.01 -4.26 4.81
N ARG A 29 8.32 -4.45 4.59
CA ARG A 29 9.03 -5.73 4.66
C ARG A 29 10.35 -5.47 5.37
N ASN A 30 11.14 -6.52 5.58
CA ASN A 30 12.40 -6.52 6.32
C ASN A 30 12.19 -5.85 7.67
N LEU A 31 11.28 -6.44 8.45
CA LEU A 31 11.05 -6.05 9.81
C LEU A 31 11.33 -7.24 10.71
N ASN A 32 11.72 -6.92 11.94
CA ASN A 32 12.25 -7.84 12.92
C ASN A 32 11.23 -8.02 14.03
N PRO A 33 11.40 -9.05 14.89
CA PRO A 33 10.41 -9.38 15.91
C PRO A 33 10.08 -8.18 16.80
N HIS A 34 11.04 -7.26 16.96
CA HIS A 34 10.97 -6.14 17.86
C HIS A 34 10.71 -4.79 17.19
N SER A 35 10.52 -4.70 15.86
CA SER A 35 10.23 -3.41 15.26
C SER A 35 9.02 -2.72 15.92
N THR A 36 9.19 -1.43 16.17
CA THR A 36 8.18 -0.52 16.68
C THR A 36 7.74 0.43 15.58
N MET A 37 6.53 0.98 15.70
CA MET A 37 5.91 1.67 14.57
C MET A 37 6.63 3.00 14.33
N ASP A 38 7.39 3.47 15.34
CA ASP A 38 8.05 4.76 15.37
C ASP A 38 9.08 4.88 14.26
N SER A 39 9.64 3.74 13.82
CA SER A 39 10.44 3.62 12.61
C SER A 39 9.70 4.27 11.44
N ILE A 40 8.51 3.75 11.13
CA ILE A 40 7.70 4.13 9.99
C ILE A 40 7.22 5.57 10.18
N LEU A 41 6.67 5.89 11.36
CA LEU A 41 6.12 7.22 11.61
C LEU A 41 7.18 8.30 11.48
N GLY A 42 8.38 8.07 12.01
CA GLY A 42 9.46 9.04 11.97
C GLY A 42 10.11 9.09 10.60
N ALA A 43 10.12 7.99 9.84
CA ALA A 43 10.61 7.96 8.48
C ALA A 43 9.79 8.92 7.62
N LEU A 44 8.47 8.76 7.70
CA LEU A 44 7.57 9.26 6.68
C LEU A 44 7.01 10.63 7.02
N ALA A 45 7.25 11.12 8.23
CA ALA A 45 6.72 12.37 8.77
C ALA A 45 6.84 13.56 7.79
N PRO A 46 8.03 13.97 7.32
CA PRO A 46 8.15 15.13 6.44
C PRO A 46 7.62 14.89 5.02
N TYR A 47 7.30 13.65 4.67
CA TYR A 47 6.94 13.24 3.33
C TYR A 47 5.45 12.88 3.26
N ALA A 48 4.69 13.15 4.33
CA ALA A 48 3.32 12.69 4.45
C ALA A 48 2.50 13.59 5.35
N VAL A 49 1.21 13.30 5.37
CA VAL A 49 0.20 13.86 6.25
C VAL A 49 -0.61 12.66 6.73
N LEU A 50 -0.10 11.98 7.74
CA LEU A 50 -0.66 10.74 8.30
C LEU A 50 -0.21 10.59 9.74
N SER A 51 -0.78 9.61 10.45
CA SER A 51 -0.55 9.38 11.87
C SER A 51 -0.56 7.89 12.19
N SER A 52 -0.43 7.56 13.47
CA SER A 52 -0.32 6.22 14.05
C SER A 52 -1.56 5.34 13.82
N SER A 53 -2.66 5.92 13.34
CA SER A 53 -3.83 5.21 12.85
C SER A 53 -3.60 4.63 11.44
N ASN A 54 -2.96 5.40 10.55
CA ASN A 54 -2.76 5.04 9.15
C ASN A 54 -1.83 3.85 9.04
N VAL A 55 -0.72 3.89 9.76
CA VAL A 55 0.21 2.79 9.91
C VAL A 55 -0.47 1.71 10.77
N ARG A 56 -0.27 0.44 10.43
CA ARG A 56 -0.81 -0.68 11.17
C ARG A 56 0.24 -1.78 11.15
N VAL A 57 0.85 -2.06 12.30
CA VAL A 57 1.88 -3.08 12.42
C VAL A 57 1.28 -4.26 13.19
N ILE A 58 0.94 -5.28 12.41
CA ILE A 58 0.37 -6.54 12.86
C ILE A 58 1.42 -7.35 13.64
N LYS A 59 0.99 -8.21 14.57
CA LYS A 59 1.85 -9.11 15.35
C LYS A 59 1.47 -10.57 15.05
N ASP A 60 2.19 -11.52 15.64
CA ASP A 60 1.76 -12.91 15.73
C ASP A 60 0.58 -13.07 16.70
N LYS A 61 0.09 -14.29 16.87
CA LYS A 61 -1.00 -14.67 17.77
C LYS A 61 -0.48 -15.42 18.98
N GLN A 62 0.37 -16.43 18.77
CA GLN A 62 0.96 -17.27 19.82
C GLN A 62 1.95 -16.45 20.65
N THR A 63 2.57 -15.46 20.00
CA THR A 63 3.44 -14.44 20.55
C THR A 63 2.89 -13.06 20.19
N GLN A 64 3.50 -12.02 20.74
CA GLN A 64 3.20 -10.63 20.46
C GLN A 64 4.44 -9.93 19.91
N LEU A 65 5.17 -10.66 19.07
CA LEU A 65 6.25 -10.10 18.26
C LEU A 65 5.69 -9.88 16.86
N ASN A 66 6.43 -9.17 16.03
CA ASN A 66 6.00 -8.88 14.67
C ASN A 66 5.98 -10.15 13.81
N ARG A 67 5.19 -10.14 12.74
CA ARG A 67 5.24 -11.08 11.62
C ARG A 67 6.12 -10.54 10.48
N GLY A 68 6.97 -9.56 10.75
CA GLY A 68 7.98 -9.09 9.82
C GLY A 68 7.45 -8.14 8.76
N PHE A 69 6.23 -7.61 8.91
CA PHE A 69 5.65 -6.68 7.96
C PHE A 69 4.83 -5.60 8.69
N ALA A 70 4.31 -4.64 7.95
CA ALA A 70 3.29 -3.69 8.39
C ALA A 70 2.51 -3.22 7.16
N PHE A 71 1.51 -2.37 7.38
CA PHE A 71 0.55 -1.87 6.40
C PHE A 71 0.44 -0.35 6.58
N ILE A 72 0.20 0.43 5.52
CA ILE A 72 -0.07 1.88 5.64
C ILE A 72 -1.21 2.26 4.69
N GLN A 73 -2.20 2.99 5.22
CA GLN A 73 -3.37 3.55 4.53
C GLN A 73 -3.02 4.86 3.84
N LEU A 74 -3.00 4.86 2.50
CA LEU A 74 -2.72 5.99 1.60
C LEU A 74 -3.81 6.01 0.53
N SER A 75 -3.99 7.16 -0.13
CA SER A 75 -4.89 7.33 -1.27
C SER A 75 -4.31 6.75 -2.57
N THR A 76 -5.11 6.67 -3.64
CA THR A 76 -4.80 6.00 -4.90
C THR A 76 -3.43 6.35 -5.47
N ILE A 77 -3.19 7.63 -5.79
CA ILE A 77 -1.93 8.08 -6.39
C ILE A 77 -0.83 8.03 -5.34
N GLU A 78 -1.16 8.29 -4.09
CA GLU A 78 -0.15 8.48 -3.04
C GLU A 78 0.47 7.13 -2.68
N ALA A 79 -0.37 6.10 -2.66
CA ALA A 79 0.00 4.71 -2.54
C ALA A 79 0.70 4.23 -3.81
N ALA A 80 0.81 5.07 -4.84
CA ALA A 80 1.47 4.79 -6.10
C ALA A 80 2.48 5.89 -6.49
N GLN A 81 3.03 6.62 -5.52
CA GLN A 81 4.13 7.53 -5.72
C GLN A 81 5.10 7.49 -4.54
N LEU A 82 4.60 7.32 -3.31
CA LEU A 82 5.43 7.33 -2.12
C LEU A 82 6.51 6.25 -2.20
N LEU A 83 6.25 5.13 -2.85
CA LEU A 83 7.22 4.06 -3.09
C LEU A 83 8.53 4.57 -3.70
N GLN A 84 8.51 5.68 -4.44
CA GLN A 84 9.68 6.29 -5.05
C GLN A 84 10.48 7.09 -4.02
N ILE A 85 9.78 7.87 -3.20
CA ILE A 85 10.33 8.68 -2.11
C ILE A 85 10.96 7.76 -1.05
N LEU A 86 10.31 6.64 -0.75
CA LEU A 86 10.70 5.66 0.25
C LEU A 86 12.00 4.93 -0.09
N GLN A 87 12.61 5.18 -1.26
CA GLN A 87 13.87 4.58 -1.68
C GLN A 87 15.11 5.35 -1.22
N ALA A 88 14.97 6.56 -0.65
CA ALA A 88 16.10 7.47 -0.38
C ALA A 88 16.28 7.90 1.09
N LEU A 89 15.52 7.33 2.03
CA LEU A 89 15.44 7.79 3.42
C LEU A 89 15.97 6.73 4.38
N HIS A 90 16.31 7.11 5.61
CA HIS A 90 16.87 6.20 6.62
C HIS A 90 16.93 6.83 8.02
N PRO A 91 15.85 6.81 8.84
CA PRO A 91 15.85 7.47 10.13
C PRO A 91 16.65 6.67 11.18
N PRO A 92 17.07 7.31 12.29
CA PRO A 92 17.87 6.71 13.36
C PRO A 92 17.20 5.59 14.18
N LEU A 93 16.00 5.12 13.83
CA LEU A 93 15.33 4.04 14.56
C LEU A 93 15.89 2.66 14.14
N THR A 94 17.20 2.43 14.28
CA THR A 94 17.85 1.19 13.87
C THR A 94 17.72 0.15 15.00
N ILE A 95 16.53 -0.43 15.12
CA ILE A 95 16.27 -1.41 16.17
C ILE A 95 17.09 -2.65 15.76
N ASP A 96 17.76 -3.31 16.70
CA ASP A 96 18.65 -4.48 16.58
C ASP A 96 19.91 -4.23 15.73
N GLY A 97 19.91 -3.20 14.90
CA GLY A 97 20.80 -3.09 13.77
C GLY A 97 20.17 -3.79 12.56
N LYS A 98 18.90 -3.52 12.25
CA LYS A 98 18.32 -3.74 10.91
C LYS A 98 17.81 -2.40 10.38
N THR A 99 17.39 -2.40 9.12
CA THR A 99 16.78 -1.25 8.48
C THR A 99 15.56 -1.71 7.66
N ILE A 100 14.65 -0.79 7.29
CA ILE A 100 13.35 -1.14 6.73
C ILE A 100 13.47 -1.16 5.21
N ASN A 101 12.81 -2.13 4.57
CA ASN A 101 12.74 -2.21 3.12
C ASN A 101 11.66 -1.26 2.60
N VAL A 102 11.53 -1.13 1.29
CA VAL A 102 10.52 -0.33 0.60
C VAL A 102 9.85 -1.19 -0.46
N GLU A 103 8.52 -1.27 -0.43
CA GLU A 103 7.68 -2.08 -1.30
C GLU A 103 6.23 -1.59 -1.14
N PHE A 104 5.29 -2.00 -2.00
CA PHE A 104 3.87 -1.70 -1.84
C PHE A 104 3.00 -2.95 -1.99
N ALA A 105 1.69 -2.81 -1.77
CA ALA A 105 0.70 -3.88 -1.91
C ALA A 105 -0.59 -3.34 -2.54
N LYS A 106 -0.45 -2.36 -3.45
CA LYS A 106 -1.54 -1.87 -4.30
C LYS A 106 -1.77 -2.91 -5.38
N GLY A 107 -2.98 -3.44 -5.47
CA GLY A 107 -3.38 -4.21 -6.63
C GLY A 107 -4.31 -3.36 -7.46
N SER A 108 -3.75 -2.55 -8.36
CA SER A 108 -4.48 -1.78 -9.38
C SER A 108 -3.46 -1.29 -10.41
N LYS A 109 -3.87 -1.16 -11.68
CA LYS A 109 -3.05 -0.61 -12.75
C LYS A 109 -3.72 0.65 -13.30
N ARG A 110 -2.96 1.65 -13.76
CA ARG A 110 -3.49 2.76 -14.56
C ARG A 110 -3.13 2.50 -16.01
N ASP A 111 -4.07 2.77 -16.92
CA ASP A 111 -3.85 2.81 -18.36
C ASP A 111 -4.90 3.76 -18.93
N MET A 112 -4.47 4.83 -19.60
CA MET A 112 -5.30 5.63 -20.49
C MET A 112 -4.39 6.38 -21.46
N ALA A 113 -4.88 6.61 -22.67
CA ALA A 113 -4.29 7.56 -23.60
C ALA A 113 -4.51 8.99 -23.09
N SER A 114 -3.99 9.97 -23.83
CA SER A 114 -4.17 11.38 -23.58
C SER A 114 -3.80 12.17 -24.84
N ASN A 115 -3.65 13.50 -24.68
CA ASN A 115 -2.94 14.44 -25.54
C ASN A 115 -3.63 14.83 -26.84
N GLU A 116 -4.69 14.13 -27.22
CA GLU A 116 -5.49 14.44 -28.39
C GLU A 116 -6.28 15.74 -28.19
N GLY A 117 -6.96 16.19 -29.24
CA GLY A 117 -7.88 17.32 -29.26
C GLY A 117 -7.50 18.27 -30.37
N SER A 118 -6.30 18.84 -30.27
CA SER A 118 -5.78 19.83 -31.21
C SER A 118 -6.85 20.92 -31.46
N ARG A 119 -7.43 21.47 -30.39
CA ARG A 119 -8.67 22.23 -30.46
C ARG A 119 -8.73 23.35 -29.44
N ILE A 120 -8.26 24.51 -29.88
CA ILE A 120 -8.57 25.83 -29.33
C ILE A 120 -9.49 26.57 -30.31
N SER A 121 -9.78 27.84 -29.98
CA SER A 121 -10.60 28.75 -30.77
C SER A 121 -10.13 30.18 -30.46
N ALA A 122 -10.73 31.18 -31.12
CA ALA A 122 -10.32 32.58 -31.13
C ALA A 122 -8.83 32.72 -31.51
N ALA A 123 -8.22 33.87 -31.18
CA ALA A 123 -6.79 34.10 -31.37
C ALA A 123 -6.27 34.91 -30.18
N SER A 124 -6.37 36.25 -30.21
CA SER A 124 -6.07 37.17 -29.12
C SER A 124 -6.64 38.54 -29.48
N VAL A 125 -6.76 39.42 -28.48
CA VAL A 125 -7.08 40.83 -28.63
C VAL A 125 -6.57 41.52 -27.36
N ALA A 126 -6.36 42.84 -27.40
CA ALA A 126 -6.19 43.68 -26.22
C ALA A 126 -6.74 45.07 -26.58
N SER A 127 -7.07 45.87 -25.57
CA SER A 127 -7.64 47.21 -25.75
C SER A 127 -7.34 48.11 -24.54
N THR A 128 -6.34 47.76 -23.73
CA THR A 128 -6.18 48.25 -22.37
C THR A 128 -4.73 48.69 -22.20
N ALA A 129 -4.49 49.99 -22.27
CA ALA A 129 -3.19 50.63 -22.07
C ALA A 129 -3.44 52.01 -21.45
N ILE A 130 -2.38 52.80 -21.27
CA ILE A 130 -2.42 54.21 -20.90
C ILE A 130 -1.35 54.90 -21.76
N ALA A 131 -1.40 56.24 -21.83
CA ALA A 131 -0.41 57.12 -22.40
C ALA A 131 -0.43 58.38 -21.54
N GLN A 1 35.92 -40.21 25.30
CA GLN A 1 35.14 -39.23 24.50
C GLN A 1 33.66 -39.55 24.72
N ALA A 2 32.77 -38.64 24.36
CA ALA A 2 31.34 -38.87 24.19
C ALA A 2 30.94 -38.27 22.83
N GLN A 3 29.71 -38.48 22.39
CA GLN A 3 29.13 -37.91 21.18
C GLN A 3 27.69 -37.51 21.50
N GLY A 4 26.98 -36.95 20.52
CA GLY A 4 25.58 -36.57 20.63
C GLY A 4 24.91 -36.81 19.28
N VAL A 5 23.69 -36.28 19.11
CA VAL A 5 23.08 -36.17 17.80
C VAL A 5 23.70 -34.95 17.12
N LEU A 6 24.10 -35.13 15.87
CA LEU A 6 24.53 -34.10 14.94
C LEU A 6 23.97 -34.45 13.55
N ALA A 7 23.71 -33.44 12.72
CA ALA A 7 23.24 -33.58 11.35
C ALA A 7 23.64 -32.34 10.57
N SER A 8 23.64 -32.45 9.24
CA SER A 8 23.87 -31.36 8.32
C SER A 8 22.62 -30.52 8.17
N GLN A 9 22.77 -29.20 8.12
CA GLN A 9 21.73 -28.24 7.82
C GLN A 9 21.35 -28.33 6.33
N ALA A 10 20.14 -27.87 5.97
CA ALA A 10 19.75 -27.59 4.59
C ALA A 10 18.68 -26.49 4.58
N LEU A 11 18.68 -25.64 3.55
CA LEU A 11 17.61 -24.67 3.31
C LEU A 11 16.42 -25.36 2.63
N SER A 12 15.33 -24.63 2.42
CA SER A 12 14.21 -25.01 1.56
C SER A 12 13.63 -23.72 0.95
N GLN A 13 12.65 -23.85 0.06
CA GLN A 13 12.01 -22.74 -0.64
C GLN A 13 10.49 -22.83 -0.47
N GLY A 14 9.75 -21.99 -1.21
CA GLY A 14 8.32 -22.18 -1.42
C GLY A 14 7.50 -21.25 -0.55
N SER A 15 6.76 -20.36 -1.19
CA SER A 15 5.69 -19.58 -0.61
C SER A 15 4.65 -19.42 -1.71
N GLU A 16 3.38 -19.45 -1.33
CA GLU A 16 2.23 -19.58 -2.24
C GLU A 16 1.29 -18.39 -1.97
N PRO A 17 1.62 -17.20 -2.49
CA PRO A 17 0.92 -15.96 -2.16
C PRO A 17 -0.37 -15.80 -2.98
N SER A 18 -1.36 -15.13 -2.38
CA SER A 18 -2.53 -14.56 -3.05
C SER A 18 -2.15 -13.21 -3.66
N SER A 19 -3.02 -12.69 -4.53
CA SER A 19 -2.92 -11.34 -5.08
C SER A 19 -4.01 -10.42 -4.52
N GLU A 20 -5.02 -11.00 -3.86
CA GLU A 20 -6.21 -10.38 -3.25
C GLU A 20 -6.94 -9.43 -4.21
N ASN A 21 -8.07 -8.85 -3.76
CA ASN A 21 -8.70 -7.75 -4.46
C ASN A 21 -7.87 -6.48 -4.22
N ALA A 22 -7.85 -5.59 -5.20
CA ALA A 22 -6.86 -4.53 -5.28
C ALA A 22 -7.24 -3.40 -4.34
N ASN A 23 -6.38 -3.20 -3.33
CA ASN A 23 -6.37 -1.99 -2.53
C ASN A 23 -5.04 -1.27 -2.79
N ASP A 24 -4.73 -0.18 -2.08
CA ASP A 24 -3.53 0.62 -2.27
C ASP A 24 -2.87 0.70 -0.90
N THR A 25 -1.92 -0.19 -0.61
CA THR A 25 -1.31 -0.25 0.71
C THR A 25 0.17 -0.58 0.53
N ILE A 26 1.05 0.32 0.98
CA ILE A 26 2.48 0.06 1.04
C ILE A 26 2.66 -1.10 2.01
N ILE A 27 3.77 -1.84 1.86
CA ILE A 27 4.22 -2.80 2.84
C ILE A 27 5.69 -2.49 3.06
N LEU A 28 6.07 -2.20 4.30
CA LEU A 28 7.48 -2.23 4.67
C LEU A 28 7.83 -3.71 4.81
N ARG A 29 9.07 -4.09 4.49
CA ARG A 29 9.55 -5.47 4.68
C ARG A 29 10.90 -5.44 5.39
N ASN A 30 11.37 -6.60 5.82
CA ASN A 30 12.64 -6.83 6.51
C ASN A 30 12.60 -6.38 7.98
N LEU A 31 11.42 -6.09 8.51
CA LEU A 31 11.26 -5.59 9.87
C LEU A 31 11.54 -6.73 10.84
N ASN A 32 11.62 -6.37 12.11
CA ASN A 32 11.90 -7.30 13.20
C ASN A 32 10.69 -7.43 14.14
N PRO A 33 10.62 -8.49 14.96
CA PRO A 33 9.56 -8.68 15.94
C PRO A 33 9.45 -7.51 16.92
N HIS A 34 10.58 -6.89 17.27
CA HIS A 34 10.72 -5.80 18.23
C HIS A 34 10.71 -4.42 17.56
N SER A 35 10.11 -4.28 16.37
CA SER A 35 10.09 -3.01 15.67
C SER A 35 8.95 -2.11 16.17
N THR A 36 9.26 -0.87 16.50
CA THR A 36 8.30 0.17 16.84
C THR A 36 7.51 0.63 15.61
N MET A 37 6.28 1.11 15.82
CA MET A 37 5.58 1.96 14.86
C MET A 37 6.43 3.18 14.50
N ASP A 38 7.23 3.66 15.45
CA ASP A 38 7.97 4.91 15.32
C ASP A 38 8.95 4.85 14.17
N SER A 39 9.40 3.65 13.76
CA SER A 39 10.34 3.51 12.65
C SER A 39 9.76 4.00 11.32
N ILE A 40 8.45 3.90 11.16
CA ILE A 40 7.72 4.45 10.04
C ILE A 40 7.64 5.96 10.27
N LEU A 41 6.91 6.36 11.31
CA LEU A 41 6.50 7.74 11.53
C LEU A 41 7.72 8.66 11.63
N GLY A 42 8.74 8.26 12.38
CA GLY A 42 9.95 9.04 12.61
C GLY A 42 10.80 9.25 11.36
N ALA A 43 10.60 8.47 10.30
CA ALA A 43 11.25 8.69 9.01
C ALA A 43 10.36 9.51 8.08
N LEU A 44 9.07 9.19 7.99
CA LEU A 44 8.24 9.70 6.90
C LEU A 44 7.37 10.89 7.28
N ALA A 45 7.27 11.24 8.57
CA ALA A 45 6.41 12.29 9.09
C ALA A 45 6.38 13.58 8.24
N PRO A 46 7.51 14.27 7.96
CA PRO A 46 7.49 15.51 7.19
C PRO A 46 7.25 15.32 5.69
N TYR A 47 7.24 14.07 5.23
CA TYR A 47 7.12 13.68 3.83
C TYR A 47 5.80 12.96 3.59
N ALA A 48 4.91 12.92 4.59
CA ALA A 48 3.66 12.18 4.55
C ALA A 48 2.65 12.74 5.55
N VAL A 49 1.61 13.35 5.03
CA VAL A 49 0.43 13.81 5.74
C VAL A 49 -0.44 12.64 6.24
N LEU A 50 0.10 11.91 7.19
CA LEU A 50 -0.50 10.74 7.81
C LEU A 50 -0.16 10.73 9.30
N SER A 51 -0.71 9.74 9.98
CA SER A 51 -0.53 9.53 11.41
C SER A 51 -0.67 8.03 11.67
N SER A 52 -0.69 7.66 12.96
CA SER A 52 -0.84 6.30 13.45
C SER A 52 -2.16 5.62 13.02
N SER A 53 -3.07 6.33 12.36
CA SER A 53 -4.21 5.76 11.67
C SER A 53 -3.74 4.82 10.55
N ASN A 54 -2.90 5.35 9.65
CA ASN A 54 -2.56 4.73 8.37
C ASN A 54 -1.73 3.47 8.58
N VAL A 55 -0.74 3.58 9.46
CA VAL A 55 0.24 2.54 9.75
C VAL A 55 -0.39 1.52 10.69
N ARG A 56 -0.29 0.23 10.36
CA ARG A 56 -0.88 -0.86 11.11
C ARG A 56 0.17 -1.95 11.30
N VAL A 57 0.60 -2.15 12.54
CA VAL A 57 1.71 -3.04 12.86
C VAL A 57 1.12 -4.42 13.22
N ILE A 58 0.99 -5.26 12.20
CA ILE A 58 0.48 -6.62 12.33
C ILE A 58 1.46 -7.49 13.10
N LYS A 59 0.92 -8.33 14.01
CA LYS A 59 1.67 -9.13 14.95
C LYS A 59 1.22 -10.59 14.85
N ASP A 60 2.03 -11.50 15.41
CA ASP A 60 1.71 -12.90 15.51
C ASP A 60 0.60 -13.13 16.55
N LYS A 61 0.07 -14.35 16.63
CA LYS A 61 -0.97 -14.77 17.55
C LYS A 61 -0.35 -15.56 18.71
N GLN A 62 0.56 -16.50 18.41
CA GLN A 62 1.20 -17.34 19.42
C GLN A 62 2.07 -16.48 20.33
N THR A 63 2.73 -15.50 19.73
CA THR A 63 3.62 -14.54 20.35
C THR A 63 3.03 -13.17 20.07
N GLN A 64 3.37 -12.16 20.86
CA GLN A 64 2.78 -10.83 20.71
C GLN A 64 3.80 -9.89 20.10
N LEU A 65 4.40 -10.35 19.00
CA LEU A 65 5.52 -9.69 18.33
C LEU A 65 5.17 -9.50 16.86
N ASN A 66 5.92 -8.65 16.14
CA ASN A 66 5.55 -8.30 14.76
C ASN A 66 5.75 -9.48 13.82
N ARG A 67 5.09 -9.46 12.66
CA ARG A 67 5.26 -10.47 11.61
C ARG A 67 6.32 -10.10 10.56
N GLY A 68 7.20 -9.13 10.81
CA GLY A 68 8.30 -8.80 9.92
C GLY A 68 7.89 -7.87 8.78
N PHE A 69 6.70 -7.27 8.85
CA PHE A 69 6.19 -6.27 7.93
C PHE A 69 5.37 -5.25 8.72
N ALA A 70 4.88 -4.20 8.06
CA ALA A 70 3.73 -3.42 8.52
C ALA A 70 2.91 -3.03 7.30
N PHE A 71 1.62 -2.76 7.50
CA PHE A 71 0.73 -2.20 6.49
C PHE A 71 0.69 -0.68 6.65
N ILE A 72 0.41 0.04 5.55
CA ILE A 72 0.16 1.48 5.51
C ILE A 72 -0.92 1.68 4.44
N GLN A 73 -2.16 1.97 4.86
CA GLN A 73 -3.22 2.41 3.94
C GLN A 73 -2.87 3.79 3.39
N LEU A 74 -3.18 4.05 2.12
CA LEU A 74 -3.16 5.36 1.48
C LEU A 74 -4.18 5.35 0.33
N SER A 75 -4.31 6.47 -0.40
CA SER A 75 -5.15 6.54 -1.60
C SER A 75 -4.43 5.93 -2.83
N THR A 76 -5.13 5.82 -3.96
CA THR A 76 -4.64 5.36 -5.26
C THR A 76 -3.32 5.99 -5.69
N ILE A 77 -3.36 7.30 -5.94
CA ILE A 77 -2.21 8.09 -6.36
C ILE A 77 -1.25 8.19 -5.20
N GLU A 78 -1.77 8.58 -4.03
CA GLU A 78 -0.96 8.94 -2.90
C GLU A 78 -0.11 7.76 -2.43
N ALA A 79 -0.61 6.53 -2.48
CA ALA A 79 0.16 5.38 -2.03
C ALA A 79 1.39 5.23 -2.93
N ALA A 80 1.16 5.35 -4.24
CA ALA A 80 2.20 5.21 -5.23
C ALA A 80 3.24 6.31 -5.12
N GLN A 81 2.84 7.58 -4.99
CA GLN A 81 3.80 8.67 -4.92
C GLN A 81 4.62 8.56 -3.64
N LEU A 82 3.99 8.22 -2.50
CA LEU A 82 4.70 8.10 -1.24
C LEU A 82 5.78 7.02 -1.36
N LEU A 83 5.47 5.90 -2.02
CA LEU A 83 6.40 4.77 -2.17
C LEU A 83 7.77 5.21 -2.66
N GLN A 84 7.81 6.07 -3.69
CA GLN A 84 9.01 6.42 -4.44
C GLN A 84 9.99 7.21 -3.55
N ILE A 85 9.46 7.93 -2.57
CA ILE A 85 10.20 8.70 -1.58
C ILE A 85 10.92 7.72 -0.64
N LEU A 86 10.22 6.66 -0.22
CA LEU A 86 10.75 5.64 0.69
C LEU A 86 11.94 4.96 0.06
N GLN A 87 11.86 4.67 -1.24
CA GLN A 87 12.90 3.99 -2.01
C GLN A 87 14.17 4.84 -2.20
N ALA A 88 14.26 5.98 -1.52
CA ALA A 88 15.37 6.93 -1.58
C ALA A 88 15.80 7.43 -0.18
N LEU A 89 15.26 6.90 0.92
CA LEU A 89 15.68 7.26 2.29
C LEU A 89 15.73 6.04 3.20
N HIS A 90 16.28 6.22 4.40
CA HIS A 90 16.43 5.22 5.43
C HIS A 90 16.00 5.80 6.78
N PRO A 91 15.37 5.01 7.66
CA PRO A 91 14.89 5.50 8.94
C PRO A 91 16.02 5.60 9.99
N PRO A 92 15.79 6.36 11.08
CA PRO A 92 16.69 6.40 12.22
C PRO A 92 16.61 5.12 13.05
N LEU A 93 15.39 4.69 13.38
CA LEU A 93 15.11 3.49 14.16
C LEU A 93 15.71 2.28 13.45
N THR A 94 16.79 1.73 14.00
CA THR A 94 17.55 0.62 13.46
C THR A 94 17.69 -0.43 14.57
N ILE A 95 16.57 -1.00 14.96
CA ILE A 95 16.51 -1.97 16.06
C ILE A 95 17.28 -3.21 15.63
N ASP A 96 18.07 -3.82 16.52
CA ASP A 96 18.85 -5.04 16.25
C ASP A 96 19.82 -4.88 15.06
N GLY A 97 20.08 -3.64 14.64
CA GLY A 97 20.92 -3.34 13.47
C GLY A 97 20.19 -3.56 12.15
N LYS A 98 18.85 -3.61 12.17
CA LYS A 98 18.03 -3.87 10.98
C LYS A 98 17.64 -2.59 10.31
N THR A 99 17.36 -2.68 9.02
CA THR A 99 16.91 -1.58 8.18
C THR A 99 15.68 -2.03 7.40
N ILE A 100 14.92 -1.09 6.85
CA ILE A 100 13.52 -1.29 6.50
C ILE A 100 13.40 -1.19 4.99
N ASN A 101 12.91 -2.26 4.36
CA ASN A 101 12.68 -2.32 2.93
C ASN A 101 11.34 -1.71 2.56
N VAL A 102 11.04 -1.64 1.27
CA VAL A 102 9.82 -1.06 0.72
C VAL A 102 9.31 -1.96 -0.41
N GLU A 103 8.02 -2.25 -0.41
CA GLU A 103 7.26 -2.94 -1.44
C GLU A 103 5.85 -2.33 -1.42
N PHE A 104 5.02 -2.61 -2.42
CA PHE A 104 3.71 -2.02 -2.59
C PHE A 104 2.75 -3.13 -2.94
N ALA A 105 1.93 -3.56 -1.99
CA ALA A 105 1.00 -4.67 -2.16
C ALA A 105 -0.23 -4.29 -3.01
N LYS A 106 -0.13 -3.25 -3.85
CA LYS A 106 -1.16 -2.85 -4.78
C LYS A 106 -1.57 -4.04 -5.66
N GLY A 107 -2.80 -4.02 -6.13
CA GLY A 107 -3.35 -5.06 -6.98
C GLY A 107 -3.26 -4.72 -8.45
N SER A 108 -3.96 -5.51 -9.26
CA SER A 108 -4.14 -5.31 -10.69
C SER A 108 -5.13 -4.18 -10.99
N LYS A 109 -5.35 -3.87 -12.27
CA LYS A 109 -6.37 -2.94 -12.77
C LYS A 109 -6.75 -3.26 -14.21
N ARG A 110 -7.64 -2.48 -14.81
CA ARG A 110 -7.78 -2.31 -16.26
C ARG A 110 -8.40 -0.92 -16.51
N ASP A 111 -8.40 -0.46 -17.75
CA ASP A 111 -9.14 0.70 -18.25
C ASP A 111 -9.47 0.43 -19.72
N MET A 112 -10.53 1.01 -20.28
CA MET A 112 -10.92 0.86 -21.70
C MET A 112 -11.99 1.89 -22.06
N ALA A 113 -11.88 2.57 -23.20
CA ALA A 113 -12.95 3.37 -23.79
C ALA A 113 -12.99 3.20 -25.31
N SER A 114 -14.16 3.38 -25.91
CA SER A 114 -14.46 3.26 -27.32
C SER A 114 -15.80 3.97 -27.54
N ASN A 115 -15.86 4.96 -28.44
CA ASN A 115 -17.05 5.78 -28.63
C ASN A 115 -17.05 6.33 -30.06
N GLU A 116 -17.87 5.77 -30.95
CA GLU A 116 -18.16 6.27 -32.29
C GLU A 116 -19.49 5.63 -32.72
N GLY A 117 -20.11 6.11 -33.79
CA GLY A 117 -21.23 5.48 -34.49
C GLY A 117 -21.92 6.43 -35.48
N SER A 118 -21.28 7.53 -35.89
CA SER A 118 -21.95 8.69 -36.47
C SER A 118 -22.47 8.50 -37.91
N ARG A 119 -22.17 7.39 -38.59
CA ARG A 119 -22.42 7.24 -40.03
C ARG A 119 -23.86 6.82 -40.30
N ILE A 120 -24.76 7.74 -39.98
CA ILE A 120 -26.10 7.85 -40.57
C ILE A 120 -26.00 8.38 -42.00
N SER A 121 -27.14 8.63 -42.64
CA SER A 121 -27.22 9.21 -43.98
C SER A 121 -28.52 10.01 -44.06
N ALA A 122 -28.53 11.07 -44.86
CA ALA A 122 -29.70 11.86 -45.22
C ALA A 122 -29.43 12.48 -46.60
N ALA A 123 -30.45 13.05 -47.24
CA ALA A 123 -30.34 13.98 -48.35
C ALA A 123 -31.67 14.73 -48.45
N SER A 124 -32.66 14.16 -49.14
CA SER A 124 -34.05 14.59 -49.20
C SER A 124 -34.84 13.38 -49.73
N VAL A 125 -36.17 13.51 -49.80
CA VAL A 125 -37.08 12.50 -50.29
C VAL A 125 -38.14 13.27 -51.09
N ALA A 126 -38.66 12.66 -52.16
CA ALA A 126 -39.82 13.13 -52.89
C ALA A 126 -40.67 11.91 -53.22
N SER A 127 -41.99 12.06 -53.19
CA SER A 127 -42.96 11.01 -53.51
C SER A 127 -44.28 11.60 -54.00
N THR A 128 -44.32 12.90 -54.31
CA THR A 128 -45.48 13.57 -54.85
C THR A 128 -45.75 13.10 -56.29
N ALA A 129 -47.00 13.20 -56.72
CA ALA A 129 -47.49 12.97 -58.07
C ALA A 129 -48.67 13.92 -58.29
N ILE A 130 -49.36 13.80 -59.42
CA ILE A 130 -50.66 14.37 -59.70
C ILE A 130 -51.54 13.19 -60.10
N ALA A 131 -52.84 13.30 -59.85
CA ALA A 131 -53.91 12.44 -60.32
C ALA A 131 -55.11 13.35 -60.56
N GLN A 1 18.42 -25.35 19.53
CA GLN A 1 18.94 -25.72 18.21
C GLN A 1 18.04 -25.09 17.17
N ALA A 2 18.56 -24.23 16.29
CA ALA A 2 17.85 -23.63 15.14
C ALA A 2 16.43 -23.15 15.52
N GLN A 3 16.33 -22.30 16.54
CA GLN A 3 15.13 -21.91 17.28
C GLN A 3 14.45 -23.10 17.98
N GLY A 4 14.08 -24.18 17.30
CA GLY A 4 13.61 -25.38 17.98
C GLY A 4 12.95 -26.31 16.98
N VAL A 5 11.74 -25.96 16.56
CA VAL A 5 10.96 -26.69 15.57
C VAL A 5 10.38 -25.66 14.61
N LEU A 6 10.55 -25.91 13.31
CA LEU A 6 10.14 -25.07 12.18
C LEU A 6 9.83 -26.00 10.99
N ALA A 7 8.91 -25.60 10.11
CA ALA A 7 8.60 -26.38 8.91
C ALA A 7 7.86 -25.51 7.90
N SER A 8 8.37 -25.51 6.67
CA SER A 8 7.78 -24.90 5.50
C SER A 8 6.39 -25.50 5.27
N GLN A 9 5.48 -24.71 4.70
CA GLN A 9 4.09 -25.08 4.48
C GLN A 9 3.78 -24.81 3.01
N ALA A 10 2.86 -25.56 2.41
CA ALA A 10 2.41 -25.36 1.04
C ALA A 10 1.60 -24.05 0.93
N LEU A 11 1.10 -23.75 -0.26
CA LEU A 11 0.18 -22.65 -0.51
C LEU A 11 -1.18 -23.23 -0.85
N SER A 12 -2.23 -22.43 -0.74
CA SER A 12 -3.63 -22.79 -1.01
C SER A 12 -4.22 -21.79 -2.02
N GLN A 13 -5.54 -21.76 -2.17
CA GLN A 13 -6.27 -20.88 -3.08
C GLN A 13 -7.30 -20.09 -2.28
N GLY A 14 -8.14 -19.30 -2.95
CA GLY A 14 -9.11 -18.39 -2.37
C GLY A 14 -8.69 -16.97 -2.70
N SER A 15 -9.56 -16.17 -3.29
CA SER A 15 -9.36 -14.76 -3.53
C SER A 15 -10.37 -13.98 -2.73
N GLU A 16 -9.89 -13.06 -1.91
CA GLU A 16 -10.67 -12.24 -0.98
C GLU A 16 -9.90 -10.93 -0.79
N PRO A 17 -9.92 -10.01 -1.78
CA PRO A 17 -9.11 -8.81 -1.71
C PRO A 17 -9.71 -7.73 -0.79
N SER A 18 -11.04 -7.55 -0.85
CA SER A 18 -11.81 -6.52 -0.18
C SER A 18 -13.27 -6.67 -0.57
N SER A 19 -13.50 -6.83 -1.89
CA SER A 19 -14.77 -6.76 -2.59
C SER A 19 -15.29 -5.32 -2.77
N GLU A 20 -14.66 -4.30 -2.18
CA GLU A 20 -15.22 -2.96 -2.06
C GLU A 20 -14.19 -1.89 -2.49
N ASN A 21 -14.44 -0.63 -2.14
CA ASN A 21 -13.64 0.56 -2.44
C ASN A 21 -12.28 0.55 -1.70
N ALA A 22 -11.43 -0.42 -2.03
CA ALA A 22 -10.07 -0.56 -1.59
C ALA A 22 -9.27 -0.96 -2.82
N ASN A 23 -8.18 -0.27 -3.09
CA ASN A 23 -7.31 -0.53 -4.23
C ASN A 23 -5.84 -0.20 -3.99
N ASP A 24 -5.52 0.43 -2.86
CA ASP A 24 -4.27 1.11 -2.50
C ASP A 24 -3.85 0.77 -1.06
N THR A 25 -2.78 0.00 -0.92
CA THR A 25 -2.11 -0.29 0.33
C THR A 25 -0.61 -0.48 0.03
N ILE A 26 0.24 -0.19 1.00
CA ILE A 26 1.68 -0.40 0.96
C ILE A 26 2.05 -1.42 2.06
N ILE A 27 3.22 -2.03 1.93
CA ILE A 27 3.72 -3.04 2.86
C ILE A 27 5.16 -2.72 3.25
N LEU A 28 5.46 -2.89 4.52
CA LEU A 28 6.81 -2.84 5.08
C LEU A 28 7.28 -4.28 5.22
N ARG A 29 8.59 -4.54 5.10
CA ARG A 29 9.21 -5.86 5.28
C ARG A 29 10.51 -5.68 6.08
N ASN A 30 11.25 -6.76 6.37
CA ASN A 30 12.54 -6.81 7.08
C ASN A 30 12.44 -6.35 8.55
N LEU A 31 11.27 -6.45 9.16
CA LEU A 31 11.04 -5.92 10.51
C LEU A 31 11.53 -6.92 11.56
N ASN A 32 12.24 -6.52 12.62
CA ASN A 32 12.61 -7.47 13.69
C ASN A 32 11.43 -7.69 14.65
N PRO A 33 11.42 -8.72 15.52
CA PRO A 33 10.28 -8.99 16.38
C PRO A 33 9.98 -7.86 17.38
N HIS A 34 11.01 -7.10 17.75
CA HIS A 34 10.94 -5.97 18.68
C HIS A 34 10.91 -4.62 17.98
N SER A 35 10.76 -4.57 16.65
CA SER A 35 10.72 -3.30 15.95
C SER A 35 9.40 -2.56 16.30
N THR A 36 9.19 -1.39 15.71
CA THR A 36 8.02 -0.56 15.95
C THR A 36 7.57 0.20 14.71
N MET A 37 6.43 0.88 14.80
CA MET A 37 5.92 1.78 13.78
C MET A 37 6.70 3.09 13.67
N ASP A 38 7.46 3.45 14.71
CA ASP A 38 8.07 4.78 14.83
C ASP A 38 9.12 5.02 13.74
N SER A 39 9.83 3.97 13.34
CA SER A 39 10.73 3.97 12.19
C SER A 39 10.07 4.41 10.90
N ILE A 40 8.73 4.35 10.81
CA ILE A 40 7.97 4.64 9.62
C ILE A 40 7.24 5.97 9.81
N LEU A 41 6.64 6.24 10.98
CA LEU A 41 5.98 7.51 11.24
C LEU A 41 6.95 8.68 11.17
N GLY A 42 8.08 8.60 11.85
CA GLY A 42 9.05 9.69 11.89
C GLY A 42 9.86 9.81 10.62
N ALA A 43 10.01 8.72 9.85
CA ALA A 43 10.71 8.72 8.57
C ALA A 43 10.04 9.60 7.52
N LEU A 44 8.71 9.81 7.64
CA LEU A 44 7.89 10.31 6.55
C LEU A 44 7.06 11.50 7.00
N ALA A 45 7.23 11.97 8.24
CA ALA A 45 6.54 13.14 8.77
C ALA A 45 6.56 14.37 7.82
N PRO A 46 7.66 14.69 7.11
CA PRO A 46 7.69 15.79 6.16
C PRO A 46 7.46 15.39 4.70
N TYR A 47 7.21 14.11 4.42
CA TYR A 47 7.04 13.56 3.07
C TYR A 47 5.68 12.89 2.90
N ALA A 48 4.83 12.97 3.91
CA ALA A 48 3.51 12.36 3.96
C ALA A 48 2.62 13.12 4.94
N VAL A 49 1.32 12.86 4.90
CA VAL A 49 0.34 13.54 5.74
C VAL A 49 -0.65 12.51 6.25
N LEU A 50 -0.24 11.79 7.27
CA LEU A 50 -0.96 10.69 7.90
C LEU A 50 -0.72 10.66 9.41
N SER A 51 -1.34 9.72 10.12
CA SER A 51 -1.20 9.52 11.56
C SER A 51 -0.91 8.06 11.87
N SER A 52 -0.80 7.73 13.16
CA SER A 52 -0.68 6.36 13.66
C SER A 52 -1.86 5.45 13.29
N SER A 53 -2.90 5.97 12.64
CA SER A 53 -4.08 5.25 12.19
C SER A 53 -3.91 4.63 10.81
N ASN A 54 -3.12 5.24 9.93
CA ASN A 54 -2.85 4.73 8.58
C ASN A 54 -1.89 3.53 8.62
N VAL A 55 -0.81 3.65 9.38
CA VAL A 55 0.13 2.57 9.67
C VAL A 55 -0.60 1.44 10.42
N ARG A 56 -0.20 0.18 10.21
CA ARG A 56 -0.66 -0.94 11.03
C ARG A 56 0.42 -2.00 11.15
N VAL A 57 1.04 -2.11 12.32
CA VAL A 57 1.90 -3.24 12.63
C VAL A 57 0.98 -4.42 12.95
N ILE A 58 1.01 -5.47 12.12
CA ILE A 58 0.46 -6.78 12.43
C ILE A 58 1.47 -7.56 13.26
N LYS A 59 0.97 -8.12 14.36
CA LYS A 59 1.72 -8.94 15.30
C LYS A 59 1.46 -10.41 14.99
N ASP A 60 2.23 -11.30 15.61
CA ASP A 60 2.00 -12.73 15.51
C ASP A 60 0.84 -13.15 16.42
N LYS A 61 0.52 -14.44 16.42
CA LYS A 61 -0.57 -15.07 17.13
C LYS A 61 -0.03 -16.20 18.02
N GLN A 62 1.20 -16.68 17.78
CA GLN A 62 1.91 -17.56 18.69
C GLN A 62 2.60 -16.73 19.78
N THR A 63 2.92 -15.47 19.47
CA THR A 63 3.64 -14.54 20.34
C THR A 63 3.15 -13.11 20.14
N GLN A 64 3.65 -12.21 20.99
CA GLN A 64 3.36 -10.79 21.03
C GLN A 64 4.46 -10.00 20.33
N LEU A 65 4.85 -10.46 19.14
CA LEU A 65 5.98 -9.93 18.39
C LEU A 65 5.49 -9.54 17.01
N ASN A 66 6.28 -8.77 16.26
CA ASN A 66 5.85 -8.34 14.93
C ASN A 66 6.05 -9.47 13.93
N ARG A 67 5.32 -9.44 12.81
CA ARG A 67 5.27 -10.55 11.86
C ARG A 67 6.27 -10.44 10.70
N GLY A 68 7.36 -9.71 10.87
CA GLY A 68 8.34 -9.47 9.81
C GLY A 68 7.90 -8.40 8.82
N PHE A 69 6.62 -8.02 8.83
CA PHE A 69 6.01 -7.08 7.91
C PHE A 69 5.06 -6.14 8.69
N ALA A 70 4.59 -5.08 8.04
CA ALA A 70 3.49 -4.25 8.50
C ALA A 70 2.75 -3.68 7.29
N PHE A 71 1.55 -3.12 7.50
CA PHE A 71 0.63 -2.63 6.47
C PHE A 71 0.47 -1.11 6.58
N ILE A 72 -0.02 -0.48 5.51
CA ILE A 72 -0.29 0.96 5.45
C ILE A 72 -1.49 1.19 4.53
N GLN A 73 -2.57 1.79 5.04
CA GLN A 73 -3.66 2.29 4.21
C GLN A 73 -3.30 3.72 3.76
N LEU A 74 -3.53 4.03 2.48
CA LEU A 74 -3.21 5.32 1.85
C LEU A 74 -4.35 5.68 0.89
N SER A 75 -4.11 6.53 -0.11
CA SER A 75 -5.03 6.82 -1.20
C SER A 75 -4.30 6.72 -2.53
N THR A 76 -5.00 6.85 -3.65
CA THR A 76 -4.65 6.26 -4.94
C THR A 76 -3.26 6.68 -5.41
N ILE A 77 -3.08 7.98 -5.61
CA ILE A 77 -1.84 8.59 -6.09
C ILE A 77 -0.88 8.72 -4.91
N GLU A 78 -1.42 9.06 -3.74
CA GLU A 78 -0.68 9.38 -2.53
C GLU A 78 0.07 8.16 -1.99
N ALA A 79 -0.32 6.95 -2.41
CA ALA A 79 0.42 5.73 -2.18
C ALA A 79 1.64 5.71 -3.11
N ALA A 80 1.37 5.71 -4.42
CA ALA A 80 2.33 5.36 -5.44
C ALA A 80 3.49 6.34 -5.57
N GLN A 81 3.33 7.60 -5.17
CA GLN A 81 4.42 8.58 -5.19
C GLN A 81 5.28 8.43 -3.94
N LEU A 82 4.65 8.08 -2.82
CA LEU A 82 5.32 7.85 -1.55
C LEU A 82 6.31 6.71 -1.68
N LEU A 83 6.01 5.70 -2.50
CA LEU A 83 6.90 4.58 -2.79
C LEU A 83 8.31 5.07 -3.16
N GLN A 84 8.41 6.12 -3.98
CA GLN A 84 9.68 6.67 -4.44
C GLN A 84 10.42 7.42 -3.32
N ILE A 85 9.72 8.01 -2.35
CA ILE A 85 10.34 8.64 -1.18
C ILE A 85 11.01 7.56 -0.33
N LEU A 86 10.29 6.46 -0.04
CA LEU A 86 10.74 5.41 0.87
C LEU A 86 12.09 4.83 0.45
N GLN A 87 12.28 4.70 -0.86
CA GLN A 87 13.45 4.15 -1.54
C GLN A 87 14.75 4.94 -1.29
N ALA A 88 14.69 6.10 -0.63
CA ALA A 88 15.78 7.06 -0.58
C ALA A 88 16.04 7.63 0.81
N LEU A 89 15.61 6.96 1.89
CA LEU A 89 15.83 7.42 3.28
C LEU A 89 16.19 6.30 4.25
N HIS A 90 16.65 6.68 5.45
CA HIS A 90 17.16 5.82 6.52
C HIS A 90 17.18 6.56 7.88
N PRO A 91 16.11 6.58 8.70
CA PRO A 91 16.19 7.09 10.06
C PRO A 91 17.16 6.24 10.94
N PRO A 92 17.55 6.70 12.13
CA PRO A 92 18.33 5.91 13.10
C PRO A 92 17.54 4.73 13.69
N LEU A 93 16.22 4.74 13.50
CA LEU A 93 15.27 3.80 14.08
C LEU A 93 15.44 2.43 13.40
N THR A 94 16.37 1.62 13.89
CA THR A 94 16.89 0.42 13.25
C THR A 94 17.46 -0.47 14.35
N ILE A 95 16.53 -1.21 14.95
CA ILE A 95 16.80 -2.20 15.98
C ILE A 95 17.59 -3.34 15.34
N ASP A 96 18.60 -3.87 16.02
CA ASP A 96 19.30 -5.12 15.67
C ASP A 96 19.71 -5.15 14.18
N GLY A 97 20.08 -3.99 13.62
CA GLY A 97 20.46 -3.84 12.21
C GLY A 97 19.32 -4.13 11.23
N LYS A 98 18.06 -3.84 11.56
CA LYS A 98 16.90 -4.12 10.70
C LYS A 98 16.34 -2.82 10.16
N THR A 99 16.86 -2.42 9.00
CA THR A 99 16.30 -1.31 8.24
C THR A 99 14.91 -1.73 7.72
N ILE A 100 14.02 -0.76 7.50
CA ILE A 100 12.70 -1.04 6.95
C ILE A 100 12.88 -1.26 5.45
N ASN A 101 12.31 -2.34 4.92
CA ASN A 101 12.31 -2.60 3.48
C ASN A 101 11.04 -2.02 2.85
N VAL A 102 11.07 -1.74 1.55
CA VAL A 102 10.04 -1.01 0.81
C VAL A 102 9.52 -1.87 -0.35
N GLU A 103 8.20 -1.85 -0.57
CA GLU A 103 7.47 -2.48 -1.67
C GLU A 103 6.06 -1.84 -1.69
N PHE A 104 5.14 -2.35 -2.50
CA PHE A 104 3.76 -1.89 -2.65
C PHE A 104 2.86 -3.13 -2.55
N ALA A 105 1.64 -3.03 -2.01
CA ALA A 105 0.75 -4.16 -1.77
C ALA A 105 -0.70 -3.77 -2.04
N LYS A 106 -0.95 -3.25 -3.24
CA LYS A 106 -2.23 -2.66 -3.59
C LYS A 106 -3.22 -3.72 -4.11
N GLY A 107 -4.41 -3.28 -4.47
CA GLY A 107 -5.52 -4.10 -4.91
C GLY A 107 -5.58 -4.22 -6.43
N SER A 108 -6.75 -4.01 -7.01
CA SER A 108 -6.91 -3.80 -8.45
C SER A 108 -6.14 -2.54 -8.90
N LYS A 109 -5.97 -2.32 -10.20
CA LYS A 109 -5.39 -1.08 -10.72
C LYS A 109 -6.47 -0.15 -11.25
N ARG A 110 -6.13 1.13 -11.38
CA ARG A 110 -6.88 2.14 -12.13
C ARG A 110 -5.87 2.98 -12.91
N ASP A 111 -6.32 4.07 -13.53
CA ASP A 111 -5.53 4.91 -14.43
C ASP A 111 -6.08 6.33 -14.31
N MET A 112 -5.27 7.28 -13.82
CA MET A 112 -5.63 8.69 -13.70
C MET A 112 -4.35 9.49 -13.55
N ALA A 113 -4.35 10.76 -13.96
CA ALA A 113 -3.33 11.74 -13.64
C ALA A 113 -4.01 13.11 -13.54
N SER A 114 -3.94 13.79 -12.40
CA SER A 114 -4.38 15.15 -12.17
C SER A 114 -3.92 15.60 -10.78
N ASN A 115 -3.05 16.61 -10.73
CA ASN A 115 -2.78 17.47 -9.59
C ASN A 115 -2.03 18.69 -10.15
N GLU A 116 -2.25 19.88 -9.62
CA GLU A 116 -1.33 21.01 -9.81
C GLU A 116 -1.50 21.96 -8.62
N GLY A 117 -0.47 22.71 -8.28
CA GLY A 117 -0.54 23.76 -7.27
C GLY A 117 0.05 23.29 -5.96
N SER A 118 1.26 23.74 -5.66
CA SER A 118 1.90 23.62 -4.36
C SER A 118 2.72 24.89 -4.19
N ARG A 119 2.44 25.71 -3.16
CA ARG A 119 3.20 26.94 -2.94
C ARG A 119 3.37 27.29 -1.47
N ILE A 120 4.51 26.89 -0.91
CA ILE A 120 5.14 27.52 0.23
C ILE A 120 5.51 28.98 -0.07
N SER A 121 5.10 29.89 0.81
CA SER A 121 5.64 31.24 0.88
C SER A 121 5.44 31.80 2.30
N ALA A 122 6.19 31.27 3.27
CA ALA A 122 6.34 31.80 4.62
C ALA A 122 7.79 31.59 5.05
N ALA A 123 8.30 32.36 6.01
CA ALA A 123 9.64 32.17 6.58
C ALA A 123 9.62 32.46 8.08
N SER A 124 9.79 33.72 8.50
CA SER A 124 9.68 34.17 9.88
C SER A 124 9.51 35.69 9.86
N VAL A 125 9.03 36.27 10.95
CA VAL A 125 8.79 37.70 11.11
C VAL A 125 9.15 38.03 12.56
N ALA A 126 10.35 38.58 12.77
CA ALA A 126 10.85 38.99 14.09
C ALA A 126 11.48 40.37 13.95
N SER A 127 10.71 41.33 13.42
CA SER A 127 11.16 42.67 13.07
C SER A 127 11.33 43.61 14.28
N THR A 128 11.16 43.14 15.51
CA THR A 128 11.38 43.93 16.72
C THR A 128 11.86 43.00 17.83
N ALA A 129 12.37 43.60 18.90
CA ALA A 129 12.65 42.99 20.19
C ALA A 129 12.07 43.92 21.26
N ILE A 130 12.33 43.61 22.53
CA ILE A 130 12.17 44.49 23.68
C ILE A 130 13.41 44.32 24.56
N ALA A 131 13.50 45.07 25.65
CA ALA A 131 14.35 44.84 26.80
C ALA A 131 13.50 45.18 28.02
#